data_2L5P
#
_entry.id   2L5P
#
_entity_poly.entity_id   1
_entity_poly.type   'polypeptide(L)'
_entity_poly.pdbx_seq_one_letter_code
;MGQSPTMPQGFSQMTSFQSNKFQGEWFVLGLADNTYKREHRPLLHSFITLFKLRDNSEFQVTNSMTRGKHCSTWSYTLIP
TNKPGQFTRDNRGSGPGADKENIQVIETDYVKFALVLSLRQASNQNITRVSLLGRDWKITHKTIDRFIALTKTQNLTKNN
LLFPDLTDWLLDPKVCLEHHHHHH
;
_entity_poly.pdbx_strand_id   A
#
# COMPACT_ATOMS: atom_id res chain seq x y z
N GLY A 2 6.69 12.77 -16.60
CA GLY A 2 5.74 11.76 -16.05
C GLY A 2 4.32 12.29 -16.01
N GLN A 3 3.63 12.22 -17.13
CA GLN A 3 2.27 12.73 -17.23
C GLN A 3 1.28 11.61 -17.52
N SER A 4 1.74 10.37 -17.38
CA SER A 4 0.88 9.22 -17.56
C SER A 4 0.56 8.59 -16.20
N PRO A 5 -0.59 8.97 -15.63
CA PRO A 5 -1.01 8.49 -14.32
C PRO A 5 -1.73 7.14 -14.40
N THR A 6 -1.04 6.09 -14.01
CA THR A 6 -1.61 4.76 -14.00
C THR A 6 -2.57 4.61 -12.82
N MET A 7 -3.78 5.13 -12.97
CA MET A 7 -4.77 5.06 -11.92
C MET A 7 -6.07 4.48 -12.47
N PRO A 8 -6.94 3.96 -11.59
CA PRO A 8 -8.17 3.27 -11.99
C PRO A 8 -9.14 4.15 -12.75
N GLN A 9 -9.83 3.55 -13.70
CA GLN A 9 -10.79 4.27 -14.52
C GLN A 9 -12.21 3.89 -14.16
N GLY A 10 -12.32 2.99 -13.19
CA GLY A 10 -13.62 2.60 -12.67
C GLY A 10 -13.86 3.20 -11.31
N PHE A 11 -12.94 4.08 -10.91
CA PHE A 11 -13.03 4.77 -9.63
C PHE A 11 -12.77 6.25 -9.82
N SER A 12 -12.82 6.99 -8.73
CA SER A 12 -12.56 8.42 -8.75
C SER A 12 -11.81 8.81 -7.48
N GLN A 13 -10.76 9.61 -7.65
CA GLN A 13 -9.96 10.05 -6.52
C GLN A 13 -10.83 10.84 -5.53
N MET A 14 -10.52 10.68 -4.26
CA MET A 14 -11.30 11.31 -3.19
C MET A 14 -11.08 12.80 -3.16
N THR A 15 -12.15 13.56 -3.38
CA THR A 15 -12.09 15.02 -3.38
C THR A 15 -11.82 15.55 -1.98
N SER A 16 -12.20 14.76 -0.98
CA SER A 16 -11.94 15.12 0.41
C SER A 16 -11.19 14.00 1.12
N PHE A 17 -9.91 14.24 1.37
CA PHE A 17 -9.07 13.24 1.99
C PHE A 17 -8.77 13.63 3.44
N GLN A 18 -9.42 12.95 4.37
CA GLN A 18 -9.23 13.16 5.79
C GLN A 18 -7.94 12.50 6.27
N SER A 19 -6.84 13.26 6.25
CA SER A 19 -5.54 12.76 6.68
C SER A 19 -5.59 12.28 8.13
N ASN A 20 -6.22 13.08 8.99
CA ASN A 20 -6.27 12.78 10.42
C ASN A 20 -7.16 11.56 10.70
N LYS A 21 -7.87 11.11 9.68
CA LYS A 21 -8.80 10.00 9.82
C LYS A 21 -8.23 8.74 9.19
N PHE A 22 -7.35 8.93 8.20
CA PHE A 22 -6.74 7.81 7.49
C PHE A 22 -5.60 7.21 8.30
N GLN A 23 -5.06 8.00 9.23
CA GLN A 23 -3.96 7.53 10.07
C GLN A 23 -4.40 6.38 10.98
N GLY A 24 -3.43 5.56 11.36
CA GLY A 24 -3.73 4.41 12.19
C GLY A 24 -3.07 3.15 11.68
N GLU A 25 -3.59 2.00 12.09
CA GLU A 25 -3.03 0.72 11.66
C GLU A 25 -3.78 0.18 10.46
N TRP A 26 -3.05 -0.47 9.57
CA TRP A 26 -3.61 -1.02 8.35
C TRP A 26 -2.98 -2.38 8.04
N PHE A 27 -3.83 -3.39 7.88
CA PHE A 27 -3.35 -4.71 7.51
C PHE A 27 -3.38 -4.85 5.99
N VAL A 28 -2.39 -5.52 5.43
CA VAL A 28 -2.33 -5.70 3.98
C VAL A 28 -3.04 -6.99 3.59
N LEU A 29 -4.26 -6.85 3.10
CA LEU A 29 -5.07 -7.99 2.67
C LEU A 29 -4.97 -8.18 1.16
N GLY A 30 -4.30 -7.26 0.49
CA GLY A 30 -4.13 -7.37 -0.94
C GLY A 30 -2.82 -6.79 -1.40
N LEU A 31 -2.12 -7.50 -2.27
CA LEU A 31 -0.85 -7.07 -2.77
C LEU A 31 -0.68 -7.50 -4.22
N ALA A 32 -0.60 -6.53 -5.11
CA ALA A 32 -0.41 -6.82 -6.54
C ALA A 32 0.71 -5.95 -7.09
N ASP A 33 1.61 -6.54 -7.86
CA ASP A 33 2.76 -5.80 -8.37
C ASP A 33 3.23 -6.39 -9.70
N ASN A 34 3.40 -5.50 -10.68
CA ASN A 34 3.81 -5.88 -12.04
C ASN A 34 5.18 -6.59 -12.06
N THR A 35 5.95 -6.41 -11.00
CA THR A 35 7.28 -6.98 -10.91
C THR A 35 7.36 -7.98 -9.76
N TYR A 36 6.21 -8.57 -9.43
CA TYR A 36 6.14 -9.54 -8.35
C TYR A 36 6.10 -10.96 -8.90
N LYS A 37 6.56 -11.90 -8.08
CA LYS A 37 6.62 -13.29 -8.46
C LYS A 37 5.84 -14.13 -7.46
N ARG A 38 4.96 -14.99 -7.98
CA ARG A 38 4.03 -15.75 -7.14
C ARG A 38 4.76 -16.83 -6.33
N GLU A 39 5.84 -17.35 -6.88
CA GLU A 39 6.60 -18.42 -6.22
C GLU A 39 7.66 -17.82 -5.32
N HIS A 40 7.94 -16.54 -5.54
CA HIS A 40 8.82 -15.78 -4.67
C HIS A 40 8.02 -14.67 -4.02
N ARG A 41 6.84 -15.06 -3.53
CA ARG A 41 5.86 -14.15 -3.00
C ARG A 41 6.35 -13.48 -1.70
N PRO A 42 5.57 -12.54 -1.12
CA PRO A 42 6.00 -11.78 0.06
C PRO A 42 6.47 -12.68 1.20
N LEU A 43 7.42 -12.17 1.97
CA LEU A 43 8.03 -12.91 3.07
C LEU A 43 7.02 -13.34 4.13
N LEU A 44 5.89 -12.66 4.15
CA LEU A 44 4.81 -13.02 5.04
C LEU A 44 3.51 -13.22 4.27
N HIS A 45 2.44 -13.48 4.97
CA HIS A 45 1.13 -13.62 4.35
C HIS A 45 0.49 -12.25 4.24
N SER A 46 0.54 -11.51 5.34
CA SER A 46 0.01 -10.15 5.40
C SER A 46 0.85 -9.31 6.36
N PHE A 47 1.19 -8.10 5.95
CA PHE A 47 1.98 -7.22 6.80
C PHE A 47 1.06 -6.20 7.48
N ILE A 48 1.58 -5.52 8.49
CA ILE A 48 0.84 -4.47 9.16
C ILE A 48 1.52 -3.13 8.94
N THR A 49 0.96 -2.32 8.07
CA THR A 49 1.55 -1.02 7.76
C THR A 49 0.76 0.08 8.46
N LEU A 50 1.45 0.87 9.27
CA LEU A 50 0.80 1.92 10.03
C LEU A 50 1.07 3.27 9.38
N PHE A 51 0.11 4.16 9.49
CA PHE A 51 0.25 5.50 8.93
C PHE A 51 0.13 6.54 10.03
N LYS A 52 1.23 7.25 10.28
CA LYS A 52 1.27 8.29 11.32
C LYS A 52 1.26 9.67 10.68
N LEU A 53 0.60 10.63 11.30
CA LEU A 53 0.62 12.00 10.80
C LEU A 53 1.95 12.66 11.15
N ARG A 54 2.76 12.85 10.13
CA ARG A 54 4.10 13.40 10.28
C ARG A 54 4.03 14.88 10.63
N ASP A 55 3.57 15.70 9.70
CA ASP A 55 3.45 17.13 9.94
C ASP A 55 2.00 17.57 9.81
N ASN A 56 1.50 17.63 8.58
CA ASN A 56 0.14 18.07 8.34
C ASN A 56 -0.66 17.01 7.59
N SER A 57 0.03 16.18 6.82
CA SER A 57 -0.65 15.17 6.02
C SER A 57 0.35 14.14 5.52
N GLU A 58 1.61 14.33 5.85
CA GLU A 58 2.63 13.37 5.51
C GLU A 58 2.42 12.12 6.32
N PHE A 59 2.38 10.98 5.67
CA PHE A 59 2.13 9.74 6.37
C PHE A 59 3.41 8.97 6.63
N GLN A 60 3.70 8.76 7.90
CA GLN A 60 4.81 7.94 8.29
C GLN A 60 4.38 6.48 8.21
N VAL A 61 4.66 5.86 7.07
CA VAL A 61 4.27 4.50 6.82
C VAL A 61 5.26 3.54 7.47
N THR A 62 4.81 2.93 8.55
CA THR A 62 5.62 1.99 9.30
C THR A 62 5.14 0.57 9.04
N ASN A 63 5.88 -0.18 8.25
CA ASN A 63 5.47 -1.53 7.92
C ASN A 63 6.10 -2.53 8.89
N SER A 64 5.23 -3.27 9.56
CA SER A 64 5.66 -4.28 10.51
C SER A 64 5.56 -5.66 9.88
N MET A 65 6.70 -6.27 9.59
CA MET A 65 6.73 -7.60 9.04
C MET A 65 7.59 -8.53 9.89
N THR A 66 6.93 -9.32 10.73
CA THR A 66 7.60 -10.26 11.58
C THR A 66 7.65 -11.64 10.92
N ARG A 67 8.83 -12.06 10.51
CA ARG A 67 9.02 -13.36 9.88
C ARG A 67 9.45 -14.38 10.92
N GLY A 68 8.49 -15.10 11.47
CA GLY A 68 8.77 -16.03 12.52
C GLY A 68 8.96 -15.33 13.85
N LYS A 69 10.17 -15.36 14.37
CA LYS A 69 10.47 -14.66 15.60
C LYS A 69 11.40 -13.48 15.32
N HIS A 70 11.73 -13.29 14.06
CA HIS A 70 12.57 -12.17 13.64
C HIS A 70 11.74 -11.13 12.93
N CYS A 71 11.72 -9.93 13.46
CA CYS A 71 10.88 -8.87 12.96
C CYS A 71 11.69 -7.84 12.17
N SER A 72 11.03 -7.23 11.20
CA SER A 72 11.62 -6.13 10.46
C SER A 72 10.58 -5.03 10.30
N THR A 73 10.94 -3.83 10.73
CA THR A 73 10.05 -2.70 10.62
C THR A 73 10.76 -1.54 9.94
N TRP A 74 10.07 -0.90 9.01
CA TRP A 74 10.61 0.27 8.33
C TRP A 74 9.54 1.33 8.15
N SER A 75 9.93 2.58 8.32
CA SER A 75 9.01 3.69 8.20
C SER A 75 9.49 4.69 7.15
N TYR A 76 8.57 5.15 6.32
CA TYR A 76 8.86 6.19 5.34
C TYR A 76 7.89 7.34 5.50
N THR A 77 8.16 8.44 4.81
CA THR A 77 7.31 9.60 4.90
C THR A 77 6.65 9.88 3.54
N LEU A 78 5.33 9.75 3.51
CA LEU A 78 4.58 10.01 2.29
C LEU A 78 4.19 11.47 2.23
N ILE A 79 4.57 12.13 1.15
CA ILE A 79 4.35 13.55 1.01
C ILE A 79 3.18 13.82 0.08
N PRO A 80 2.13 14.46 0.59
CA PRO A 80 0.96 14.83 -0.22
C PRO A 80 1.31 15.90 -1.26
N THR A 81 0.69 15.80 -2.41
CA THR A 81 0.89 16.76 -3.48
C THR A 81 -0.23 17.79 -3.48
N ASN A 82 -0.44 18.43 -4.61
CA ASN A 82 -1.55 19.36 -4.75
C ASN A 82 -2.85 18.58 -4.95
N LYS A 83 -2.73 17.31 -5.33
CA LYS A 83 -3.91 16.50 -5.59
C LYS A 83 -4.43 15.87 -4.30
N PRO A 84 -5.76 15.82 -4.12
CA PRO A 84 -6.37 15.22 -2.94
C PRO A 84 -6.22 13.71 -2.93
N GLY A 85 -5.24 13.24 -2.19
CA GLY A 85 -5.03 11.80 -2.07
C GLY A 85 -3.87 11.33 -2.91
N GLN A 86 -2.98 12.26 -3.25
CA GLN A 86 -1.81 11.94 -4.04
C GLN A 86 -0.55 12.22 -3.24
N PHE A 87 0.32 11.23 -3.16
CA PHE A 87 1.50 11.29 -2.31
C PHE A 87 2.74 10.85 -3.08
N THR A 88 3.89 11.01 -2.45
CA THR A 88 5.14 10.45 -2.95
C THR A 88 6.07 10.21 -1.77
N ARG A 89 6.75 9.09 -1.78
CA ARG A 89 7.69 8.77 -0.71
C ARG A 89 8.89 9.70 -0.80
N ASP A 90 9.06 10.53 0.22
CA ASP A 90 10.15 11.50 0.23
C ASP A 90 11.49 10.80 0.39
N ASN A 91 12.34 10.92 -0.61
CA ASN A 91 13.64 10.29 -0.59
C ASN A 91 14.72 11.35 -0.78
N ARG A 92 14.48 12.52 -0.22
CA ARG A 92 15.39 13.65 -0.37
C ARG A 92 16.65 13.47 0.46
N GLY A 93 16.59 12.58 1.45
CA GLY A 93 17.76 12.26 2.24
C GLY A 93 18.61 11.21 1.55
N SER A 94 18.47 11.14 0.25
CA SER A 94 19.21 10.21 -0.58
C SER A 94 19.70 10.92 -1.83
N GLY A 95 20.52 10.26 -2.61
CA GLY A 95 21.07 10.88 -3.79
C GLY A 95 21.26 9.90 -4.93
N PRO A 96 22.25 8.99 -4.81
CA PRO A 96 22.52 7.98 -5.84
C PRO A 96 21.30 7.14 -6.19
N GLY A 97 20.70 6.53 -5.17
CA GLY A 97 19.54 5.69 -5.40
C GLY A 97 18.29 6.26 -4.76
N ALA A 98 18.00 7.52 -5.05
CA ALA A 98 16.85 8.21 -4.48
C ALA A 98 15.60 7.93 -5.30
N ASP A 99 15.35 6.66 -5.59
CA ASP A 99 14.16 6.26 -6.30
C ASP A 99 12.94 6.49 -5.42
N LYS A 100 11.99 7.25 -5.92
CA LYS A 100 10.81 7.58 -5.14
C LYS A 100 9.64 6.69 -5.52
N GLU A 101 8.61 6.72 -4.72
CA GLU A 101 7.44 5.88 -4.94
C GLU A 101 6.18 6.71 -4.79
N ASN A 102 5.34 6.67 -5.81
CA ASN A 102 4.13 7.47 -5.83
C ASN A 102 2.99 6.71 -5.18
N ILE A 103 2.47 7.26 -4.11
CA ILE A 103 1.38 6.64 -3.37
C ILE A 103 0.10 7.42 -3.59
N GLN A 104 -0.97 6.76 -3.94
CA GLN A 104 -2.24 7.44 -4.15
C GLN A 104 -3.39 6.63 -3.58
N VAL A 105 -4.11 7.21 -2.65
CA VAL A 105 -5.26 6.54 -2.07
C VAL A 105 -6.48 6.80 -2.93
N ILE A 106 -6.94 5.77 -3.61
CA ILE A 106 -8.09 5.89 -4.50
C ILE A 106 -9.39 5.84 -3.71
N GLU A 107 -9.45 4.93 -2.75
CA GLU A 107 -10.68 4.70 -2.01
C GLU A 107 -10.41 4.19 -0.60
N THR A 108 -10.40 5.09 0.36
CA THR A 108 -10.19 4.67 1.74
C THR A 108 -11.47 4.86 2.54
N ASP A 109 -11.69 3.92 3.45
CA ASP A 109 -12.80 4.01 4.39
C ASP A 109 -12.35 3.41 5.70
N TYR A 110 -11.99 4.28 6.64
CA TYR A 110 -11.33 3.90 7.89
C TYR A 110 -12.08 2.82 8.70
N VAL A 111 -13.36 2.61 8.41
CA VAL A 111 -14.13 1.62 9.15
C VAL A 111 -13.93 0.23 8.58
N LYS A 112 -13.46 0.16 7.34
CA LYS A 112 -13.37 -1.12 6.64
C LYS A 112 -12.02 -1.32 5.95
N PHE A 113 -11.72 -0.53 4.93
CA PHE A 113 -10.53 -0.80 4.11
C PHE A 113 -9.95 0.47 3.49
N ALA A 114 -8.88 0.28 2.73
CA ALA A 114 -8.21 1.36 2.04
C ALA A 114 -7.56 0.87 0.76
N LEU A 115 -8.00 1.41 -0.36
CA LEU A 115 -7.41 1.11 -1.67
C LEU A 115 -6.29 2.09 -1.97
N VAL A 116 -5.07 1.60 -1.85
CA VAL A 116 -3.88 2.41 -2.05
C VAL A 116 -3.08 1.93 -3.26
N LEU A 117 -2.77 2.87 -4.14
CA LEU A 117 -2.01 2.59 -5.34
C LEU A 117 -0.59 3.13 -5.16
N SER A 118 0.40 2.42 -5.67
CA SER A 118 1.78 2.84 -5.52
C SER A 118 2.60 2.52 -6.76
N LEU A 119 3.36 3.49 -7.23
CA LEU A 119 4.24 3.29 -8.36
C LEU A 119 5.64 3.78 -8.03
N ARG A 120 6.57 2.85 -7.89
CA ARG A 120 7.93 3.16 -7.51
C ARG A 120 8.79 3.36 -8.73
N GLN A 121 9.25 4.58 -8.94
CA GLN A 121 10.10 4.88 -10.07
C GLN A 121 11.54 4.53 -9.72
N ALA A 122 12.04 3.47 -10.33
CA ALA A 122 13.34 2.92 -9.98
C ALA A 122 14.36 3.19 -11.07
N SER A 123 14.07 4.23 -11.85
CA SER A 123 14.97 4.71 -12.91
C SER A 123 14.88 3.84 -14.15
N ASN A 124 15.32 2.60 -14.04
CA ASN A 124 15.30 1.67 -15.15
C ASN A 124 13.87 1.42 -15.59
N GLN A 125 12.97 1.40 -14.62
CA GLN A 125 11.56 1.16 -14.86
C GLN A 125 10.74 1.63 -13.67
N ASN A 126 9.46 1.84 -13.89
CA ASN A 126 8.56 2.13 -12.78
C ASN A 126 7.77 0.90 -12.40
N ILE A 127 7.75 0.64 -11.11
CA ILE A 127 7.04 -0.50 -10.57
C ILE A 127 5.62 -0.10 -10.17
N THR A 128 4.64 -0.70 -10.82
CA THR A 128 3.26 -0.48 -10.46
C THR A 128 2.82 -1.50 -9.42
N ARG A 129 2.46 -1.01 -8.25
CA ARG A 129 2.05 -1.90 -7.17
C ARG A 129 0.76 -1.38 -6.54
N VAL A 130 -0.15 -2.28 -6.24
CA VAL A 130 -1.38 -1.93 -5.59
C VAL A 130 -1.50 -2.67 -4.28
N SER A 131 -2.03 -2.01 -3.26
CA SER A 131 -2.19 -2.64 -1.97
C SER A 131 -3.62 -2.48 -1.49
N LEU A 132 -4.15 -3.54 -0.91
CA LEU A 132 -5.49 -3.52 -0.37
C LEU A 132 -5.40 -3.61 1.14
N LEU A 133 -5.52 -2.47 1.79
CA LEU A 133 -5.37 -2.40 3.22
C LEU A 133 -6.72 -2.52 3.90
N GLY A 134 -6.72 -3.08 5.10
CA GLY A 134 -7.93 -3.25 5.85
C GLY A 134 -7.74 -2.85 7.29
N ARG A 135 -8.81 -2.38 7.91
CA ARG A 135 -8.78 -2.02 9.33
C ARG A 135 -8.56 -3.28 10.15
N ASP A 136 -9.06 -4.38 9.60
CA ASP A 136 -8.89 -5.70 10.19
C ASP A 136 -8.68 -6.69 9.05
N TRP A 137 -8.22 -7.89 9.38
CA TRP A 137 -7.85 -8.86 8.36
C TRP A 137 -9.05 -9.71 7.94
N LYS A 138 -10.17 -9.52 8.60
CA LYS A 138 -11.37 -10.30 8.31
C LYS A 138 -12.16 -9.70 7.15
N ILE A 139 -11.43 -9.17 6.17
CA ILE A 139 -12.03 -8.56 5.00
C ILE A 139 -12.68 -9.61 4.10
N THR A 140 -13.75 -9.20 3.43
CA THR A 140 -14.53 -10.10 2.59
C THR A 140 -14.19 -9.92 1.12
N HIS A 141 -14.63 -10.85 0.29
CA HIS A 141 -14.38 -10.79 -1.15
C HIS A 141 -15.06 -9.57 -1.76
N LYS A 142 -16.13 -9.10 -1.16
CA LYS A 142 -16.76 -7.87 -1.61
C LYS A 142 -15.75 -6.73 -1.58
N THR A 143 -15.01 -6.66 -0.49
CA THR A 143 -13.99 -5.67 -0.30
C THR A 143 -12.74 -6.01 -1.14
N ILE A 144 -12.44 -7.31 -1.24
CA ILE A 144 -11.32 -7.78 -2.06
C ILE A 144 -11.50 -7.40 -3.53
N ASP A 145 -12.74 -7.52 -4.01
CA ASP A 145 -13.05 -7.26 -5.41
C ASP A 145 -12.73 -5.81 -5.78
N ARG A 146 -12.85 -4.92 -4.79
CA ARG A 146 -12.56 -3.51 -5.00
C ARG A 146 -11.09 -3.32 -5.36
N PHE A 147 -10.25 -4.16 -4.75
CA PHE A 147 -8.83 -4.15 -5.03
C PHE A 147 -8.54 -4.79 -6.38
N ILE A 148 -9.32 -5.81 -6.72
CA ILE A 148 -9.17 -6.50 -7.98
C ILE A 148 -9.36 -5.51 -9.13
N ALA A 149 -10.32 -4.62 -8.96
CA ALA A 149 -10.59 -3.59 -9.94
C ALA A 149 -9.35 -2.74 -10.20
N LEU A 150 -8.62 -2.41 -9.14
CA LEU A 150 -7.38 -1.67 -9.27
C LEU A 150 -6.36 -2.45 -10.10
N THR A 151 -6.22 -3.73 -9.80
CA THR A 151 -5.24 -4.56 -10.48
C THR A 151 -5.53 -4.57 -11.99
N LYS A 152 -6.80 -4.51 -12.32
CA LYS A 152 -7.24 -4.52 -13.71
C LYS A 152 -6.85 -3.23 -14.40
N THR A 153 -7.11 -2.10 -13.77
CA THR A 153 -6.84 -0.80 -14.35
C THR A 153 -5.34 -0.52 -14.41
N GLN A 154 -4.61 -1.06 -13.44
CA GLN A 154 -3.17 -0.88 -13.38
C GLN A 154 -2.45 -1.87 -14.31
N ASN A 155 -3.26 -2.67 -15.01
CA ASN A 155 -2.79 -3.61 -16.01
C ASN A 155 -1.88 -4.66 -15.38
N LEU A 156 -2.27 -5.10 -14.20
CA LEU A 156 -1.51 -6.09 -13.47
C LEU A 156 -2.19 -7.45 -13.63
N THR A 157 -1.44 -8.39 -14.18
CA THR A 157 -1.95 -9.72 -14.44
C THR A 157 -2.31 -10.45 -13.15
N LYS A 158 -3.16 -11.47 -13.26
CA LYS A 158 -3.60 -12.26 -12.12
C LYS A 158 -2.41 -12.89 -11.39
N ASN A 159 -1.29 -13.02 -12.11
CA ASN A 159 -0.06 -13.54 -11.54
C ASN A 159 0.50 -12.57 -10.50
N ASN A 160 0.19 -11.29 -10.67
CA ASN A 160 0.69 -10.26 -9.78
C ASN A 160 -0.13 -10.18 -8.51
N LEU A 161 -1.31 -10.76 -8.55
CA LEU A 161 -2.24 -10.71 -7.42
C LEU A 161 -1.84 -11.72 -6.35
N LEU A 162 -1.41 -11.21 -5.21
CA LEU A 162 -1.04 -12.06 -4.09
C LEU A 162 -1.96 -11.76 -2.91
N PHE A 163 -2.60 -12.80 -2.41
CA PHE A 163 -3.51 -12.65 -1.28
C PHE A 163 -3.04 -13.46 -0.08
N PRO A 164 -3.21 -12.91 1.12
CA PRO A 164 -2.80 -13.54 2.36
C PRO A 164 -3.58 -14.82 2.65
N ASP A 165 -2.83 -15.90 2.86
CA ASP A 165 -3.39 -17.18 3.29
C ASP A 165 -4.17 -16.99 4.58
N LEU A 166 -3.49 -16.46 5.59
CA LEU A 166 -4.12 -16.07 6.86
C LEU A 166 -4.96 -17.21 7.45
N THR A 167 -4.37 -18.40 7.52
CA THR A 167 -5.05 -19.54 8.13
C THR A 167 -4.95 -19.43 9.64
N ASP A 168 -3.97 -18.64 10.09
CA ASP A 168 -3.72 -18.39 11.49
C ASP A 168 -2.91 -17.11 11.64
N TRP A 169 -3.35 -16.23 12.51
CA TRP A 169 -2.62 -15.00 12.77
C TRP A 169 -2.61 -14.69 14.26
N LEU A 170 -1.72 -15.34 14.97
CA LEU A 170 -1.52 -15.07 16.39
C LEU A 170 -0.18 -14.35 16.58
N LEU A 171 0.18 -13.54 15.61
CA LEU A 171 1.42 -12.79 15.67
C LEU A 171 1.23 -11.57 16.57
N ASP A 172 1.26 -11.81 17.86
CA ASP A 172 1.13 -10.75 18.85
C ASP A 172 2.18 -10.90 19.95
N PRO A 173 2.21 -12.03 20.68
CA PRO A 173 3.18 -12.24 21.76
C PRO A 173 4.50 -12.78 21.24
N LYS A 174 5.02 -12.13 20.20
CA LYS A 174 6.28 -12.53 19.58
C LYS A 174 7.26 -11.37 19.55
N VAL A 175 6.97 -10.41 18.68
CA VAL A 175 7.78 -9.22 18.55
C VAL A 175 7.12 -8.26 17.56
N CYS A 176 7.18 -6.97 17.86
CA CYS A 176 6.52 -5.93 17.06
C CYS A 176 5.01 -6.06 17.14
N GLY A 2 -0.90 15.95 -20.73
CA GLY A 2 -1.05 16.02 -19.26
C GLY A 2 -0.24 14.94 -18.57
N GLN A 3 -0.64 14.61 -17.35
CA GLN A 3 0.03 13.55 -16.60
C GLN A 3 -0.52 12.20 -17.01
N SER A 4 -1.85 12.10 -17.01
CA SER A 4 -2.55 10.88 -17.33
C SER A 4 -2.04 9.72 -16.47
N PRO A 5 -2.33 9.76 -15.16
CA PRO A 5 -1.88 8.72 -14.22
C PRO A 5 -2.59 7.40 -14.46
N THR A 6 -1.95 6.31 -14.08
CA THR A 6 -2.53 4.99 -14.21
C THR A 6 -3.64 4.80 -13.18
N MET A 7 -4.81 5.35 -13.47
CA MET A 7 -5.94 5.29 -12.55
C MET A 7 -7.03 4.38 -13.07
N PRO A 8 -7.83 3.82 -12.15
CA PRO A 8 -9.04 3.08 -12.50
C PRO A 8 -10.11 3.99 -13.08
N GLN A 9 -10.94 3.45 -13.96
CA GLN A 9 -11.94 4.25 -14.64
C GLN A 9 -13.35 3.91 -14.15
N GLY A 10 -13.42 3.09 -13.11
CA GLY A 10 -14.70 2.71 -12.56
C GLY A 10 -14.77 2.90 -11.06
N PHE A 11 -14.03 3.88 -10.56
CA PHE A 11 -14.02 4.17 -9.13
C PHE A 11 -14.08 5.66 -8.87
N SER A 12 -13.79 6.04 -7.64
CA SER A 12 -13.89 7.42 -7.20
C SER A 12 -12.59 8.17 -7.45
N GLN A 13 -12.70 9.44 -7.80
CA GLN A 13 -11.56 10.31 -7.83
C GLN A 13 -11.61 11.18 -6.58
N MET A 14 -11.00 10.67 -5.52
CA MET A 14 -11.05 11.29 -4.20
C MET A 14 -10.74 12.78 -4.24
N THR A 15 -11.70 13.57 -3.80
CA THR A 15 -11.53 15.01 -3.72
C THR A 15 -11.54 15.44 -2.25
N SER A 16 -11.83 14.49 -1.37
CA SER A 16 -11.83 14.73 0.06
C SER A 16 -11.07 13.61 0.77
N PHE A 17 -10.08 13.98 1.55
CA PHE A 17 -9.25 13.01 2.24
C PHE A 17 -9.02 13.44 3.69
N GLN A 18 -9.29 12.54 4.61
CA GLN A 18 -9.16 12.84 6.04
C GLN A 18 -7.91 12.17 6.61
N SER A 19 -6.86 12.97 6.78
CA SER A 19 -5.56 12.45 7.19
C SER A 19 -5.60 11.84 8.59
N ASN A 20 -6.22 12.53 9.54
CA ASN A 20 -6.27 12.06 10.93
C ASN A 20 -7.12 10.79 11.04
N LYS A 21 -7.93 10.53 10.03
CA LYS A 21 -8.75 9.34 9.98
C LYS A 21 -8.01 8.19 9.30
N PHE A 22 -7.23 8.53 8.28
CA PHE A 22 -6.53 7.51 7.48
C PHE A 22 -5.34 6.94 8.23
N GLN A 23 -4.81 7.70 9.18
CA GLN A 23 -3.69 7.24 9.99
C GLN A 23 -4.08 6.00 10.79
N GLY A 24 -3.09 5.31 11.33
CA GLY A 24 -3.34 4.12 12.10
C GLY A 24 -2.74 2.89 11.46
N GLU A 25 -3.22 1.72 11.84
CA GLU A 25 -2.70 0.48 11.30
C GLU A 25 -3.48 0.05 10.07
N TRP A 26 -2.77 -0.59 9.14
CA TRP A 26 -3.36 -1.09 7.91
C TRP A 26 -2.72 -2.42 7.55
N PHE A 27 -3.54 -3.46 7.45
CA PHE A 27 -3.05 -4.78 7.09
C PHE A 27 -3.09 -4.97 5.58
N VAL A 28 -1.98 -5.39 5.01
CA VAL A 28 -1.91 -5.58 3.57
C VAL A 28 -2.52 -6.93 3.21
N LEU A 29 -3.76 -6.90 2.74
CA LEU A 29 -4.48 -8.12 2.41
C LEU A 29 -4.44 -8.41 0.92
N GLY A 30 -3.94 -7.43 0.16
CA GLY A 30 -3.81 -7.60 -1.28
C GLY A 30 -2.58 -6.91 -1.82
N LEU A 31 -1.84 -7.61 -2.66
CA LEU A 31 -0.62 -7.08 -3.22
C LEU A 31 -0.54 -7.42 -4.71
N ALA A 32 -0.42 -6.42 -5.56
CA ALA A 32 -0.27 -6.62 -6.99
C ALA A 32 0.74 -5.65 -7.59
N ASP A 33 1.26 -5.99 -8.76
CA ASP A 33 2.29 -5.19 -9.40
C ASP A 33 2.30 -5.46 -10.91
N ASN A 34 3.07 -4.67 -11.65
CA ASN A 34 3.23 -4.87 -13.09
C ASN A 34 4.51 -5.64 -13.39
N THR A 35 5.36 -5.76 -12.39
CA THR A 35 6.57 -6.55 -12.50
C THR A 35 6.42 -7.85 -11.72
N TYR A 36 6.47 -7.73 -10.38
CA TYR A 36 6.21 -8.82 -9.44
C TYR A 36 6.91 -10.14 -9.81
N LYS A 37 6.27 -10.93 -10.68
CA LYS A 37 6.69 -12.29 -11.01
C LYS A 37 6.41 -13.24 -9.85
N ARG A 38 5.75 -14.35 -10.14
CA ARG A 38 5.41 -15.32 -9.10
C ARG A 38 6.66 -16.10 -8.70
N GLU A 39 7.69 -15.96 -9.54
CA GLU A 39 8.99 -16.53 -9.25
C GLU A 39 9.75 -15.65 -8.27
N HIS A 40 9.47 -14.36 -8.33
CA HIS A 40 10.12 -13.38 -7.47
C HIS A 40 9.10 -12.71 -6.55
N ARG A 41 8.46 -13.51 -5.71
CA ARG A 41 7.45 -12.99 -4.80
C ARG A 41 8.11 -12.39 -3.56
N PRO A 42 7.40 -11.50 -2.85
CA PRO A 42 7.87 -10.90 -1.60
C PRO A 42 8.21 -11.98 -0.57
N LEU A 43 9.27 -11.73 0.21
CA LEU A 43 9.76 -12.68 1.21
C LEU A 43 8.71 -13.02 2.26
N LEU A 44 7.72 -12.17 2.38
CA LEU A 44 6.61 -12.38 3.29
C LEU A 44 5.31 -11.99 2.61
N HIS A 45 4.29 -12.83 2.77
CA HIS A 45 3.00 -12.58 2.15
C HIS A 45 2.13 -11.72 3.08
N SER A 46 2.16 -12.05 4.35
CA SER A 46 1.31 -11.38 5.34
C SER A 46 2.10 -10.37 6.16
N PHE A 47 1.99 -9.10 5.80
CA PHE A 47 2.69 -8.05 6.51
C PHE A 47 1.80 -6.83 6.69
N ILE A 48 2.20 -5.94 7.59
CA ILE A 48 1.39 -4.78 7.95
C ILE A 48 2.07 -3.49 7.50
N THR A 49 1.28 -2.46 7.24
CA THR A 49 1.81 -1.15 6.93
C THR A 49 1.07 -0.09 7.74
N LEU A 50 1.77 0.62 8.59
CA LEU A 50 1.15 1.61 9.44
C LEU A 50 1.35 3.00 8.88
N PHE A 51 0.38 3.86 9.09
CA PHE A 51 0.47 5.22 8.61
C PHE A 51 0.36 6.19 9.78
N LYS A 52 1.48 6.81 10.13
CA LYS A 52 1.51 7.78 11.22
C LYS A 52 1.49 9.19 10.66
N LEU A 53 0.79 10.09 11.34
CA LEU A 53 0.80 11.49 10.94
C LEU A 53 2.17 12.09 11.21
N ARG A 54 2.90 12.29 10.13
CA ARG A 54 4.28 12.72 10.16
C ARG A 54 4.42 14.14 10.68
N ASP A 55 3.95 15.10 9.91
CA ASP A 55 4.06 16.50 10.28
C ASP A 55 2.69 17.11 10.51
N ASN A 56 1.91 17.26 9.45
CA ASN A 56 0.58 17.83 9.57
C ASN A 56 -0.44 17.06 8.71
N SER A 57 0.05 16.29 7.75
CA SER A 57 -0.83 15.51 6.87
C SER A 57 -0.06 14.35 6.24
N GLU A 58 1.26 14.42 6.34
CA GLU A 58 2.14 13.43 5.75
C GLU A 58 1.99 12.10 6.48
N PHE A 59 2.19 11.01 5.78
CA PHE A 59 2.06 9.69 6.39
C PHE A 59 3.39 8.98 6.45
N GLN A 60 3.76 8.56 7.65
CA GLN A 60 4.94 7.75 7.82
C GLN A 60 4.57 6.30 7.65
N VAL A 61 4.72 5.80 6.43
CA VAL A 61 4.33 4.45 6.10
C VAL A 61 5.36 3.46 6.61
N THR A 62 4.97 2.74 7.63
CA THR A 62 5.85 1.81 8.31
C THR A 62 5.44 0.38 8.01
N ASN A 63 6.20 -0.30 7.18
CA ASN A 63 5.90 -1.71 6.90
C ASN A 63 6.55 -2.58 7.96
N SER A 64 5.72 -3.35 8.64
CA SER A 64 6.19 -4.27 9.64
C SER A 64 5.97 -5.69 9.17
N MET A 65 7.06 -6.33 8.82
CA MET A 65 7.00 -7.68 8.31
C MET A 65 7.44 -8.65 9.41
N THR A 66 6.47 -9.25 10.07
CA THR A 66 6.75 -10.13 11.19
C THR A 66 6.86 -11.58 10.71
N ARG A 67 8.07 -12.11 10.75
CA ARG A 67 8.31 -13.48 10.35
C ARG A 67 8.86 -14.27 11.54
N GLY A 68 7.97 -14.59 12.46
CA GLY A 68 8.37 -15.28 13.67
C GLY A 68 8.96 -14.32 14.68
N LYS A 69 10.24 -14.50 14.99
CA LYS A 69 10.91 -13.63 15.92
C LYS A 69 11.65 -12.53 15.17
N HIS A 70 11.74 -12.69 13.85
CA HIS A 70 12.46 -11.73 13.01
C HIS A 70 11.47 -10.82 12.29
N CYS A 71 11.61 -9.53 12.52
CA CYS A 71 10.69 -8.56 11.93
C CYS A 71 11.46 -7.54 11.09
N SER A 72 11.12 -7.46 9.82
CA SER A 72 11.74 -6.49 8.95
C SER A 72 10.84 -5.27 8.85
N THR A 73 11.37 -4.12 9.20
CA THR A 73 10.57 -2.91 9.28
C THR A 73 11.28 -1.72 8.64
N TRP A 74 10.53 -0.94 7.86
CA TRP A 74 11.04 0.29 7.28
C TRP A 74 9.93 1.33 7.20
N SER A 75 10.30 2.60 7.09
CA SER A 75 9.32 3.67 7.08
C SER A 75 9.67 4.73 6.04
N TYR A 76 8.67 5.20 5.31
CA TYR A 76 8.83 6.30 4.36
C TYR A 76 7.88 7.43 4.69
N THR A 77 8.12 8.59 4.11
CA THR A 77 7.25 9.74 4.33
C THR A 77 6.43 10.04 3.06
N LEU A 78 5.12 9.86 3.15
CA LEU A 78 4.24 10.16 2.04
C LEU A 78 3.78 11.60 2.12
N ILE A 79 4.02 12.35 1.06
CA ILE A 79 3.70 13.76 1.04
C ILE A 79 2.43 14.02 0.24
N PRO A 80 1.37 14.52 0.90
CA PRO A 80 0.12 14.89 0.22
C PRO A 80 0.32 16.13 -0.66
N THR A 81 -0.23 16.07 -1.85
CA THR A 81 -0.07 17.15 -2.81
C THR A 81 -1.29 18.07 -2.81
N ASN A 82 -1.42 18.87 -3.87
CA ASN A 82 -2.63 19.65 -4.09
C ASN A 82 -3.81 18.70 -4.35
N LYS A 83 -3.50 17.46 -4.66
CA LYS A 83 -4.50 16.44 -4.92
C LYS A 83 -4.88 15.72 -3.63
N PRO A 84 -6.11 15.92 -3.13
CA PRO A 84 -6.59 15.27 -1.92
C PRO A 84 -6.63 13.76 -2.06
N GLY A 85 -5.61 13.09 -1.55
CA GLY A 85 -5.52 11.66 -1.63
C GLY A 85 -4.43 11.22 -2.58
N GLN A 86 -3.65 12.18 -3.06
CA GLN A 86 -2.54 11.88 -3.95
C GLN A 86 -1.23 12.33 -3.31
N PHE A 87 -0.29 11.41 -3.24
CA PHE A 87 0.93 11.57 -2.47
C PHE A 87 2.16 11.32 -3.33
N THR A 88 3.30 11.80 -2.86
CA THR A 88 4.59 11.42 -3.42
C THR A 88 5.49 10.99 -2.26
N ARG A 89 6.21 9.91 -2.45
CA ARG A 89 7.04 9.36 -1.40
C ARG A 89 8.35 10.12 -1.28
N ASP A 90 8.46 10.93 -0.23
CA ASP A 90 9.68 11.66 0.06
C ASP A 90 10.77 10.70 0.48
N ASN A 91 11.83 10.63 -0.30
CA ASN A 91 12.91 9.70 -0.02
C ASN A 91 14.26 10.38 -0.15
N ARG A 92 14.24 11.70 -0.31
CA ARG A 92 15.45 12.48 -0.43
C ARG A 92 16.23 12.52 0.89
N GLY A 93 15.60 12.10 1.97
CA GLY A 93 16.27 12.00 3.23
C GLY A 93 16.70 10.58 3.53
N SER A 94 16.98 9.84 2.46
CA SER A 94 17.46 8.47 2.58
C SER A 94 18.92 8.43 2.19
N GLY A 95 19.20 8.72 0.93
CA GLY A 95 20.57 8.79 0.46
C GLY A 95 20.74 8.30 -0.96
N PRO A 96 21.63 7.32 -1.17
CA PRO A 96 21.94 6.79 -2.49
C PRO A 96 20.76 6.04 -3.12
N GLY A 97 19.96 5.42 -2.27
CA GLY A 97 18.80 4.69 -2.74
C GLY A 97 17.53 5.49 -2.55
N ALA A 98 17.51 6.69 -3.08
CA ALA A 98 16.38 7.58 -2.90
C ALA A 98 15.42 7.50 -4.08
N ASP A 99 14.97 6.29 -4.37
CA ASP A 99 13.94 6.08 -5.38
C ASP A 99 12.61 6.61 -4.87
N LYS A 100 11.77 7.09 -5.76
CA LYS A 100 10.49 7.65 -5.36
C LYS A 100 9.35 6.69 -5.68
N GLU A 101 8.21 6.98 -5.12
CA GLU A 101 7.02 6.16 -5.32
C GLU A 101 5.79 7.04 -5.22
N ASN A 102 4.93 6.95 -6.21
CA ASN A 102 3.72 7.75 -6.25
C ASN A 102 2.60 7.00 -5.56
N ILE A 103 2.11 7.55 -4.46
CA ILE A 103 1.06 6.90 -3.70
C ILE A 103 -0.25 7.65 -3.88
N GLN A 104 -1.21 6.99 -4.46
CA GLN A 104 -2.50 7.60 -4.70
C GLN A 104 -3.60 6.74 -4.10
N VAL A 105 -4.26 7.27 -3.08
CA VAL A 105 -5.40 6.58 -2.50
C VAL A 105 -6.57 6.68 -3.47
N ILE A 106 -6.99 5.54 -3.98
CA ILE A 106 -8.09 5.48 -4.92
C ILE A 106 -9.41 5.49 -4.18
N GLU A 107 -9.48 4.70 -3.12
CA GLU A 107 -10.74 4.47 -2.43
C GLU A 107 -10.49 3.88 -1.06
N THR A 108 -10.74 4.65 -0.03
CA THR A 108 -10.52 4.17 1.32
C THR A 108 -11.68 4.50 2.23
N ASP A 109 -12.06 3.52 3.04
CA ASP A 109 -12.94 3.74 4.15
C ASP A 109 -12.14 3.49 5.41
N TYR A 110 -11.99 4.51 6.23
CA TYR A 110 -11.07 4.47 7.35
C TYR A 110 -11.49 3.45 8.42
N VAL A 111 -12.71 2.97 8.32
CA VAL A 111 -13.21 1.92 9.22
C VAL A 111 -13.27 0.57 8.50
N LYS A 112 -12.88 0.56 7.24
CA LYS A 112 -12.98 -0.64 6.42
C LYS A 112 -11.65 -0.99 5.75
N PHE A 113 -11.37 -0.36 4.62
CA PHE A 113 -10.22 -0.74 3.81
C PHE A 113 -9.58 0.47 3.14
N ALA A 114 -8.53 0.21 2.38
CA ALA A 114 -7.84 1.24 1.64
C ALA A 114 -7.29 0.69 0.32
N LEU A 115 -7.79 1.23 -0.77
CA LEU A 115 -7.24 0.94 -2.08
C LEU A 115 -6.17 1.98 -2.40
N VAL A 116 -4.92 1.57 -2.27
CA VAL A 116 -3.80 2.45 -2.48
C VAL A 116 -3.04 2.05 -3.75
N LEU A 117 -2.95 2.99 -4.66
CA LEU A 117 -2.28 2.79 -5.93
C LEU A 117 -0.90 3.44 -5.85
N SER A 118 0.14 2.69 -6.20
CA SER A 118 1.49 3.18 -6.02
C SER A 118 2.36 2.89 -7.23
N LEU A 119 3.13 3.87 -7.63
CA LEU A 119 4.02 3.71 -8.76
C LEU A 119 5.43 4.13 -8.38
N ARG A 120 6.29 3.15 -8.21
CA ARG A 120 7.65 3.38 -7.72
C ARG A 120 8.59 3.61 -8.88
N GLN A 121 9.04 4.84 -9.04
CA GLN A 121 9.87 5.20 -10.18
C GLN A 121 11.33 4.85 -9.89
N ALA A 122 11.84 3.85 -10.58
CA ALA A 122 13.22 3.42 -10.38
C ALA A 122 14.00 3.51 -11.69
N SER A 123 15.26 3.11 -11.65
CA SER A 123 16.15 3.24 -12.79
C SER A 123 15.74 2.33 -13.95
N ASN A 124 15.82 1.02 -13.72
CA ASN A 124 15.62 0.03 -14.76
C ASN A 124 14.16 -0.05 -15.17
N GLN A 125 13.28 0.34 -14.26
CA GLN A 125 11.85 0.30 -14.52
C GLN A 125 11.11 1.08 -13.44
N ASN A 126 9.88 1.45 -13.72
CA ASN A 126 9.02 2.02 -12.70
C ASN A 126 7.86 1.09 -12.42
N ILE A 127 7.71 0.78 -11.16
CA ILE A 127 6.81 -0.26 -10.70
C ILE A 127 5.39 0.27 -10.50
N THR A 128 4.44 -0.31 -11.20
CA THR A 128 3.05 -0.02 -10.95
C THR A 128 2.51 -1.02 -9.93
N ARG A 129 2.40 -0.57 -8.70
CA ARG A 129 2.11 -1.44 -7.59
C ARG A 129 0.76 -1.09 -6.98
N VAL A 130 0.01 -2.08 -6.62
CA VAL A 130 -1.32 -1.88 -6.11
C VAL A 130 -1.47 -2.63 -4.79
N SER A 131 -1.90 -1.93 -3.75
CA SER A 131 -2.02 -2.54 -2.44
C SER A 131 -3.44 -2.42 -1.92
N LEU A 132 -3.93 -3.50 -1.33
CA LEU A 132 -5.24 -3.51 -0.72
C LEU A 132 -5.11 -3.64 0.78
N LEU A 133 -5.30 -2.54 1.46
CA LEU A 133 -5.12 -2.46 2.90
C LEU A 133 -6.46 -2.60 3.61
N GLY A 134 -6.43 -3.11 4.82
CA GLY A 134 -7.62 -3.20 5.63
C GLY A 134 -7.35 -2.76 7.05
N ARG A 135 -8.32 -2.08 7.65
CA ARG A 135 -8.21 -1.69 9.05
C ARG A 135 -8.20 -2.93 9.92
N ASP A 136 -8.88 -3.95 9.42
CA ASP A 136 -8.87 -5.27 10.03
C ASP A 136 -8.45 -6.27 8.95
N TRP A 137 -8.08 -7.46 9.36
CA TRP A 137 -7.53 -8.44 8.42
C TRP A 137 -8.59 -9.41 7.92
N LYS A 138 -9.78 -9.33 8.48
CA LYS A 138 -10.88 -10.15 8.02
C LYS A 138 -11.73 -9.37 7.03
N ILE A 139 -11.41 -9.50 5.77
CA ILE A 139 -12.11 -8.78 4.71
C ILE A 139 -12.81 -9.75 3.77
N THR A 140 -13.94 -9.30 3.24
CA THR A 140 -14.77 -10.12 2.39
C THR A 140 -14.41 -9.89 0.92
N HIS A 141 -14.82 -10.82 0.05
CA HIS A 141 -14.55 -10.69 -1.37
C HIS A 141 -15.20 -9.43 -1.94
N LYS A 142 -16.25 -8.96 -1.29
CA LYS A 142 -16.87 -7.69 -1.67
C LYS A 142 -15.83 -6.57 -1.62
N THR A 143 -15.07 -6.55 -0.54
CA THR A 143 -14.00 -5.59 -0.36
C THR A 143 -12.79 -5.94 -1.23
N ILE A 144 -12.49 -7.25 -1.31
CA ILE A 144 -11.38 -7.75 -2.13
C ILE A 144 -11.55 -7.39 -3.60
N ASP A 145 -12.79 -7.49 -4.07
CA ASP A 145 -13.13 -7.27 -5.47
C ASP A 145 -12.73 -5.86 -5.90
N ARG A 146 -12.78 -4.93 -4.95
CA ARG A 146 -12.37 -3.55 -5.22
C ARG A 146 -10.92 -3.51 -5.66
N PHE A 147 -10.10 -4.32 -5.04
CA PHE A 147 -8.69 -4.38 -5.37
C PHE A 147 -8.47 -5.09 -6.70
N ILE A 148 -9.26 -6.13 -6.94
CA ILE A 148 -9.22 -6.86 -8.19
C ILE A 148 -9.44 -5.89 -9.35
N ALA A 149 -10.47 -5.07 -9.20
CA ALA A 149 -10.82 -4.08 -10.19
C ALA A 149 -9.64 -3.17 -10.52
N LEU A 150 -8.89 -2.76 -9.49
CA LEU A 150 -7.72 -1.93 -9.70
C LEU A 150 -6.68 -2.62 -10.57
N THR A 151 -6.39 -3.87 -10.26
CA THR A 151 -5.34 -4.59 -10.97
C THR A 151 -5.66 -4.67 -12.46
N LYS A 152 -6.95 -4.75 -12.75
CA LYS A 152 -7.43 -4.79 -14.12
C LYS A 152 -7.13 -3.47 -14.83
N THR A 153 -7.44 -2.36 -14.17
CA THR A 153 -7.29 -1.03 -14.77
C THR A 153 -5.82 -0.62 -14.84
N GLN A 154 -5.05 -1.09 -13.88
CA GLN A 154 -3.62 -0.81 -13.83
C GLN A 154 -2.85 -1.66 -14.83
N ASN A 155 -3.61 -2.41 -15.64
CA ASN A 155 -3.05 -3.24 -16.70
C ASN A 155 -2.10 -4.29 -16.15
N LEU A 156 -2.49 -4.90 -15.04
CA LEU A 156 -1.66 -5.91 -14.40
C LEU A 156 -2.04 -7.29 -14.89
N THR A 157 -1.43 -8.29 -14.29
CA THR A 157 -1.66 -9.67 -14.66
C THR A 157 -2.06 -10.48 -13.44
N LYS A 158 -2.91 -11.48 -13.66
CA LYS A 158 -3.38 -12.36 -12.57
C LYS A 158 -2.21 -13.07 -11.90
N ASN A 159 -1.07 -13.07 -12.59
CA ASN A 159 0.15 -13.65 -12.09
C ASN A 159 0.66 -12.89 -10.88
N ASN A 160 0.43 -11.59 -10.86
CA ASN A 160 1.00 -10.72 -9.84
C ASN A 160 0.01 -10.49 -8.70
N LEU A 161 -1.12 -11.16 -8.76
CA LEU A 161 -2.13 -11.04 -7.71
C LEU A 161 -1.76 -11.90 -6.52
N LEU A 162 -1.32 -11.25 -5.44
CA LEU A 162 -1.00 -11.95 -4.21
C LEU A 162 -2.03 -11.63 -3.13
N PHE A 163 -2.47 -12.67 -2.44
CA PHE A 163 -3.41 -12.51 -1.34
C PHE A 163 -2.98 -13.34 -0.15
N PRO A 164 -2.44 -12.68 0.89
CA PRO A 164 -2.07 -13.35 2.14
C PRO A 164 -3.29 -13.87 2.89
N ASP A 165 -3.17 -15.09 3.40
CA ASP A 165 -4.25 -15.68 4.19
C ASP A 165 -3.82 -15.78 5.64
N LEU A 166 -4.46 -15.01 6.49
CA LEU A 166 -4.20 -15.06 7.91
C LEU A 166 -5.50 -14.91 8.68
N THR A 167 -5.83 -15.92 9.45
CA THR A 167 -7.07 -15.93 10.21
C THR A 167 -6.86 -15.27 11.57
N ASP A 168 -5.73 -15.55 12.21
CA ASP A 168 -5.41 -14.96 13.50
C ASP A 168 -3.99 -14.42 13.48
N TRP A 169 -3.84 -13.15 13.11
CA TRP A 169 -2.53 -12.54 13.08
C TRP A 169 -2.07 -12.18 14.48
N LEU A 170 -1.54 -13.16 15.18
CA LEU A 170 -1.01 -12.95 16.50
C LEU A 170 0.50 -13.03 16.47
N LEU A 171 1.14 -12.62 17.54
CA LEU A 171 2.59 -12.68 17.65
C LEU A 171 2.98 -13.41 18.93
N ASP A 172 3.14 -14.73 18.81
CA ASP A 172 3.51 -15.56 19.95
C ASP A 172 4.93 -15.23 20.43
N PRO A 173 5.94 -15.23 19.54
CA PRO A 173 7.29 -14.81 19.90
C PRO A 173 7.47 -13.30 19.73
N LYS A 174 6.60 -12.55 20.39
CA LYS A 174 6.60 -11.09 20.27
C LYS A 174 7.92 -10.48 20.75
N VAL A 175 8.23 -9.31 20.21
CA VAL A 175 9.46 -8.61 20.53
C VAL A 175 9.53 -7.29 19.77
N CYS A 176 8.93 -7.27 18.59
CA CYS A 176 8.93 -6.08 17.75
C CYS A 176 7.63 -5.32 17.93
N GLY A 2 3.12 5.68 -24.06
CA GLY A 2 2.43 6.99 -24.03
C GLY A 2 1.85 7.29 -22.66
N GLN A 3 0.83 8.13 -22.62
CA GLN A 3 0.21 8.54 -21.37
C GLN A 3 -0.95 7.63 -21.00
N SER A 4 -0.67 6.34 -20.85
CA SER A 4 -1.66 5.39 -20.40
C SER A 4 -1.74 5.43 -18.87
N PRO A 5 -2.85 5.94 -18.32
CA PRO A 5 -3.02 6.08 -16.87
C PRO A 5 -2.94 4.73 -16.15
N THR A 6 -2.00 4.62 -15.23
CA THR A 6 -1.84 3.40 -14.46
C THR A 6 -2.87 3.38 -13.32
N MET A 7 -3.36 4.56 -12.96
CA MET A 7 -4.40 4.68 -11.96
C MET A 7 -5.76 4.26 -12.55
N PRO A 8 -6.74 4.01 -11.68
CA PRO A 8 -8.10 3.63 -12.10
C PRO A 8 -8.82 4.77 -12.80
N GLN A 9 -9.98 4.47 -13.37
CA GLN A 9 -10.79 5.46 -14.05
C GLN A 9 -12.22 5.42 -13.53
N GLY A 10 -12.33 5.19 -12.23
CA GLY A 10 -13.62 5.09 -11.59
C GLY A 10 -13.57 5.58 -10.16
N PHE A 11 -12.52 5.20 -9.44
CA PHE A 11 -12.30 5.66 -8.08
C PHE A 11 -11.48 6.95 -8.10
N SER A 12 -10.79 7.21 -6.99
CA SER A 12 -9.94 8.39 -6.85
C SER A 12 -10.77 9.67 -6.87
N GLN A 13 -12.02 9.54 -6.43
CA GLN A 13 -12.93 10.68 -6.38
C GLN A 13 -12.71 11.44 -5.08
N MET A 14 -11.53 12.03 -4.96
CA MET A 14 -11.15 12.73 -3.75
C MET A 14 -11.23 14.23 -3.93
N THR A 15 -12.11 14.85 -3.16
CA THR A 15 -12.22 16.30 -3.12
C THR A 15 -11.79 16.80 -1.75
N SER A 16 -11.70 15.87 -0.79
CA SER A 16 -11.30 16.19 0.57
C SER A 16 -10.88 14.91 1.30
N PHE A 17 -9.62 14.87 1.73
CA PHE A 17 -9.09 13.69 2.39
C PHE A 17 -8.78 13.98 3.86
N GLN A 18 -9.63 13.47 4.74
CA GLN A 18 -9.44 13.56 6.18
C GLN A 18 -8.22 12.74 6.61
N SER A 19 -7.07 13.38 6.67
CA SER A 19 -5.81 12.69 6.93
C SER A 19 -5.79 12.01 8.29
N ASN A 20 -6.21 12.73 9.33
CA ASN A 20 -6.19 12.20 10.70
C ASN A 20 -7.20 11.07 10.87
N LYS A 21 -8.18 11.04 10.00
CA LYS A 21 -9.26 10.07 10.08
C LYS A 21 -8.85 8.73 9.50
N PHE A 22 -8.28 8.75 8.30
CA PHE A 22 -8.00 7.53 7.56
C PHE A 22 -6.66 6.91 7.97
N GLN A 23 -5.86 7.64 8.73
CA GLN A 23 -4.58 7.12 9.20
C GLN A 23 -4.79 6.00 10.22
N GLY A 24 -3.73 5.24 10.49
CA GLY A 24 -3.82 4.19 11.47
C GLY A 24 -3.09 2.92 11.04
N GLU A 25 -3.47 1.81 11.66
CA GLU A 25 -2.88 0.51 11.38
C GLU A 25 -3.64 -0.18 10.26
N TRP A 26 -2.92 -0.65 9.24
CA TRP A 26 -3.55 -1.31 8.11
C TRP A 26 -2.83 -2.60 7.74
N PHE A 27 -3.59 -3.68 7.60
CA PHE A 27 -3.06 -4.94 7.12
C PHE A 27 -3.17 -4.99 5.60
N VAL A 28 -2.14 -5.46 4.93
CA VAL A 28 -2.20 -5.57 3.48
C VAL A 28 -2.77 -6.93 3.10
N LEU A 29 -4.05 -6.96 2.76
CA LEU A 29 -4.73 -8.21 2.45
C LEU A 29 -4.73 -8.47 0.95
N GLY A 30 -4.51 -7.41 0.19
CA GLY A 30 -4.42 -7.54 -1.24
C GLY A 30 -3.08 -7.06 -1.75
N LEU A 31 -2.29 -7.97 -2.28
CA LEU A 31 -0.96 -7.64 -2.74
C LEU A 31 -0.86 -7.88 -4.24
N ALA A 32 -0.70 -6.81 -4.99
CA ALA A 32 -0.53 -6.92 -6.43
C ALA A 32 0.58 -6.00 -6.90
N ASP A 33 1.42 -6.53 -7.77
CA ASP A 33 2.57 -5.79 -8.29
C ASP A 33 2.98 -6.37 -9.62
N ASN A 34 3.32 -5.49 -10.54
CA ASN A 34 3.69 -5.88 -11.90
C ASN A 34 4.96 -6.74 -11.89
N THR A 35 5.76 -6.62 -10.85
CA THR A 35 6.98 -7.39 -10.74
C THR A 35 6.85 -8.46 -9.65
N TYR A 36 5.66 -8.57 -9.06
CA TYR A 36 5.43 -9.55 -8.02
C TYR A 36 4.56 -10.68 -8.55
N LYS A 37 4.93 -11.89 -8.21
CA LYS A 37 4.22 -13.07 -8.69
C LYS A 37 3.53 -13.77 -7.55
N ARG A 38 2.34 -14.28 -7.82
CA ARG A 38 1.60 -15.10 -6.86
C ARG A 38 2.34 -16.41 -6.63
N GLU A 39 3.27 -16.71 -7.52
CA GLU A 39 4.14 -17.87 -7.39
C GLU A 39 5.25 -17.57 -6.40
N HIS A 40 5.39 -16.29 -6.08
CA HIS A 40 6.41 -15.83 -5.15
C HIS A 40 5.77 -15.38 -3.84
N ARG A 41 5.56 -16.35 -2.95
CA ARG A 41 4.93 -16.08 -1.66
C ARG A 41 5.74 -15.07 -0.85
N PRO A 42 5.04 -14.11 -0.23
CA PRO A 42 5.66 -13.10 0.62
C PRO A 42 6.41 -13.71 1.79
N LEU A 43 7.60 -13.18 2.03
CA LEU A 43 8.49 -13.67 3.08
C LEU A 43 7.89 -13.51 4.46
N LEU A 44 7.04 -12.51 4.59
CA LEU A 44 6.44 -12.17 5.87
C LEU A 44 4.99 -12.63 5.91
N HIS A 45 4.56 -13.13 7.06
CA HIS A 45 3.21 -13.64 7.20
C HIS A 45 2.38 -12.67 8.04
N SER A 46 2.54 -11.39 7.77
CA SER A 46 1.78 -10.35 8.44
C SER A 46 1.60 -9.17 7.48
N PHE A 47 2.71 -8.52 7.15
CA PHE A 47 2.74 -7.45 6.16
C PHE A 47 1.77 -6.33 6.56
N ILE A 48 2.08 -5.67 7.66
CA ILE A 48 1.28 -4.57 8.16
C ILE A 48 1.93 -3.24 7.78
N THR A 49 1.15 -2.31 7.25
CA THR A 49 1.68 -1.01 6.90
C THR A 49 0.88 0.09 7.59
N LEU A 50 1.56 0.93 8.35
CA LEU A 50 0.89 1.95 9.13
C LEU A 50 1.07 3.32 8.49
N PHE A 51 -0.01 4.05 8.43
CA PHE A 51 0.01 5.40 7.91
C PHE A 51 -0.23 6.38 9.04
N LYS A 52 0.81 7.10 9.42
CA LYS A 52 0.75 7.99 10.57
C LYS A 52 0.97 9.44 10.14
N LEU A 53 0.28 10.35 10.80
CA LEU A 53 0.40 11.77 10.48
C LEU A 53 1.62 12.38 11.13
N ARG A 54 2.64 12.64 10.33
CA ARG A 54 3.84 13.30 10.82
C ARG A 54 3.55 14.75 11.16
N ASP A 55 3.07 15.50 10.17
CA ASP A 55 2.71 16.88 10.39
C ASP A 55 1.21 17.07 10.23
N ASN A 56 0.73 17.11 9.00
CA ASN A 56 -0.69 17.38 8.76
C ASN A 56 -1.29 16.34 7.82
N SER A 57 -0.53 15.90 6.83
CA SER A 57 -1.01 14.91 5.88
C SER A 57 0.13 14.02 5.41
N GLU A 58 1.32 14.29 5.92
CA GLU A 58 2.50 13.49 5.63
C GLU A 58 2.39 12.16 6.34
N PHE A 59 2.27 11.10 5.57
CA PHE A 59 2.05 9.78 6.14
C PHE A 59 3.36 9.04 6.32
N GLN A 60 3.70 8.79 7.57
CA GLN A 60 4.83 7.98 7.90
C GLN A 60 4.44 6.52 7.75
N VAL A 61 4.70 5.97 6.57
CA VAL A 61 4.31 4.61 6.26
C VAL A 61 5.31 3.63 6.86
N THR A 62 4.86 2.97 7.90
CA THR A 62 5.68 2.04 8.65
C THR A 62 5.25 0.61 8.41
N ASN A 63 6.08 -0.17 7.76
CA ASN A 63 5.74 -1.55 7.46
C ASN A 63 6.43 -2.50 8.42
N SER A 64 5.66 -3.42 8.96
CA SER A 64 6.17 -4.42 9.89
C SER A 64 6.29 -5.76 9.18
N MET A 65 7.52 -6.17 8.96
CA MET A 65 7.80 -7.40 8.25
C MET A 65 8.19 -8.49 9.22
N THR A 66 7.45 -9.59 9.22
CA THR A 66 7.73 -10.68 10.12
C THR A 66 8.65 -11.69 9.47
N ARG A 67 9.88 -11.72 9.94
CA ARG A 67 10.91 -12.61 9.45
C ARG A 67 11.15 -13.69 10.49
N GLY A 68 10.13 -14.50 10.71
CA GLY A 68 10.17 -15.44 11.81
C GLY A 68 9.78 -14.77 13.11
N LYS A 69 10.73 -14.65 14.02
CA LYS A 69 10.51 -13.95 15.27
C LYS A 69 11.12 -12.55 15.21
N HIS A 70 11.79 -12.26 14.11
CA HIS A 70 12.39 -10.94 13.91
C HIS A 70 11.44 -10.05 13.14
N CYS A 71 11.15 -8.89 13.69
CA CYS A 71 10.27 -7.95 13.04
C CYS A 71 11.06 -6.78 12.46
N SER A 72 11.13 -6.75 11.14
CA SER A 72 11.85 -5.70 10.43
C SER A 72 10.88 -4.58 10.08
N THR A 73 11.15 -3.39 10.57
CA THR A 73 10.24 -2.28 10.39
C THR A 73 10.93 -1.11 9.69
N TRP A 74 10.31 -0.62 8.64
CA TRP A 74 10.80 0.56 7.94
C TRP A 74 9.70 1.58 7.78
N SER A 75 10.04 2.85 7.91
CA SER A 75 9.08 3.92 7.79
C SER A 75 9.53 4.94 6.75
N TYR A 76 8.62 5.31 5.86
CA TYR A 76 8.89 6.37 4.90
C TYR A 76 7.91 7.52 5.13
N THR A 77 8.10 8.62 4.43
CA THR A 77 7.24 9.77 4.58
C THR A 77 6.57 10.12 3.25
N LEU A 78 5.25 9.98 3.23
CA LEU A 78 4.47 10.30 2.04
C LEU A 78 4.08 11.76 2.07
N ILE A 79 4.38 12.46 0.99
CA ILE A 79 4.13 13.89 0.95
C ILE A 79 3.00 14.20 -0.03
N PRO A 80 1.87 14.69 0.50
CA PRO A 80 0.72 15.08 -0.33
C PRO A 80 1.03 16.26 -1.24
N THR A 81 0.43 16.27 -2.41
CA THR A 81 0.63 17.35 -3.37
C THR A 81 -0.53 18.33 -3.29
N ASN A 82 -0.71 19.12 -4.34
CA ASN A 82 -1.86 20.00 -4.45
C ASN A 82 -3.14 19.19 -4.59
N LYS A 83 -3.00 17.92 -4.95
CA LYS A 83 -4.15 17.06 -5.18
C LYS A 83 -4.53 16.30 -3.91
N PRO A 84 -5.82 16.29 -3.55
CA PRO A 84 -6.30 15.54 -2.38
C PRO A 84 -6.23 14.05 -2.63
N GLY A 85 -5.38 13.38 -1.86
CA GLY A 85 -5.21 11.95 -2.03
C GLY A 85 -4.08 11.62 -2.98
N GLN A 86 -3.21 12.61 -3.19
CA GLN A 86 -2.07 12.45 -4.08
C GLN A 86 -0.79 12.65 -3.29
N PHE A 87 0.05 11.63 -3.27
CA PHE A 87 1.26 11.64 -2.46
C PHE A 87 2.48 11.24 -3.27
N THR A 88 3.65 11.65 -2.81
CA THR A 88 4.91 11.19 -3.35
C THR A 88 5.89 10.99 -2.19
N ARG A 89 6.61 9.89 -2.22
CA ARG A 89 7.55 9.56 -1.17
C ARG A 89 8.77 10.47 -1.22
N ASP A 90 9.00 11.19 -0.13
CA ASP A 90 10.18 12.03 -0.02
C ASP A 90 11.38 11.17 0.33
N ASN A 91 12.45 11.30 -0.44
CA ASN A 91 13.61 10.45 -0.28
C ASN A 91 14.87 11.28 -0.07
N ARG A 92 14.68 12.50 0.40
CA ARG A 92 15.79 13.39 0.67
C ARG A 92 16.61 12.88 1.85
N GLY A 93 17.72 12.22 1.54
CA GLY A 93 18.52 11.59 2.56
C GLY A 93 18.90 10.17 2.17
N SER A 94 18.08 9.58 1.31
CA SER A 94 18.30 8.22 0.84
C SER A 94 19.53 8.14 -0.07
N GLY A 95 19.77 9.22 -0.80
CA GLY A 95 20.93 9.30 -1.66
C GLY A 95 20.79 8.50 -2.94
N PRO A 96 21.62 7.47 -3.11
CA PRO A 96 21.63 6.63 -4.32
C PRO A 96 20.32 5.89 -4.54
N GLY A 97 19.74 5.38 -3.47
CA GLY A 97 18.53 4.59 -3.58
C GLY A 97 17.28 5.40 -3.35
N ALA A 98 17.30 6.66 -3.77
CA ALA A 98 16.18 7.56 -3.56
C ALA A 98 15.15 7.43 -4.66
N ASP A 99 14.80 6.20 -5.02
CA ASP A 99 13.77 5.95 -6.01
C ASP A 99 12.43 6.37 -5.47
N LYS A 100 11.88 7.45 -6.00
CA LYS A 100 10.62 7.97 -5.52
C LYS A 100 9.47 7.06 -5.85
N GLU A 101 8.39 7.25 -5.14
CA GLU A 101 7.23 6.42 -5.27
C GLU A 101 5.99 7.28 -5.11
N ASN A 102 5.11 7.22 -6.09
CA ASN A 102 3.89 7.99 -6.06
C ASN A 102 2.78 7.21 -5.40
N ILE A 103 2.28 7.74 -4.31
CA ILE A 103 1.25 7.07 -3.53
C ILE A 103 -0.07 7.78 -3.74
N GLN A 104 -1.08 7.04 -4.11
CA GLN A 104 -2.37 7.63 -4.40
C GLN A 104 -3.48 6.84 -3.71
N VAL A 105 -4.27 7.52 -2.90
CA VAL A 105 -5.40 6.90 -2.25
C VAL A 105 -6.58 6.80 -3.21
N ILE A 106 -6.86 5.57 -3.64
CA ILE A 106 -7.93 5.31 -4.58
C ILE A 106 -9.29 5.36 -3.88
N GLU A 107 -9.36 4.75 -2.70
CA GLU A 107 -10.61 4.70 -1.95
C GLU A 107 -10.36 4.17 -0.55
N THR A 108 -10.46 5.02 0.44
CA THR A 108 -10.19 4.60 1.80
C THR A 108 -11.33 4.95 2.73
N ASP A 109 -11.60 4.04 3.65
CA ASP A 109 -12.52 4.28 4.75
C ASP A 109 -12.00 3.60 6.00
N TYR A 110 -11.58 4.42 6.96
CA TYR A 110 -11.00 3.95 8.22
C TYR A 110 -11.87 2.92 8.93
N VAL A 111 -13.16 2.89 8.59
CA VAL A 111 -14.09 1.98 9.22
C VAL A 111 -13.90 0.55 8.71
N LYS A 112 -13.31 0.39 7.53
CA LYS A 112 -13.19 -0.94 6.93
C LYS A 112 -11.88 -1.13 6.16
N PHE A 113 -11.71 -0.48 5.00
CA PHE A 113 -10.54 -0.78 4.17
C PHE A 113 -9.92 0.46 3.55
N ALA A 114 -8.86 0.23 2.76
CA ALA A 114 -8.15 1.30 2.09
C ALA A 114 -7.49 0.80 0.80
N LEU A 115 -7.90 1.36 -0.31
CA LEU A 115 -7.30 1.07 -1.60
C LEU A 115 -6.18 2.05 -1.88
N VAL A 116 -4.95 1.57 -1.79
CA VAL A 116 -3.78 2.42 -1.94
C VAL A 116 -2.95 1.98 -3.15
N LEU A 117 -2.79 2.89 -4.10
CA LEU A 117 -2.00 2.63 -5.28
C LEU A 117 -0.68 3.40 -5.19
N SER A 118 0.43 2.71 -5.32
CA SER A 118 1.73 3.34 -5.18
C SER A 118 2.69 2.85 -6.26
N LEU A 119 3.28 3.78 -6.99
CA LEU A 119 4.14 3.44 -8.12
C LEU A 119 5.56 3.95 -7.89
N ARG A 120 6.51 3.04 -7.87
CA ARG A 120 7.91 3.40 -7.64
C ARG A 120 8.62 3.64 -8.97
N GLN A 121 9.16 4.83 -9.12
CA GLN A 121 9.87 5.19 -10.35
C GLN A 121 11.34 4.80 -10.21
N ALA A 122 11.77 3.79 -10.95
CA ALA A 122 13.15 3.36 -10.88
C ALA A 122 13.80 3.41 -12.26
N SER A 123 15.01 2.89 -12.36
CA SER A 123 15.74 2.90 -13.62
C SER A 123 15.32 1.73 -14.49
N ASN A 124 15.49 0.54 -13.93
CA ASN A 124 15.15 -0.70 -14.61
C ASN A 124 13.72 -0.67 -15.09
N GLN A 125 12.84 -0.16 -14.23
CA GLN A 125 11.41 -0.18 -14.52
C GLN A 125 10.64 0.65 -13.50
N ASN A 126 9.35 0.80 -13.75
CA ASN A 126 8.44 1.39 -12.78
C ASN A 126 7.68 0.29 -12.07
N ILE A 127 7.76 0.34 -10.77
CA ILE A 127 7.11 -0.65 -9.94
C ILE A 127 5.69 -0.22 -9.64
N THR A 128 4.76 -0.84 -10.33
CA THR A 128 3.36 -0.60 -10.09
C THR A 128 2.87 -1.44 -8.92
N ARG A 129 2.68 -0.80 -7.78
CA ARG A 129 2.33 -1.52 -6.56
C ARG A 129 0.91 -1.17 -6.13
N VAL A 130 0.10 -2.20 -5.97
CA VAL A 130 -1.28 -2.05 -5.57
C VAL A 130 -1.49 -2.67 -4.21
N SER A 131 -1.94 -1.86 -3.25
CA SER A 131 -2.11 -2.30 -1.90
C SER A 131 -3.57 -2.26 -1.46
N LEU A 132 -4.10 -3.42 -1.09
CA LEU A 132 -5.44 -3.49 -0.52
C LEU A 132 -5.33 -3.60 0.99
N LEU A 133 -5.49 -2.48 1.65
CA LEU A 133 -5.32 -2.40 3.09
C LEU A 133 -6.65 -2.61 3.80
N GLY A 134 -6.61 -3.19 4.98
CA GLY A 134 -7.79 -3.37 5.78
C GLY A 134 -7.49 -3.20 7.25
N ARG A 135 -8.47 -2.71 8.00
CA ARG A 135 -8.32 -2.53 9.44
C ARG A 135 -8.33 -3.87 10.15
N ASP A 136 -8.99 -4.83 9.54
CA ASP A 136 -9.00 -6.21 10.03
C ASP A 136 -8.65 -7.12 8.88
N TRP A 137 -8.24 -8.35 9.19
CA TRP A 137 -7.76 -9.26 8.15
C TRP A 137 -8.84 -10.22 7.68
N LYS A 138 -10.04 -10.10 8.25
CA LYS A 138 -11.15 -10.92 7.82
C LYS A 138 -12.04 -10.15 6.84
N ILE A 139 -11.40 -9.57 5.83
CA ILE A 139 -12.10 -8.84 4.79
C ILE A 139 -12.75 -9.80 3.81
N THR A 140 -13.85 -9.36 3.22
CA THR A 140 -14.65 -10.21 2.34
C THR A 140 -14.34 -9.92 0.88
N HIS A 141 -14.76 -10.82 -0.02
CA HIS A 141 -14.53 -10.66 -1.45
C HIS A 141 -15.21 -9.39 -1.98
N LYS A 142 -16.26 -8.96 -1.30
CA LYS A 142 -16.92 -7.70 -1.64
C LYS A 142 -15.90 -6.56 -1.61
N THR A 143 -15.11 -6.54 -0.56
CA THR A 143 -14.07 -5.56 -0.37
C THR A 143 -12.87 -5.85 -1.28
N ILE A 144 -12.57 -7.13 -1.43
CA ILE A 144 -11.45 -7.59 -2.27
C ILE A 144 -11.65 -7.17 -3.74
N ASP A 145 -12.89 -7.24 -4.21
CA ASP A 145 -13.20 -6.99 -5.62
C ASP A 145 -12.81 -5.58 -6.05
N ARG A 146 -12.94 -4.62 -5.14
CA ARG A 146 -12.56 -3.25 -5.44
C ARG A 146 -11.07 -3.16 -5.73
N PHE A 147 -10.30 -4.00 -5.06
CA PHE A 147 -8.86 -4.07 -5.28
C PHE A 147 -8.56 -4.75 -6.62
N ILE A 148 -9.34 -5.78 -6.94
CA ILE A 148 -9.21 -6.48 -8.19
C ILE A 148 -9.40 -5.52 -9.37
N ALA A 149 -10.42 -4.68 -9.24
CA ALA A 149 -10.72 -3.66 -10.23
C ALA A 149 -9.51 -2.77 -10.48
N LEU A 150 -8.85 -2.37 -9.40
CA LEU A 150 -7.66 -1.55 -9.48
C LEU A 150 -6.58 -2.24 -10.29
N THR A 151 -6.27 -3.48 -9.92
CA THR A 151 -5.17 -4.20 -10.54
C THR A 151 -5.37 -4.28 -12.04
N LYS A 152 -6.64 -4.36 -12.45
CA LYS A 152 -6.99 -4.38 -13.86
C LYS A 152 -6.60 -3.06 -14.52
N THR A 153 -6.88 -1.96 -13.85
CA THR A 153 -6.58 -0.63 -14.40
C THR A 153 -5.08 -0.34 -14.32
N GLN A 154 -4.39 -0.97 -13.37
CA GLN A 154 -2.95 -0.88 -13.27
C GLN A 154 -2.28 -1.72 -14.38
N ASN A 155 -3.12 -2.44 -15.11
CA ASN A 155 -2.68 -3.31 -16.20
C ASN A 155 -1.88 -4.47 -15.65
N LEU A 156 -2.28 -4.92 -14.48
CA LEU A 156 -1.64 -6.05 -13.85
C LEU A 156 -2.28 -7.32 -14.36
N THR A 157 -1.63 -8.42 -14.08
CA THR A 157 -2.10 -9.71 -14.52
C THR A 157 -2.60 -10.51 -13.32
N LYS A 158 -3.41 -11.52 -13.57
CA LYS A 158 -4.00 -12.32 -12.50
C LYS A 158 -2.90 -13.06 -11.72
N ASN A 159 -1.73 -13.17 -12.33
CA ASN A 159 -0.59 -13.82 -11.70
C ASN A 159 0.08 -12.87 -10.72
N ASN A 160 -0.23 -11.58 -10.83
CA ASN A 160 0.33 -10.57 -9.94
C ASN A 160 -0.52 -10.46 -8.68
N LEU A 161 -1.63 -11.20 -8.66
CA LEU A 161 -2.58 -11.15 -7.55
C LEU A 161 -2.20 -12.14 -6.46
N LEU A 162 -1.60 -11.64 -5.40
CA LEU A 162 -1.25 -12.45 -4.24
C LEU A 162 -2.07 -11.98 -3.04
N PHE A 163 -2.68 -12.92 -2.34
CA PHE A 163 -3.51 -12.58 -1.20
C PHE A 163 -3.05 -13.31 0.06
N PRO A 164 -2.53 -12.56 1.04
CA PRO A 164 -2.20 -13.10 2.37
C PRO A 164 -3.38 -13.82 2.99
N ASP A 165 -3.14 -15.08 3.35
CA ASP A 165 -4.15 -15.89 4.00
C ASP A 165 -4.45 -15.35 5.40
N LEU A 166 -3.44 -15.36 6.25
CA LEU A 166 -3.54 -14.78 7.59
C LEU A 166 -4.78 -15.32 8.33
N THR A 167 -4.98 -16.62 8.21
CA THR A 167 -6.15 -17.26 8.77
C THR A 167 -5.93 -17.62 10.22
N ASP A 168 -4.72 -18.03 10.55
CA ASP A 168 -4.38 -18.40 11.91
C ASP A 168 -2.99 -17.88 12.27
N TRP A 169 -2.84 -16.57 12.24
CA TRP A 169 -1.59 -15.94 12.65
C TRP A 169 -1.71 -15.42 14.07
N LEU A 170 -1.33 -16.25 15.02
CA LEU A 170 -1.32 -15.86 16.42
C LEU A 170 0.12 -15.72 16.91
N LEU A 171 0.60 -14.50 16.95
CA LEU A 171 1.95 -14.24 17.43
C LEU A 171 1.92 -13.77 18.88
N ASP A 172 2.00 -14.73 19.79
CA ASP A 172 1.98 -14.43 21.22
C ASP A 172 3.19 -13.60 21.63
N PRO A 173 4.43 -14.06 21.33
CA PRO A 173 5.65 -13.30 21.64
C PRO A 173 5.88 -12.16 20.64
N LYS A 174 4.90 -11.29 20.52
CA LYS A 174 4.98 -10.16 19.59
C LYS A 174 6.08 -9.20 20.01
N VAL A 175 7.07 -9.03 19.14
CA VAL A 175 8.12 -8.06 19.37
C VAL A 175 7.68 -6.70 18.81
N CYS A 176 7.03 -6.74 17.66
CA CYS A 176 6.57 -5.53 16.98
C CYS A 176 5.11 -5.67 16.62
N GLY A 2 3.23 2.87 -18.03
CA GLY A 2 3.54 3.63 -19.26
C GLY A 2 3.47 5.13 -19.03
N GLN A 3 3.14 5.88 -20.08
CA GLN A 3 3.06 7.32 -19.99
C GLN A 3 1.87 7.76 -19.13
N SER A 4 0.87 6.90 -19.05
CA SER A 4 -0.31 7.18 -18.23
C SER A 4 0.04 7.05 -16.75
N PRO A 5 -0.60 7.86 -15.90
CA PRO A 5 -0.32 7.86 -14.45
C PRO A 5 -0.84 6.60 -13.76
N THR A 6 -1.41 5.71 -14.56
CA THR A 6 -1.96 4.44 -14.07
C THR A 6 -3.20 4.71 -13.21
N MET A 7 -3.87 5.82 -13.52
CA MET A 7 -5.11 6.18 -12.88
C MET A 7 -6.23 5.23 -13.32
N PRO A 8 -6.81 4.49 -12.38
CA PRO A 8 -7.85 3.50 -12.66
C PRO A 8 -9.19 4.12 -13.03
N GLN A 9 -9.90 3.44 -13.90
CA GLN A 9 -11.22 3.89 -14.31
C GLN A 9 -12.28 3.26 -13.42
N GLY A 10 -13.52 3.72 -13.56
CA GLY A 10 -14.58 3.23 -12.70
C GLY A 10 -14.64 4.01 -11.40
N PHE A 11 -13.54 3.98 -10.66
CA PHE A 11 -13.43 4.71 -9.41
C PHE A 11 -13.19 6.20 -9.68
N SER A 12 -13.10 6.97 -8.61
CA SER A 12 -12.90 8.40 -8.72
C SER A 12 -12.01 8.88 -7.57
N GLN A 13 -11.22 9.91 -7.84
CA GLN A 13 -10.37 10.50 -6.80
C GLN A 13 -11.23 11.24 -5.79
N MET A 14 -10.99 10.98 -4.51
CA MET A 14 -11.74 11.62 -3.44
C MET A 14 -11.53 13.12 -3.47
N THR A 15 -12.62 13.87 -3.46
CA THR A 15 -12.54 15.32 -3.53
C THR A 15 -12.25 15.92 -2.16
N SER A 16 -12.46 15.12 -1.12
CA SER A 16 -12.23 15.56 0.24
C SER A 16 -11.45 14.50 1.01
N PHE A 17 -10.21 14.82 1.34
CA PHE A 17 -9.36 13.90 2.07
C PHE A 17 -8.96 14.49 3.42
N GLN A 18 -9.26 13.77 4.49
CA GLN A 18 -8.86 14.17 5.83
C GLN A 18 -7.67 13.35 6.27
N SER A 19 -6.52 14.01 6.40
CA SER A 19 -5.29 13.34 6.81
C SER A 19 -5.43 12.80 8.24
N ASN A 20 -6.23 13.48 9.05
CA ASN A 20 -6.45 13.07 10.44
C ASN A 20 -7.23 11.76 10.52
N LYS A 21 -7.82 11.36 9.40
CA LYS A 21 -8.63 10.16 9.35
C LYS A 21 -7.85 8.98 8.82
N PHE A 22 -6.92 9.26 7.92
CA PHE A 22 -6.19 8.21 7.23
C PHE A 22 -5.00 7.71 8.05
N GLN A 23 -4.64 8.48 9.07
CA GLN A 23 -3.57 8.06 9.97
C GLN A 23 -4.04 6.94 10.89
N GLY A 24 -3.08 6.22 11.45
CA GLY A 24 -3.40 5.09 12.30
C GLY A 24 -2.75 3.81 11.79
N GLU A 25 -3.21 2.69 12.30
CA GLU A 25 -2.70 1.40 11.87
C GLU A 25 -3.45 0.88 10.66
N TRP A 26 -2.73 0.25 9.76
CA TRP A 26 -3.31 -0.34 8.56
C TRP A 26 -2.71 -1.71 8.31
N PHE A 27 -3.56 -2.72 8.29
CA PHE A 27 -3.13 -4.07 8.02
C PHE A 27 -3.27 -4.37 6.54
N VAL A 28 -2.24 -4.92 5.94
CA VAL A 28 -2.25 -5.18 4.51
C VAL A 28 -2.86 -6.54 4.22
N LEU A 29 -4.06 -6.54 3.67
CA LEU A 29 -4.75 -7.76 3.31
C LEU A 29 -4.24 -8.29 1.97
N GLY A 30 -4.25 -7.42 0.96
CA GLY A 30 -3.92 -7.87 -0.37
C GLY A 30 -2.77 -7.09 -0.99
N LEU A 31 -1.97 -7.80 -1.78
CA LEU A 31 -0.87 -7.17 -2.52
C LEU A 31 -1.07 -7.40 -4.01
N ALA A 32 -0.46 -6.53 -4.80
CA ALA A 32 -0.48 -6.65 -6.25
C ALA A 32 0.62 -5.81 -6.87
N ASP A 33 1.35 -6.37 -7.83
CA ASP A 33 2.40 -5.64 -8.53
C ASP A 33 2.80 -6.36 -9.83
N ASN A 34 3.48 -5.62 -10.69
CA ASN A 34 3.83 -6.07 -12.02
C ASN A 34 5.00 -7.05 -11.99
N THR A 35 5.81 -7.00 -10.94
CA THR A 35 6.92 -7.93 -10.82
C THR A 35 6.71 -8.84 -9.61
N TYR A 36 5.68 -8.55 -8.84
CA TYR A 36 5.27 -9.41 -7.73
C TYR A 36 4.87 -10.77 -8.28
N LYS A 37 5.27 -11.83 -7.59
CA LYS A 37 4.93 -13.18 -8.03
C LYS A 37 4.26 -13.96 -6.91
N ARG A 38 3.11 -14.56 -7.22
CA ARG A 38 2.40 -15.36 -6.24
C ARG A 38 3.06 -16.73 -6.09
N GLU A 39 4.03 -17.01 -6.96
CA GLU A 39 4.86 -18.20 -6.83
C GLU A 39 6.02 -17.91 -5.88
N HIS A 40 6.13 -16.64 -5.53
CA HIS A 40 7.16 -16.17 -4.62
C HIS A 40 6.54 -15.22 -3.60
N ARG A 41 5.60 -15.74 -2.83
CA ARG A 41 4.86 -14.94 -1.88
C ARG A 41 5.78 -14.32 -0.85
N PRO A 42 5.44 -13.10 -0.39
CA PRO A 42 6.27 -12.32 0.53
C PRO A 42 6.54 -13.04 1.85
N LEU A 43 7.55 -12.53 2.55
CA LEU A 43 7.98 -13.05 3.85
C LEU A 43 6.86 -13.05 4.88
N LEU A 44 5.81 -12.31 4.60
CA LEU A 44 4.66 -12.22 5.46
C LEU A 44 3.46 -11.85 4.61
N HIS A 45 2.39 -12.61 4.69
CA HIS A 45 1.25 -12.42 3.78
C HIS A 45 0.36 -11.26 4.23
N SER A 46 0.71 -10.65 5.35
CA SER A 46 0.00 -9.49 5.85
C SER A 46 0.92 -8.63 6.72
N PHE A 47 1.40 -7.53 6.15
CA PHE A 47 2.27 -6.63 6.91
C PHE A 47 1.41 -5.57 7.60
N ILE A 48 2.01 -4.82 8.51
CA ILE A 48 1.30 -3.74 9.19
C ILE A 48 1.94 -2.41 8.86
N THR A 49 1.28 -1.63 8.00
CA THR A 49 1.79 -0.33 7.61
C THR A 49 1.05 0.78 8.36
N LEU A 50 1.78 1.53 9.15
CA LEU A 50 1.18 2.58 9.96
C LEU A 50 1.38 3.92 9.31
N PHE A 51 0.40 4.77 9.43
CA PHE A 51 0.47 6.11 8.88
C PHE A 51 0.38 7.14 9.99
N LYS A 52 1.48 7.84 10.24
CA LYS A 52 1.51 8.87 11.28
C LYS A 52 1.51 10.25 10.65
N LEU A 53 0.75 11.17 11.24
CA LEU A 53 0.77 12.55 10.79
C LEU A 53 2.11 13.19 11.13
N ARG A 54 2.87 13.44 10.09
CA ARG A 54 4.19 14.04 10.19
C ARG A 54 4.08 15.48 10.70
N ASP A 55 3.38 16.32 9.96
CA ASP A 55 3.20 17.71 10.34
C ASP A 55 1.74 18.10 10.30
N ASN A 56 1.14 18.06 9.12
CA ASN A 56 -0.26 18.43 8.98
C ASN A 56 -1.01 17.49 8.03
N SER A 57 -0.27 16.81 7.16
CA SER A 57 -0.89 15.98 6.14
C SER A 57 0.05 14.88 5.66
N GLU A 58 1.34 15.07 5.92
CA GLU A 58 2.35 14.09 5.55
C GLU A 58 2.16 12.83 6.39
N PHE A 59 2.32 11.68 5.77
CA PHE A 59 2.16 10.43 6.48
C PHE A 59 3.48 9.68 6.58
N GLN A 60 3.94 9.46 7.80
CA GLN A 60 5.11 8.65 7.99
C GLN A 60 4.71 7.19 8.00
N VAL A 61 4.82 6.56 6.85
CA VAL A 61 4.39 5.20 6.67
C VAL A 61 5.42 4.22 7.21
N THR A 62 5.05 3.56 8.29
CA THR A 62 5.92 2.62 8.97
C THR A 62 5.40 1.20 8.77
N ASN A 63 6.07 0.42 7.94
CA ASN A 63 5.62 -0.93 7.67
C ASN A 63 6.40 -1.94 8.49
N SER A 64 5.68 -2.70 9.30
CA SER A 64 6.26 -3.75 10.11
C SER A 64 6.06 -5.10 9.43
N MET A 65 7.17 -5.72 9.05
CA MET A 65 7.13 -7.04 8.44
C MET A 65 7.99 -8.01 9.26
N THR A 66 7.33 -8.87 10.00
CA THR A 66 8.03 -9.83 10.84
C THR A 66 8.21 -11.15 10.11
N ARG A 67 9.45 -11.60 10.05
CA ARG A 67 9.79 -12.88 9.44
C ARG A 67 10.14 -13.87 10.54
N GLY A 68 9.14 -14.58 11.03
CA GLY A 68 9.35 -15.48 12.14
C GLY A 68 9.34 -14.74 13.46
N LYS A 69 10.48 -14.72 14.14
CA LYS A 69 10.61 -13.98 15.39
C LYS A 69 11.59 -12.82 15.23
N HIS A 70 11.80 -12.43 13.99
CA HIS A 70 12.62 -11.25 13.68
C HIS A 70 11.84 -10.32 12.77
N CYS A 71 11.59 -9.11 13.21
CA CYS A 71 10.79 -8.18 12.44
C CYS A 71 11.67 -7.13 11.78
N SER A 72 11.22 -6.64 10.65
CA SER A 72 11.89 -5.57 9.96
C SER A 72 10.90 -4.43 9.74
N THR A 73 11.32 -3.23 10.08
CA THR A 73 10.45 -2.07 10.00
C THR A 73 11.12 -0.93 9.23
N TRP A 74 10.44 -0.43 8.23
CA TRP A 74 10.93 0.71 7.48
C TRP A 74 9.88 1.81 7.46
N SER A 75 10.33 3.04 7.32
CA SER A 75 9.42 4.17 7.35
C SER A 75 9.75 5.16 6.22
N TYR A 76 8.73 5.59 5.51
CA TYR A 76 8.89 6.61 4.47
C TYR A 76 8.03 7.82 4.81
N THR A 77 8.41 8.96 4.28
CA THR A 77 7.64 10.16 4.48
C THR A 77 6.77 10.44 3.27
N LEU A 78 5.46 10.32 3.45
CA LEU A 78 4.51 10.57 2.38
C LEU A 78 4.14 12.03 2.33
N ILE A 79 4.33 12.64 1.19
CA ILE A 79 4.08 14.06 1.03
C ILE A 79 2.87 14.28 0.15
N PRO A 80 1.81 14.89 0.69
CA PRO A 80 0.61 15.24 -0.07
C PRO A 80 0.92 16.26 -1.16
N THR A 81 0.43 16.00 -2.35
CA THR A 81 0.66 16.88 -3.49
C THR A 81 -0.40 17.97 -3.56
N ASN A 82 -0.51 18.60 -4.71
CA ASN A 82 -1.58 19.54 -4.97
C ASN A 82 -2.90 18.78 -5.15
N LYS A 83 -2.79 17.47 -5.28
CA LYS A 83 -3.95 16.61 -5.46
C LYS A 83 -4.36 15.98 -4.13
N PRO A 84 -5.57 16.30 -3.65
CA PRO A 84 -6.11 15.71 -2.42
C PRO A 84 -6.21 14.20 -2.53
N GLY A 85 -5.44 13.51 -1.71
CA GLY A 85 -5.42 12.07 -1.75
C GLY A 85 -4.30 11.52 -2.61
N GLN A 86 -3.44 12.41 -3.10
CA GLN A 86 -2.30 11.99 -3.89
C GLN A 86 -1.01 12.41 -3.21
N PHE A 87 -0.10 11.45 -3.07
CA PHE A 87 1.09 11.60 -2.25
C PHE A 87 2.34 11.22 -3.03
N THR A 88 3.49 11.57 -2.49
CA THR A 88 4.76 11.13 -3.03
C THR A 88 5.68 10.70 -1.88
N ARG A 89 6.37 9.58 -2.03
CA ARG A 89 7.28 9.12 -0.99
C ARG A 89 8.60 9.86 -1.07
N ASP A 90 8.84 10.73 -0.09
CA ASP A 90 10.05 11.51 -0.02
C ASP A 90 11.24 10.64 0.39
N ASN A 91 12.39 10.90 -0.21
CA ASN A 91 13.61 10.16 0.09
C ASN A 91 14.77 11.12 0.23
N ARG A 92 14.51 12.27 0.84
CA ARG A 92 15.56 13.26 1.05
C ARG A 92 16.57 12.77 2.08
N GLY A 93 16.17 11.80 2.90
CA GLY A 93 17.09 11.16 3.82
C GLY A 93 17.77 9.96 3.18
N SER A 94 17.88 10.00 1.87
CA SER A 94 18.54 8.97 1.09
C SER A 94 19.26 9.63 -0.09
N GLY A 95 19.94 8.83 -0.89
CA GLY A 95 20.69 9.37 -2.01
C GLY A 95 20.55 8.52 -3.25
N PRO A 96 21.41 7.51 -3.41
CA PRO A 96 21.38 6.61 -4.58
C PRO A 96 20.06 5.85 -4.68
N GLY A 97 19.63 5.27 -3.58
CA GLY A 97 18.42 4.47 -3.57
C GLY A 97 17.19 5.31 -3.25
N ALA A 98 17.16 6.52 -3.78
CA ALA A 98 16.04 7.42 -3.54
C ALA A 98 15.12 7.49 -4.75
N ASP A 99 14.73 6.32 -5.24
CA ASP A 99 13.77 6.23 -6.34
C ASP A 99 12.40 6.62 -5.83
N LYS A 100 11.76 7.58 -6.48
CA LYS A 100 10.51 8.14 -6.00
C LYS A 100 9.35 7.17 -6.19
N GLU A 101 8.52 7.08 -5.15
CA GLU A 101 7.36 6.23 -5.18
C GLU A 101 6.11 7.09 -5.10
N ASN A 102 5.26 6.98 -6.11
CA ASN A 102 4.06 7.79 -6.21
C ASN A 102 2.91 7.09 -5.51
N ILE A 103 2.25 7.79 -4.60
CA ILE A 103 1.15 7.20 -3.84
C ILE A 103 -0.15 7.93 -4.18
N GLN A 104 -1.25 7.20 -4.22
CA GLN A 104 -2.55 7.79 -4.47
C GLN A 104 -3.66 6.95 -3.83
N VAL A 105 -4.37 7.55 -2.89
CA VAL A 105 -5.49 6.89 -2.25
C VAL A 105 -6.73 6.98 -3.11
N ILE A 106 -7.14 5.86 -3.65
CA ILE A 106 -8.31 5.81 -4.50
C ILE A 106 -9.58 5.80 -3.67
N GLU A 107 -9.62 4.91 -2.68
CA GLU A 107 -10.86 4.65 -1.97
C GLU A 107 -10.58 4.19 -0.55
N THR A 108 -10.58 5.11 0.40
CA THR A 108 -10.26 4.76 1.77
C THR A 108 -11.50 4.86 2.67
N ASP A 109 -12.35 3.86 2.60
CA ASP A 109 -13.49 3.75 3.50
C ASP A 109 -12.98 3.31 4.86
N TYR A 110 -12.61 4.29 5.68
CA TYR A 110 -11.92 4.06 6.96
C TYR A 110 -12.62 3.03 7.83
N VAL A 111 -13.94 2.92 7.71
CA VAL A 111 -14.70 2.00 8.54
C VAL A 111 -14.46 0.54 8.16
N LYS A 112 -13.85 0.32 6.99
CA LYS A 112 -13.66 -1.03 6.49
C LYS A 112 -12.27 -1.24 5.88
N PHE A 113 -11.86 -0.39 4.94
CA PHE A 113 -10.61 -0.63 4.22
C PHE A 113 -10.06 0.63 3.56
N ALA A 114 -8.98 0.44 2.81
CA ALA A 114 -8.35 1.51 2.07
C ALA A 114 -7.67 0.98 0.80
N LEU A 115 -8.12 1.46 -0.35
CA LEU A 115 -7.50 1.11 -1.62
C LEU A 115 -6.41 2.12 -1.94
N VAL A 116 -5.18 1.67 -1.83
CA VAL A 116 -4.03 2.52 -2.05
C VAL A 116 -3.24 2.06 -3.28
N LEU A 117 -3.03 3.00 -4.18
CA LEU A 117 -2.28 2.75 -5.40
C LEU A 117 -0.94 3.47 -5.32
N SER A 118 0.14 2.77 -5.58
CA SER A 118 1.45 3.38 -5.47
C SER A 118 2.44 2.79 -6.47
N LEU A 119 3.16 3.68 -7.15
CA LEU A 119 4.10 3.29 -8.19
C LEU A 119 5.50 3.78 -7.86
N ARG A 120 6.40 2.85 -7.57
CA ARG A 120 7.78 3.20 -7.29
C ARG A 120 8.60 3.13 -8.58
N GLN A 121 9.04 4.27 -9.06
CA GLN A 121 9.76 4.31 -10.32
C GLN A 121 11.24 4.23 -10.05
N ALA A 122 11.83 3.11 -10.40
CA ALA A 122 13.25 2.87 -10.15
C ALA A 122 14.03 2.85 -11.45
N SER A 123 15.29 2.45 -11.38
CA SER A 123 16.17 2.48 -12.53
C SER A 123 15.83 1.39 -13.53
N ASN A 124 16.11 0.16 -13.13
CA ASN A 124 15.96 -1.00 -14.01
C ASN A 124 14.51 -1.19 -14.44
N GLN A 125 13.60 -0.92 -13.53
CA GLN A 125 12.17 -1.08 -13.80
C GLN A 125 11.36 -0.18 -12.88
N ASN A 126 10.07 -0.08 -13.15
CA ASN A 126 9.18 0.67 -12.28
C ASN A 126 8.11 -0.24 -11.73
N ILE A 127 7.88 -0.10 -10.45
CA ILE A 127 7.00 -0.97 -9.71
C ILE A 127 5.61 -0.37 -9.61
N THR A 128 4.64 -1.01 -10.24
CA THR A 128 3.25 -0.64 -10.09
C THR A 128 2.64 -1.46 -8.98
N ARG A 129 2.47 -0.85 -7.82
CA ARG A 129 2.07 -1.58 -6.65
C ARG A 129 0.70 -1.14 -6.16
N VAL A 130 -0.11 -2.13 -5.84
CA VAL A 130 -1.44 -1.88 -5.34
C VAL A 130 -1.60 -2.65 -4.04
N SER A 131 -2.19 -2.03 -3.04
CA SER A 131 -2.35 -2.69 -1.76
C SER A 131 -3.77 -2.55 -1.23
N LEU A 132 -4.23 -3.62 -0.60
CA LEU A 132 -5.54 -3.64 0.00
C LEU A 132 -5.40 -3.53 1.50
N LEU A 133 -5.40 -2.32 2.00
CA LEU A 133 -5.26 -2.08 3.42
C LEU A 133 -6.60 -2.16 4.09
N GLY A 134 -6.63 -2.63 5.32
CA GLY A 134 -7.89 -2.77 6.01
C GLY A 134 -7.75 -2.70 7.50
N ARG A 135 -8.89 -2.71 8.17
CA ARG A 135 -8.92 -2.72 9.63
C ARG A 135 -8.45 -4.09 10.14
N ASP A 136 -8.76 -5.11 9.34
CA ASP A 136 -8.30 -6.45 9.56
C ASP A 136 -8.80 -7.32 8.42
N TRP A 137 -8.61 -8.63 8.52
CA TRP A 137 -8.84 -9.53 7.40
C TRP A 137 -10.30 -9.98 7.28
N LYS A 138 -11.19 -9.46 8.11
CA LYS A 138 -12.61 -9.75 7.98
C LYS A 138 -13.22 -8.91 6.88
N ILE A 139 -12.73 -9.13 5.68
CA ILE A 139 -13.20 -8.43 4.50
C ILE A 139 -13.82 -9.40 3.52
N THR A 140 -14.85 -8.93 2.84
CA THR A 140 -15.64 -9.77 1.95
C THR A 140 -15.21 -9.57 0.50
N HIS A 141 -15.64 -10.46 -0.39
CA HIS A 141 -15.34 -10.36 -1.80
C HIS A 141 -15.89 -9.05 -2.39
N LYS A 142 -16.93 -8.51 -1.77
CA LYS A 142 -17.43 -7.20 -2.17
C LYS A 142 -16.33 -6.16 -2.08
N THR A 143 -15.63 -6.16 -0.95
CA THR A 143 -14.54 -5.26 -0.69
C THR A 143 -13.29 -5.67 -1.47
N ILE A 144 -13.07 -6.98 -1.55
CA ILE A 144 -11.96 -7.54 -2.31
C ILE A 144 -12.05 -7.15 -3.78
N ASP A 145 -13.26 -7.20 -4.31
CA ASP A 145 -13.53 -6.92 -5.72
C ASP A 145 -13.06 -5.53 -6.12
N ARG A 146 -13.20 -4.58 -5.21
CA ARG A 146 -12.74 -3.22 -5.44
C ARG A 146 -11.24 -3.21 -5.71
N PHE A 147 -10.50 -4.04 -4.98
CA PHE A 147 -9.06 -4.14 -5.16
C PHE A 147 -8.74 -4.88 -6.45
N ILE A 148 -9.52 -5.92 -6.73
CA ILE A 148 -9.34 -6.70 -7.95
C ILE A 148 -9.41 -5.80 -9.17
N ALA A 149 -10.39 -4.90 -9.15
CA ALA A 149 -10.57 -3.95 -10.22
C ALA A 149 -9.32 -3.12 -10.44
N LEU A 150 -8.74 -2.62 -9.35
CA LEU A 150 -7.50 -1.87 -9.42
C LEU A 150 -6.40 -2.68 -10.09
N THR A 151 -6.24 -3.93 -9.69
CA THR A 151 -5.18 -4.75 -10.23
C THR A 151 -5.35 -4.93 -11.74
N LYS A 152 -6.61 -4.98 -12.18
CA LYS A 152 -6.92 -5.12 -13.58
C LYS A 152 -6.54 -3.85 -14.34
N THR A 153 -6.96 -2.71 -13.81
CA THR A 153 -6.69 -1.42 -14.45
C THR A 153 -5.21 -1.08 -14.42
N GLN A 154 -4.51 -1.60 -13.43
CA GLN A 154 -3.09 -1.32 -13.25
C GLN A 154 -2.22 -2.22 -14.13
N ASN A 155 -2.85 -2.87 -15.12
CA ASN A 155 -2.14 -3.70 -16.09
C ASN A 155 -1.43 -4.87 -15.42
N LEU A 156 -1.94 -5.29 -14.29
CA LEU A 156 -1.36 -6.40 -13.55
C LEU A 156 -1.89 -7.72 -14.09
N THR A 157 -1.13 -8.78 -13.87
CA THR A 157 -1.48 -10.10 -14.38
C THR A 157 -2.20 -10.90 -13.29
N LYS A 158 -2.90 -11.97 -13.63
CA LYS A 158 -3.63 -12.78 -12.64
C LYS A 158 -2.73 -13.15 -11.46
N ASN A 159 -1.45 -13.37 -11.77
CA ASN A 159 -0.43 -13.72 -10.79
C ASN A 159 -0.28 -12.66 -9.67
N ASN A 160 -0.81 -11.46 -9.91
CA ASN A 160 -0.63 -10.34 -8.97
C ASN A 160 -1.38 -10.57 -7.66
N LEU A 161 -2.47 -11.32 -7.73
CA LEU A 161 -3.40 -11.44 -6.61
C LEU A 161 -2.78 -12.15 -5.41
N LEU A 162 -2.33 -11.36 -4.45
CA LEU A 162 -1.77 -11.89 -3.22
C LEU A 162 -2.75 -11.65 -2.08
N PHE A 163 -3.36 -12.74 -1.60
CA PHE A 163 -4.34 -12.66 -0.54
C PHE A 163 -3.80 -13.27 0.76
N PRO A 164 -4.35 -12.87 1.91
CA PRO A 164 -3.90 -13.34 3.21
C PRO A 164 -4.46 -14.71 3.56
N ASP A 165 -3.58 -15.64 3.89
CA ASP A 165 -3.98 -16.99 4.24
C ASP A 165 -4.26 -17.11 5.73
N LEU A 166 -3.85 -16.08 6.46
CA LEU A 166 -4.12 -15.95 7.90
C LEU A 166 -3.27 -16.89 8.74
N THR A 167 -3.00 -18.09 8.25
CA THR A 167 -2.19 -19.05 8.99
C THR A 167 -0.75 -18.52 9.15
N ASP A 168 -0.37 -17.63 8.25
CA ASP A 168 0.95 -17.01 8.29
C ASP A 168 0.94 -15.82 9.24
N TRP A 169 -0.26 -15.39 9.61
CA TRP A 169 -0.43 -14.25 10.52
C TRP A 169 -0.47 -14.74 11.97
N LEU A 170 -0.47 -16.05 12.16
CA LEU A 170 -0.51 -16.63 13.50
C LEU A 170 0.85 -16.47 14.19
N LEU A 171 1.21 -15.22 14.45
CA LEU A 171 2.49 -14.87 15.01
C LEU A 171 2.35 -14.65 16.51
N ASP A 172 2.92 -15.57 17.30
CA ASP A 172 2.90 -15.46 18.74
C ASP A 172 3.60 -14.17 19.16
N PRO A 173 2.99 -13.40 20.08
CA PRO A 173 3.53 -12.10 20.52
C PRO A 173 4.81 -12.25 21.33
N LYS A 174 5.88 -12.64 20.65
CA LYS A 174 7.19 -12.82 21.28
C LYS A 174 8.11 -11.66 20.91
N VAL A 175 7.72 -10.90 19.91
CA VAL A 175 8.54 -9.81 19.42
C VAL A 175 7.75 -8.92 18.46
N CYS A 176 7.97 -7.62 18.56
CA CYS A 176 7.42 -6.64 17.62
C CYS A 176 5.90 -6.74 17.53
N GLY A 2 2.44 5.14 -20.92
CA GLY A 2 1.01 5.48 -21.14
C GLY A 2 0.73 6.94 -20.85
N GLN A 3 -0.47 7.40 -21.17
CA GLN A 3 -0.84 8.79 -20.95
C GLN A 3 -1.24 8.99 -19.49
N SER A 4 -2.19 8.21 -19.03
CA SER A 4 -2.63 8.26 -17.65
C SER A 4 -1.81 7.29 -16.80
N PRO A 5 -0.96 7.82 -15.91
CA PRO A 5 -0.05 7.00 -15.11
C PRO A 5 -0.77 6.16 -14.05
N THR A 6 -1.17 4.95 -14.44
CA THR A 6 -1.88 4.01 -13.56
C THR A 6 -3.03 4.70 -12.82
N MET A 7 -4.08 5.02 -13.56
CA MET A 7 -5.23 5.68 -12.97
C MET A 7 -6.50 4.89 -13.23
N PRO A 8 -6.96 4.12 -12.23
CA PRO A 8 -8.21 3.37 -12.32
C PRO A 8 -9.38 4.29 -12.61
N GLN A 9 -10.22 3.89 -13.55
CA GLN A 9 -11.33 4.74 -13.98
C GLN A 9 -12.46 4.71 -12.98
N GLY A 10 -13.02 5.88 -12.73
CA GLY A 10 -14.10 6.00 -11.77
C GLY A 10 -13.58 6.30 -10.38
N PHE A 11 -12.35 5.88 -10.12
CA PHE A 11 -11.74 6.08 -8.80
C PHE A 11 -10.80 7.26 -8.83
N SER A 12 -10.14 7.51 -7.70
CA SER A 12 -9.18 8.60 -7.56
C SER A 12 -9.88 9.96 -7.66
N GLN A 13 -11.19 9.95 -7.44
CA GLN A 13 -11.99 11.17 -7.50
C GLN A 13 -12.30 11.66 -6.10
N MET A 14 -11.37 11.44 -5.19
CA MET A 14 -11.51 11.83 -3.80
C MET A 14 -11.63 13.35 -3.67
N THR A 15 -12.73 13.80 -3.10
CA THR A 15 -12.94 15.22 -2.89
C THR A 15 -12.61 15.60 -1.46
N SER A 16 -12.46 14.59 -0.60
CA SER A 16 -12.21 14.82 0.80
C SER A 16 -11.28 13.75 1.37
N PHE A 17 -10.15 14.17 1.91
CA PHE A 17 -9.20 13.25 2.50
C PHE A 17 -8.83 13.72 3.91
N GLN A 18 -9.18 12.91 4.90
CA GLN A 18 -8.85 13.23 6.29
C GLN A 18 -7.62 12.42 6.73
N SER A 19 -6.49 13.09 6.82
CA SER A 19 -5.23 12.46 7.19
C SER A 19 -5.29 11.88 8.62
N ASN A 20 -5.98 12.58 9.50
CA ASN A 20 -6.08 12.15 10.90
C ASN A 20 -6.91 10.89 11.04
N LYS A 21 -7.61 10.51 9.98
CA LYS A 21 -8.45 9.32 9.99
C LYS A 21 -7.74 8.15 9.31
N PHE A 22 -6.87 8.45 8.37
CA PHE A 22 -6.18 7.43 7.60
C PHE A 22 -4.96 6.89 8.35
N GLN A 23 -4.56 7.60 9.40
CA GLN A 23 -3.45 7.15 10.24
C GLN A 23 -3.84 5.90 11.02
N GLY A 24 -2.85 5.20 11.52
CA GLY A 24 -3.08 4.00 12.31
C GLY A 24 -2.41 2.79 11.73
N GLU A 25 -2.86 1.61 12.14
CA GLU A 25 -2.33 0.37 11.61
C GLU A 25 -3.14 -0.09 10.40
N TRP A 26 -2.46 -0.75 9.47
CA TRP A 26 -3.10 -1.25 8.27
C TRP A 26 -2.56 -2.63 7.91
N PHE A 27 -3.44 -3.62 7.89
CA PHE A 27 -3.07 -4.95 7.48
C PHE A 27 -3.09 -5.07 5.96
N VAL A 28 -2.04 -5.63 5.39
CA VAL A 28 -1.97 -5.78 3.95
C VAL A 28 -2.63 -7.09 3.53
N LEU A 29 -3.86 -7.01 3.06
CA LEU A 29 -4.62 -8.19 2.67
C LEU A 29 -4.57 -8.40 1.18
N GLY A 30 -4.00 -7.44 0.47
CA GLY A 30 -3.83 -7.58 -0.96
C GLY A 30 -2.54 -6.94 -1.44
N LEU A 31 -1.83 -7.61 -2.32
CA LEU A 31 -0.59 -7.10 -2.85
C LEU A 31 -0.44 -7.48 -4.32
N ALA A 32 -0.29 -6.49 -5.17
CA ALA A 32 -0.07 -6.72 -6.59
C ALA A 32 1.07 -5.84 -7.09
N ASP A 33 1.85 -6.34 -8.03
CA ASP A 33 3.00 -5.60 -8.53
C ASP A 33 3.40 -6.10 -9.92
N ASN A 34 3.75 -5.16 -10.79
CA ASN A 34 4.11 -5.47 -12.17
C ASN A 34 5.38 -6.32 -12.26
N THR A 35 6.16 -6.35 -11.18
CA THR A 35 7.35 -7.17 -11.13
C THR A 35 7.18 -8.27 -10.08
N TYR A 36 5.95 -8.42 -9.60
CA TYR A 36 5.61 -9.47 -8.67
C TYR A 36 5.47 -10.78 -9.44
N LYS A 37 6.07 -11.83 -8.92
CA LYS A 37 5.95 -13.14 -9.51
C LYS A 37 5.61 -14.15 -8.42
N ARG A 38 4.86 -15.17 -8.79
CA ARG A 38 4.34 -16.14 -7.83
C ARG A 38 5.48 -16.93 -7.17
N GLU A 39 6.64 -16.91 -7.79
CA GLU A 39 7.84 -17.47 -7.21
C GLU A 39 8.74 -16.35 -6.68
N HIS A 40 9.02 -15.38 -7.55
CA HIS A 40 9.84 -14.23 -7.17
C HIS A 40 8.96 -13.15 -6.54
N ARG A 41 8.68 -13.32 -5.26
CA ARG A 41 7.75 -12.45 -4.57
C ARG A 41 8.38 -11.90 -3.28
N PRO A 42 7.74 -10.90 -2.64
CA PRO A 42 8.14 -10.38 -1.32
C PRO A 42 8.50 -11.48 -0.32
N LEU A 43 9.43 -11.15 0.56
CA LEU A 43 9.99 -12.10 1.52
C LEU A 43 8.97 -12.59 2.55
N LEU A 44 7.86 -11.89 2.65
CA LEU A 44 6.84 -12.24 3.63
C LEU A 44 5.48 -12.38 2.96
N HIS A 45 4.74 -13.40 3.38
CA HIS A 45 3.45 -13.73 2.79
C HIS A 45 2.31 -12.94 3.45
N SER A 46 2.56 -12.42 4.66
CA SER A 46 1.56 -11.63 5.37
C SER A 46 2.24 -10.63 6.30
N PHE A 47 2.07 -9.34 6.01
CA PHE A 47 2.75 -8.30 6.78
C PHE A 47 1.82 -7.12 7.07
N ILE A 48 2.30 -6.22 7.92
CA ILE A 48 1.53 -5.07 8.38
C ILE A 48 2.27 -3.78 8.05
N THR A 49 1.53 -2.78 7.61
CA THR A 49 2.11 -1.46 7.35
C THR A 49 1.38 -0.41 8.18
N LEU A 50 2.14 0.51 8.75
CA LEU A 50 1.55 1.54 9.59
C LEU A 50 1.67 2.89 8.93
N PHE A 51 0.68 3.73 9.14
CA PHE A 51 0.70 5.10 8.64
C PHE A 51 0.53 6.06 9.80
N LYS A 52 1.61 6.73 10.17
CA LYS A 52 1.58 7.64 11.30
C LYS A 52 1.74 9.08 10.85
N LEU A 53 1.04 9.97 11.50
CA LEU A 53 1.07 11.38 11.10
C LEU A 53 2.38 12.02 11.53
N ARG A 54 3.21 12.37 10.54
CA ARG A 54 4.46 13.05 10.78
C ARG A 54 4.21 14.38 11.46
N ASP A 55 3.36 15.17 10.85
CA ASP A 55 2.98 16.44 11.43
C ASP A 55 1.47 16.54 11.54
N ASN A 56 0.79 16.57 10.40
CA ASN A 56 -0.66 16.69 10.37
C ASN A 56 -1.27 15.90 9.21
N SER A 57 -0.45 15.62 8.20
CA SER A 57 -0.95 14.98 6.99
C SER A 57 0.01 13.92 6.47
N GLU A 58 1.30 14.26 6.49
CA GLU A 58 2.35 13.36 6.02
C GLU A 58 2.31 12.03 6.75
N PHE A 59 2.36 10.94 5.99
CA PHE A 59 2.25 9.61 6.56
C PHE A 59 3.59 8.90 6.62
N GLN A 60 3.94 8.46 7.82
CA GLN A 60 5.08 7.59 8.01
C GLN A 60 4.65 6.14 7.79
N VAL A 61 4.88 5.65 6.59
CA VAL A 61 4.55 4.28 6.25
C VAL A 61 5.63 3.35 6.78
N THR A 62 5.26 2.57 7.77
CA THR A 62 6.19 1.67 8.44
C THR A 62 5.77 0.22 8.26
N ASN A 63 6.46 -0.51 7.41
CA ASN A 63 6.14 -1.90 7.18
C ASN A 63 6.90 -2.80 8.13
N SER A 64 6.17 -3.64 8.83
CA SER A 64 6.75 -4.63 9.72
C SER A 64 6.79 -5.97 9.02
N MET A 65 7.98 -6.37 8.60
CA MET A 65 8.14 -7.65 7.93
C MET A 65 8.61 -8.67 8.94
N THR A 66 7.69 -9.44 9.47
CA THR A 66 7.99 -10.38 10.53
C THR A 66 7.92 -11.82 10.02
N ARG A 67 9.07 -12.44 9.92
CA ARG A 67 9.17 -13.85 9.52
C ARG A 67 9.70 -14.64 10.70
N GLY A 68 8.79 -15.22 11.46
CA GLY A 68 9.18 -15.89 12.69
C GLY A 68 9.58 -14.88 13.75
N LYS A 69 10.85 -14.85 14.10
CA LYS A 69 11.37 -13.89 15.06
C LYS A 69 12.16 -12.79 14.35
N HIS A 70 12.31 -12.92 13.05
CA HIS A 70 13.04 -11.92 12.27
C HIS A 70 12.07 -10.86 11.74
N CYS A 71 12.11 -9.70 12.35
CA CYS A 71 11.22 -8.62 11.99
C CYS A 71 12.02 -7.44 11.44
N SER A 72 11.72 -7.06 10.21
CA SER A 72 12.38 -5.93 9.58
C SER A 72 11.38 -4.81 9.36
N THR A 73 11.64 -3.67 9.97
CA THR A 73 10.75 -2.54 9.86
C THR A 73 11.43 -1.38 9.14
N TRP A 74 10.77 -0.88 8.10
CA TRP A 74 11.28 0.28 7.39
C TRP A 74 10.17 1.32 7.25
N SER A 75 10.54 2.59 7.34
CA SER A 75 9.56 3.67 7.33
C SER A 75 9.88 4.69 6.24
N TYR A 76 8.86 5.11 5.51
CA TYR A 76 9.01 6.18 4.52
C TYR A 76 8.10 7.34 4.87
N THR A 77 8.35 8.48 4.24
CA THR A 77 7.53 9.66 4.47
C THR A 77 6.71 9.97 3.21
N LEU A 78 5.40 9.73 3.29
CA LEU A 78 4.52 10.00 2.17
C LEU A 78 4.02 11.42 2.24
N ILE A 79 4.20 12.15 1.16
CA ILE A 79 3.91 13.57 1.14
C ILE A 79 2.69 13.87 0.27
N PRO A 80 1.57 14.27 0.90
CA PRO A 80 0.35 14.66 0.18
C PRO A 80 0.57 15.89 -0.68
N THR A 81 0.11 15.83 -1.93
CA THR A 81 0.29 16.91 -2.87
C THR A 81 -0.95 17.79 -2.95
N ASN A 82 -1.03 18.61 -3.98
CA ASN A 82 -2.21 19.41 -4.26
C ASN A 82 -3.42 18.51 -4.52
N LYS A 83 -3.15 17.28 -4.97
CA LYS A 83 -4.20 16.34 -5.31
C LYS A 83 -4.69 15.62 -4.06
N PRO A 84 -5.99 15.69 -3.76
CA PRO A 84 -6.55 15.02 -2.59
C PRO A 84 -6.39 13.51 -2.70
N GLY A 85 -5.55 12.96 -1.84
CA GLY A 85 -5.31 11.53 -1.85
C GLY A 85 -4.12 11.16 -2.71
N GLN A 86 -3.26 12.14 -2.99
CA GLN A 86 -2.08 11.91 -3.80
C GLN A 86 -0.84 12.16 -2.96
N PHE A 87 0.03 11.17 -2.95
CA PHE A 87 1.22 11.22 -2.11
C PHE A 87 2.46 10.94 -2.93
N THR A 88 3.55 11.60 -2.57
CA THR A 88 4.84 11.30 -3.15
C THR A 88 5.77 10.82 -2.05
N ARG A 89 6.43 9.71 -2.29
CA ARG A 89 7.29 9.12 -1.29
C ARG A 89 8.60 9.88 -1.19
N ASP A 90 8.75 10.63 -0.11
CA ASP A 90 9.98 11.37 0.13
C ASP A 90 11.10 10.40 0.46
N ASN A 91 12.18 10.49 -0.27
CA ASN A 91 13.31 9.59 -0.08
C ASN A 91 14.61 10.38 -0.24
N ARG A 92 14.58 11.61 0.24
CA ARG A 92 15.72 12.50 0.14
C ARG A 92 16.87 12.00 1.01
N GLY A 93 16.54 11.21 2.02
CA GLY A 93 17.54 10.62 2.87
C GLY A 93 18.45 9.68 2.11
N SER A 94 17.92 9.09 1.04
CA SER A 94 18.67 8.17 0.21
C SER A 94 19.64 8.93 -0.70
N GLY A 95 19.22 10.11 -1.16
CA GLY A 95 20.09 10.97 -1.94
C GLY A 95 20.07 10.64 -3.43
N PRO A 96 21.23 10.23 -3.98
CA PRO A 96 21.36 9.92 -5.41
C PRO A 96 20.50 8.72 -5.81
N GLY A 97 20.52 7.68 -4.99
CA GLY A 97 19.73 6.50 -5.26
C GLY A 97 18.36 6.59 -4.64
N ALA A 98 17.77 7.78 -4.72
CA ALA A 98 16.45 8.01 -4.14
C ALA A 98 15.37 7.39 -5.00
N ASP A 99 15.05 6.12 -4.72
CA ASP A 99 13.92 5.47 -5.36
C ASP A 99 12.64 6.13 -4.90
N LYS A 100 12.02 6.89 -5.79
CA LYS A 100 10.78 7.55 -5.45
C LYS A 100 9.62 6.61 -5.69
N GLU A 101 8.43 7.04 -5.30
CA GLU A 101 7.26 6.19 -5.37
C GLU A 101 6.02 7.04 -5.18
N ASN A 102 5.08 6.93 -6.08
CA ASN A 102 3.86 7.71 -6.00
C ASN A 102 2.77 6.90 -5.34
N ILE A 103 2.28 7.40 -4.22
CA ILE A 103 1.27 6.71 -3.45
C ILE A 103 -0.05 7.43 -3.60
N GLN A 104 -1.00 6.78 -4.23
CA GLN A 104 -2.30 7.38 -4.46
C GLN A 104 -3.38 6.57 -3.76
N VAL A 105 -4.10 7.22 -2.86
CA VAL A 105 -5.25 6.61 -2.23
C VAL A 105 -6.39 6.55 -3.25
N ILE A 106 -6.74 5.35 -3.65
CA ILE A 106 -7.81 5.15 -4.61
C ILE A 106 -9.16 5.27 -3.95
N GLU A 107 -9.28 4.65 -2.78
CA GLU A 107 -10.55 4.61 -2.08
C GLU A 107 -10.35 4.07 -0.67
N THR A 108 -10.32 4.96 0.30
CA THR A 108 -10.11 4.56 1.67
C THR A 108 -11.34 4.86 2.52
N ASP A 109 -11.62 3.96 3.44
CA ASP A 109 -12.67 4.13 4.41
C ASP A 109 -12.24 3.48 5.71
N TYR A 110 -11.94 4.31 6.69
CA TYR A 110 -11.43 3.85 7.99
C TYR A 110 -12.35 2.84 8.68
N VAL A 111 -13.60 2.77 8.22
CA VAL A 111 -14.55 1.84 8.81
C VAL A 111 -14.50 0.46 8.14
N LYS A 112 -13.79 0.35 7.02
CA LYS A 112 -13.78 -0.91 6.28
C LYS A 112 -12.39 -1.25 5.71
N PHE A 113 -11.88 -0.44 4.77
CA PHE A 113 -10.63 -0.78 4.09
C PHE A 113 -9.96 0.44 3.49
N ALA A 114 -8.88 0.20 2.76
CA ALA A 114 -8.16 1.25 2.06
C ALA A 114 -7.51 0.73 0.79
N LEU A 115 -7.93 1.28 -0.35
CA LEU A 115 -7.31 0.95 -1.62
C LEU A 115 -6.17 1.92 -1.89
N VAL A 116 -4.97 1.40 -1.93
CA VAL A 116 -3.77 2.23 -2.11
C VAL A 116 -2.98 1.77 -3.33
N LEU A 117 -2.75 2.71 -4.24
CA LEU A 117 -2.01 2.48 -5.45
C LEU A 117 -0.66 3.17 -5.34
N SER A 118 0.42 2.42 -5.36
CA SER A 118 1.73 3.01 -5.16
C SER A 118 2.75 2.45 -6.14
N LEU A 119 3.19 3.29 -7.06
CA LEU A 119 4.13 2.85 -8.08
C LEU A 119 5.48 3.56 -7.90
N ARG A 120 6.54 2.78 -7.99
CA ARG A 120 7.87 3.25 -7.66
C ARG A 120 8.60 3.78 -8.90
N GLN A 121 9.08 5.00 -8.79
CA GLN A 121 9.81 5.63 -9.88
C GLN A 121 11.28 5.23 -9.80
N ALA A 122 11.72 4.41 -10.73
CA ALA A 122 13.10 3.99 -10.76
C ALA A 122 13.81 4.55 -11.98
N SER A 123 15.03 4.12 -12.20
CA SER A 123 15.83 4.61 -13.31
C SER A 123 15.31 4.08 -14.65
N ASN A 124 15.32 2.77 -14.78
CA ASN A 124 15.00 2.12 -16.03
C ASN A 124 13.50 1.97 -16.23
N GLN A 125 12.78 1.80 -15.14
CA GLN A 125 11.34 1.53 -15.23
C GLN A 125 10.58 2.04 -14.02
N ASN A 126 9.26 1.96 -14.10
CA ASN A 126 8.39 2.29 -12.98
C ASN A 126 7.69 1.04 -12.49
N ILE A 127 7.79 0.80 -11.21
CA ILE A 127 7.24 -0.39 -10.61
C ILE A 127 5.80 -0.15 -10.15
N THR A 128 4.85 -0.76 -10.83
CA THR A 128 3.47 -0.60 -10.48
C THR A 128 3.10 -1.54 -9.34
N ARG A 129 2.76 -0.97 -8.19
CA ARG A 129 2.35 -1.78 -7.06
C ARG A 129 1.02 -1.29 -6.53
N VAL A 130 0.19 -2.23 -6.15
CA VAL A 130 -1.11 -1.95 -5.57
C VAL A 130 -1.26 -2.74 -4.29
N SER A 131 -1.82 -2.13 -3.27
CA SER A 131 -2.02 -2.82 -2.01
C SER A 131 -3.46 -2.68 -1.56
N LEU A 132 -3.94 -3.70 -0.90
CA LEU A 132 -5.28 -3.69 -0.35
C LEU A 132 -5.18 -3.77 1.17
N LEU A 133 -5.25 -2.61 1.79
CA LEU A 133 -5.14 -2.51 3.23
C LEU A 133 -6.52 -2.55 3.84
N GLY A 134 -6.62 -3.07 5.05
CA GLY A 134 -7.92 -3.20 5.66
C GLY A 134 -7.95 -2.72 7.10
N ARG A 135 -9.15 -2.43 7.58
CA ARG A 135 -9.37 -2.11 8.98
C ARG A 135 -8.78 -3.21 9.85
N ASP A 136 -9.17 -4.43 9.53
CA ASP A 136 -8.57 -5.63 10.09
C ASP A 136 -8.63 -6.71 9.03
N TRP A 137 -8.14 -7.90 9.36
CA TRP A 137 -7.92 -8.94 8.37
C TRP A 137 -9.21 -9.68 7.98
N LYS A 138 -10.32 -9.34 8.61
CA LYS A 138 -11.60 -9.96 8.28
C LYS A 138 -12.27 -9.21 7.13
N ILE A 139 -11.78 -9.45 5.93
CA ILE A 139 -12.32 -8.81 4.74
C ILE A 139 -12.95 -9.82 3.79
N THR A 140 -14.01 -9.40 3.14
CA THR A 140 -14.79 -10.26 2.26
C THR A 140 -14.44 -9.99 0.80
N HIS A 141 -14.88 -10.86 -0.11
CA HIS A 141 -14.64 -10.69 -1.55
C HIS A 141 -15.26 -9.40 -2.05
N LYS A 142 -16.30 -8.93 -1.38
CA LYS A 142 -16.91 -7.63 -1.71
C LYS A 142 -15.85 -6.54 -1.64
N THR A 143 -15.07 -6.58 -0.59
CA THR A 143 -14.00 -5.64 -0.38
C THR A 143 -12.79 -6.00 -1.28
N ILE A 144 -12.57 -7.30 -1.47
CA ILE A 144 -11.46 -7.79 -2.27
C ILE A 144 -11.57 -7.40 -3.74
N ASP A 145 -12.77 -7.50 -4.30
CA ASP A 145 -12.98 -7.28 -5.73
C ASP A 145 -12.68 -5.84 -6.12
N ARG A 146 -12.79 -4.94 -5.15
CA ARG A 146 -12.45 -3.53 -5.38
C ARG A 146 -10.96 -3.39 -5.65
N PHE A 147 -10.17 -4.21 -4.97
CA PHE A 147 -8.74 -4.23 -5.20
C PHE A 147 -8.41 -4.90 -6.52
N ILE A 148 -9.20 -5.92 -6.86
CA ILE A 148 -9.05 -6.63 -8.12
C ILE A 148 -9.16 -5.66 -9.28
N ALA A 149 -10.13 -4.76 -9.18
CA ALA A 149 -10.37 -3.76 -10.19
C ALA A 149 -9.14 -2.88 -10.41
N LEU A 150 -8.41 -2.61 -9.33
CA LEU A 150 -7.19 -1.84 -9.43
C LEU A 150 -6.12 -2.60 -10.21
N THR A 151 -5.95 -3.86 -9.86
CA THR A 151 -4.92 -4.68 -10.49
C THR A 151 -5.16 -4.77 -11.99
N LYS A 152 -6.43 -4.76 -12.37
CA LYS A 152 -6.82 -4.83 -13.76
C LYS A 152 -6.40 -3.58 -14.52
N THR A 153 -6.69 -2.42 -13.95
CA THR A 153 -6.39 -1.14 -14.60
C THR A 153 -4.90 -0.86 -14.59
N GLN A 154 -4.20 -1.39 -13.58
CA GLN A 154 -2.77 -1.21 -13.46
C GLN A 154 -2.01 -2.18 -14.36
N ASN A 155 -2.76 -2.95 -15.13
CA ASN A 155 -2.21 -3.86 -16.13
C ASN A 155 -1.46 -5.00 -15.46
N LEU A 156 -2.03 -5.49 -14.37
CA LEU A 156 -1.41 -6.54 -13.60
C LEU A 156 -2.21 -7.84 -13.74
N THR A 157 -1.56 -8.95 -13.48
CA THR A 157 -2.16 -10.26 -13.67
C THR A 157 -2.14 -11.06 -12.37
N LYS A 158 -2.65 -12.29 -12.38
CA LYS A 158 -2.69 -13.12 -11.17
C LYS A 158 -1.29 -13.42 -10.68
N ASN A 159 -0.36 -13.57 -11.62
CA ASN A 159 1.05 -13.79 -11.30
C ASN A 159 1.62 -12.60 -10.53
N ASN A 160 0.93 -11.46 -10.64
CA ASN A 160 1.36 -10.24 -9.98
C ASN A 160 0.57 -10.04 -8.69
N LEU A 161 -0.34 -10.95 -8.41
CA LEU A 161 -1.32 -10.76 -7.35
C LEU A 161 -1.10 -11.75 -6.20
N LEU A 162 -1.34 -11.26 -4.98
CA LEU A 162 -1.23 -12.08 -3.78
C LEU A 162 -2.31 -11.72 -2.77
N PHE A 163 -2.83 -12.73 -2.10
CA PHE A 163 -3.80 -12.53 -1.02
C PHE A 163 -3.45 -13.43 0.18
N PRO A 164 -3.09 -12.83 1.31
CA PRO A 164 -2.91 -13.56 2.56
C PRO A 164 -4.23 -14.16 3.05
N ASP A 165 -4.21 -15.46 3.30
CA ASP A 165 -5.42 -16.15 3.76
C ASP A 165 -5.31 -16.46 5.24
N LEU A 166 -5.95 -15.64 6.04
CA LEU A 166 -5.96 -15.86 7.47
C LEU A 166 -7.26 -15.36 8.09
N THR A 167 -7.97 -16.28 8.71
CA THR A 167 -9.16 -15.94 9.47
C THR A 167 -8.74 -15.39 10.84
N ASP A 168 -7.54 -15.74 11.26
CA ASP A 168 -7.00 -15.26 12.52
C ASP A 168 -5.58 -14.77 12.32
N TRP A 169 -5.17 -13.78 13.11
CA TRP A 169 -3.84 -13.23 13.03
C TRP A 169 -3.51 -12.46 14.30
N LEU A 170 -3.67 -13.12 15.43
CA LEU A 170 -3.32 -12.53 16.72
C LEU A 170 -1.86 -12.79 17.02
N LEU A 171 -1.00 -12.11 16.29
CA LEU A 171 0.44 -12.26 16.44
C LEU A 171 0.86 -11.93 17.87
N ASP A 172 1.44 -12.92 18.54
CA ASP A 172 1.90 -12.76 19.91
C ASP A 172 3.02 -11.73 19.98
N PRO A 173 3.04 -10.92 21.04
CA PRO A 173 4.08 -9.90 21.24
C PRO A 173 5.43 -10.53 21.58
N LYS A 174 5.91 -11.38 20.69
CA LYS A 174 7.17 -12.08 20.88
C LYS A 174 8.33 -11.22 20.39
N VAL A 175 8.15 -10.59 19.25
CA VAL A 175 9.19 -9.77 18.66
C VAL A 175 8.58 -8.68 17.78
N CYS A 176 9.07 -7.45 17.95
CA CYS A 176 8.60 -6.28 17.18
C CYS A 176 7.09 -6.11 17.30
N GLY A 2 4.26 8.09 -23.20
CA GLY A 2 4.31 8.25 -21.72
C GLY A 2 3.20 9.15 -21.21
N GLN A 3 3.43 9.76 -20.04
CA GLN A 3 2.45 10.66 -19.42
C GLN A 3 1.09 10.00 -19.25
N SER A 4 1.09 8.69 -19.02
CA SER A 4 -0.14 7.95 -18.86
C SER A 4 -0.25 7.39 -17.46
N PRO A 5 -1.03 8.06 -16.59
CA PRO A 5 -1.20 7.65 -15.20
C PRO A 5 -1.86 6.28 -15.07
N THR A 6 -1.17 5.36 -14.43
CA THR A 6 -1.70 4.02 -14.22
C THR A 6 -2.77 4.04 -13.13
N MET A 7 -3.98 4.40 -13.54
CA MET A 7 -5.11 4.49 -12.62
C MET A 7 -6.30 3.73 -13.18
N PRO A 8 -7.27 3.37 -12.31
CA PRO A 8 -8.50 2.69 -12.73
C PRO A 8 -9.46 3.64 -13.46
N GLN A 9 -10.45 3.07 -14.12
CA GLN A 9 -11.39 3.87 -14.89
C GLN A 9 -12.73 3.96 -14.18
N GLY A 10 -12.87 3.16 -13.14
CA GLY A 10 -14.06 3.18 -12.33
C GLY A 10 -13.86 3.95 -11.04
N PHE A 11 -12.62 4.38 -10.82
CA PHE A 11 -12.29 5.18 -9.65
C PHE A 11 -11.48 6.39 -10.09
N SER A 12 -11.26 7.32 -9.18
CA SER A 12 -10.47 8.50 -9.48
C SER A 12 -9.94 9.12 -8.19
N GLN A 13 -9.28 10.25 -8.30
CA GLN A 13 -8.77 10.96 -7.13
C GLN A 13 -9.91 11.29 -6.17
N MET A 14 -9.65 11.14 -4.88
CA MET A 14 -10.64 11.48 -3.88
C MET A 14 -10.49 12.94 -3.50
N THR A 15 -11.24 13.80 -4.17
CA THR A 15 -11.17 15.23 -3.93
C THR A 15 -11.48 15.53 -2.48
N SER A 16 -12.29 14.66 -1.91
CA SER A 16 -12.54 14.68 -0.49
C SER A 16 -11.79 13.54 0.18
N PHE A 17 -10.70 13.89 0.85
CA PHE A 17 -9.85 12.93 1.52
C PHE A 17 -9.17 13.61 2.70
N GLN A 18 -9.45 13.12 3.89
CA GLN A 18 -8.90 13.71 5.10
C GLN A 18 -7.79 12.83 5.66
N SER A 19 -6.62 13.41 5.80
CA SER A 19 -5.48 12.69 6.35
C SER A 19 -5.72 12.34 7.81
N ASN A 20 -6.46 13.20 8.51
CA ASN A 20 -6.78 12.98 9.92
C ASN A 20 -7.75 11.81 10.07
N LYS A 21 -8.33 11.38 8.97
CA LYS A 21 -9.28 10.28 8.97
C LYS A 21 -8.61 8.99 8.50
N PHE A 22 -7.68 9.13 7.58
CA PHE A 22 -6.99 7.98 6.99
C PHE A 22 -5.86 7.48 7.90
N GLN A 23 -5.43 8.33 8.82
CA GLN A 23 -4.36 7.94 9.74
C GLN A 23 -4.81 6.82 10.65
N GLY A 24 -3.85 6.03 11.10
CA GLY A 24 -4.14 4.91 11.97
C GLY A 24 -3.45 3.64 11.51
N GLU A 25 -3.94 2.50 11.97
CA GLU A 25 -3.37 1.21 11.58
C GLU A 25 -4.06 0.66 10.34
N TRP A 26 -3.28 -0.05 9.54
CA TRP A 26 -3.78 -0.66 8.31
C TRP A 26 -3.10 -2.00 8.10
N PHE A 27 -3.88 -3.01 7.77
CA PHE A 27 -3.34 -4.33 7.45
C PHE A 27 -3.41 -4.57 5.96
N VAL A 28 -2.32 -5.03 5.38
CA VAL A 28 -2.28 -5.31 3.94
C VAL A 28 -2.98 -6.64 3.66
N LEU A 29 -4.22 -6.56 3.21
CA LEU A 29 -5.03 -7.74 2.95
C LEU A 29 -5.03 -8.08 1.46
N GLY A 30 -4.45 -7.19 0.68
CA GLY A 30 -4.31 -7.44 -0.74
C GLY A 30 -3.03 -6.83 -1.27
N LEU A 31 -2.23 -7.63 -1.95
CA LEU A 31 -0.99 -7.16 -2.52
C LEU A 31 -0.89 -7.56 -3.98
N ALA A 32 -0.65 -6.58 -4.84
CA ALA A 32 -0.46 -6.85 -6.26
C ALA A 32 0.65 -5.95 -6.79
N ASP A 33 1.51 -6.50 -7.64
CA ASP A 33 2.67 -5.77 -8.15
C ASP A 33 3.11 -6.36 -9.47
N ASN A 34 3.63 -5.52 -10.35
CA ASN A 34 3.99 -5.95 -11.71
C ASN A 34 5.37 -6.58 -11.73
N THR A 35 6.09 -6.44 -10.63
CA THR A 35 7.38 -7.09 -10.48
C THR A 35 7.27 -8.20 -9.44
N TYR A 36 6.02 -8.58 -9.17
CA TYR A 36 5.69 -9.62 -8.21
C TYR A 36 5.80 -10.99 -8.87
N LYS A 37 6.28 -11.96 -8.13
CA LYS A 37 6.39 -13.33 -8.60
C LYS A 37 5.77 -14.28 -7.58
N ARG A 38 4.94 -15.21 -8.06
CA ARG A 38 4.17 -16.06 -7.16
C ARG A 38 5.01 -17.23 -6.62
N GLU A 39 6.19 -17.45 -7.18
CA GLU A 39 7.12 -18.41 -6.61
C GLU A 39 8.15 -17.69 -5.77
N HIS A 40 8.06 -16.37 -5.80
CA HIS A 40 8.94 -15.51 -5.02
C HIS A 40 8.10 -14.54 -4.19
N ARG A 41 7.10 -15.08 -3.51
CA ARG A 41 6.12 -14.28 -2.78
C ARG A 41 6.76 -13.60 -1.57
N PRO A 42 6.12 -12.53 -1.06
CA PRO A 42 6.57 -11.80 0.12
C PRO A 42 6.76 -12.70 1.35
N LEU A 43 7.56 -12.20 2.28
CA LEU A 43 7.97 -12.94 3.47
C LEU A 43 6.80 -13.20 4.43
N LEU A 44 5.70 -12.53 4.21
CA LEU A 44 4.50 -12.73 5.01
C LEU A 44 3.28 -12.72 4.12
N HIS A 45 2.15 -13.10 4.69
CA HIS A 45 0.90 -13.16 3.95
C HIS A 45 0.11 -11.88 4.19
N SER A 46 0.41 -11.23 5.31
CA SER A 46 -0.22 -9.96 5.65
C SER A 46 0.70 -9.12 6.51
N PHE A 47 1.01 -7.90 6.06
CA PHE A 47 1.89 -7.01 6.80
C PHE A 47 1.05 -5.91 7.45
N ILE A 48 1.60 -5.30 8.49
CA ILE A 48 0.94 -4.17 9.11
C ILE A 48 1.65 -2.88 8.68
N THR A 49 0.90 -1.96 8.10
CA THR A 49 1.45 -0.69 7.68
C THR A 49 0.65 0.45 8.31
N LEU A 50 1.32 1.26 9.11
CA LEU A 50 0.64 2.31 9.83
C LEU A 50 0.87 3.65 9.17
N PHE A 51 -0.19 4.41 9.01
CA PHE A 51 -0.09 5.73 8.44
C PHE A 51 -0.33 6.76 9.52
N LYS A 52 0.73 7.42 9.94
CA LYS A 52 0.65 8.40 11.00
C LYS A 52 0.89 9.80 10.47
N LEU A 53 0.18 10.76 11.03
CA LEU A 53 0.31 12.15 10.59
C LEU A 53 1.65 12.72 11.03
N ARG A 54 2.54 12.85 10.06
CA ARG A 54 3.90 13.30 10.28
C ARG A 54 3.95 14.75 10.75
N ASP A 55 3.77 15.69 9.83
CA ASP A 55 3.85 17.11 10.16
C ASP A 55 2.46 17.71 10.26
N ASN A 56 1.69 17.57 9.19
CA ASN A 56 0.31 18.07 9.20
C ASN A 56 -0.60 17.19 8.36
N SER A 57 -0.05 16.57 7.32
CA SER A 57 -0.85 15.77 6.42
C SER A 57 -0.01 14.62 5.85
N GLU A 58 1.30 14.68 6.06
CA GLU A 58 2.21 13.69 5.56
C GLU A 58 1.95 12.36 6.26
N PHE A 59 1.92 11.29 5.50
CA PHE A 59 1.69 9.98 6.08
C PHE A 59 3.00 9.25 6.30
N GLN A 60 3.35 9.06 7.55
CA GLN A 60 4.51 8.28 7.88
C GLN A 60 4.15 6.81 7.86
N VAL A 61 4.38 6.18 6.72
CA VAL A 61 4.00 4.81 6.49
C VAL A 61 4.99 3.87 7.16
N THR A 62 4.52 3.23 8.21
CA THR A 62 5.35 2.39 9.04
C THR A 62 4.99 0.93 8.86
N ASN A 63 5.82 0.19 8.16
CA ASN A 63 5.58 -1.22 7.94
C ASN A 63 6.25 -2.03 9.02
N SER A 64 5.47 -2.81 9.74
CA SER A 64 5.97 -3.69 10.77
C SER A 64 5.66 -5.12 10.39
N MET A 65 6.69 -5.87 10.02
CA MET A 65 6.50 -7.27 9.65
C MET A 65 7.40 -8.16 10.50
N THR A 66 6.80 -9.19 11.06
CA THR A 66 7.53 -10.16 11.86
C THR A 66 7.96 -11.33 10.99
N ARG A 67 9.26 -11.44 10.77
CA ARG A 67 9.83 -12.43 9.88
C ARG A 67 10.39 -13.58 10.69
N GLY A 68 9.55 -14.56 11.01
CA GLY A 68 9.96 -15.64 11.88
C GLY A 68 10.22 -15.15 13.27
N LYS A 69 11.47 -15.18 13.70
CA LYS A 69 11.85 -14.62 14.98
C LYS A 69 12.68 -13.36 14.77
N HIS A 70 12.56 -12.79 13.59
CA HIS A 70 13.22 -11.53 13.26
C HIS A 70 12.17 -10.43 13.17
N CYS A 71 12.51 -9.24 13.63
CA CYS A 71 11.57 -8.13 13.56
C CYS A 71 12.10 -7.05 12.63
N SER A 72 11.23 -6.58 11.76
CA SER A 72 11.61 -5.55 10.82
C SER A 72 10.54 -4.46 10.78
N THR A 73 10.92 -3.27 11.19
CA THR A 73 10.01 -2.14 11.20
C THR A 73 10.68 -0.93 10.57
N TRP A 74 10.03 -0.33 9.59
CA TRP A 74 10.55 0.85 8.93
C TRP A 74 9.42 1.79 8.56
N SER A 75 9.74 3.06 8.41
CA SER A 75 8.74 4.06 8.08
C SER A 75 9.25 5.03 7.03
N TYR A 76 8.38 5.37 6.08
CA TYR A 76 8.68 6.40 5.10
C TYR A 76 7.73 7.58 5.28
N THR A 77 8.07 8.70 4.71
CA THR A 77 7.21 9.87 4.79
C THR A 77 6.58 10.17 3.44
N LEU A 78 5.27 9.97 3.36
CA LEU A 78 4.54 10.24 2.14
C LEU A 78 4.10 11.68 2.13
N ILE A 79 4.40 12.38 1.06
CA ILE A 79 4.15 13.81 0.99
C ILE A 79 2.96 14.08 0.08
N PRO A 80 1.91 14.73 0.62
CA PRO A 80 0.72 15.08 -0.13
C PRO A 80 1.00 16.18 -1.15
N THR A 81 0.57 15.96 -2.38
CA THR A 81 0.76 16.93 -3.44
C THR A 81 -0.33 18.00 -3.40
N ASN A 82 -0.55 18.66 -4.53
CA ASN A 82 -1.66 19.59 -4.64
C ASN A 82 -2.98 18.82 -4.75
N LYS A 83 -2.91 17.57 -5.17
CA LYS A 83 -4.11 16.77 -5.37
C LYS A 83 -4.52 16.04 -4.10
N PRO A 84 -5.83 16.04 -3.78
CA PRO A 84 -6.38 15.31 -2.64
C PRO A 84 -6.30 13.80 -2.87
N GLY A 85 -5.32 13.17 -2.24
CA GLY A 85 -5.17 11.74 -2.35
C GLY A 85 -3.98 11.35 -3.17
N GLN A 86 -3.11 12.32 -3.42
CA GLN A 86 -1.92 12.11 -4.23
C GLN A 86 -0.67 12.38 -3.41
N PHE A 87 0.20 11.39 -3.34
CA PHE A 87 1.38 11.44 -2.50
C PHE A 87 2.62 11.08 -3.29
N THR A 88 3.76 11.52 -2.78
CA THR A 88 5.05 11.08 -3.28
C THR A 88 5.95 10.83 -2.08
N ARG A 89 6.69 9.73 -2.08
CA ARG A 89 7.57 9.42 -0.97
C ARG A 89 8.73 10.38 -0.94
N ASP A 90 8.94 11.02 0.19
CA ASP A 90 10.05 11.94 0.34
C ASP A 90 11.35 11.15 0.47
N ASN A 91 12.22 11.31 -0.52
CA ASN A 91 13.47 10.58 -0.57
C ASN A 91 14.64 11.53 -0.59
N ARG A 92 14.40 12.75 -0.12
CA ARG A 92 15.43 13.78 -0.11
C ARG A 92 16.32 13.63 1.11
N GLY A 93 17.48 13.03 0.91
CA GLY A 93 18.40 12.83 2.00
C GLY A 93 18.60 11.38 2.32
N SER A 94 17.68 10.57 1.83
CA SER A 94 17.67 9.13 2.07
C SER A 94 19.00 8.47 1.72
N GLY A 95 19.49 8.70 0.51
CA GLY A 95 20.76 8.14 0.11
C GLY A 95 21.25 8.66 -1.23
N PRO A 96 21.99 7.84 -1.96
CA PRO A 96 22.59 8.22 -3.25
C PRO A 96 21.56 8.39 -4.36
N GLY A 97 20.75 7.37 -4.57
CA GLY A 97 19.75 7.40 -5.62
C GLY A 97 18.36 7.54 -5.06
N ALA A 98 18.01 6.64 -4.14
CA ALA A 98 16.71 6.65 -3.47
C ALA A 98 15.56 6.71 -4.46
N ASP A 99 15.24 5.58 -5.07
CA ASP A 99 14.16 5.48 -6.04
C ASP A 99 12.84 5.87 -5.40
N LYS A 100 12.24 6.95 -5.88
CA LYS A 100 11.01 7.47 -5.30
C LYS A 100 9.82 6.59 -5.63
N GLU A 101 8.68 6.91 -5.04
CA GLU A 101 7.49 6.11 -5.20
C GLU A 101 6.25 6.98 -5.11
N ASN A 102 5.33 6.81 -6.04
CA ASN A 102 4.11 7.58 -6.11
C ASN A 102 2.97 6.84 -5.45
N ILE A 103 2.39 7.43 -4.41
CA ILE A 103 1.29 6.81 -3.69
C ILE A 103 0.00 7.58 -3.96
N GLN A 104 -1.03 6.89 -4.38
CA GLN A 104 -2.32 7.53 -4.61
C GLN A 104 -3.44 6.66 -4.08
N VAL A 105 -4.16 7.14 -3.09
CA VAL A 105 -5.31 6.41 -2.56
C VAL A 105 -6.50 6.63 -3.49
N ILE A 106 -6.97 5.56 -4.10
CA ILE A 106 -8.01 5.67 -5.12
C ILE A 106 -9.40 5.57 -4.48
N GLU A 107 -9.49 4.86 -3.37
CA GLU A 107 -10.77 4.72 -2.68
C GLU A 107 -10.56 4.18 -1.27
N THR A 108 -10.69 5.03 -0.27
CA THR A 108 -10.57 4.58 1.09
C THR A 108 -11.82 4.86 1.90
N ASP A 109 -12.31 3.82 2.56
CA ASP A 109 -13.33 3.97 3.57
C ASP A 109 -12.65 3.83 4.92
N TYR A 110 -12.41 4.96 5.56
CA TYR A 110 -11.61 5.04 6.78
C TYR A 110 -12.10 4.07 7.86
N VAL A 111 -13.37 3.71 7.81
CA VAL A 111 -13.96 2.83 8.80
C VAL A 111 -13.75 1.35 8.48
N LYS A 112 -13.32 1.03 7.26
CA LYS A 112 -13.20 -0.37 6.88
C LYS A 112 -11.94 -0.66 6.05
N PHE A 113 -11.76 -0.01 4.90
CA PHE A 113 -10.68 -0.39 4.00
C PHE A 113 -10.01 0.79 3.32
N ALA A 114 -9.02 0.49 2.51
CA ALA A 114 -8.27 1.48 1.77
C ALA A 114 -7.68 0.90 0.50
N LEU A 115 -8.11 1.43 -0.64
CA LEU A 115 -7.54 1.07 -1.92
C LEU A 115 -6.42 2.04 -2.25
N VAL A 116 -5.20 1.58 -2.06
CA VAL A 116 -4.03 2.40 -2.27
C VAL A 116 -3.24 1.92 -3.49
N LEU A 117 -3.08 2.82 -4.43
CA LEU A 117 -2.39 2.54 -5.68
C LEU A 117 -1.05 3.26 -5.66
N SER A 118 0.04 2.52 -5.82
CA SER A 118 1.35 3.14 -5.74
C SER A 118 2.32 2.59 -6.78
N LEU A 119 2.95 3.50 -7.50
CA LEU A 119 3.92 3.14 -8.51
C LEU A 119 5.30 3.65 -8.13
N ARG A 120 6.25 2.74 -8.06
CA ARG A 120 7.59 3.11 -7.66
C ARG A 120 8.43 3.44 -8.89
N GLN A 121 8.91 4.67 -8.94
CA GLN A 121 9.76 5.12 -10.03
C GLN A 121 11.19 4.71 -9.74
N ALA A 122 11.70 3.75 -10.50
CA ALA A 122 13.04 3.24 -10.27
C ALA A 122 13.94 3.51 -11.47
N SER A 123 15.19 3.13 -11.35
CA SER A 123 16.18 3.36 -12.40
C SER A 123 15.84 2.55 -13.65
N ASN A 124 15.86 1.23 -13.51
CA ASN A 124 15.76 0.33 -14.64
C ASN A 124 14.34 0.20 -15.14
N GLN A 125 13.38 0.54 -14.29
CA GLN A 125 11.97 0.35 -14.63
C GLN A 125 11.05 1.11 -13.69
N ASN A 126 9.77 1.02 -13.96
CA ASN A 126 8.74 1.54 -13.07
C ASN A 126 7.91 0.40 -12.53
N ILE A 127 7.80 0.36 -11.23
CA ILE A 127 7.03 -0.68 -10.56
C ILE A 127 5.60 -0.22 -10.35
N THR A 128 4.65 -1.07 -10.67
CA THR A 128 3.25 -0.77 -10.43
C THR A 128 2.75 -1.63 -9.28
N ARG A 129 2.40 -0.99 -8.18
CA ARG A 129 1.96 -1.71 -6.99
C ARG A 129 0.59 -1.25 -6.57
N VAL A 130 -0.18 -2.20 -6.09
CA VAL A 130 -1.51 -1.93 -5.65
C VAL A 130 -1.75 -2.68 -4.36
N SER A 131 -2.27 -2.00 -3.35
CA SER A 131 -2.49 -2.64 -2.06
C SER A 131 -3.93 -2.45 -1.60
N LEU A 132 -4.43 -3.47 -0.93
CA LEU A 132 -5.77 -3.45 -0.38
C LEU A 132 -5.66 -3.50 1.13
N LEU A 133 -5.76 -2.34 1.74
CA LEU A 133 -5.57 -2.22 3.17
C LEU A 133 -6.90 -2.27 3.90
N GLY A 134 -6.87 -2.78 5.11
CA GLY A 134 -8.04 -2.80 5.95
C GLY A 134 -7.67 -2.58 7.39
N ARG A 135 -8.51 -1.90 8.14
CA ARG A 135 -8.25 -1.66 9.54
C ARG A 135 -8.46 -2.96 10.33
N ASP A 136 -9.25 -3.84 9.74
CA ASP A 136 -9.49 -5.16 10.27
C ASP A 136 -9.37 -6.18 9.15
N TRP A 137 -8.93 -7.38 9.46
CA TRP A 137 -8.73 -8.40 8.44
C TRP A 137 -9.98 -9.25 8.25
N LYS A 138 -11.13 -8.66 8.58
CA LYS A 138 -12.41 -9.32 8.41
C LYS A 138 -13.07 -8.80 7.14
N ILE A 139 -12.23 -8.43 6.17
CA ILE A 139 -12.71 -7.89 4.91
C ILE A 139 -13.42 -8.94 4.08
N THR A 140 -14.42 -8.50 3.37
CA THR A 140 -15.26 -9.37 2.57
C THR A 140 -14.84 -9.32 1.10
N HIS A 141 -15.25 -10.32 0.34
CA HIS A 141 -14.99 -10.37 -1.09
C HIS A 141 -15.58 -9.14 -1.78
N LYS A 142 -16.61 -8.55 -1.17
CA LYS A 142 -17.16 -7.29 -1.66
C LYS A 142 -16.07 -6.24 -1.71
N THR A 143 -15.35 -6.12 -0.62
CA THR A 143 -14.28 -5.16 -0.47
C THR A 143 -13.05 -5.62 -1.28
N ILE A 144 -12.82 -6.92 -1.29
CA ILE A 144 -11.75 -7.53 -2.08
C ILE A 144 -11.92 -7.24 -3.57
N ASP A 145 -13.17 -7.29 -4.02
CA ASP A 145 -13.52 -7.11 -5.42
C ASP A 145 -13.01 -5.78 -5.97
N ARG A 146 -13.11 -4.74 -5.16
CA ARG A 146 -12.66 -3.41 -5.56
C ARG A 146 -11.16 -3.40 -5.79
N PHE A 147 -10.44 -4.21 -5.03
CA PHE A 147 -9.00 -4.33 -5.21
C PHE A 147 -8.69 -5.11 -6.49
N ILE A 148 -9.47 -6.15 -6.73
CA ILE A 148 -9.33 -6.96 -7.94
C ILE A 148 -9.44 -6.07 -9.16
N ALA A 149 -10.44 -5.20 -9.13
CA ALA A 149 -10.69 -4.26 -10.21
C ALA A 149 -9.46 -3.39 -10.46
N LEU A 150 -8.84 -2.90 -9.39
CA LEU A 150 -7.64 -2.10 -9.51
C LEU A 150 -6.54 -2.86 -10.22
N THR A 151 -6.33 -4.10 -9.81
CA THR A 151 -5.23 -4.89 -10.36
C THR A 151 -5.40 -5.08 -11.86
N LYS A 152 -6.66 -5.19 -12.29
CA LYS A 152 -6.97 -5.36 -13.69
C LYS A 152 -6.57 -4.10 -14.47
N THR A 153 -7.02 -2.96 -13.98
CA THR A 153 -6.76 -1.68 -14.64
C THR A 153 -5.28 -1.29 -14.55
N GLN A 154 -4.61 -1.81 -13.53
CA GLN A 154 -3.20 -1.50 -13.29
C GLN A 154 -2.28 -2.43 -14.06
N ASN A 155 -2.86 -3.17 -15.01
CA ASN A 155 -2.10 -4.09 -15.87
C ASN A 155 -1.41 -5.17 -15.06
N LEU A 156 -2.06 -5.60 -13.99
CA LEU A 156 -1.56 -6.71 -13.20
C LEU A 156 -2.31 -7.97 -13.60
N THR A 157 -1.98 -9.08 -12.97
CA THR A 157 -2.60 -10.35 -13.31
C THR A 157 -2.96 -11.11 -12.05
N LYS A 158 -3.70 -12.20 -12.18
CA LYS A 158 -4.03 -13.05 -11.05
C LYS A 158 -2.77 -13.75 -10.51
N ASN A 159 -1.73 -13.73 -11.33
CA ASN A 159 -0.42 -14.23 -10.94
C ASN A 159 0.25 -13.25 -9.97
N ASN A 160 -0.18 -12.00 -10.06
CA ASN A 160 0.44 -10.91 -9.30
C ASN A 160 -0.30 -10.70 -7.98
N LEU A 161 -1.26 -11.57 -7.69
CA LEU A 161 -2.12 -11.38 -6.53
C LEU A 161 -1.56 -12.09 -5.29
N LEU A 162 -1.70 -11.41 -4.15
CA LEU A 162 -1.30 -11.96 -2.87
C LEU A 162 -2.37 -11.63 -1.83
N PHE A 163 -2.93 -12.67 -1.23
CA PHE A 163 -3.96 -12.51 -0.22
C PHE A 163 -3.65 -13.37 1.00
N PRO A 164 -3.67 -12.77 2.20
CA PRO A 164 -3.44 -13.50 3.45
C PRO A 164 -4.45 -14.61 3.65
N ASP A 165 -3.96 -15.82 3.87
CA ASP A 165 -4.81 -16.98 4.07
C ASP A 165 -5.31 -17.03 5.50
N LEU A 166 -4.70 -16.18 6.33
CA LEU A 166 -4.96 -16.14 7.77
C LEU A 166 -4.61 -17.48 8.41
N THR A 167 -3.63 -18.15 7.84
CA THR A 167 -3.11 -19.37 8.41
C THR A 167 -2.22 -19.06 9.59
N ASP A 168 -1.42 -18.02 9.44
CA ASP A 168 -0.51 -17.57 10.48
C ASP A 168 -1.01 -16.29 11.13
N TRP A 169 -2.03 -15.69 10.50
CA TRP A 169 -2.59 -14.41 10.95
C TRP A 169 -1.53 -13.33 11.08
N LEU A 170 -1.13 -13.05 12.32
CA LEU A 170 -0.17 -11.98 12.60
C LEU A 170 1.16 -12.58 13.04
N LEU A 171 1.31 -13.89 12.85
CA LEU A 171 2.45 -14.65 13.37
C LEU A 171 2.39 -14.78 14.88
N ASP A 172 2.71 -15.95 15.39
CA ASP A 172 2.73 -16.19 16.82
C ASP A 172 3.75 -15.29 17.50
N PRO A 173 3.30 -14.50 18.49
CA PRO A 173 4.14 -13.52 19.19
C PRO A 173 5.46 -14.10 19.71
N LYS A 174 6.54 -13.77 19.02
CA LYS A 174 7.88 -14.22 19.40
C LYS A 174 8.84 -13.04 19.46
N VAL A 175 8.51 -11.99 18.73
CA VAL A 175 9.32 -10.79 18.69
C VAL A 175 8.47 -9.58 18.28
N CYS A 176 8.67 -8.46 18.98
CA CYS A 176 7.88 -7.25 18.74
C CYS A 176 6.41 -7.48 19.06
N GLY A 2 6.68 14.14 -16.51
CA GLY A 2 6.02 12.92 -15.98
C GLY A 2 5.40 12.09 -17.08
N GLN A 3 5.36 10.78 -16.89
CA GLN A 3 4.85 9.88 -17.90
C GLN A 3 3.32 9.85 -17.90
N SER A 4 2.72 9.34 -16.83
CA SER A 4 1.27 9.25 -16.73
C SER A 4 0.88 8.74 -15.35
N PRO A 5 -0.06 9.43 -14.69
CA PRO A 5 -0.60 8.98 -13.42
C PRO A 5 -1.58 7.81 -13.62
N THR A 6 -1.08 6.61 -13.44
CA THR A 6 -1.86 5.39 -13.63
C THR A 6 -3.04 5.34 -12.64
N MET A 7 -4.21 5.75 -13.11
CA MET A 7 -5.40 5.77 -12.28
C MET A 7 -6.45 4.78 -12.80
N PRO A 8 -7.28 4.27 -11.89
CA PRO A 8 -8.38 3.38 -12.25
C PRO A 8 -9.55 4.14 -12.88
N GLN A 9 -10.47 3.41 -13.48
CA GLN A 9 -11.66 4.00 -14.05
C GLN A 9 -12.89 3.47 -13.34
N GLY A 10 -13.68 4.40 -12.81
CA GLY A 10 -14.87 4.04 -12.06
C GLY A 10 -14.84 4.59 -10.65
N PHE A 11 -13.64 4.91 -10.19
CA PHE A 11 -13.47 5.47 -8.84
C PHE A 11 -13.08 6.94 -8.91
N SER A 12 -12.18 7.25 -9.85
CA SER A 12 -11.67 8.60 -10.04
C SER A 12 -10.93 9.11 -8.80
N GLN A 13 -10.53 10.37 -8.83
CA GLN A 13 -9.83 10.99 -7.72
C GLN A 13 -10.82 11.46 -6.67
N MET A 14 -10.41 11.46 -5.41
CA MET A 14 -11.26 11.90 -4.32
C MET A 14 -11.13 13.41 -4.14
N THR A 15 -12.22 14.05 -3.72
CA THR A 15 -12.24 15.48 -3.50
C THR A 15 -12.05 15.77 -2.03
N SER A 16 -12.54 14.84 -1.23
CA SER A 16 -12.43 14.93 0.22
C SER A 16 -11.50 13.85 0.76
N PHE A 17 -10.47 14.25 1.47
CA PHE A 17 -9.52 13.31 2.03
C PHE A 17 -9.22 13.69 3.48
N GLN A 18 -9.78 12.91 4.39
CA GLN A 18 -9.59 13.12 5.81
C GLN A 18 -8.25 12.58 6.29
N SER A 19 -7.20 13.35 6.11
CA SER A 19 -5.84 12.93 6.44
C SER A 19 -5.72 12.49 7.91
N ASN A 20 -6.29 13.28 8.81
CA ASN A 20 -6.20 13.01 10.25
C ASN A 20 -7.11 11.86 10.66
N LYS A 21 -7.96 11.42 9.75
CA LYS A 21 -8.94 10.39 10.05
C LYS A 21 -8.48 9.03 9.53
N PHE A 22 -7.93 9.02 8.32
CA PHE A 22 -7.53 7.78 7.67
C PHE A 22 -6.18 7.28 8.18
N GLN A 23 -5.48 8.13 8.93
CA GLN A 23 -4.21 7.74 9.54
C GLN A 23 -4.44 6.65 10.58
N GLY A 24 -3.36 6.02 10.99
CA GLY A 24 -3.45 4.96 11.98
C GLY A 24 -2.73 3.71 11.55
N GLU A 25 -3.20 2.56 12.03
CA GLU A 25 -2.61 1.29 11.69
C GLU A 25 -3.38 0.62 10.56
N TRP A 26 -2.66 -0.13 9.74
CA TRP A 26 -3.24 -0.78 8.57
C TRP A 26 -2.62 -2.15 8.36
N PHE A 27 -3.46 -3.15 8.13
CA PHE A 27 -2.98 -4.48 7.79
C PHE A 27 -2.99 -4.65 6.28
N VAL A 28 -1.97 -5.27 5.74
CA VAL A 28 -1.89 -5.48 4.30
C VAL A 28 -2.54 -6.81 3.93
N LEU A 29 -3.70 -6.75 3.32
CA LEU A 29 -4.45 -7.94 2.96
C LEU A 29 -4.02 -8.46 1.60
N GLY A 30 -3.82 -7.55 0.66
CA GLY A 30 -3.55 -7.95 -0.69
C GLY A 30 -2.55 -7.06 -1.39
N LEU A 31 -1.85 -7.63 -2.36
CA LEU A 31 -0.87 -6.91 -3.15
C LEU A 31 -1.09 -7.16 -4.63
N ALA A 32 -0.56 -6.27 -5.45
CA ALA A 32 -0.47 -6.48 -6.88
C ALA A 32 0.60 -5.56 -7.43
N ASP A 33 1.25 -5.97 -8.49
CA ASP A 33 2.41 -5.26 -9.00
C ASP A 33 2.59 -5.62 -10.47
N ASN A 34 3.52 -4.96 -11.14
CA ASN A 34 3.77 -5.23 -12.56
C ASN A 34 5.05 -6.04 -12.73
N THR A 35 5.84 -6.12 -11.66
CA THR A 35 7.04 -6.91 -11.66
C THR A 35 7.08 -7.77 -10.39
N TYR A 36 5.94 -8.33 -10.03
CA TYR A 36 5.81 -9.17 -8.85
C TYR A 36 5.77 -10.64 -9.25
N LYS A 37 5.74 -11.51 -8.25
CA LYS A 37 5.68 -12.94 -8.48
C LYS A 37 4.83 -13.61 -7.43
N ARG A 38 4.31 -14.79 -7.77
CA ARG A 38 3.60 -15.62 -6.82
C ARG A 38 4.48 -16.80 -6.42
N GLU A 39 5.55 -16.99 -7.19
CA GLU A 39 6.58 -17.95 -6.86
C GLU A 39 7.47 -17.36 -5.78
N HIS A 40 7.77 -16.08 -5.94
CA HIS A 40 8.60 -15.35 -5.00
C HIS A 40 7.77 -14.30 -4.28
N ARG A 41 6.91 -14.76 -3.38
CA ARG A 41 6.06 -13.86 -2.62
C ARG A 41 6.82 -13.25 -1.45
N PRO A 42 6.30 -12.17 -0.85
CA PRO A 42 6.89 -11.55 0.34
C PRO A 42 7.19 -12.57 1.44
N LEU A 43 8.15 -12.22 2.30
CA LEU A 43 8.59 -13.09 3.38
C LEU A 43 7.48 -13.33 4.41
N LEU A 44 6.47 -12.49 4.34
CA LEU A 44 5.26 -12.66 5.15
C LEU A 44 4.05 -12.58 4.24
N HIS A 45 2.86 -12.69 4.80
CA HIS A 45 1.65 -12.51 4.00
C HIS A 45 1.00 -11.18 4.33
N SER A 46 0.38 -11.11 5.49
CA SER A 46 -0.36 -9.93 5.89
C SER A 46 0.35 -9.20 7.02
N PHE A 47 1.38 -8.46 6.65
CA PHE A 47 2.12 -7.65 7.61
C PHE A 47 1.44 -6.30 7.81
N ILE A 48 2.00 -5.49 8.67
CA ILE A 48 1.36 -4.24 9.09
C ILE A 48 2.09 -3.03 8.50
N THR A 49 1.32 -2.06 8.04
CA THR A 49 1.87 -0.80 7.57
C THR A 49 1.14 0.36 8.22
N LEU A 50 1.86 1.23 8.90
CA LEU A 50 1.25 2.33 9.60
C LEU A 50 1.35 3.61 8.79
N PHE A 51 0.33 4.43 8.90
CA PHE A 51 0.30 5.72 8.25
C PHE A 51 0.11 6.81 9.31
N LYS A 52 1.17 7.55 9.58
CA LYS A 52 1.14 8.56 10.64
C LYS A 52 1.32 9.95 10.07
N LEU A 53 0.63 10.92 10.65
CA LEU A 53 0.67 12.28 10.16
C LEU A 53 1.94 13.01 10.60
N ARG A 54 2.72 13.43 9.62
CA ARG A 54 3.94 14.18 9.89
C ARG A 54 3.63 15.65 10.14
N ASP A 55 3.13 16.33 9.10
CA ASP A 55 2.81 17.73 9.23
C ASP A 55 1.30 17.94 9.23
N ASN A 56 0.68 17.75 8.07
CA ASN A 56 -0.76 17.97 7.96
C ASN A 56 -1.44 16.84 7.18
N SER A 57 -0.68 16.17 6.33
CA SER A 57 -1.23 15.08 5.51
C SER A 57 -0.13 14.12 5.09
N GLU A 58 1.10 14.43 5.47
CA GLU A 58 2.24 13.61 5.16
C GLU A 58 2.17 12.31 5.93
N PHE A 59 2.14 11.20 5.22
CA PHE A 59 1.98 9.90 5.85
C PHE A 59 3.30 9.17 6.01
N GLN A 60 3.71 9.01 7.25
CA GLN A 60 4.85 8.19 7.59
C GLN A 60 4.46 6.73 7.47
N VAL A 61 4.73 6.14 6.31
CA VAL A 61 4.41 4.75 6.06
C VAL A 61 5.47 3.87 6.71
N THR A 62 5.07 3.20 7.78
CA THR A 62 5.96 2.35 8.55
C THR A 62 5.55 0.89 8.43
N ASN A 63 6.36 0.10 7.77
CA ASN A 63 6.03 -1.30 7.57
C ASN A 63 6.71 -2.15 8.62
N SER A 64 5.92 -2.96 9.31
CA SER A 64 6.42 -3.85 10.35
C SER A 64 6.41 -5.29 9.85
N MET A 65 7.60 -5.82 9.59
CA MET A 65 7.74 -7.21 9.18
C MET A 65 8.63 -7.97 10.14
N THR A 66 8.01 -8.88 10.89
CA THR A 66 8.74 -9.67 11.86
C THR A 66 9.18 -10.99 11.24
N ARG A 67 10.48 -11.16 11.07
CA ARG A 67 11.03 -12.37 10.50
C ARG A 67 11.67 -13.20 11.60
N GLY A 68 10.88 -14.06 12.22
CA GLY A 68 11.35 -14.80 13.37
C GLY A 68 11.22 -13.97 14.64
N LYS A 69 12.30 -13.83 15.37
CA LYS A 69 12.30 -12.97 16.55
C LYS A 69 13.03 -11.68 16.26
N HIS A 70 13.44 -11.52 15.01
CA HIS A 70 14.03 -10.27 14.56
C HIS A 70 13.04 -9.54 13.66
N CYS A 71 12.65 -8.35 14.08
CA CYS A 71 11.67 -7.59 13.35
C CYS A 71 12.33 -6.46 12.59
N SER A 72 11.89 -6.25 11.37
CA SER A 72 12.42 -5.19 10.55
C SER A 72 11.30 -4.23 10.17
N THR A 73 11.50 -2.97 10.51
CA THR A 73 10.51 -1.94 10.26
C THR A 73 11.14 -0.76 9.55
N TRP A 74 10.57 -0.36 8.44
CA TRP A 74 11.05 0.82 7.73
C TRP A 74 9.95 1.85 7.63
N SER A 75 10.33 3.11 7.54
CA SER A 75 9.38 4.19 7.46
C SER A 75 9.78 5.18 6.35
N TYR A 76 8.83 5.52 5.52
CA TYR A 76 9.03 6.55 4.50
C TYR A 76 8.00 7.64 4.69
N THR A 77 8.26 8.81 4.14
CA THR A 77 7.34 9.92 4.28
C THR A 77 6.60 10.17 2.97
N LEU A 78 5.28 10.03 2.99
CA LEU A 78 4.47 10.34 1.83
C LEU A 78 4.10 11.81 1.84
N ILE A 79 4.39 12.50 0.76
CA ILE A 79 4.17 13.93 0.70
C ILE A 79 3.00 14.25 -0.22
N PRO A 80 1.92 14.81 0.34
CA PRO A 80 0.74 15.19 -0.45
C PRO A 80 1.01 16.39 -1.34
N THR A 81 0.37 16.41 -2.50
CA THR A 81 0.52 17.52 -3.43
C THR A 81 -0.66 18.49 -3.25
N ASN A 82 -0.94 19.26 -4.29
CA ASN A 82 -2.10 20.14 -4.27
C ASN A 82 -3.39 19.34 -4.42
N LYS A 83 -3.26 18.07 -4.80
CA LYS A 83 -4.43 17.24 -5.04
C LYS A 83 -4.79 16.43 -3.79
N PRO A 84 -6.10 16.37 -3.46
CA PRO A 84 -6.59 15.58 -2.33
C PRO A 84 -6.45 14.08 -2.59
N GLY A 85 -5.38 13.49 -2.07
CA GLY A 85 -5.17 12.08 -2.23
C GLY A 85 -4.03 11.78 -3.17
N GLN A 86 -3.17 12.76 -3.38
CA GLN A 86 -2.01 12.61 -4.24
C GLN A 86 -0.74 12.78 -3.43
N PHE A 87 0.12 11.77 -3.45
CA PHE A 87 1.30 11.74 -2.60
C PHE A 87 2.54 11.36 -3.41
N THR A 88 3.68 11.84 -2.97
CA THR A 88 4.95 11.40 -3.51
C THR A 88 5.86 10.99 -2.35
N ARG A 89 6.48 9.83 -2.48
CA ARG A 89 7.29 9.28 -1.40
C ARG A 89 8.64 9.98 -1.32
N ASP A 90 8.79 10.80 -0.28
CA ASP A 90 10.06 11.47 -0.01
C ASP A 90 11.10 10.44 0.40
N ASN A 91 12.14 10.31 -0.40
CA ASN A 91 13.17 9.32 -0.14
C ASN A 91 14.43 9.96 0.40
N ARG A 92 14.32 11.23 0.76
CA ARG A 92 15.44 11.98 1.29
C ARG A 92 15.75 11.51 2.71
N GLY A 93 16.52 10.44 2.81
CA GLY A 93 16.81 9.84 4.10
C GLY A 93 17.02 8.35 3.99
N SER A 94 16.52 7.77 2.90
CA SER A 94 16.65 6.33 2.65
C SER A 94 18.12 5.95 2.48
N GLY A 95 18.80 6.58 1.53
CA GLY A 95 20.18 6.27 1.26
C GLY A 95 20.35 5.56 -0.08
N PRO A 96 20.75 4.29 -0.06
CA PRO A 96 20.98 3.52 -1.29
C PRO A 96 19.69 3.29 -2.08
N GLY A 97 18.66 2.83 -1.39
CA GLY A 97 17.40 2.54 -2.03
C GLY A 97 16.48 3.75 -2.07
N ALA A 98 16.92 4.78 -2.79
CA ALA A 98 16.17 6.03 -2.86
C ALA A 98 15.48 6.18 -4.20
N ASP A 99 14.54 5.30 -4.47
CA ASP A 99 13.70 5.41 -5.66
C ASP A 99 12.39 6.08 -5.27
N LYS A 100 12.03 7.14 -5.98
CA LYS A 100 10.79 7.85 -5.68
C LYS A 100 9.59 6.99 -6.03
N GLU A 101 8.56 7.08 -5.22
CA GLU A 101 7.38 6.27 -5.41
C GLU A 101 6.15 7.14 -5.30
N ASN A 102 5.33 7.13 -6.34
CA ASN A 102 4.15 7.96 -6.37
C ASN A 102 2.97 7.20 -5.78
N ILE A 103 2.44 7.76 -4.72
CA ILE A 103 1.35 7.14 -3.98
C ILE A 103 0.06 7.94 -4.19
N GLN A 104 -1.03 7.23 -4.42
CA GLN A 104 -2.31 7.88 -4.58
C GLN A 104 -3.42 7.04 -3.95
N VAL A 105 -4.25 7.69 -3.14
CA VAL A 105 -5.38 7.00 -2.52
C VAL A 105 -6.57 7.00 -3.46
N ILE A 106 -7.06 5.80 -3.74
CA ILE A 106 -8.20 5.62 -4.63
C ILE A 106 -9.50 5.56 -3.81
N GLU A 107 -9.44 4.85 -2.70
CA GLU A 107 -10.62 4.66 -1.85
C GLU A 107 -10.21 4.11 -0.50
N THR A 108 -9.92 4.99 0.45
CA THR A 108 -9.55 4.56 1.77
C THR A 108 -10.63 4.92 2.78
N ASP A 109 -10.91 3.99 3.67
CA ASP A 109 -11.85 4.18 4.76
C ASP A 109 -11.38 3.37 5.95
N TYR A 110 -10.98 4.06 7.00
CA TYR A 110 -10.40 3.40 8.18
C TYR A 110 -11.37 2.40 8.82
N VAL A 111 -12.64 2.55 8.51
CA VAL A 111 -13.67 1.68 9.05
C VAL A 111 -13.75 0.35 8.30
N LYS A 112 -13.20 0.31 7.09
CA LYS A 112 -13.34 -0.87 6.24
C LYS A 112 -12.01 -1.30 5.60
N PHE A 113 -11.48 -0.50 4.68
CA PHE A 113 -10.27 -0.87 3.96
C PHE A 113 -9.64 0.35 3.29
N ALA A 114 -8.56 0.11 2.57
CA ALA A 114 -7.86 1.19 1.88
C ALA A 114 -7.35 0.73 0.53
N LEU A 115 -7.85 1.37 -0.52
CA LEU A 115 -7.34 1.16 -1.86
C LEU A 115 -6.25 2.18 -2.15
N VAL A 116 -5.01 1.72 -2.07
CA VAL A 116 -3.86 2.58 -2.24
C VAL A 116 -3.06 2.17 -3.49
N LEU A 117 -2.82 3.13 -4.35
CA LEU A 117 -2.11 2.91 -5.60
C LEU A 117 -0.72 3.54 -5.52
N SER A 118 0.28 2.86 -6.04
CA SER A 118 1.64 3.35 -6.01
C SER A 118 2.39 2.98 -7.28
N LEU A 119 3.09 3.92 -7.86
CA LEU A 119 3.99 3.62 -8.96
C LEU A 119 5.39 4.07 -8.58
N ARG A 120 6.33 3.15 -8.62
CA ARG A 120 7.69 3.46 -8.23
C ARG A 120 8.50 3.90 -9.43
N GLN A 121 9.05 5.10 -9.34
CA GLN A 121 9.87 5.64 -10.41
C GLN A 121 11.28 5.11 -10.25
N ALA A 122 11.69 4.24 -11.15
CA ALA A 122 13.01 3.64 -11.06
C ALA A 122 13.75 3.78 -12.38
N SER A 123 14.97 3.26 -12.40
CA SER A 123 15.88 3.39 -13.53
C SER A 123 15.25 2.90 -14.83
N ASN A 124 14.98 1.61 -14.90
CA ASN A 124 14.58 0.98 -16.14
C ASN A 124 13.11 1.20 -16.44
N GLN A 125 12.30 1.38 -15.39
CA GLN A 125 10.86 1.41 -15.57
C GLN A 125 10.14 2.02 -14.37
N ASN A 126 8.84 2.19 -14.52
CA ASN A 126 7.97 2.55 -13.41
C ASN A 126 7.23 1.30 -12.95
N ILE A 127 7.17 1.12 -11.65
CA ILE A 127 6.56 -0.06 -11.06
C ILE A 127 5.14 0.25 -10.64
N THR A 128 4.18 -0.40 -11.28
CA THR A 128 2.79 -0.23 -10.92
C THR A 128 2.44 -1.16 -9.78
N ARG A 129 2.18 -0.62 -8.60
CA ARG A 129 1.88 -1.47 -7.46
C ARG A 129 0.60 -1.01 -6.78
N VAL A 130 -0.23 -1.96 -6.43
CA VAL A 130 -1.46 -1.69 -5.74
C VAL A 130 -1.51 -2.47 -4.43
N SER A 131 -1.97 -1.83 -3.38
CA SER A 131 -2.05 -2.48 -2.08
C SER A 131 -3.48 -2.43 -1.56
N LEU A 132 -3.88 -3.51 -0.92
CA LEU A 132 -5.21 -3.61 -0.35
C LEU A 132 -5.09 -3.66 1.17
N LEU A 133 -5.24 -2.51 1.79
CA LEU A 133 -5.11 -2.41 3.23
C LEU A 133 -6.46 -2.58 3.90
N GLY A 134 -6.43 -3.04 5.14
CA GLY A 134 -7.66 -3.24 5.87
C GLY A 134 -7.42 -3.22 7.37
N ARG A 135 -8.50 -3.30 8.12
CA ARG A 135 -8.40 -3.31 9.57
C ARG A 135 -8.23 -4.75 10.08
N ASP A 136 -8.62 -5.70 9.24
CA ASP A 136 -8.46 -7.11 9.54
C ASP A 136 -8.43 -7.88 8.23
N TRP A 137 -7.88 -9.10 8.27
CA TRP A 137 -7.65 -9.86 7.05
C TRP A 137 -8.80 -10.82 6.75
N LYS A 138 -9.96 -10.57 7.34
CA LYS A 138 -11.13 -11.41 7.10
C LYS A 138 -12.15 -10.63 6.26
N ILE A 139 -11.62 -9.91 5.29
CA ILE A 139 -12.42 -9.11 4.38
C ILE A 139 -13.14 -10.00 3.36
N THR A 140 -14.22 -9.48 2.79
CA THR A 140 -15.05 -10.25 1.87
C THR A 140 -14.71 -9.92 0.42
N HIS A 141 -15.16 -10.76 -0.51
CA HIS A 141 -14.90 -10.56 -1.93
C HIS A 141 -15.49 -9.24 -2.41
N LYS A 142 -16.53 -8.77 -1.73
CA LYS A 142 -17.11 -7.46 -2.04
C LYS A 142 -16.02 -6.38 -1.91
N THR A 143 -15.29 -6.44 -0.81
CA THR A 143 -14.22 -5.50 -0.54
C THR A 143 -13.01 -5.80 -1.43
N ILE A 144 -12.75 -7.08 -1.66
CA ILE A 144 -11.67 -7.52 -2.53
C ILE A 144 -11.87 -7.01 -3.96
N ASP A 145 -13.12 -7.03 -4.40
CA ASP A 145 -13.48 -6.70 -5.78
C ASP A 145 -13.12 -5.26 -6.13
N ARG A 146 -13.11 -4.40 -5.12
CA ARG A 146 -12.72 -3.00 -5.31
C ARG A 146 -11.25 -2.91 -5.66
N PHE A 147 -10.46 -3.77 -5.02
CA PHE A 147 -9.03 -3.84 -5.30
C PHE A 147 -8.79 -4.50 -6.65
N ILE A 148 -9.65 -5.45 -7.01
CA ILE A 148 -9.59 -6.12 -8.29
C ILE A 148 -9.64 -5.09 -9.42
N ALA A 149 -10.59 -4.18 -9.30
CA ALA A 149 -10.77 -3.13 -10.29
C ALA A 149 -9.48 -2.35 -10.52
N LEU A 150 -8.78 -2.04 -9.42
CA LEU A 150 -7.52 -1.34 -9.51
C LEU A 150 -6.52 -2.13 -10.34
N THR A 151 -6.40 -3.41 -10.07
CA THR A 151 -5.43 -4.24 -10.76
C THR A 151 -5.79 -4.35 -12.25
N LYS A 152 -7.08 -4.35 -12.54
CA LYS A 152 -7.57 -4.40 -13.92
C LYS A 152 -7.14 -3.14 -14.66
N THR A 153 -7.45 -2.00 -14.08
CA THR A 153 -7.18 -0.71 -14.69
C THR A 153 -5.69 -0.40 -14.73
N GLN A 154 -4.94 -0.96 -13.80
CA GLN A 154 -3.51 -0.72 -13.70
C GLN A 154 -2.73 -1.72 -14.56
N ASN A 155 -3.47 -2.64 -15.18
CA ASN A 155 -2.91 -3.61 -16.12
C ASN A 155 -1.99 -4.59 -15.40
N LEU A 156 -2.45 -5.07 -14.26
CA LEU A 156 -1.67 -5.99 -13.46
C LEU A 156 -2.32 -7.37 -13.46
N THR A 157 -1.58 -8.35 -13.95
CA THR A 157 -2.07 -9.71 -14.03
C THR A 157 -2.32 -10.32 -12.65
N LYS A 158 -3.37 -11.15 -12.58
CA LYS A 158 -3.79 -11.79 -11.34
C LYS A 158 -2.69 -12.71 -10.78
N ASN A 159 -1.70 -13.00 -11.61
CA ASN A 159 -0.53 -13.75 -11.18
C ASN A 159 0.16 -13.05 -10.02
N ASN A 160 0.14 -11.72 -10.03
CA ASN A 160 0.83 -10.94 -9.02
C ASN A 160 -0.09 -10.60 -7.87
N LEU A 161 -1.39 -10.77 -8.09
CA LEU A 161 -2.40 -10.46 -7.08
C LEU A 161 -2.29 -11.41 -5.90
N LEU A 162 -1.97 -10.86 -4.75
CA LEU A 162 -1.89 -11.62 -3.52
C LEU A 162 -3.16 -11.40 -2.71
N PHE A 163 -3.82 -12.48 -2.31
CA PHE A 163 -5.07 -12.39 -1.58
C PHE A 163 -4.95 -13.01 -0.20
N PRO A 164 -5.82 -12.59 0.75
CA PRO A 164 -5.85 -13.13 2.11
C PRO A 164 -5.84 -14.66 2.14
N ASP A 165 -4.88 -15.20 2.85
CA ASP A 165 -4.68 -16.64 2.92
C ASP A 165 -3.68 -16.95 4.02
N LEU A 166 -4.11 -16.78 5.27
CA LEU A 166 -3.25 -17.06 6.40
C LEU A 166 -4.06 -17.65 7.54
N THR A 167 -3.99 -18.97 7.65
CA THR A 167 -4.69 -19.69 8.71
C THR A 167 -4.11 -19.35 10.09
N ASP A 168 -2.87 -18.85 10.08
CA ASP A 168 -2.19 -18.46 11.30
C ASP A 168 -1.45 -17.16 11.09
N TRP A 169 -1.40 -16.35 12.14
CA TRP A 169 -0.71 -15.07 12.10
C TRP A 169 -0.46 -14.56 13.52
N LEU A 170 -1.51 -14.60 14.34
CA LEU A 170 -1.47 -14.05 15.69
C LEU A 170 -0.25 -14.51 16.45
N LEU A 171 0.64 -13.57 16.72
CA LEU A 171 1.89 -13.84 17.40
C LEU A 171 1.87 -13.22 18.79
N ASP A 172 1.75 -14.07 19.80
CA ASP A 172 1.82 -13.61 21.19
C ASP A 172 3.25 -13.18 21.53
N PRO A 173 4.27 -14.02 21.24
CA PRO A 173 5.67 -13.63 21.39
C PRO A 173 6.12 -12.67 20.28
N LYS A 174 5.33 -11.64 20.05
CA LYS A 174 5.62 -10.65 19.02
C LYS A 174 6.59 -9.62 19.57
N VAL A 175 7.87 -9.95 19.50
CA VAL A 175 8.92 -9.05 19.96
C VAL A 175 9.15 -7.93 18.93
N CYS A 176 8.12 -7.15 18.70
CA CYS A 176 8.15 -6.07 17.73
C CYS A 176 6.99 -5.12 17.99
N GLY A 2 6.54 12.55 -13.77
CA GLY A 2 5.48 11.92 -14.60
C GLY A 2 4.10 12.40 -14.20
N GLN A 3 3.34 12.93 -15.16
CA GLN A 3 2.03 13.48 -14.86
C GLN A 3 0.90 12.63 -15.46
N SER A 4 1.23 11.41 -15.86
CA SER A 4 0.24 10.47 -16.34
C SER A 4 0.38 9.11 -15.66
N PRO A 5 -0.23 8.96 -14.47
CA PRO A 5 -0.20 7.71 -13.73
C PRO A 5 -1.28 6.74 -14.18
N THR A 6 -1.02 5.45 -14.04
CA THR A 6 -1.98 4.42 -14.39
C THR A 6 -3.15 4.43 -13.40
N MET A 7 -4.25 5.06 -13.80
CA MET A 7 -5.41 5.16 -12.94
C MET A 7 -6.54 4.26 -13.43
N PRO A 8 -7.36 3.76 -12.49
CA PRO A 8 -8.50 2.91 -12.79
C PRO A 8 -9.66 3.69 -13.39
N GLN A 9 -10.53 2.98 -14.08
CA GLN A 9 -11.73 3.59 -14.64
C GLN A 9 -12.89 3.43 -13.66
N GLY A 10 -13.59 4.52 -13.44
CA GLY A 10 -14.64 4.54 -12.45
C GLY A 10 -14.22 5.29 -11.21
N PHE A 11 -12.98 5.08 -10.80
CA PHE A 11 -12.44 5.77 -9.63
C PHE A 11 -11.70 7.03 -10.06
N SER A 12 -11.58 7.96 -9.15
CA SER A 12 -10.94 9.24 -9.43
C SER A 12 -10.35 9.84 -8.15
N GLN A 13 -9.88 11.07 -8.21
CA GLN A 13 -9.39 11.75 -7.03
C GLN A 13 -10.55 12.19 -6.16
N MET A 14 -10.57 11.68 -4.93
CA MET A 14 -11.64 11.98 -3.98
C MET A 14 -11.75 13.48 -3.75
N THR A 15 -12.98 13.96 -3.66
CA THR A 15 -13.24 15.39 -3.51
C THR A 15 -12.81 15.88 -2.13
N SER A 16 -12.88 15.01 -1.15
CA SER A 16 -12.54 15.36 0.22
C SER A 16 -11.69 14.27 0.87
N PHE A 17 -10.49 14.63 1.26
CA PHE A 17 -9.58 13.70 1.91
C PHE A 17 -9.24 14.19 3.31
N GLN A 18 -9.59 13.41 4.32
CA GLN A 18 -9.30 13.80 5.70
C GLN A 18 -8.02 13.12 6.19
N SER A 19 -6.93 13.86 6.17
CA SER A 19 -5.63 13.33 6.58
C SER A 19 -5.66 12.85 8.02
N ASN A 20 -6.31 13.61 8.90
CA ASN A 20 -6.37 13.28 10.33
C ASN A 20 -7.20 12.03 10.58
N LYS A 21 -7.98 11.63 9.58
CA LYS A 21 -8.85 10.46 9.71
C LYS A 21 -8.20 9.24 9.08
N PHE A 22 -7.38 9.47 8.07
CA PHE A 22 -6.73 8.38 7.33
C PHE A 22 -5.55 7.81 8.13
N GLN A 23 -5.01 8.62 9.03
CA GLN A 23 -3.91 8.18 9.89
C GLN A 23 -4.38 7.06 10.83
N GLY A 24 -3.42 6.30 11.31
CA GLY A 24 -3.72 5.17 12.18
C GLY A 24 -3.10 3.89 11.69
N GLU A 25 -3.58 2.76 12.18
CA GLU A 25 -3.08 1.46 11.75
C GLU A 25 -3.82 0.98 10.51
N TRP A 26 -3.08 0.35 9.61
CA TRP A 26 -3.64 -0.23 8.39
C TRP A 26 -3.02 -1.58 8.13
N PHE A 27 -3.85 -2.56 7.79
CA PHE A 27 -3.36 -3.87 7.40
C PHE A 27 -3.38 -3.99 5.89
N VAL A 28 -2.31 -4.50 5.32
CA VAL A 28 -2.26 -4.72 3.88
C VAL A 28 -2.78 -6.11 3.56
N LEU A 29 -4.04 -6.18 3.14
CA LEU A 29 -4.66 -7.46 2.81
C LEU A 29 -4.37 -7.82 1.36
N GLY A 30 -4.32 -6.81 0.51
CA GLY A 30 -4.12 -7.05 -0.90
C GLY A 30 -2.84 -6.43 -1.40
N LEU A 31 -2.09 -7.18 -2.16
CA LEU A 31 -0.86 -6.71 -2.74
C LEU A 31 -0.77 -7.17 -4.18
N ALA A 32 -0.58 -6.24 -5.10
CA ALA A 32 -0.43 -6.59 -6.50
C ALA A 32 0.65 -5.75 -7.16
N ASP A 33 1.64 -6.43 -7.70
CA ASP A 33 2.77 -5.78 -8.37
C ASP A 33 3.01 -6.45 -9.69
N ASN A 34 3.35 -5.66 -10.70
CA ASN A 34 3.62 -6.21 -12.04
C ASN A 34 4.81 -7.16 -12.00
N THR A 35 5.61 -7.06 -10.95
CA THR A 35 6.81 -7.87 -10.82
C THR A 35 6.60 -8.94 -9.74
N TYR A 36 5.35 -9.09 -9.30
CA TYR A 36 5.01 -10.07 -8.28
C TYR A 36 5.19 -11.48 -8.82
N LYS A 37 5.89 -12.31 -8.06
CA LYS A 37 6.09 -13.70 -8.42
C LYS A 37 5.48 -14.60 -7.36
N ARG A 38 4.84 -15.68 -7.78
CA ARG A 38 4.19 -16.58 -6.85
C ARG A 38 5.20 -17.61 -6.32
N GLU A 39 6.31 -17.74 -7.03
CA GLU A 39 7.42 -18.57 -6.56
C GLU A 39 8.27 -17.79 -5.56
N HIS A 40 8.45 -16.51 -5.84
CA HIS A 40 9.18 -15.62 -4.95
C HIS A 40 8.26 -14.50 -4.46
N ARG A 41 7.44 -14.82 -3.47
CA ARG A 41 6.49 -13.86 -2.93
C ARG A 41 7.15 -13.02 -1.84
N PRO A 42 6.60 -11.82 -1.57
CA PRO A 42 7.07 -10.95 -0.49
C PRO A 42 7.00 -11.66 0.86
N LEU A 43 7.89 -11.26 1.76
CA LEU A 43 8.04 -11.92 3.06
C LEU A 43 6.76 -11.90 3.88
N LEU A 44 5.85 -11.03 3.52
CA LEU A 44 4.54 -10.94 4.15
C LEU A 44 3.45 -10.79 3.12
N HIS A 45 2.36 -11.51 3.33
CA HIS A 45 1.21 -11.42 2.43
C HIS A 45 0.18 -10.45 2.98
N SER A 46 0.36 -10.11 4.25
CA SER A 46 -0.54 -9.20 4.93
C SER A 46 0.22 -8.48 6.05
N PHE A 47 1.01 -7.49 5.66
CA PHE A 47 1.84 -6.76 6.62
C PHE A 47 1.12 -5.51 7.12
N ILE A 48 1.63 -4.95 8.20
CA ILE A 48 1.00 -3.82 8.86
C ILE A 48 1.71 -2.53 8.47
N THR A 49 0.95 -1.53 8.08
CA THR A 49 1.52 -0.22 7.76
C THR A 49 0.75 0.85 8.52
N LEU A 50 1.48 1.67 9.27
CA LEU A 50 0.84 2.69 10.09
C LEU A 50 1.11 4.06 9.53
N PHE A 51 0.11 4.91 9.58
CA PHE A 51 0.22 6.25 9.03
C PHE A 51 0.12 7.29 10.14
N LYS A 52 1.20 8.04 10.34
CA LYS A 52 1.23 9.10 11.34
C LYS A 52 1.27 10.47 10.67
N LEU A 53 0.59 11.45 11.25
CA LEU A 53 0.62 12.80 10.71
C LEU A 53 1.88 13.52 11.15
N ARG A 54 2.75 13.80 10.17
CA ARG A 54 4.00 14.50 10.44
C ARG A 54 3.76 15.97 10.76
N ASP A 55 3.84 16.80 9.74
CA ASP A 55 3.68 18.23 9.93
C ASP A 55 2.22 18.60 10.05
N ASN A 56 1.45 18.33 9.00
CA ASN A 56 0.01 18.57 9.04
C ASN A 56 -0.75 17.51 8.25
N SER A 57 -0.13 16.95 7.23
CA SER A 57 -0.81 15.99 6.35
C SER A 57 0.14 14.90 5.86
N GLU A 58 1.44 15.15 5.89
CA GLU A 58 2.42 14.18 5.44
C GLU A 58 2.34 12.93 6.31
N PHE A 59 2.19 11.78 5.66
CA PHE A 59 1.98 10.53 6.36
C PHE A 59 3.28 9.78 6.58
N GLN A 60 3.56 9.47 7.82
CA GLN A 60 4.70 8.65 8.14
C GLN A 60 4.31 7.19 8.03
N VAL A 61 4.58 6.60 6.88
CA VAL A 61 4.22 5.23 6.61
C VAL A 61 5.20 4.29 7.27
N THR A 62 4.73 3.64 8.30
CA THR A 62 5.55 2.75 9.10
C THR A 62 5.17 1.31 8.85
N ASN A 63 6.01 0.59 8.11
CA ASN A 63 5.73 -0.79 7.81
C ASN A 63 6.35 -1.72 8.83
N SER A 64 5.52 -2.59 9.37
CA SER A 64 5.96 -3.62 10.28
C SER A 64 6.10 -4.93 9.52
N MET A 65 7.35 -5.31 9.28
CA MET A 65 7.64 -6.47 8.48
C MET A 65 8.12 -7.62 9.37
N THR A 66 7.22 -8.54 9.65
CA THR A 66 7.54 -9.67 10.50
C THR A 66 7.98 -10.87 9.68
N ARG A 67 9.12 -11.44 10.06
CA ARG A 67 9.60 -12.67 9.45
C ARG A 67 9.84 -13.69 10.54
N GLY A 68 8.76 -14.14 11.17
CA GLY A 68 8.87 -15.06 12.27
C GLY A 68 9.17 -14.34 13.56
N LYS A 69 10.32 -14.64 14.15
CA LYS A 69 10.72 -14.00 15.39
C LYS A 69 11.69 -12.85 15.10
N HIS A 70 11.66 -12.38 13.86
CA HIS A 70 12.47 -11.24 13.44
C HIS A 70 11.57 -10.18 12.84
N CYS A 71 11.42 -9.07 13.54
CA CYS A 71 10.56 -7.99 13.07
C CYS A 71 11.41 -6.83 12.57
N SER A 72 10.95 -6.18 11.50
CA SER A 72 11.66 -5.05 10.92
C SER A 72 10.68 -3.92 10.67
N THR A 73 10.98 -2.75 11.20
CA THR A 73 10.09 -1.61 11.05
C THR A 73 10.80 -0.41 10.46
N TRP A 74 10.24 0.13 9.40
CA TRP A 74 10.79 1.33 8.77
C TRP A 74 9.68 2.31 8.44
N SER A 75 10.01 3.60 8.47
CA SER A 75 9.03 4.64 8.22
C SER A 75 9.49 5.56 7.09
N TYR A 76 8.59 5.86 6.16
CA TYR A 76 8.84 6.86 5.14
C TYR A 76 7.86 8.02 5.29
N THR A 77 8.05 9.06 4.51
CA THR A 77 7.13 10.19 4.52
C THR A 77 6.40 10.28 3.18
N LEU A 78 5.10 10.10 3.21
CA LEU A 78 4.29 10.26 2.02
C LEU A 78 3.86 11.70 1.90
N ILE A 79 4.21 12.31 0.79
CA ILE A 79 4.01 13.74 0.60
C ILE A 79 2.77 14.00 -0.23
N PRO A 80 1.68 14.45 0.41
CA PRO A 80 0.44 14.79 -0.28
C PRO A 80 0.57 16.09 -1.06
N THR A 81 0.10 16.08 -2.30
CA THR A 81 0.16 17.27 -3.14
C THR A 81 -1.08 18.14 -2.90
N ASN A 82 -1.37 19.04 -3.82
CA ASN A 82 -2.59 19.82 -3.75
C ASN A 82 -3.80 18.96 -4.14
N LYS A 83 -3.52 17.74 -4.59
CA LYS A 83 -4.56 16.81 -4.97
C LYS A 83 -4.94 15.92 -3.79
N PRO A 84 -6.24 15.79 -3.49
CA PRO A 84 -6.71 14.91 -2.43
C PRO A 84 -6.54 13.44 -2.81
N GLY A 85 -5.45 12.84 -2.36
CA GLY A 85 -5.19 11.46 -2.67
C GLY A 85 -4.00 11.29 -3.58
N GLN A 86 -3.16 12.32 -3.67
CA GLN A 86 -1.95 12.27 -4.47
C GLN A 86 -0.74 12.46 -3.57
N PHE A 87 0.18 11.50 -3.61
CA PHE A 87 1.33 11.49 -2.73
C PHE A 87 2.60 11.12 -3.49
N THR A 88 3.73 11.44 -2.89
CA THR A 88 5.01 10.97 -3.36
C THR A 88 5.83 10.49 -2.17
N ARG A 89 6.48 9.35 -2.31
CA ARG A 89 7.24 8.77 -1.22
C ARG A 89 8.59 9.46 -1.09
N ASP A 90 8.73 10.28 -0.07
CA ASP A 90 9.99 10.94 0.21
C ASP A 90 10.94 9.96 0.90
N ASN A 91 12.05 9.66 0.23
CA ASN A 91 13.08 8.81 0.81
C ASN A 91 14.38 9.59 0.87
N ARG A 92 14.27 10.89 1.11
CA ARG A 92 15.43 11.79 1.07
C ARG A 92 16.30 11.65 2.32
N GLY A 93 16.59 10.41 2.68
CA GLY A 93 17.51 10.12 3.75
C GLY A 93 18.71 9.37 3.22
N SER A 94 18.49 8.57 2.19
CA SER A 94 19.56 7.85 1.54
C SER A 94 20.14 8.68 0.40
N GLY A 95 19.28 9.12 -0.51
CA GLY A 95 19.72 9.97 -1.60
C GLY A 95 19.54 9.33 -2.96
N PRO A 96 20.63 9.04 -3.68
CA PRO A 96 20.58 8.47 -5.03
C PRO A 96 20.05 7.05 -5.06
N GLY A 97 20.18 6.35 -3.94
CA GLY A 97 19.70 4.98 -3.85
C GLY A 97 18.34 4.90 -3.21
N ALA A 98 17.59 5.97 -3.31
CA ALA A 98 16.25 6.03 -2.76
C ALA A 98 15.21 5.83 -3.85
N ASP A 99 14.76 4.59 -4.00
CA ASP A 99 13.71 4.28 -4.95
C ASP A 99 12.44 5.04 -4.61
N LYS A 100 12.09 5.99 -5.45
CA LYS A 100 10.91 6.80 -5.23
C LYS A 100 9.66 6.02 -5.60
N GLU A 101 8.57 6.30 -4.92
CA GLU A 101 7.34 5.58 -5.14
C GLU A 101 6.18 6.57 -5.13
N ASN A 102 5.36 6.51 -6.16
CA ASN A 102 4.22 7.40 -6.27
C ASN A 102 3.00 6.75 -5.63
N ILE A 103 2.46 7.39 -4.60
CA ILE A 103 1.33 6.83 -3.88
C ILE A 103 0.08 7.64 -4.18
N GLN A 104 -0.98 6.97 -4.60
CA GLN A 104 -2.22 7.64 -4.94
C GLN A 104 -3.41 6.90 -4.32
N VAL A 105 -4.12 7.55 -3.42
CA VAL A 105 -5.27 6.94 -2.80
C VAL A 105 -6.48 7.01 -3.72
N ILE A 106 -6.93 5.85 -4.16
CA ILE A 106 -8.02 5.77 -5.12
C ILE A 106 -9.38 5.73 -4.42
N GLU A 107 -9.43 5.11 -3.25
CA GLU A 107 -10.69 4.94 -2.52
C GLU A 107 -10.45 4.56 -1.08
N THR A 108 -10.48 5.53 -0.20
CA THR A 108 -10.21 5.25 1.21
C THR A 108 -11.46 5.45 2.08
N ASP A 109 -11.65 4.51 2.98
CA ASP A 109 -12.66 4.59 4.02
C ASP A 109 -12.07 4.08 5.30
N TYR A 110 -11.59 4.99 6.14
CA TYR A 110 -10.91 4.63 7.39
C TYR A 110 -11.72 3.67 8.27
N VAL A 111 -13.02 3.60 8.04
CA VAL A 111 -13.89 2.74 8.84
C VAL A 111 -13.92 1.29 8.31
N LYS A 112 -13.45 1.08 7.09
CA LYS A 112 -13.54 -0.24 6.47
C LYS A 112 -12.25 -0.63 5.72
N PHE A 113 -11.84 0.15 4.73
CA PHE A 113 -10.67 -0.22 3.93
C PHE A 113 -10.07 0.98 3.23
N ALA A 114 -9.00 0.74 2.49
CA ALA A 114 -8.33 1.78 1.73
C ALA A 114 -7.65 1.23 0.50
N LEU A 115 -8.07 1.72 -0.66
CA LEU A 115 -7.46 1.36 -1.92
C LEU A 115 -6.35 2.33 -2.25
N VAL A 116 -5.12 1.88 -2.13
CA VAL A 116 -3.97 2.71 -2.41
C VAL A 116 -3.21 2.18 -3.64
N LEU A 117 -3.19 3.00 -4.66
CA LEU A 117 -2.50 2.70 -5.90
C LEU A 117 -1.12 3.35 -5.83
N SER A 118 -0.09 2.62 -6.15
CA SER A 118 1.24 3.17 -6.00
C SER A 118 2.20 2.60 -7.05
N LEU A 119 2.90 3.50 -7.73
CA LEU A 119 3.82 3.12 -8.77
C LEU A 119 5.24 3.40 -8.31
N ARG A 120 6.03 2.35 -8.19
CA ARG A 120 7.37 2.45 -7.64
C ARG A 120 8.39 2.65 -8.76
N GLN A 121 9.22 3.65 -8.59
CA GLN A 121 10.29 3.93 -9.54
C GLN A 121 11.57 3.28 -9.05
N ALA A 122 11.99 2.23 -9.75
CA ALA A 122 13.18 1.48 -9.37
C ALA A 122 14.33 1.82 -10.31
N SER A 123 14.14 2.89 -11.05
CA SER A 123 15.14 3.41 -11.99
C SER A 123 15.22 2.55 -13.24
N ASN A 124 15.71 1.33 -13.04
CA ASN A 124 15.87 0.38 -14.13
C ASN A 124 14.52 -0.03 -14.71
N GLN A 125 13.50 -0.02 -13.87
CA GLN A 125 12.14 -0.30 -14.30
C GLN A 125 11.13 0.38 -13.39
N ASN A 126 9.93 0.59 -13.90
CA ASN A 126 8.85 1.16 -13.10
C ASN A 126 7.84 0.07 -12.78
N ILE A 127 7.53 -0.03 -11.51
CA ILE A 127 6.65 -1.07 -11.03
C ILE A 127 5.27 -0.51 -10.71
N THR A 128 4.25 -1.02 -11.38
CA THR A 128 2.89 -0.70 -11.02
C THR A 128 2.45 -1.58 -9.85
N ARG A 129 2.03 -0.94 -8.78
CA ARG A 129 1.67 -1.63 -7.55
C ARG A 129 0.32 -1.15 -7.03
N VAL A 130 -0.45 -2.08 -6.48
CA VAL A 130 -1.69 -1.76 -5.83
C VAL A 130 -1.74 -2.40 -4.45
N SER A 131 -2.18 -1.65 -3.45
CA SER A 131 -2.29 -2.15 -2.11
C SER A 131 -3.72 -2.03 -1.60
N LEU A 132 -4.25 -3.12 -1.09
CA LEU A 132 -5.59 -3.14 -0.53
C LEU A 132 -5.49 -3.18 0.99
N LEU A 133 -5.64 -2.01 1.59
CA LEU A 133 -5.53 -1.89 3.04
C LEU A 133 -6.89 -2.06 3.68
N GLY A 134 -6.91 -2.57 4.89
CA GLY A 134 -8.14 -2.81 5.60
C GLY A 134 -8.00 -2.57 7.09
N ARG A 135 -9.10 -2.68 7.80
CA ARG A 135 -9.11 -2.43 9.23
C ARG A 135 -8.86 -3.72 9.97
N ASP A 136 -9.19 -4.82 9.31
CA ASP A 136 -8.98 -6.16 9.81
C ASP A 136 -8.65 -7.07 8.64
N TRP A 137 -8.12 -8.25 8.92
CA TRP A 137 -7.64 -9.13 7.85
C TRP A 137 -8.69 -10.19 7.46
N LYS A 138 -9.95 -9.90 7.71
CA LYS A 138 -11.04 -10.79 7.32
C LYS A 138 -12.02 -10.07 6.43
N ILE A 139 -11.48 -9.35 5.46
CA ILE A 139 -12.30 -8.59 4.53
C ILE A 139 -13.08 -9.51 3.58
N THR A 140 -14.23 -9.04 3.14
CA THR A 140 -15.12 -9.82 2.29
C THR A 140 -14.83 -9.56 0.82
N HIS A 141 -15.26 -10.48 -0.05
CA HIS A 141 -15.00 -10.37 -1.49
C HIS A 141 -15.64 -9.11 -2.07
N LYS A 142 -16.70 -8.61 -1.45
CA LYS A 142 -17.31 -7.35 -1.87
C LYS A 142 -16.24 -6.26 -1.84
N THR A 143 -15.52 -6.20 -0.73
CA THR A 143 -14.47 -5.23 -0.53
C THR A 143 -13.22 -5.60 -1.34
N ILE A 144 -12.96 -6.90 -1.45
CA ILE A 144 -11.84 -7.40 -2.25
C ILE A 144 -11.99 -6.99 -3.72
N ASP A 145 -13.24 -7.05 -4.20
CA ASP A 145 -13.55 -6.72 -5.59
C ASP A 145 -13.07 -5.32 -5.97
N ARG A 146 -13.12 -4.42 -4.99
CA ARG A 146 -12.64 -3.05 -5.18
C ARG A 146 -11.17 -3.05 -5.57
N PHE A 147 -10.39 -3.89 -4.91
CA PHE A 147 -8.97 -4.01 -5.20
C PHE A 147 -8.75 -4.76 -6.50
N ILE A 148 -9.59 -5.75 -6.77
CA ILE A 148 -9.52 -6.53 -7.99
C ILE A 148 -9.63 -5.61 -9.20
N ALA A 149 -10.56 -4.67 -9.12
CA ALA A 149 -10.77 -3.70 -10.18
C ALA A 149 -9.50 -2.93 -10.48
N LEU A 150 -8.77 -2.57 -9.43
CA LEU A 150 -7.53 -1.82 -9.58
C LEU A 150 -6.48 -2.65 -10.30
N THR A 151 -6.36 -3.92 -9.93
CA THR A 151 -5.36 -4.79 -10.53
C THR A 151 -5.65 -4.95 -12.02
N LYS A 152 -6.93 -4.94 -12.36
CA LYS A 152 -7.37 -5.05 -13.74
C LYS A 152 -6.93 -3.83 -14.54
N THR A 153 -7.23 -2.65 -14.01
CA THR A 153 -6.97 -1.40 -14.68
C THR A 153 -5.47 -1.11 -14.75
N GLN A 154 -4.74 -1.58 -13.75
CA GLN A 154 -3.31 -1.32 -13.64
C GLN A 154 -2.49 -2.32 -14.47
N ASN A 155 -3.19 -3.19 -15.20
CA ASN A 155 -2.57 -4.16 -16.10
C ASN A 155 -1.80 -5.20 -15.30
N LEU A 156 -2.27 -5.46 -14.10
CA LEU A 156 -1.60 -6.41 -13.22
C LEU A 156 -2.31 -7.76 -13.30
N THR A 157 -1.52 -8.79 -13.50
CA THR A 157 -2.04 -10.11 -13.80
C THR A 157 -2.59 -10.78 -12.54
N LYS A 158 -3.45 -11.78 -12.70
CA LYS A 158 -4.05 -12.47 -11.56
C LYS A 158 -2.97 -13.15 -10.71
N ASN A 159 -1.85 -13.46 -11.35
CA ASN A 159 -0.69 -14.03 -10.66
C ASN A 159 -0.16 -13.04 -9.63
N ASN A 160 -0.40 -11.77 -9.87
CA ASN A 160 0.14 -10.70 -9.03
C ASN A 160 -0.76 -10.44 -7.84
N LEU A 161 -1.96 -11.01 -7.85
CA LEU A 161 -2.94 -10.79 -6.80
C LEU A 161 -2.58 -11.56 -5.52
N LEU A 162 -2.06 -10.84 -4.55
CA LEU A 162 -1.75 -11.40 -3.25
C LEU A 162 -2.89 -11.16 -2.29
N PHE A 163 -3.34 -12.23 -1.63
CA PHE A 163 -4.41 -12.15 -0.66
C PHE A 163 -3.95 -12.73 0.68
N PRO A 164 -4.64 -12.39 1.78
CA PRO A 164 -4.28 -12.89 3.11
C PRO A 164 -4.41 -14.41 3.20
N ASP A 165 -3.33 -15.04 3.61
CA ASP A 165 -3.32 -16.48 3.83
C ASP A 165 -3.31 -16.78 5.32
N LEU A 166 -2.68 -15.85 6.06
CA LEU A 166 -2.72 -15.84 7.52
C LEU A 166 -2.07 -17.06 8.14
N THR A 167 -1.19 -17.71 7.39
CA THR A 167 -0.52 -18.91 7.85
C THR A 167 0.50 -18.59 8.94
N ASP A 168 1.45 -17.73 8.61
CA ASP A 168 2.49 -17.34 9.54
C ASP A 168 2.06 -16.10 10.32
N TRP A 169 0.75 -16.00 10.54
CA TRP A 169 0.20 -14.88 11.30
C TRP A 169 -0.30 -15.36 12.66
N LEU A 170 0.06 -16.59 13.00
CA LEU A 170 -0.31 -17.15 14.28
C LEU A 170 0.89 -17.11 15.22
N LEU A 171 1.69 -16.08 15.06
CA LEU A 171 2.84 -15.84 15.92
C LEU A 171 2.36 -15.57 17.34
N ASP A 172 2.57 -16.55 18.20
CA ASP A 172 2.06 -16.51 19.57
C ASP A 172 2.67 -15.37 20.38
N PRO A 173 4.02 -15.28 20.49
CA PRO A 173 4.65 -14.20 21.26
C PRO A 173 4.52 -12.84 20.59
N LYS A 174 4.57 -12.82 19.25
CA LYS A 174 4.54 -11.58 18.49
C LYS A 174 5.60 -10.61 18.98
N VAL A 175 6.85 -10.91 18.66
CA VAL A 175 7.97 -10.09 19.09
C VAL A 175 8.34 -9.05 18.02
N CYS A 176 8.47 -7.81 18.44
CA CYS A 176 8.86 -6.74 17.55
C CYS A 176 9.34 -5.55 18.37
N GLY A 2 -0.02 12.88 -19.50
CA GLY A 2 -0.83 13.77 -18.64
C GLY A 2 -0.46 13.62 -17.19
N GLN A 3 -1.44 13.66 -16.32
CA GLN A 3 -1.19 13.49 -14.89
C GLN A 3 -1.86 12.22 -14.39
N SER A 4 -2.10 11.29 -15.30
CA SER A 4 -2.72 10.02 -14.96
C SER A 4 -1.93 8.84 -15.53
N PRO A 5 -0.78 8.53 -14.91
CA PRO A 5 0.11 7.45 -15.38
C PRO A 5 -0.61 6.12 -15.49
N THR A 6 -1.15 5.65 -14.37
CA THR A 6 -1.89 4.40 -14.35
C THR A 6 -3.16 4.58 -13.52
N MET A 7 -3.84 5.70 -13.72
CA MET A 7 -5.05 6.03 -12.99
C MET A 7 -6.22 5.15 -13.44
N PRO A 8 -6.81 4.40 -12.51
CA PRO A 8 -7.90 3.47 -12.80
C PRO A 8 -9.20 4.15 -13.24
N GLN A 9 -10.00 3.42 -14.00
CA GLN A 9 -11.31 3.90 -14.42
C GLN A 9 -12.37 3.40 -13.45
N GLY A 10 -13.41 4.21 -13.27
CA GLY A 10 -14.51 3.82 -12.40
C GLY A 10 -14.44 4.52 -11.06
N PHE A 11 -13.26 4.49 -10.45
CA PHE A 11 -13.06 5.15 -9.18
C PHE A 11 -12.90 6.65 -9.38
N SER A 12 -13.14 7.40 -8.32
CA SER A 12 -13.04 8.85 -8.37
C SER A 12 -12.13 9.35 -7.28
N GLN A 13 -11.25 10.28 -7.64
CA GLN A 13 -10.34 10.90 -6.69
C GLN A 13 -11.13 11.50 -5.53
N MET A 14 -10.86 11.02 -4.33
CA MET A 14 -11.56 11.45 -3.13
C MET A 14 -11.47 12.96 -2.97
N THR A 15 -12.62 13.61 -2.95
CA THR A 15 -12.70 15.05 -2.80
C THR A 15 -12.26 15.48 -1.40
N SER A 16 -12.31 14.55 -0.46
CA SER A 16 -11.92 14.85 0.91
C SER A 16 -11.10 13.71 1.50
N PHE A 17 -9.98 14.07 2.12
CA PHE A 17 -9.11 13.09 2.76
C PHE A 17 -8.76 13.54 4.16
N GLN A 18 -9.13 12.74 5.14
CA GLN A 18 -8.87 13.06 6.54
C GLN A 18 -7.69 12.23 7.04
N SER A 19 -6.51 12.83 7.03
CA SER A 19 -5.28 12.13 7.36
C SER A 19 -5.32 11.58 8.79
N ASN A 20 -5.90 12.35 9.71
CA ASN A 20 -5.98 11.95 11.11
C ASN A 20 -6.88 10.72 11.26
N LYS A 21 -7.79 10.54 10.33
CA LYS A 21 -8.68 9.40 10.33
C LYS A 21 -8.03 8.20 9.66
N PHE A 22 -7.28 8.46 8.60
CA PHE A 22 -6.64 7.41 7.83
C PHE A 22 -5.50 6.77 8.61
N GLN A 23 -4.86 7.52 9.49
CA GLN A 23 -3.75 7.01 10.26
C GLN A 23 -4.17 5.85 11.16
N GLY A 24 -3.22 4.97 11.43
CA GLY A 24 -3.48 3.80 12.23
C GLY A 24 -2.83 2.57 11.64
N GLU A 25 -3.29 1.40 12.06
CA GLU A 25 -2.77 0.15 11.51
C GLU A 25 -3.56 -0.28 10.28
N TRP A 26 -2.84 -0.83 9.32
CA TRP A 26 -3.44 -1.32 8.08
C TRP A 26 -2.81 -2.64 7.67
N PHE A 27 -3.65 -3.65 7.46
CA PHE A 27 -3.18 -4.94 7.00
C PHE A 27 -3.29 -5.01 5.48
N VAL A 28 -2.20 -5.34 4.81
CA VAL A 28 -2.22 -5.44 3.37
C VAL A 28 -2.77 -6.80 2.96
N LEU A 29 -4.04 -6.82 2.59
CA LEU A 29 -4.72 -8.06 2.23
C LEU A 29 -4.68 -8.28 0.73
N GLY A 30 -4.46 -7.19 0.00
CA GLY A 30 -4.35 -7.28 -1.43
C GLY A 30 -3.01 -6.79 -1.90
N LEU A 31 -2.17 -7.69 -2.33
CA LEU A 31 -0.85 -7.35 -2.81
C LEU A 31 -0.71 -7.71 -4.28
N ALA A 32 -0.54 -6.71 -5.12
CA ALA A 32 -0.41 -6.95 -6.54
C ALA A 32 0.73 -6.13 -7.13
N ASP A 33 1.63 -6.81 -7.80
CA ASP A 33 2.79 -6.16 -8.43
C ASP A 33 2.94 -6.62 -9.86
N ASN A 34 3.34 -5.69 -10.72
CA ASN A 34 3.59 -5.98 -12.14
C ASN A 34 4.80 -6.89 -12.33
N THR A 35 5.35 -7.36 -11.23
CA THR A 35 6.52 -8.23 -11.26
C THR A 35 6.37 -9.31 -10.19
N TYR A 36 5.12 -9.55 -9.78
CA TYR A 36 4.85 -10.50 -8.70
C TYR A 36 4.38 -11.83 -9.27
N LYS A 37 4.86 -12.91 -8.69
CA LYS A 37 4.48 -14.25 -9.11
C LYS A 37 3.67 -14.94 -8.01
N ARG A 38 2.56 -15.55 -8.40
CA ARG A 38 1.71 -16.30 -7.48
C ARG A 38 2.45 -17.51 -6.92
N GLU A 39 3.49 -17.94 -7.64
CA GLU A 39 4.30 -19.07 -7.22
C GLU A 39 5.52 -18.58 -6.44
N HIS A 40 5.62 -17.27 -6.31
CA HIS A 40 6.68 -16.65 -5.54
C HIS A 40 6.07 -15.81 -4.43
N ARG A 41 5.68 -16.49 -3.36
CA ARG A 41 5.00 -15.87 -2.25
C ARG A 41 5.95 -14.98 -1.46
N PRO A 42 5.42 -13.89 -0.87
CA PRO A 42 6.21 -12.97 -0.05
C PRO A 42 6.86 -13.66 1.14
N LEU A 43 7.89 -13.00 1.67
CA LEU A 43 8.69 -13.52 2.78
C LEU A 43 7.86 -13.78 4.03
N LEU A 44 6.64 -13.29 4.03
CA LEU A 44 5.73 -13.48 5.14
C LEU A 44 4.29 -13.66 4.66
N HIS A 45 3.40 -13.95 5.60
CA HIS A 45 1.98 -13.97 5.33
C HIS A 45 1.31 -12.75 5.95
N SER A 46 2.05 -12.10 6.83
CA SER A 46 1.53 -10.95 7.54
C SER A 46 2.24 -9.67 7.09
N PHE A 47 1.77 -9.11 6.00
CA PHE A 47 2.35 -7.88 5.47
C PHE A 47 1.56 -6.69 6.02
N ILE A 48 2.14 -6.03 7.01
CA ILE A 48 1.45 -4.94 7.70
C ILE A 48 2.18 -3.62 7.47
N THR A 49 1.42 -2.55 7.30
CA THR A 49 2.00 -1.22 7.17
C THR A 49 1.18 -0.23 7.98
N LEU A 50 1.87 0.63 8.72
CA LEU A 50 1.20 1.58 9.59
C LEU A 50 1.44 2.99 9.11
N PHE A 51 0.36 3.66 8.83
CA PHE A 51 0.41 5.05 8.41
C PHE A 51 0.15 5.95 9.61
N LYS A 52 1.19 6.61 10.09
CA LYS A 52 1.09 7.48 11.24
C LYS A 52 1.32 8.92 10.83
N LEU A 53 0.61 9.83 11.47
CA LEU A 53 0.72 11.25 11.11
C LEU A 53 2.09 11.81 11.48
N ARG A 54 2.83 12.16 10.44
CA ARG A 54 4.16 12.73 10.55
C ARG A 54 4.11 14.11 11.18
N ASP A 55 3.33 14.99 10.57
CA ASP A 55 3.16 16.34 11.07
C ASP A 55 1.70 16.74 11.08
N ASN A 56 1.13 16.94 9.89
CA ASN A 56 -0.28 17.32 9.79
C ASN A 56 -1.02 16.47 8.76
N SER A 57 -0.28 15.87 7.84
CA SER A 57 -0.91 15.11 6.77
C SER A 57 0.05 14.07 6.22
N GLU A 58 1.34 14.40 6.23
CA GLU A 58 2.38 13.47 5.79
C GLU A 58 2.27 12.18 6.58
N PHE A 59 2.38 11.05 5.90
CA PHE A 59 2.26 9.77 6.56
C PHE A 59 3.61 9.10 6.72
N GLN A 60 3.96 8.83 7.96
CA GLN A 60 5.13 8.02 8.23
C GLN A 60 4.76 6.56 8.08
N VAL A 61 5.02 6.03 6.90
CA VAL A 61 4.65 4.67 6.56
C VAL A 61 5.63 3.69 7.17
N THR A 62 5.14 2.97 8.16
CA THR A 62 5.96 2.02 8.88
C THR A 62 5.56 0.60 8.52
N ASN A 63 6.36 -0.06 7.71
CA ASN A 63 6.07 -1.42 7.34
C ASN A 63 6.59 -2.37 8.39
N SER A 64 5.69 -3.15 8.95
CA SER A 64 6.04 -4.15 9.93
C SER A 64 6.10 -5.49 9.24
N MET A 65 7.29 -5.98 9.02
CA MET A 65 7.48 -7.24 8.35
C MET A 65 7.74 -8.32 9.38
N THR A 66 6.69 -9.04 9.72
CA THR A 66 6.75 -10.03 10.77
C THR A 66 6.88 -11.43 10.18
N ARG A 67 8.05 -12.04 10.36
CA ARG A 67 8.28 -13.39 9.92
C ARG A 67 8.53 -14.30 11.12
N GLY A 68 7.46 -14.71 11.77
CA GLY A 68 7.58 -15.57 12.93
C GLY A 68 8.20 -14.85 14.11
N LYS A 69 9.40 -15.26 14.47
CA LYS A 69 10.10 -14.71 15.61
C LYS A 69 11.13 -13.69 15.16
N HIS A 70 10.93 -13.12 13.98
CA HIS A 70 11.80 -12.09 13.47
C HIS A 70 10.94 -11.01 12.80
N CYS A 71 10.95 -9.83 13.37
CA CYS A 71 10.14 -8.73 12.85
C CYS A 71 11.03 -7.58 12.43
N SER A 72 10.89 -7.18 11.18
CA SER A 72 11.69 -6.09 10.62
C SER A 72 10.80 -4.92 10.26
N THR A 73 11.11 -3.76 10.81
CA THR A 73 10.28 -2.59 10.63
C THR A 73 11.09 -1.42 10.08
N TRP A 74 10.51 -0.72 9.11
CA TRP A 74 11.13 0.50 8.58
C TRP A 74 10.04 1.53 8.29
N SER A 75 10.40 2.80 8.39
CA SER A 75 9.44 3.88 8.24
C SER A 75 9.90 4.89 7.20
N TYR A 76 9.00 5.26 6.30
CA TYR A 76 9.29 6.30 5.31
C TYR A 76 8.37 7.50 5.54
N THR A 77 8.54 8.53 4.73
CA THR A 77 7.70 9.72 4.82
C THR A 77 6.96 9.94 3.51
N LEU A 78 5.64 9.77 3.53
CA LEU A 78 4.81 10.03 2.36
C LEU A 78 4.32 11.47 2.39
N ILE A 79 4.57 12.17 1.30
CA ILE A 79 4.27 13.60 1.23
C ILE A 79 3.03 13.85 0.36
N PRO A 80 1.95 14.33 0.97
CA PRO A 80 0.73 14.69 0.25
C PRO A 80 0.90 16.00 -0.52
N THR A 81 0.48 16.00 -1.78
CA THR A 81 0.59 17.16 -2.64
C THR A 81 -0.62 18.07 -2.49
N ASN A 82 -0.86 18.92 -3.48
CA ASN A 82 -2.07 19.74 -3.50
C ASN A 82 -3.30 18.87 -3.77
N LYS A 83 -3.07 17.61 -4.07
CA LYS A 83 -4.15 16.68 -4.34
C LYS A 83 -4.46 15.82 -3.12
N PRO A 84 -5.74 15.78 -2.68
CA PRO A 84 -6.17 14.98 -1.55
C PRO A 84 -6.12 13.49 -1.88
N GLY A 85 -5.06 12.83 -1.48
CA GLY A 85 -4.90 11.43 -1.80
C GLY A 85 -3.74 11.19 -2.75
N GLN A 86 -2.91 12.22 -2.92
CA GLN A 86 -1.74 12.11 -3.77
C GLN A 86 -0.48 12.33 -2.94
N PHE A 87 0.33 11.29 -2.87
CA PHE A 87 1.52 11.28 -2.03
C PHE A 87 2.74 10.88 -2.83
N THR A 88 3.91 11.24 -2.34
CA THR A 88 5.16 10.78 -2.88
C THR A 88 6.09 10.39 -1.75
N ARG A 89 6.84 9.30 -1.93
CA ARG A 89 7.80 8.90 -0.92
C ARG A 89 8.97 9.86 -0.91
N ASP A 90 9.07 10.65 0.16
CA ASP A 90 10.15 11.61 0.30
C ASP A 90 11.49 10.89 0.44
N ASN A 91 12.40 11.19 -0.48
CA ASN A 91 13.69 10.49 -0.56
C ASN A 91 14.79 11.46 -0.92
N ARG A 92 14.43 12.74 -0.93
CA ARG A 92 15.36 13.78 -1.33
C ARG A 92 16.49 13.94 -0.32
N GLY A 93 16.30 13.39 0.87
CA GLY A 93 17.35 13.37 1.86
C GLY A 93 17.74 11.95 2.22
N SER A 94 17.44 11.05 1.30
CA SER A 94 17.72 9.63 1.47
C SER A 94 18.74 9.18 0.44
N GLY A 95 19.01 10.06 -0.52
CA GLY A 95 19.95 9.74 -1.58
C GLY A 95 19.38 10.08 -2.94
N PRO A 96 20.20 10.68 -3.83
CA PRO A 96 19.80 10.96 -5.22
C PRO A 96 19.35 9.70 -5.94
N GLY A 97 19.87 8.56 -5.52
CA GLY A 97 19.50 7.29 -6.11
C GLY A 97 18.49 6.55 -5.26
N ALA A 98 17.75 7.28 -4.44
CA ALA A 98 16.69 6.70 -3.66
C ALA A 98 15.41 6.67 -4.47
N ASP A 99 15.14 5.52 -5.08
CA ASP A 99 13.96 5.34 -5.93
C ASP A 99 12.71 5.76 -5.20
N LYS A 100 12.05 6.78 -5.72
CA LYS A 100 10.84 7.29 -5.12
C LYS A 100 9.64 6.49 -5.57
N GLU A 101 8.54 6.69 -4.88
CA GLU A 101 7.33 5.96 -5.16
C GLU A 101 6.14 6.90 -5.04
N ASN A 102 5.22 6.79 -5.98
CA ASN A 102 4.03 7.63 -5.97
C ASN A 102 2.90 6.89 -5.29
N ILE A 103 2.44 7.44 -4.18
CA ILE A 103 1.40 6.80 -3.39
C ILE A 103 0.10 7.56 -3.57
N GLN A 104 -0.83 6.93 -4.23
CA GLN A 104 -2.11 7.58 -4.52
C GLN A 104 -3.25 6.75 -3.96
N VAL A 105 -3.92 7.28 -2.95
CA VAL A 105 -5.06 6.60 -2.37
C VAL A 105 -6.26 6.76 -3.30
N ILE A 106 -6.59 5.70 -4.00
CA ILE A 106 -7.67 5.72 -4.99
C ILE A 106 -9.03 5.72 -4.32
N GLU A 107 -9.15 5.00 -3.22
CA GLU A 107 -10.42 4.88 -2.51
C GLU A 107 -10.21 4.29 -1.12
N THR A 108 -10.36 5.11 -0.10
CA THR A 108 -10.22 4.60 1.24
C THR A 108 -11.44 4.91 2.10
N ASP A 109 -11.91 3.88 2.77
CA ASP A 109 -12.91 4.03 3.80
C ASP A 109 -12.23 3.70 5.12
N TYR A 110 -12.02 4.71 5.94
CA TYR A 110 -11.30 4.55 7.21
C TYR A 110 -11.99 3.52 8.10
N VAL A 111 -13.26 3.27 7.85
CA VAL A 111 -14.03 2.30 8.62
C VAL A 111 -14.17 0.98 7.88
N LYS A 112 -13.44 0.80 6.80
CA LYS A 112 -13.51 -0.40 5.98
C LYS A 112 -12.13 -0.82 5.47
N PHE A 113 -11.64 -0.09 4.47
CA PHE A 113 -10.43 -0.51 3.77
C PHE A 113 -9.71 0.68 3.15
N ALA A 114 -8.63 0.39 2.45
CA ALA A 114 -7.87 1.43 1.77
C ALA A 114 -7.28 0.89 0.47
N LEU A 115 -7.73 1.45 -0.64
CA LEU A 115 -7.16 1.14 -1.94
C LEU A 115 -6.08 2.14 -2.28
N VAL A 116 -4.84 1.70 -2.21
CA VAL A 116 -3.71 2.57 -2.46
C VAL A 116 -2.90 2.09 -3.66
N LEU A 117 -2.80 2.96 -4.64
CA LEU A 117 -2.07 2.71 -5.86
C LEU A 117 -0.70 3.37 -5.72
N SER A 118 0.37 2.59 -5.82
CA SER A 118 1.70 3.15 -5.64
C SER A 118 2.71 2.52 -6.58
N LEU A 119 3.38 3.35 -7.38
CA LEU A 119 4.39 2.87 -8.31
C LEU A 119 5.77 3.36 -7.88
N ARG A 120 6.72 2.46 -7.87
CA ARG A 120 8.10 2.83 -7.57
C ARG A 120 8.82 3.17 -8.86
N GLN A 121 9.19 4.44 -9.00
CA GLN A 121 9.83 4.90 -10.22
C GLN A 121 11.31 4.59 -10.16
N ALA A 122 11.75 3.63 -10.96
CA ALA A 122 13.15 3.26 -11.01
C ALA A 122 13.74 3.61 -12.37
N SER A 123 14.96 3.14 -12.63
CA SER A 123 15.67 3.51 -13.84
C SER A 123 15.08 2.82 -15.08
N ASN A 124 15.18 1.50 -15.13
CA ASN A 124 14.82 0.75 -16.32
C ASN A 124 13.30 0.62 -16.44
N GLN A 125 12.62 0.76 -15.31
CA GLN A 125 11.18 0.56 -15.25
C GLN A 125 10.62 1.14 -13.97
N ASN A 126 9.33 1.42 -13.97
CA ASN A 126 8.63 1.76 -12.75
C ASN A 126 7.72 0.61 -12.36
N ILE A 127 7.73 0.28 -11.08
CA ILE A 127 7.03 -0.89 -10.60
C ILE A 127 5.61 -0.54 -10.22
N THR A 128 4.67 -1.15 -10.91
CA THR A 128 3.27 -0.95 -10.60
C THR A 128 2.86 -1.85 -9.46
N ARG A 129 2.46 -1.26 -8.34
CA ARG A 129 1.98 -2.03 -7.21
C ARG A 129 0.63 -1.52 -6.76
N VAL A 130 -0.21 -2.46 -6.36
CA VAL A 130 -1.55 -2.16 -5.88
C VAL A 130 -1.69 -2.72 -4.47
N SER A 131 -2.05 -1.88 -3.52
CA SER A 131 -2.18 -2.30 -2.15
C SER A 131 -3.62 -2.18 -1.66
N LEU A 132 -4.17 -3.31 -1.24
CA LEU A 132 -5.50 -3.36 -0.66
C LEU A 132 -5.38 -3.49 0.85
N LEU A 133 -5.50 -2.38 1.54
CA LEU A 133 -5.34 -2.33 2.98
C LEU A 133 -6.69 -2.53 3.66
N GLY A 134 -6.65 -3.18 4.81
CA GLY A 134 -7.85 -3.36 5.60
C GLY A 134 -7.58 -3.21 7.07
N ARG A 135 -8.62 -2.96 7.84
CA ARG A 135 -8.47 -2.81 9.28
C ARG A 135 -8.38 -4.17 9.93
N ASP A 136 -8.98 -5.15 9.27
CA ASP A 136 -8.92 -6.54 9.70
C ASP A 136 -8.81 -7.44 8.48
N TRP A 137 -8.30 -8.64 8.70
CA TRP A 137 -7.94 -9.52 7.60
C TRP A 137 -9.13 -10.34 7.11
N LYS A 138 -10.27 -10.19 7.77
CA LYS A 138 -11.49 -10.89 7.37
C LYS A 138 -12.32 -10.01 6.43
N ILE A 139 -11.67 -9.49 5.41
CA ILE A 139 -12.33 -8.68 4.41
C ILE A 139 -13.11 -9.57 3.43
N THR A 140 -14.19 -9.04 2.90
CA THR A 140 -15.09 -9.81 2.05
C THR A 140 -14.78 -9.56 0.58
N HIS A 141 -15.33 -10.40 -0.29
CA HIS A 141 -15.08 -10.30 -1.73
C HIS A 141 -15.63 -8.98 -2.26
N LYS A 142 -16.62 -8.43 -1.59
CA LYS A 142 -17.13 -7.10 -1.93
C LYS A 142 -15.99 -6.08 -1.90
N THR A 143 -15.22 -6.14 -0.83
CA THR A 143 -14.08 -5.26 -0.65
C THR A 143 -12.92 -5.66 -1.57
N ILE A 144 -12.73 -6.98 -1.68
CA ILE A 144 -11.68 -7.54 -2.54
C ILE A 144 -11.87 -7.14 -4.00
N ASP A 145 -13.11 -7.18 -4.46
CA ASP A 145 -13.45 -6.90 -5.85
C ASP A 145 -12.97 -5.53 -6.30
N ARG A 146 -13.03 -4.56 -5.39
CA ARG A 146 -12.58 -3.21 -5.70
C ARG A 146 -11.08 -3.17 -5.93
N PHE A 147 -10.35 -4.03 -5.23
CA PHE A 147 -8.92 -4.14 -5.43
C PHE A 147 -8.61 -4.83 -6.75
N ILE A 148 -9.42 -5.83 -7.09
CA ILE A 148 -9.27 -6.55 -8.35
C ILE A 148 -9.38 -5.58 -9.51
N ALA A 149 -10.36 -4.69 -9.42
CA ALA A 149 -10.61 -3.68 -10.44
C ALA A 149 -9.36 -2.84 -10.68
N LEU A 150 -8.73 -2.39 -9.60
CA LEU A 150 -7.51 -1.62 -9.69
C LEU A 150 -6.43 -2.38 -10.46
N THR A 151 -6.17 -3.61 -10.05
CA THR A 151 -5.08 -4.38 -10.63
C THR A 151 -5.25 -4.51 -12.14
N LYS A 152 -6.50 -4.58 -12.57
CA LYS A 152 -6.81 -4.65 -13.99
C LYS A 152 -6.34 -3.39 -14.70
N THR A 153 -6.66 -2.24 -14.12
CA THR A 153 -6.30 -0.96 -14.71
C THR A 153 -4.81 -0.66 -14.51
N GLN A 154 -4.19 -1.37 -13.56
CA GLN A 154 -2.76 -1.22 -13.29
C GLN A 154 -1.93 -2.11 -14.22
N ASN A 155 -2.60 -2.70 -15.22
CA ASN A 155 -1.95 -3.52 -16.25
C ASN A 155 -1.42 -4.81 -15.62
N LEU A 156 -2.11 -5.27 -14.60
CA LEU A 156 -1.72 -6.49 -13.92
C LEU A 156 -2.58 -7.65 -14.40
N THR A 157 -2.37 -8.81 -13.81
CA THR A 157 -3.04 -10.01 -14.24
C THR A 157 -3.33 -10.91 -13.04
N LYS A 158 -3.99 -12.04 -13.28
CA LYS A 158 -4.38 -12.96 -12.21
C LYS A 158 -3.16 -13.42 -11.42
N ASN A 159 -2.06 -13.64 -12.11
CA ASN A 159 -0.81 -14.12 -11.51
C ASN A 159 -0.24 -13.06 -10.55
N ASN A 160 -0.60 -11.81 -10.77
CA ASN A 160 -0.05 -10.69 -10.00
C ASN A 160 -0.84 -10.49 -8.72
N LEU A 161 -1.90 -11.28 -8.54
CA LEU A 161 -2.76 -11.17 -7.37
C LEU A 161 -2.24 -12.05 -6.23
N LEU A 162 -1.77 -11.42 -5.18
CA LEU A 162 -1.27 -12.13 -4.02
C LEU A 162 -2.11 -11.77 -2.80
N PHE A 163 -2.77 -12.76 -2.24
CA PHE A 163 -3.59 -12.55 -1.04
C PHE A 163 -2.98 -13.29 0.15
N PRO A 164 -2.43 -12.53 1.11
CA PRO A 164 -1.81 -13.07 2.33
C PRO A 164 -2.72 -14.02 3.10
N ASP A 165 -2.20 -15.21 3.38
CA ASP A 165 -2.94 -16.24 4.09
C ASP A 165 -2.76 -16.08 5.60
N LEU A 166 -3.70 -15.43 6.26
CA LEU A 166 -3.64 -15.23 7.70
C LEU A 166 -4.56 -16.21 8.41
N THR A 167 -4.02 -17.38 8.73
CA THR A 167 -4.79 -18.46 9.35
C THR A 167 -5.02 -18.23 10.84
N ASP A 168 -3.92 -18.15 11.57
CA ASP A 168 -3.98 -17.92 13.02
C ASP A 168 -2.91 -16.92 13.41
N TRP A 169 -3.10 -15.69 12.97
CA TRP A 169 -2.15 -14.64 13.28
C TRP A 169 -2.57 -13.89 14.53
N LEU A 170 -1.83 -14.13 15.61
CA LEU A 170 -2.07 -13.43 16.87
C LEU A 170 -0.92 -12.47 17.13
N LEU A 171 0.30 -12.91 16.82
CA LEU A 171 1.51 -12.11 17.01
C LEU A 171 1.62 -11.59 18.44
N ASP A 172 1.97 -12.48 19.34
CA ASP A 172 2.23 -12.11 20.72
C ASP A 172 3.59 -11.42 20.80
N PRO A 173 3.73 -10.40 21.66
CA PRO A 173 4.97 -9.61 21.79
C PRO A 173 6.11 -10.40 22.42
N LYS A 174 6.44 -11.53 21.81
CA LYS A 174 7.57 -12.34 22.23
C LYS A 174 8.84 -11.87 21.52
N VAL A 175 8.65 -11.19 20.41
CA VAL A 175 9.75 -10.71 19.60
C VAL A 175 9.57 -9.24 19.22
N CYS A 176 8.38 -8.90 18.74
CA CYS A 176 8.07 -7.53 18.36
C CYS A 176 6.77 -7.08 19.01
N GLY A 2 5.43 12.30 -21.72
CA GLY A 2 5.11 12.90 -20.41
C GLY A 2 5.19 11.89 -19.30
N GLN A 3 4.41 12.10 -18.24
CA GLN A 3 4.38 11.19 -17.11
C GLN A 3 3.27 10.16 -17.32
N SER A 4 3.35 9.05 -16.60
CA SER A 4 2.37 8.00 -16.72
C SER A 4 1.74 7.68 -15.37
N PRO A 5 0.74 8.48 -14.95
CA PRO A 5 0.01 8.23 -13.72
C PRO A 5 -1.01 7.13 -13.89
N THR A 6 -0.58 5.90 -13.67
CA THR A 6 -1.43 4.73 -13.82
C THR A 6 -2.48 4.67 -12.73
N MET A 7 -3.65 5.23 -13.00
CA MET A 7 -4.76 5.21 -12.05
C MET A 7 -6.01 4.69 -12.73
N PRO A 8 -6.95 4.15 -11.94
CA PRO A 8 -8.19 3.57 -12.47
C PRO A 8 -9.15 4.60 -13.01
N GLN A 9 -9.92 4.22 -14.00
CA GLN A 9 -10.90 5.10 -14.60
C GLN A 9 -12.26 4.90 -13.96
N GLY A 10 -12.34 3.86 -13.12
CA GLY A 10 -13.57 3.55 -12.43
C GLY A 10 -13.62 4.19 -11.06
N PHE A 11 -12.53 4.84 -10.69
CA PHE A 11 -12.45 5.54 -9.41
C PHE A 11 -12.03 6.98 -9.64
N SER A 12 -12.36 7.84 -8.69
CA SER A 12 -12.01 9.24 -8.76
C SER A 12 -11.21 9.62 -7.53
N GLN A 13 -10.17 10.43 -7.71
CA GLN A 13 -9.38 10.93 -6.59
C GLN A 13 -10.29 11.68 -5.63
N MET A 14 -10.13 11.41 -4.34
CA MET A 14 -11.03 11.96 -3.33
C MET A 14 -10.79 13.44 -3.15
N THR A 15 -11.87 14.21 -3.21
CA THR A 15 -11.77 15.66 -3.08
C THR A 15 -11.66 16.05 -1.60
N SER A 16 -11.87 15.08 -0.73
CA SER A 16 -11.72 15.28 0.69
C SER A 16 -11.03 14.08 1.33
N PHE A 17 -9.79 14.27 1.74
CA PHE A 17 -9.00 13.20 2.33
C PHE A 17 -8.78 13.46 3.82
N GLN A 18 -9.29 12.57 4.66
CA GLN A 18 -9.14 12.71 6.10
C GLN A 18 -7.82 12.09 6.56
N SER A 19 -6.79 12.91 6.64
CA SER A 19 -5.47 12.44 7.03
C SER A 19 -5.49 11.86 8.44
N ASN A 20 -6.29 12.45 9.32
CA ASN A 20 -6.38 12.02 10.71
C ASN A 20 -7.14 10.69 10.82
N LYS A 21 -7.80 10.31 9.74
CA LYS A 21 -8.53 9.04 9.70
C LYS A 21 -7.66 7.95 9.09
N PHE A 22 -6.85 8.34 8.12
CA PHE A 22 -6.05 7.39 7.35
C PHE A 22 -4.80 6.98 8.12
N GLN A 23 -4.49 7.72 9.18
CA GLN A 23 -3.36 7.37 10.04
C GLN A 23 -3.68 6.12 10.85
N GLY A 24 -2.66 5.52 11.43
CA GLY A 24 -2.85 4.36 12.26
C GLY A 24 -2.22 3.12 11.68
N GLU A 25 -2.80 1.98 11.98
CA GLU A 25 -2.32 0.71 11.47
C GLU A 25 -3.16 0.24 10.29
N TRP A 26 -2.52 -0.43 9.36
CA TRP A 26 -3.20 -0.96 8.18
C TRP A 26 -2.64 -2.33 7.83
N PHE A 27 -3.51 -3.33 7.85
CA PHE A 27 -3.11 -4.67 7.48
C PHE A 27 -3.11 -4.79 5.96
N VAL A 28 -2.03 -5.31 5.41
CA VAL A 28 -1.93 -5.47 3.98
C VAL A 28 -2.49 -6.83 3.56
N LEU A 29 -3.71 -6.83 3.07
CA LEU A 29 -4.37 -8.05 2.65
C LEU A 29 -3.96 -8.41 1.22
N GLY A 30 -4.07 -7.44 0.33
CA GLY A 30 -3.89 -7.74 -1.08
C GLY A 30 -2.70 -7.04 -1.69
N LEU A 31 -2.01 -7.75 -2.57
CA LEU A 31 -0.92 -7.19 -3.34
C LEU A 31 -1.13 -7.44 -4.82
N ALA A 32 -0.56 -6.58 -5.63
CA ALA A 32 -0.52 -6.78 -7.07
C ALA A 32 0.55 -5.89 -7.67
N ASP A 33 1.27 -6.39 -8.66
CA ASP A 33 2.39 -5.67 -9.21
C ASP A 33 2.63 -6.10 -10.65
N ASN A 34 3.40 -5.31 -11.38
CA ASN A 34 3.69 -5.60 -12.78
C ASN A 34 4.97 -6.42 -12.92
N THR A 35 5.72 -6.56 -11.83
CA THR A 35 6.95 -7.33 -11.86
C THR A 35 6.99 -8.36 -10.72
N TYR A 36 5.86 -8.54 -10.05
CA TYR A 36 5.78 -9.47 -8.94
C TYR A 36 5.48 -10.87 -9.42
N LYS A 37 5.48 -11.82 -8.49
CA LYS A 37 5.11 -13.21 -8.76
C LYS A 37 4.50 -13.82 -7.51
N ARG A 38 3.49 -14.67 -7.68
CA ARG A 38 2.84 -15.32 -6.56
C ARG A 38 3.70 -16.47 -6.06
N GLU A 39 4.67 -16.85 -6.86
CA GLU A 39 5.62 -17.87 -6.50
C GLU A 39 6.79 -17.23 -5.76
N HIS A 40 6.90 -15.91 -5.87
CA HIS A 40 7.94 -15.14 -5.20
C HIS A 40 7.30 -14.09 -4.30
N ARG A 41 6.53 -14.54 -3.32
CA ARG A 41 5.83 -13.64 -2.42
C ARG A 41 6.81 -13.02 -1.42
N PRO A 42 6.46 -11.86 -0.84
CA PRO A 42 7.28 -11.18 0.17
C PRO A 42 7.71 -12.10 1.31
N LEU A 43 8.80 -11.73 1.97
CA LEU A 43 9.41 -12.54 3.03
C LEU A 43 8.45 -12.80 4.19
N LEU A 44 7.39 -12.02 4.26
CA LEU A 44 6.36 -12.22 5.25
C LEU A 44 5.02 -12.49 4.58
N HIS A 45 4.34 -13.52 5.06
CA HIS A 45 3.03 -13.89 4.55
C HIS A 45 1.96 -12.93 5.08
N SER A 46 1.82 -11.80 4.37
CA SER A 46 0.93 -10.70 4.76
C SER A 46 1.50 -9.92 5.96
N PHE A 47 1.55 -8.60 5.83
CA PHE A 47 2.20 -7.75 6.82
C PHE A 47 1.36 -6.53 7.13
N ILE A 48 1.87 -5.69 8.02
CA ILE A 48 1.12 -4.54 8.53
C ILE A 48 1.87 -3.23 8.30
N THR A 49 1.33 -2.38 7.45
CA THR A 49 1.94 -1.08 7.20
C THR A 49 1.25 -0.01 8.03
N LEU A 50 2.04 0.81 8.71
CA LEU A 50 1.48 1.84 9.56
C LEU A 50 1.66 3.21 8.92
N PHE A 51 0.75 4.11 9.20
CA PHE A 51 0.81 5.47 8.67
C PHE A 51 0.73 6.48 9.80
N LYS A 52 1.84 7.18 10.05
CA LYS A 52 1.88 8.18 11.11
C LYS A 52 1.80 9.60 10.55
N LEU A 53 1.00 10.45 11.19
CA LEU A 53 0.90 11.84 10.77
C LEU A 53 2.14 12.63 11.17
N ARG A 54 2.97 12.96 10.20
CA ARG A 54 4.18 13.73 10.43
C ARG A 54 3.85 15.15 10.83
N ASP A 55 3.29 15.91 9.91
CA ASP A 55 2.92 17.29 10.19
C ASP A 55 1.41 17.45 10.17
N ASN A 56 0.81 17.25 9.01
CA ASN A 56 -0.63 17.41 8.87
C ASN A 56 -1.24 16.28 8.03
N SER A 57 -0.47 15.75 7.10
CA SER A 57 -0.98 14.71 6.21
C SER A 57 0.16 13.84 5.69
N GLU A 58 1.38 14.23 6.00
CA GLU A 58 2.54 13.47 5.65
C GLU A 58 2.50 12.14 6.40
N PHE A 59 2.56 11.05 5.67
CA PHE A 59 2.39 9.75 6.27
C PHE A 59 3.70 9.00 6.42
N GLN A 60 4.07 8.75 7.66
CA GLN A 60 5.18 7.89 7.96
C GLN A 60 4.73 6.45 7.79
N VAL A 61 4.99 5.90 6.62
CA VAL A 61 4.63 4.53 6.33
C VAL A 61 5.69 3.58 6.89
N THR A 62 5.30 2.91 7.96
CA THR A 62 6.18 1.97 8.63
C THR A 62 5.65 0.55 8.48
N ASN A 63 6.30 -0.22 7.64
CA ASN A 63 5.86 -1.58 7.40
C ASN A 63 6.49 -2.52 8.41
N SER A 64 5.64 -3.22 9.15
CA SER A 64 6.07 -4.14 10.18
C SER A 64 6.06 -5.57 9.65
N MET A 65 7.25 -6.11 9.43
CA MET A 65 7.38 -7.46 8.93
C MET A 65 7.93 -8.35 10.04
N THR A 66 7.03 -9.06 10.69
CA THR A 66 7.36 -9.87 11.85
C THR A 66 7.33 -11.35 11.51
N ARG A 67 8.50 -11.99 11.52
CA ARG A 67 8.60 -13.41 11.23
C ARG A 67 9.19 -14.16 12.42
N GLY A 68 8.34 -14.49 13.37
CA GLY A 68 8.79 -15.18 14.56
C GLY A 68 9.69 -14.32 15.41
N LYS A 69 10.96 -14.69 15.48
CA LYS A 69 11.94 -13.92 16.23
C LYS A 69 12.76 -13.03 15.30
N HIS A 70 12.24 -12.84 14.08
CA HIS A 70 12.88 -11.99 13.09
C HIS A 70 12.03 -10.76 12.84
N CYS A 71 12.54 -9.61 13.25
CA CYS A 71 11.78 -8.37 13.14
C CYS A 71 12.42 -7.45 12.10
N SER A 72 11.61 -6.97 11.18
CA SER A 72 12.07 -6.01 10.19
C SER A 72 11.00 -4.97 9.91
N THR A 73 11.31 -3.73 10.21
CA THR A 73 10.37 -2.65 9.99
C THR A 73 11.06 -1.48 9.30
N TRP A 74 10.48 -1.04 8.19
CA TRP A 74 11.03 0.09 7.45
C TRP A 74 9.99 1.20 7.34
N SER A 75 10.46 2.44 7.43
CA SER A 75 9.57 3.57 7.43
C SER A 75 9.97 4.58 6.35
N TYR A 76 8.97 5.16 5.71
CA TYR A 76 9.19 6.24 4.75
C TYR A 76 8.23 7.38 5.04
N THR A 77 8.43 8.51 4.37
CA THR A 77 7.54 9.64 4.53
C THR A 77 6.83 9.97 3.23
N LEU A 78 5.51 9.81 3.23
CA LEU A 78 4.70 10.15 2.08
C LEU A 78 4.28 11.61 2.18
N ILE A 79 4.49 12.34 1.11
CA ILE A 79 4.18 13.75 1.09
C ILE A 79 2.95 14.01 0.24
N PRO A 80 1.89 14.60 0.83
CA PRO A 80 0.69 14.99 0.10
C PRO A 80 1.02 16.07 -0.94
N THR A 81 0.64 15.82 -2.17
CA THR A 81 0.91 16.74 -3.26
C THR A 81 -0.16 17.83 -3.32
N ASN A 82 -0.26 18.50 -4.46
CA ASN A 82 -1.36 19.41 -4.71
C ASN A 82 -2.64 18.62 -4.92
N LYS A 83 -2.48 17.30 -5.05
CA LYS A 83 -3.62 16.41 -5.23
C LYS A 83 -4.04 15.81 -3.90
N PRO A 84 -5.25 16.12 -3.43
CA PRO A 84 -5.78 15.56 -2.18
C PRO A 84 -5.96 14.05 -2.28
N GLY A 85 -5.07 13.33 -1.65
CA GLY A 85 -5.10 11.88 -1.70
C GLY A 85 -4.02 11.32 -2.60
N GLN A 86 -3.15 12.20 -3.08
CA GLN A 86 -2.03 11.80 -3.91
C GLN A 86 -0.72 12.18 -3.24
N PHE A 87 0.15 11.20 -3.12
CA PHE A 87 1.36 11.32 -2.30
C PHE A 87 2.60 10.99 -3.11
N THR A 88 3.75 11.22 -2.51
CA THR A 88 5.02 10.77 -3.06
C THR A 88 5.99 10.49 -1.92
N ARG A 89 6.76 9.42 -2.04
CA ARG A 89 7.76 9.09 -1.04
C ARG A 89 8.95 10.04 -1.15
N ASP A 90 9.09 10.92 -0.17
CA ASP A 90 10.15 11.91 -0.21
C ASP A 90 11.49 11.30 0.14
N ASN A 91 12.50 11.62 -0.65
CA ASN A 91 13.84 11.09 -0.45
C ASN A 91 14.87 12.21 -0.51
N ARG A 92 14.49 13.38 -0.04
CA ARG A 92 15.41 14.50 0.00
C ARG A 92 16.37 14.33 1.16
N GLY A 93 17.53 13.76 0.86
CA GLY A 93 18.49 13.43 1.89
C GLY A 93 18.61 11.94 2.08
N SER A 94 18.37 11.21 1.01
CA SER A 94 18.42 9.75 1.03
C SER A 94 19.62 9.24 0.23
N GLY A 95 20.09 10.08 -0.69
CA GLY A 95 21.27 9.78 -1.47
C GLY A 95 21.06 8.65 -2.46
N PRO A 96 21.79 7.54 -2.27
CA PRO A 96 21.75 6.40 -3.19
C PRO A 96 20.42 5.66 -3.18
N GLY A 97 19.80 5.58 -2.02
CA GLY A 97 18.56 4.84 -1.87
C GLY A 97 17.34 5.73 -1.97
N ALA A 98 17.40 6.70 -2.87
CA ALA A 98 16.31 7.65 -3.03
C ALA A 98 15.32 7.18 -4.08
N ASP A 99 14.93 5.92 -4.00
CA ASP A 99 13.89 5.38 -4.86
C ASP A 99 12.56 6.03 -4.54
N LYS A 100 12.14 6.94 -5.39
CA LYS A 100 10.90 7.66 -5.19
C LYS A 100 9.73 6.82 -5.64
N GLU A 101 8.63 6.96 -4.96
CA GLU A 101 7.46 6.16 -5.23
C GLU A 101 6.22 7.02 -5.13
N ASN A 102 5.40 6.96 -6.15
CA ASN A 102 4.18 7.76 -6.21
C ASN A 102 3.04 6.99 -5.57
N ILE A 103 2.49 7.55 -4.51
CA ILE A 103 1.42 6.89 -3.78
C ILE A 103 0.12 7.63 -4.05
N GLN A 104 -0.98 6.91 -4.10
CA GLN A 104 -2.27 7.53 -4.34
C GLN A 104 -3.39 6.69 -3.74
N VAL A 105 -4.20 7.32 -2.90
CA VAL A 105 -5.36 6.67 -2.33
C VAL A 105 -6.52 6.69 -3.30
N ILE A 106 -6.93 5.50 -3.74
CA ILE A 106 -8.02 5.37 -4.69
C ILE A 106 -9.36 5.33 -3.96
N GLU A 107 -9.39 4.62 -2.84
CA GLU A 107 -10.63 4.48 -2.08
C GLU A 107 -10.32 3.99 -0.68
N THR A 108 -10.28 4.89 0.27
CA THR A 108 -10.06 4.50 1.64
C THR A 108 -11.36 4.60 2.44
N ASP A 109 -11.77 3.48 2.96
CA ASP A 109 -12.92 3.42 3.84
C ASP A 109 -12.43 3.12 5.23
N TYR A 110 -12.33 4.15 6.05
CA TYR A 110 -11.68 4.08 7.36
C TYR A 110 -12.38 3.09 8.31
N VAL A 111 -13.54 2.60 7.93
CA VAL A 111 -14.26 1.64 8.74
C VAL A 111 -14.26 0.25 8.09
N LYS A 112 -13.53 0.12 6.99
CA LYS A 112 -13.53 -1.11 6.21
C LYS A 112 -12.14 -1.44 5.65
N PHE A 113 -11.68 -0.65 4.69
CA PHE A 113 -10.45 -0.99 3.97
C PHE A 113 -9.81 0.25 3.36
N ALA A 114 -8.74 0.03 2.60
CA ALA A 114 -8.07 1.12 1.92
C ALA A 114 -7.43 0.64 0.62
N LEU A 115 -7.89 1.18 -0.49
CA LEU A 115 -7.31 0.89 -1.79
C LEU A 115 -6.22 1.89 -2.11
N VAL A 116 -4.98 1.43 -2.07
CA VAL A 116 -3.84 2.28 -2.30
C VAL A 116 -3.08 1.85 -3.56
N LEU A 117 -2.89 2.80 -4.44
CA LEU A 117 -2.19 2.60 -5.70
C LEU A 117 -0.85 3.32 -5.63
N SER A 118 0.23 2.65 -5.96
CA SER A 118 1.52 3.30 -5.92
C SER A 118 2.48 2.73 -6.95
N LEU A 119 3.06 3.63 -7.74
CA LEU A 119 4.05 3.23 -8.74
C LEU A 119 5.42 3.73 -8.31
N ARG A 120 6.42 2.89 -8.37
CA ARG A 120 7.75 3.28 -7.98
C ARG A 120 8.53 3.82 -9.18
N GLN A 121 9.09 5.00 -9.00
CA GLN A 121 9.90 5.63 -10.02
C GLN A 121 11.34 5.16 -9.88
N ALA A 122 11.79 4.35 -10.82
CA ALA A 122 13.16 3.87 -10.81
C ALA A 122 13.89 4.42 -12.02
N SER A 123 15.11 3.95 -12.23
CA SER A 123 15.94 4.46 -13.31
C SER A 123 15.40 4.02 -14.67
N ASN A 124 15.38 2.72 -14.90
CA ASN A 124 15.04 2.19 -16.20
C ASN A 124 13.53 2.10 -16.39
N GLN A 125 12.79 1.85 -15.31
CA GLN A 125 11.35 1.62 -15.44
C GLN A 125 10.58 2.13 -14.22
N ASN A 126 9.26 2.01 -14.30
CA ASN A 126 8.37 2.33 -13.19
C ASN A 126 7.65 1.06 -12.75
N ILE A 127 7.52 0.88 -11.45
CA ILE A 127 6.90 -0.31 -10.90
C ILE A 127 5.44 -0.05 -10.56
N THR A 128 4.53 -0.74 -11.22
CA THR A 128 3.12 -0.62 -10.93
C THR A 128 2.74 -1.52 -9.76
N ARG A 129 2.41 -0.92 -8.63
CA ARG A 129 2.01 -1.68 -7.46
C ARG A 129 0.68 -1.21 -6.90
N VAL A 130 -0.15 -2.17 -6.53
CA VAL A 130 -1.40 -1.88 -5.87
C VAL A 130 -1.48 -2.67 -4.58
N SER A 131 -2.04 -2.06 -3.55
CA SER A 131 -2.16 -2.73 -2.27
C SER A 131 -3.59 -2.60 -1.75
N LEU A 132 -4.06 -3.68 -1.15
CA LEU A 132 -5.39 -3.71 -0.58
C LEU A 132 -5.27 -3.79 0.93
N LEU A 133 -5.37 -2.64 1.57
CA LEU A 133 -5.21 -2.54 3.01
C LEU A 133 -6.55 -2.69 3.71
N GLY A 134 -6.51 -3.12 4.94
CA GLY A 134 -7.72 -3.31 5.70
C GLY A 134 -7.48 -3.19 7.18
N ARG A 135 -8.55 -3.26 7.95
CA ARG A 135 -8.45 -3.15 9.41
C ARG A 135 -8.36 -4.54 10.02
N ASP A 136 -8.51 -5.54 9.16
CA ASP A 136 -8.44 -6.93 9.55
C ASP A 136 -8.28 -7.77 8.30
N TRP A 137 -7.92 -9.03 8.46
CA TRP A 137 -7.63 -9.89 7.33
C TRP A 137 -8.86 -10.70 6.91
N LYS A 138 -9.90 -10.65 7.73
CA LYS A 138 -11.15 -11.31 7.40
C LYS A 138 -12.00 -10.42 6.51
N ILE A 139 -11.56 -10.25 5.28
CA ILE A 139 -12.29 -9.47 4.29
C ILE A 139 -12.91 -10.39 3.24
N THR A 140 -14.05 -9.98 2.72
CA THR A 140 -14.81 -10.80 1.79
C THR A 140 -14.55 -10.39 0.35
N HIS A 141 -15.04 -11.17 -0.60
CA HIS A 141 -14.87 -10.89 -2.03
C HIS A 141 -15.53 -9.57 -2.39
N LYS A 142 -16.54 -9.18 -1.62
CA LYS A 142 -17.19 -7.88 -1.83
C LYS A 142 -16.15 -6.78 -1.74
N THR A 143 -15.34 -6.83 -0.69
CA THR A 143 -14.29 -5.87 -0.47
C THR A 143 -13.10 -6.13 -1.41
N ILE A 144 -12.81 -7.41 -1.63
CA ILE A 144 -11.72 -7.83 -2.52
C ILE A 144 -11.94 -7.32 -3.94
N ASP A 145 -13.19 -7.35 -4.39
CA ASP A 145 -13.55 -6.98 -5.76
C ASP A 145 -13.17 -5.53 -6.06
N ARG A 146 -13.16 -4.71 -5.02
CA ARG A 146 -12.74 -3.32 -5.16
C ARG A 146 -11.28 -3.24 -5.59
N PHE A 147 -10.47 -4.13 -5.02
CA PHE A 147 -9.05 -4.17 -5.34
C PHE A 147 -8.84 -4.82 -6.71
N ILE A 148 -9.71 -5.77 -7.05
CA ILE A 148 -9.66 -6.45 -8.33
C ILE A 148 -9.72 -5.44 -9.46
N ALA A 149 -10.65 -4.52 -9.35
CA ALA A 149 -10.84 -3.48 -10.35
C ALA A 149 -9.56 -2.70 -10.59
N LEU A 150 -8.83 -2.39 -9.51
CA LEU A 150 -7.59 -1.65 -9.61
C LEU A 150 -6.54 -2.43 -10.39
N THR A 151 -6.45 -3.72 -10.12
CA THR A 151 -5.46 -4.55 -10.80
C THR A 151 -5.76 -4.58 -12.30
N LYS A 152 -7.04 -4.53 -12.63
CA LYS A 152 -7.48 -4.55 -14.02
C LYS A 152 -7.10 -3.25 -14.72
N THR A 153 -7.35 -2.13 -14.05
CA THR A 153 -7.08 -0.82 -14.62
C THR A 153 -5.57 -0.57 -14.73
N GLN A 154 -4.82 -1.09 -13.76
CA GLN A 154 -3.38 -0.92 -13.72
C GLN A 154 -2.66 -1.89 -14.66
N ASN A 155 -3.46 -2.70 -15.36
CA ASN A 155 -2.95 -3.64 -16.37
C ASN A 155 -2.11 -4.72 -15.71
N LEU A 156 -2.50 -5.12 -14.51
CA LEU A 156 -1.74 -6.09 -13.75
C LEU A 156 -2.36 -7.47 -13.82
N THR A 157 -1.51 -8.45 -13.99
CA THR A 157 -1.92 -9.83 -14.13
C THR A 157 -2.40 -10.39 -12.79
N LYS A 158 -3.43 -11.22 -12.84
CA LYS A 158 -4.03 -11.76 -11.63
C LYS A 158 -3.10 -12.76 -10.95
N ASN A 159 -2.07 -13.17 -11.66
CA ASN A 159 -1.04 -14.04 -11.10
C ASN A 159 -0.35 -13.36 -9.92
N ASN A 160 -0.30 -12.04 -9.95
CA ASN A 160 0.38 -11.28 -8.92
C ASN A 160 -0.60 -10.74 -7.89
N LEU A 161 -1.85 -11.13 -8.04
CA LEU A 161 -2.89 -10.73 -7.09
C LEU A 161 -2.81 -11.59 -5.84
N LEU A 162 -2.01 -11.15 -4.89
CA LEU A 162 -1.82 -11.87 -3.64
C LEU A 162 -2.93 -11.52 -2.67
N PHE A 163 -3.65 -12.54 -2.24
CA PHE A 163 -4.71 -12.38 -1.25
C PHE A 163 -4.37 -13.20 -0.01
N PRO A 164 -4.80 -12.75 1.17
CA PRO A 164 -4.37 -13.35 2.43
C PRO A 164 -5.17 -14.59 2.80
N ASP A 165 -4.46 -15.69 3.03
CA ASP A 165 -5.07 -16.91 3.53
C ASP A 165 -4.91 -16.94 5.04
N LEU A 166 -5.06 -15.78 5.65
CA LEU A 166 -4.88 -15.64 7.08
C LEU A 166 -6.10 -16.15 7.84
N THR A 167 -5.96 -17.31 8.45
CA THR A 167 -6.99 -17.81 9.34
C THR A 167 -6.75 -17.26 10.72
N ASP A 168 -5.49 -17.13 11.08
CA ASP A 168 -5.08 -16.51 12.34
C ASP A 168 -3.75 -15.81 12.16
N TRP A 169 -3.70 -14.56 12.58
CA TRP A 169 -2.49 -13.77 12.45
C TRP A 169 -2.10 -13.18 13.80
N LEU A 170 -2.17 -14.01 14.83
CA LEU A 170 -1.72 -13.61 16.16
C LEU A 170 -0.42 -14.30 16.49
N LEU A 171 0.69 -13.60 16.28
CA LEU A 171 2.02 -14.16 16.50
C LEU A 171 2.53 -13.83 17.89
N ASP A 172 1.89 -12.84 18.52
CA ASP A 172 2.30 -12.32 19.84
C ASP A 172 3.58 -11.51 19.72
N PRO A 173 3.74 -10.50 20.58
CA PRO A 173 4.97 -9.71 20.66
C PRO A 173 6.11 -10.50 21.29
N LYS A 174 6.46 -11.62 20.66
CA LYS A 174 7.49 -12.52 21.16
C LYS A 174 8.88 -11.88 21.17
N VAL A 175 9.03 -10.80 20.42
CA VAL A 175 10.31 -10.11 20.33
C VAL A 175 10.15 -8.81 19.55
N CYS A 176 9.27 -8.84 18.57
CA CYS A 176 8.98 -7.68 17.76
C CYS A 176 7.91 -6.84 18.44
N GLY A 2 3.10 8.37 -22.91
CA GLY A 2 3.14 9.81 -22.57
C GLY A 2 2.85 10.05 -21.10
N GLN A 3 1.74 10.72 -20.83
CA GLN A 3 1.39 11.09 -19.46
C GLN A 3 0.41 10.09 -18.87
N SER A 4 0.90 8.89 -18.60
CA SER A 4 0.07 7.86 -17.98
C SER A 4 0.45 7.67 -16.51
N PRO A 5 -0.39 8.21 -15.60
CA PRO A 5 -0.16 8.12 -14.16
C PRO A 5 -0.50 6.74 -13.61
N THR A 6 -1.00 5.88 -14.50
CA THR A 6 -1.34 4.50 -14.17
C THR A 6 -2.44 4.45 -13.11
N MET A 7 -3.46 5.27 -13.31
CA MET A 7 -4.58 5.36 -12.37
C MET A 7 -5.78 4.58 -12.89
N PRO A 8 -6.74 4.24 -12.01
CA PRO A 8 -7.94 3.51 -12.40
C PRO A 8 -8.92 4.37 -13.21
N GLN A 9 -9.83 3.73 -13.91
CA GLN A 9 -10.73 4.43 -14.80
C GLN A 9 -12.06 4.73 -14.11
N GLY A 10 -11.98 5.58 -13.12
CA GLY A 10 -13.17 5.98 -12.38
C GLY A 10 -12.86 6.50 -10.99
N PHE A 11 -11.84 5.94 -10.36
CA PHE A 11 -11.49 6.33 -8.99
C PHE A 11 -10.62 7.58 -8.98
N SER A 12 -10.01 7.86 -7.83
CA SER A 12 -9.12 8.99 -7.64
C SER A 12 -9.87 10.32 -7.74
N GLN A 13 -11.16 10.27 -7.48
CA GLN A 13 -12.00 11.47 -7.52
C GLN A 13 -12.33 11.93 -6.11
N MET A 14 -11.29 12.12 -5.30
CA MET A 14 -11.45 12.52 -3.91
C MET A 14 -11.57 14.04 -3.80
N THR A 15 -12.55 14.51 -3.04
CA THR A 15 -12.72 15.93 -2.82
C THR A 15 -12.43 16.28 -1.37
N SER A 16 -12.55 15.28 -0.49
CA SER A 16 -12.32 15.48 0.92
C SER A 16 -11.52 14.32 1.51
N PHE A 17 -10.27 14.58 1.83
CA PHE A 17 -9.39 13.59 2.41
C PHE A 17 -8.94 14.04 3.80
N GLN A 18 -9.51 13.42 4.83
CA GLN A 18 -9.13 13.74 6.20
C GLN A 18 -7.98 12.87 6.64
N SER A 19 -6.76 13.39 6.48
CA SER A 19 -5.55 12.63 6.77
C SER A 19 -5.53 12.13 8.21
N ASN A 20 -6.02 12.94 9.13
CA ASN A 20 -6.01 12.59 10.55
C ASN A 20 -7.04 11.50 10.85
N LYS A 21 -8.01 11.36 9.97
CA LYS A 21 -9.07 10.38 10.15
C LYS A 21 -8.68 9.04 9.54
N PHE A 22 -8.06 9.10 8.38
CA PHE A 22 -7.72 7.88 7.64
C PHE A 22 -6.43 7.24 8.14
N GLN A 23 -5.68 7.95 8.98
CA GLN A 23 -4.44 7.44 9.53
C GLN A 23 -4.71 6.32 10.53
N GLY A 24 -3.66 5.62 10.93
CA GLY A 24 -3.80 4.53 11.87
C GLY A 24 -3.03 3.30 11.41
N GLU A 25 -3.50 2.14 11.81
CA GLU A 25 -2.88 0.89 11.39
C GLU A 25 -3.58 0.34 10.17
N TRP A 26 -2.84 -0.41 9.37
CA TRP A 26 -3.37 -1.01 8.15
C TRP A 26 -2.71 -2.36 7.88
N PHE A 27 -3.51 -3.36 7.55
CA PHE A 27 -2.99 -4.67 7.18
C PHE A 27 -3.11 -4.84 5.67
N VAL A 28 -2.05 -5.33 5.04
CA VAL A 28 -2.06 -5.55 3.60
C VAL A 28 -2.81 -6.83 3.26
N LEU A 29 -4.06 -6.68 2.83
CA LEU A 29 -4.93 -7.81 2.55
C LEU A 29 -4.92 -8.15 1.07
N GLY A 30 -4.25 -7.31 0.30
CA GLY A 30 -4.12 -7.56 -1.13
C GLY A 30 -2.83 -6.96 -1.66
N LEU A 31 -2.05 -7.75 -2.37
CA LEU A 31 -0.77 -7.31 -2.87
C LEU A 31 -0.62 -7.67 -4.33
N ALA A 32 -0.36 -6.66 -5.16
CA ALA A 32 -0.14 -6.87 -6.58
C ALA A 32 0.93 -5.90 -7.10
N ASP A 33 1.73 -6.37 -8.06
CA ASP A 33 2.83 -5.57 -8.60
C ASP A 33 3.19 -6.09 -9.99
N ASN A 34 3.50 -5.16 -10.89
CA ASN A 34 3.72 -5.50 -12.30
C ASN A 34 4.98 -6.34 -12.51
N THR A 35 5.81 -6.43 -11.48
CA THR A 35 7.03 -7.21 -11.54
C THR A 35 7.01 -8.29 -10.46
N TYR A 36 5.83 -8.47 -9.88
CA TYR A 36 5.69 -9.41 -8.77
C TYR A 36 5.30 -10.79 -9.28
N LYS A 37 6.02 -11.79 -8.80
CA LYS A 37 5.83 -13.15 -9.24
C LYS A 37 5.29 -14.02 -8.12
N ARG A 38 4.43 -14.97 -8.47
CA ARG A 38 3.90 -15.94 -7.52
C ARG A 38 5.02 -16.84 -6.98
N GLU A 39 6.17 -16.80 -7.64
CA GLU A 39 7.33 -17.57 -7.20
C GLU A 39 8.25 -16.69 -6.37
N HIS A 40 7.85 -15.44 -6.18
CA HIS A 40 8.62 -14.47 -5.42
C HIS A 40 7.72 -13.71 -4.48
N ARG A 41 6.77 -14.43 -3.89
CA ARG A 41 5.83 -13.85 -2.95
C ARG A 41 6.54 -13.48 -1.66
N PRO A 42 5.98 -12.53 -0.87
CA PRO A 42 6.66 -11.96 0.30
C PRO A 42 6.87 -12.99 1.42
N LEU A 43 7.98 -12.80 2.14
CA LEU A 43 8.32 -13.62 3.30
C LEU A 43 7.23 -13.60 4.36
N LEU A 44 6.40 -12.59 4.26
CA LEU A 44 5.21 -12.46 5.10
C LEU A 44 4.05 -12.12 4.20
N HIS A 45 3.04 -13.00 4.19
CA HIS A 45 1.91 -12.87 3.28
C HIS A 45 1.16 -11.56 3.52
N SER A 46 0.99 -11.22 4.78
CA SER A 46 0.34 -9.97 5.15
C SER A 46 1.14 -9.28 6.25
N PHE A 47 1.71 -8.13 5.92
CA PHE A 47 2.45 -7.36 6.91
C PHE A 47 1.65 -6.13 7.33
N ILE A 48 2.07 -5.53 8.44
CA ILE A 48 1.32 -4.43 9.03
C ILE A 48 1.97 -3.10 8.66
N THR A 49 1.31 -2.36 7.78
CA THR A 49 1.79 -1.06 7.37
C THR A 49 1.01 0.04 8.07
N LEU A 50 1.68 0.82 8.88
CA LEU A 50 1.03 1.89 9.61
C LEU A 50 1.16 3.19 8.86
N PHE A 51 0.14 4.01 8.95
CA PHE A 51 0.14 5.34 8.36
C PHE A 51 -0.10 6.37 9.45
N LYS A 52 0.94 7.09 9.83
CA LYS A 52 0.83 8.07 10.90
C LYS A 52 1.19 9.46 10.39
N LEU A 53 0.49 10.46 10.88
CA LEU A 53 0.69 11.84 10.43
C LEU A 53 2.02 12.41 10.88
N ARG A 54 2.79 12.88 9.90
CA ARG A 54 4.07 13.53 10.14
C ARG A 54 3.85 14.99 10.51
N ASP A 55 3.47 15.79 9.53
CA ASP A 55 3.24 17.20 9.76
C ASP A 55 1.74 17.48 9.82
N ASN A 56 1.07 17.38 8.67
CA ASN A 56 -0.36 17.66 8.62
C ASN A 56 -1.11 16.58 7.84
N SER A 57 -0.42 15.92 6.91
CA SER A 57 -1.08 14.93 6.06
C SER A 57 -0.07 13.92 5.54
N GLU A 58 1.19 14.14 5.86
CA GLU A 58 2.26 13.23 5.50
C GLU A 58 2.08 11.92 6.24
N PHE A 59 2.12 10.83 5.51
CA PHE A 59 1.92 9.53 6.11
C PHE A 59 3.22 8.78 6.28
N GLN A 60 3.61 8.58 7.52
CA GLN A 60 4.74 7.74 7.84
C GLN A 60 4.33 6.29 7.69
N VAL A 61 4.60 5.73 6.52
CA VAL A 61 4.26 4.36 6.23
C VAL A 61 5.29 3.42 6.86
N THR A 62 4.87 2.77 7.92
CA THR A 62 5.73 1.88 8.69
C THR A 62 5.29 0.44 8.53
N ASN A 63 6.06 -0.33 7.76
CA ASN A 63 5.72 -1.73 7.55
C ASN A 63 6.47 -2.63 8.50
N SER A 64 5.71 -3.39 9.28
CA SER A 64 6.28 -4.37 10.18
C SER A 64 6.22 -5.75 9.53
N MET A 65 7.38 -6.31 9.27
CA MET A 65 7.47 -7.58 8.58
C MET A 65 7.95 -8.65 9.54
N THR A 66 7.02 -9.48 10.00
CA THR A 66 7.31 -10.47 11.03
C THR A 66 7.73 -11.81 10.42
N ARG A 67 8.94 -12.24 10.74
CA ARG A 67 9.41 -13.56 10.38
C ARG A 67 9.79 -14.31 11.64
N GLY A 68 8.79 -14.82 12.34
CA GLY A 68 9.02 -15.47 13.60
C GLY A 68 9.12 -14.46 14.73
N LYS A 69 10.31 -14.33 15.29
CA LYS A 69 10.56 -13.36 16.35
C LYS A 69 11.31 -12.15 15.79
N HIS A 70 11.62 -12.21 14.50
CA HIS A 70 12.33 -11.12 13.85
C HIS A 70 11.37 -10.29 13.03
N CYS A 71 11.07 -9.10 13.51
CA CYS A 71 10.20 -8.19 12.80
C CYS A 71 10.96 -6.95 12.35
N SER A 72 11.16 -6.85 11.05
CA SER A 72 11.85 -5.71 10.48
C SER A 72 10.85 -4.63 10.12
N THR A 73 11.13 -3.40 10.50
CA THR A 73 10.22 -2.30 10.27
C THR A 73 10.91 -1.19 9.48
N TRP A 74 10.30 -0.78 8.38
CA TRP A 74 10.80 0.35 7.62
C TRP A 74 9.71 1.40 7.47
N SER A 75 10.10 2.66 7.57
CA SER A 75 9.13 3.75 7.54
C SER A 75 9.53 4.82 6.52
N TYR A 76 8.60 5.17 5.66
CA TYR A 76 8.81 6.26 4.72
C TYR A 76 7.79 7.37 4.98
N THR A 77 8.00 8.51 4.37
CA THR A 77 7.09 9.63 4.55
C THR A 77 6.38 9.94 3.23
N LEU A 78 5.07 9.76 3.23
CA LEU A 78 4.26 10.06 2.06
C LEU A 78 3.82 11.51 2.09
N ILE A 79 4.18 12.23 1.06
CA ILE A 79 3.98 13.67 1.02
C ILE A 79 2.77 14.02 0.16
N PRO A 80 1.74 14.61 0.79
CA PRO A 80 0.52 15.03 0.09
C PRO A 80 0.74 16.25 -0.79
N THR A 81 0.03 16.30 -1.91
CA THR A 81 0.07 17.46 -2.79
C THR A 81 -1.11 18.37 -2.49
N ASN A 82 -1.43 19.26 -3.42
CA ASN A 82 -2.62 20.09 -3.29
C ASN A 82 -3.86 19.26 -3.59
N LYS A 83 -3.65 18.07 -4.15
CA LYS A 83 -4.74 17.17 -4.46
C LYS A 83 -5.02 16.24 -3.28
N PRO A 84 -6.28 16.17 -2.83
CA PRO A 84 -6.68 15.26 -1.75
C PRO A 84 -6.56 13.81 -2.18
N GLY A 85 -5.55 13.13 -1.65
CA GLY A 85 -5.35 11.74 -1.98
C GLY A 85 -4.20 11.55 -2.95
N GLN A 86 -3.37 12.56 -3.10
CA GLN A 86 -2.22 12.48 -3.98
C GLN A 86 -0.94 12.67 -3.18
N PHE A 87 -0.07 11.67 -3.21
CA PHE A 87 1.12 11.65 -2.39
C PHE A 87 2.36 11.28 -3.20
N THR A 88 3.52 11.46 -2.59
CA THR A 88 4.77 10.99 -3.14
C THR A 88 5.64 10.48 -2.00
N ARG A 89 6.29 9.35 -2.22
CA ARG A 89 7.14 8.76 -1.20
C ARG A 89 8.46 9.50 -1.13
N ASP A 90 8.64 10.32 -0.11
CA ASP A 90 9.87 11.07 0.06
C ASP A 90 11.01 10.13 0.42
N ASN A 91 12.08 10.21 -0.36
CA ASN A 91 13.21 9.31 -0.20
C ASN A 91 14.47 10.08 0.15
N ARG A 92 14.29 11.27 0.70
CA ARG A 92 15.41 12.13 1.06
C ARG A 92 16.13 11.54 2.26
N GLY A 93 17.36 11.09 2.05
CA GLY A 93 18.10 10.43 3.10
C GLY A 93 18.17 8.94 2.87
N SER A 94 17.19 8.41 2.15
CA SER A 94 17.12 6.99 1.86
C SER A 94 17.97 6.64 0.65
N GLY A 95 18.44 7.66 -0.05
CA GLY A 95 19.26 7.46 -1.20
C GLY A 95 19.67 8.77 -1.86
N PRO A 96 20.94 8.87 -2.27
CA PRO A 96 21.45 9.99 -3.06
C PRO A 96 20.57 10.27 -4.28
N GLY A 97 20.43 9.27 -5.14
CA GLY A 97 19.53 9.38 -6.26
C GLY A 97 18.10 9.17 -5.83
N ALA A 98 17.87 8.08 -5.11
CA ALA A 98 16.56 7.77 -4.52
C ALA A 98 15.44 7.71 -5.55
N ASP A 99 15.32 6.55 -6.20
CA ASP A 99 14.18 6.28 -7.06
C ASP A 99 12.90 6.30 -6.21
N LYS A 100 11.98 7.19 -6.56
CA LYS A 100 10.84 7.44 -5.71
C LYS A 100 9.62 6.66 -6.14
N GLU A 101 8.60 6.72 -5.31
CA GLU A 101 7.38 5.97 -5.52
C GLU A 101 6.19 6.93 -5.37
N ASN A 102 5.30 6.90 -6.35
CA ASN A 102 4.15 7.80 -6.34
C ASN A 102 2.97 7.11 -5.69
N ILE A 103 2.47 7.70 -4.62
CA ILE A 103 1.40 7.08 -3.84
C ILE A 103 0.09 7.83 -4.05
N GLN A 104 -0.92 7.11 -4.51
CA GLN A 104 -2.21 7.70 -4.76
C GLN A 104 -3.28 6.95 -3.97
N VAL A 105 -3.99 7.67 -3.12
CA VAL A 105 -5.14 7.09 -2.46
C VAL A 105 -6.28 6.97 -3.45
N ILE A 106 -6.62 5.74 -3.75
CA ILE A 106 -7.66 5.46 -4.70
C ILE A 106 -9.02 5.49 -4.04
N GLU A 107 -9.10 4.85 -2.88
CA GLU A 107 -10.37 4.70 -2.17
C GLU A 107 -10.13 4.19 -0.76
N THR A 108 -10.23 5.05 0.23
CA THR A 108 -9.97 4.64 1.60
C THR A 108 -11.02 5.19 2.55
N ASP A 109 -11.24 4.45 3.62
CA ASP A 109 -12.03 4.92 4.74
C ASP A 109 -11.65 4.13 5.97
N TYR A 110 -11.33 4.87 7.02
CA TYR A 110 -10.82 4.31 8.27
C TYR A 110 -11.65 3.14 8.82
N VAL A 111 -12.93 3.11 8.51
CA VAL A 111 -13.80 2.07 9.06
C VAL A 111 -13.85 0.82 8.17
N LYS A 112 -13.24 0.88 6.99
CA LYS A 112 -13.32 -0.24 6.06
C LYS A 112 -11.95 -0.65 5.51
N PHE A 113 -11.40 0.12 4.56
CA PHE A 113 -10.18 -0.30 3.89
C PHE A 113 -9.45 0.88 3.25
N ALA A 114 -8.39 0.56 2.52
CA ALA A 114 -7.60 1.55 1.81
C ALA A 114 -7.07 0.98 0.51
N LEU A 115 -7.50 1.56 -0.59
CA LEU A 115 -6.95 1.27 -1.90
C LEU A 115 -5.83 2.25 -2.18
N VAL A 116 -4.60 1.75 -2.16
CA VAL A 116 -3.44 2.60 -2.38
C VAL A 116 -2.70 2.17 -3.65
N LEU A 117 -2.57 3.11 -4.55
CA LEU A 117 -1.92 2.86 -5.83
C LEU A 117 -0.55 3.54 -5.83
N SER A 118 0.47 2.83 -6.23
CA SER A 118 1.81 3.38 -6.24
C SER A 118 2.59 2.96 -7.47
N LEU A 119 3.26 3.90 -8.11
CA LEU A 119 4.20 3.57 -9.18
C LEU A 119 5.57 4.07 -8.81
N ARG A 120 6.52 3.16 -8.78
CA ARG A 120 7.87 3.48 -8.41
C ARG A 120 8.70 3.77 -9.64
N GLN A 121 9.12 5.01 -9.79
CA GLN A 121 9.82 5.42 -11.00
C GLN A 121 11.31 5.08 -10.87
N ALA A 122 11.76 4.11 -11.63
CA ALA A 122 13.14 3.68 -11.56
C ALA A 122 13.83 3.80 -12.92
N SER A 123 15.03 3.27 -13.02
CA SER A 123 15.80 3.35 -14.26
C SER A 123 15.25 2.41 -15.31
N ASN A 124 15.24 1.12 -14.98
CA ASN A 124 14.81 0.08 -15.89
C ASN A 124 13.36 0.28 -16.30
N GLN A 125 12.55 0.74 -15.36
CA GLN A 125 11.11 0.82 -15.56
C GLN A 125 10.43 1.56 -14.42
N ASN A 126 9.14 1.80 -14.59
CA ASN A 126 8.29 2.24 -13.50
C ASN A 126 7.50 1.06 -12.99
N ILE A 127 7.50 0.90 -11.69
CA ILE A 127 6.91 -0.26 -11.06
C ILE A 127 5.48 0.04 -10.63
N THR A 128 4.52 -0.66 -11.22
CA THR A 128 3.14 -0.51 -10.83
C THR A 128 2.87 -1.35 -9.60
N ARG A 129 2.75 -0.69 -8.46
CA ARG A 129 2.58 -1.38 -7.20
C ARG A 129 1.24 -1.04 -6.61
N VAL A 130 0.45 -2.06 -6.32
CA VAL A 130 -0.90 -1.86 -5.88
C VAL A 130 -1.15 -2.58 -4.56
N SER A 131 -1.60 -1.83 -3.57
CA SER A 131 -1.81 -2.38 -2.26
C SER A 131 -3.25 -2.22 -1.80
N LEU A 132 -3.78 -3.27 -1.17
CA LEU A 132 -5.12 -3.23 -0.60
C LEU A 132 -5.02 -3.40 0.90
N LEU A 133 -5.28 -2.33 1.62
CA LEU A 133 -5.14 -2.31 3.07
C LEU A 133 -6.50 -2.39 3.74
N GLY A 134 -6.52 -2.94 4.94
CA GLY A 134 -7.73 -3.00 5.72
C GLY A 134 -7.43 -3.01 7.20
N ARG A 135 -8.43 -2.69 8.04
CA ARG A 135 -8.22 -2.69 9.48
C ARG A 135 -8.05 -4.11 9.98
N ASP A 136 -9.04 -4.95 9.71
CA ASP A 136 -8.97 -6.35 10.12
C ASP A 136 -8.82 -7.23 8.88
N TRP A 137 -8.07 -8.31 9.03
CA TRP A 137 -7.75 -9.18 7.91
C TRP A 137 -8.95 -10.00 7.47
N LYS A 138 -9.98 -10.03 8.28
CA LYS A 138 -11.20 -10.74 7.96
C LYS A 138 -12.14 -9.84 7.16
N ILE A 139 -11.62 -9.31 6.06
CA ILE A 139 -12.39 -8.43 5.18
C ILE A 139 -13.16 -9.26 4.16
N THR A 140 -14.24 -8.69 3.63
CA THR A 140 -15.09 -9.40 2.70
C THR A 140 -14.66 -9.14 1.25
N HIS A 141 -15.08 -10.03 0.35
CA HIS A 141 -14.71 -9.95 -1.06
C HIS A 141 -15.32 -8.71 -1.71
N LYS A 142 -16.42 -8.22 -1.17
CA LYS A 142 -17.02 -6.98 -1.66
C LYS A 142 -16.00 -5.85 -1.58
N THR A 143 -15.26 -5.83 -0.48
CA THR A 143 -14.19 -4.87 -0.29
C THR A 143 -12.96 -5.26 -1.11
N ILE A 144 -12.75 -6.56 -1.28
CA ILE A 144 -11.60 -7.08 -2.01
C ILE A 144 -11.68 -6.80 -3.52
N ASP A 145 -12.89 -6.92 -4.09
CA ASP A 145 -13.06 -6.80 -5.53
C ASP A 145 -12.65 -5.41 -6.02
N ARG A 146 -12.67 -4.45 -5.11
CA ARG A 146 -12.27 -3.08 -5.42
C ARG A 146 -10.79 -3.02 -5.74
N PHE A 147 -10.02 -3.85 -5.06
CA PHE A 147 -8.59 -3.96 -5.31
C PHE A 147 -8.36 -4.71 -6.61
N ILE A 148 -9.19 -5.72 -6.85
CA ILE A 148 -9.13 -6.49 -8.07
C ILE A 148 -9.26 -5.59 -9.28
N ALA A 149 -10.21 -4.69 -9.22
CA ALA A 149 -10.44 -3.71 -10.28
C ALA A 149 -9.18 -2.91 -10.55
N LEU A 150 -8.51 -2.48 -9.48
CA LEU A 150 -7.27 -1.73 -9.60
C LEU A 150 -6.20 -2.54 -10.33
N THR A 151 -6.07 -3.81 -9.99
CA THR A 151 -5.04 -4.64 -10.62
C THR A 151 -5.32 -4.76 -12.12
N LYS A 152 -6.60 -4.76 -12.46
CA LYS A 152 -7.02 -4.88 -13.84
C LYS A 152 -6.69 -3.59 -14.60
N THR A 153 -7.03 -2.45 -14.02
CA THR A 153 -6.79 -1.16 -14.65
C THR A 153 -5.31 -0.83 -14.70
N GLN A 154 -4.57 -1.32 -13.70
CA GLN A 154 -3.14 -1.07 -13.61
C GLN A 154 -2.34 -2.03 -14.48
N ASN A 155 -3.07 -2.82 -15.28
CA ASN A 155 -2.48 -3.69 -16.29
C ASN A 155 -1.64 -4.78 -15.64
N LEU A 156 -2.20 -5.41 -14.62
CA LEU A 156 -1.50 -6.46 -13.91
C LEU A 156 -2.03 -7.83 -14.31
N THR A 157 -1.34 -8.86 -13.86
CA THR A 157 -1.72 -10.22 -14.16
C THR A 157 -2.12 -10.94 -12.87
N LYS A 158 -2.72 -12.11 -12.99
CA LYS A 158 -3.09 -12.90 -11.83
C LYS A 158 -1.83 -13.37 -11.10
N ASN A 159 -0.77 -13.58 -11.88
CA ASN A 159 0.54 -13.94 -11.35
C ASN A 159 1.06 -12.85 -10.41
N ASN A 160 0.68 -11.61 -10.70
CA ASN A 160 1.12 -10.46 -9.93
C ASN A 160 0.27 -10.29 -8.68
N LEU A 161 -0.86 -11.00 -8.65
CA LEU A 161 -1.83 -10.85 -7.59
C LEU A 161 -1.72 -11.97 -6.56
N LEU A 162 -1.75 -11.60 -5.29
CA LEU A 162 -1.74 -12.59 -4.21
C LEU A 162 -2.65 -12.14 -3.07
N PHE A 163 -3.21 -13.13 -2.39
CA PHE A 163 -4.03 -12.88 -1.22
C PHE A 163 -3.46 -13.63 -0.02
N PRO A 164 -3.21 -12.90 1.08
CA PRO A 164 -2.68 -13.48 2.30
C PRO A 164 -3.74 -14.19 3.12
N ASP A 165 -3.45 -15.42 3.52
CA ASP A 165 -4.31 -16.16 4.42
C ASP A 165 -3.79 -16.02 5.83
N LEU A 166 -4.63 -15.52 6.73
CA LEU A 166 -4.21 -15.30 8.10
C LEU A 166 -5.02 -16.16 9.06
N THR A 167 -5.09 -17.44 8.77
CA THR A 167 -5.67 -18.39 9.70
C THR A 167 -4.75 -18.50 10.92
N ASP A 168 -3.46 -18.36 10.68
CA ASP A 168 -2.47 -18.31 11.75
C ASP A 168 -1.79 -16.95 11.76
N TRP A 169 -2.28 -16.05 12.60
CA TRP A 169 -1.73 -14.70 12.67
C TRP A 169 -1.62 -14.25 14.13
N LEU A 170 -2.01 -15.13 15.04
CA LEU A 170 -2.00 -14.80 16.46
C LEU A 170 -0.61 -15.02 17.05
N LEU A 171 0.33 -14.16 16.68
CA LEU A 171 1.68 -14.21 17.20
C LEU A 171 1.69 -13.87 18.68
N ASP A 172 1.38 -14.85 19.51
CA ASP A 172 1.32 -14.66 20.96
C ASP A 172 2.71 -14.46 21.56
N PRO A 173 3.68 -15.34 21.26
CA PRO A 173 5.08 -15.13 21.68
C PRO A 173 5.74 -14.03 20.84
N LYS A 174 5.16 -12.85 20.91
CA LYS A 174 5.58 -11.70 20.13
C LYS A 174 6.64 -10.91 20.88
N VAL A 175 7.53 -10.27 20.15
CA VAL A 175 8.62 -9.52 20.74
C VAL A 175 8.85 -8.22 19.96
N CYS A 176 7.75 -7.61 19.54
CA CYS A 176 7.80 -6.42 18.73
C CYS A 176 7.05 -5.29 19.41
N GLY A 2 -2.19 8.42 -22.50
CA GLY A 2 -2.06 9.27 -21.30
C GLY A 2 -2.12 8.47 -20.02
N GLN A 3 -0.98 7.96 -19.59
CA GLN A 3 -0.91 7.15 -18.39
C GLN A 3 0.27 7.60 -17.53
N SER A 4 0.12 8.77 -16.92
CA SER A 4 1.17 9.32 -16.09
C SER A 4 1.16 8.69 -14.69
N PRO A 5 0.05 8.81 -13.92
CA PRO A 5 -0.02 8.21 -12.59
C PRO A 5 -0.57 6.78 -12.63
N THR A 6 -1.04 6.37 -13.80
CA THR A 6 -1.63 5.06 -14.00
C THR A 6 -2.90 4.91 -13.16
N MET A 7 -3.84 5.83 -13.37
CA MET A 7 -5.09 5.84 -12.62
C MET A 7 -6.10 4.89 -13.21
N PRO A 8 -6.93 4.29 -12.34
CA PRO A 8 -7.98 3.35 -12.73
C PRO A 8 -9.21 4.05 -13.30
N GLN A 9 -10.03 3.28 -14.00
CA GLN A 9 -11.28 3.78 -14.55
C GLN A 9 -12.43 3.46 -13.61
N GLY A 10 -13.41 4.35 -13.54
CA GLY A 10 -14.54 4.12 -12.68
C GLY A 10 -14.41 4.84 -11.34
N PHE A 11 -13.26 4.69 -10.71
CA PHE A 11 -13.00 5.35 -9.43
C PHE A 11 -12.72 6.83 -9.62
N SER A 12 -12.71 7.55 -8.52
CA SER A 12 -12.50 8.99 -8.55
C SER A 12 -11.74 9.44 -7.30
N GLN A 13 -10.68 10.23 -7.50
CA GLN A 13 -9.90 10.74 -6.39
C GLN A 13 -10.77 11.60 -5.48
N MET A 14 -10.70 11.30 -4.19
CA MET A 14 -11.54 11.96 -3.17
C MET A 14 -11.45 13.48 -3.28
N THR A 15 -12.60 14.13 -3.22
CA THR A 15 -12.68 15.58 -3.29
C THR A 15 -12.06 16.19 -2.04
N SER A 16 -12.12 15.42 -0.97
CA SER A 16 -11.49 15.78 0.29
C SER A 16 -10.84 14.56 0.92
N PHE A 17 -9.64 14.72 1.43
CA PHE A 17 -8.96 13.61 2.07
C PHE A 17 -8.70 13.92 3.54
N GLN A 18 -9.23 13.08 4.42
CA GLN A 18 -9.06 13.28 5.84
C GLN A 18 -7.94 12.40 6.37
N SER A 19 -6.73 12.95 6.44
CA SER A 19 -5.58 12.21 6.92
C SER A 19 -5.78 11.72 8.35
N ASN A 20 -6.51 12.49 9.14
CA ASN A 20 -6.80 12.11 10.52
C ASN A 20 -7.62 10.83 10.59
N LYS A 21 -8.40 10.57 9.55
CA LYS A 21 -9.16 9.33 9.47
C LYS A 21 -8.29 8.20 8.98
N PHE A 22 -7.36 8.53 8.11
CA PHE A 22 -6.53 7.53 7.44
C PHE A 22 -5.42 7.05 8.38
N GLN A 23 -5.01 7.91 9.30
CA GLN A 23 -3.95 7.54 10.22
C GLN A 23 -4.38 6.40 11.13
N GLY A 24 -3.42 5.59 11.50
CA GLY A 24 -3.68 4.41 12.30
C GLY A 24 -2.99 3.20 11.72
N GLU A 25 -3.40 2.02 12.16
CA GLU A 25 -2.83 0.79 11.65
C GLU A 25 -3.62 0.27 10.46
N TRP A 26 -2.93 -0.38 9.55
CA TRP A 26 -3.54 -0.94 8.35
C TRP A 26 -2.92 -2.29 8.01
N PHE A 27 -3.76 -3.26 7.73
CA PHE A 27 -3.29 -4.56 7.26
C PHE A 27 -3.31 -4.58 5.74
N VAL A 28 -2.39 -5.32 5.15
CA VAL A 28 -2.36 -5.43 3.70
C VAL A 28 -3.07 -6.70 3.27
N LEU A 29 -4.31 -6.55 2.84
CA LEU A 29 -5.14 -7.68 2.46
C LEU A 29 -5.09 -7.92 0.95
N GLY A 30 -4.39 -7.03 0.26
CA GLY A 30 -4.19 -7.19 -1.16
C GLY A 30 -2.90 -6.56 -1.63
N LEU A 31 -2.09 -7.33 -2.34
CA LEU A 31 -0.86 -6.81 -2.91
C LEU A 31 -0.72 -7.22 -4.35
N ALA A 32 -0.75 -6.25 -5.24
CA ALA A 32 -0.53 -6.51 -6.65
C ALA A 32 0.64 -5.68 -7.15
N ASP A 33 1.51 -6.30 -7.93
CA ASP A 33 2.71 -5.63 -8.41
C ASP A 33 3.09 -6.17 -9.79
N ASN A 34 3.43 -5.26 -10.68
CA ASN A 34 3.75 -5.61 -12.06
C ASN A 34 5.03 -6.45 -12.14
N THR A 35 5.79 -6.49 -11.05
CA THR A 35 6.98 -7.31 -10.99
C THR A 35 6.84 -8.33 -9.85
N TYR A 36 5.59 -8.63 -9.51
CA TYR A 36 5.25 -9.68 -8.56
C TYR A 36 5.15 -11.00 -9.30
N LYS A 37 5.90 -11.99 -8.86
CA LYS A 37 5.85 -13.31 -9.44
C LYS A 37 5.37 -14.31 -8.41
N ARG A 38 4.48 -15.22 -8.81
CA ARG A 38 3.97 -16.23 -7.90
C ARG A 38 5.07 -17.22 -7.51
N GLU A 39 6.12 -17.27 -8.32
CA GLU A 39 7.30 -18.07 -8.00
C GLU A 39 8.19 -17.34 -7.02
N HIS A 40 8.29 -16.04 -7.21
CA HIS A 40 9.16 -15.19 -6.41
C HIS A 40 8.35 -14.08 -5.76
N ARG A 41 7.55 -14.44 -4.78
CA ARG A 41 6.68 -13.48 -4.12
C ARG A 41 7.46 -12.67 -3.10
N PRO A 42 6.87 -11.59 -2.57
CA PRO A 42 7.43 -10.87 -1.43
C PRO A 42 7.76 -11.81 -0.28
N LEU A 43 8.70 -11.38 0.56
CA LEU A 43 9.21 -12.20 1.66
C LEU A 43 8.13 -12.56 2.68
N LEU A 44 6.99 -11.89 2.59
CA LEU A 44 5.86 -12.19 3.46
C LEU A 44 4.59 -12.36 2.65
N HIS A 45 3.74 -13.27 3.12
CA HIS A 45 2.45 -13.52 2.49
C HIS A 45 1.38 -12.65 3.14
N SER A 46 1.69 -12.13 4.32
CA SER A 46 0.80 -11.23 5.04
C SER A 46 1.61 -10.34 5.96
N PHE A 47 1.38 -9.02 5.88
CA PHE A 47 2.15 -8.07 6.67
C PHE A 47 1.32 -6.82 6.97
N ILE A 48 1.87 -5.95 7.82
CA ILE A 48 1.16 -4.78 8.31
C ILE A 48 1.92 -3.51 7.91
N THR A 49 1.17 -2.43 7.66
CA THR A 49 1.77 -1.13 7.37
C THR A 49 1.00 -0.04 8.11
N LEU A 50 1.72 0.84 8.79
CA LEU A 50 1.06 1.86 9.60
C LEU A 50 1.26 3.23 8.98
N PHE A 51 0.22 4.05 9.05
CA PHE A 51 0.24 5.40 8.51
C PHE A 51 -0.07 6.42 9.59
N LYS A 52 0.90 7.22 9.99
CA LYS A 52 0.71 8.21 11.05
C LYS A 52 1.01 9.62 10.56
N LEU A 53 0.24 10.59 11.03
CA LEU A 53 0.38 11.97 10.56
C LEU A 53 1.70 12.57 11.01
N ARG A 54 2.53 12.95 10.04
CA ARG A 54 3.81 13.58 10.32
C ARG A 54 3.63 15.00 10.80
N ASP A 55 3.32 15.90 9.88
CA ASP A 55 3.15 17.29 10.24
C ASP A 55 1.69 17.67 10.33
N ASN A 56 1.01 17.65 9.18
CA ASN A 56 -0.39 18.05 9.14
C ASN A 56 -1.22 17.11 8.29
N SER A 57 -0.59 16.36 7.40
CA SER A 57 -1.31 15.46 6.52
C SER A 57 -0.44 14.30 6.04
N GLU A 58 0.86 14.44 6.18
CA GLU A 58 1.81 13.43 5.72
C GLU A 58 1.71 12.16 6.54
N PHE A 59 2.22 11.08 6.00
CA PHE A 59 2.12 9.79 6.64
C PHE A 59 3.47 9.15 6.87
N GLN A 60 3.67 8.66 8.08
CA GLN A 60 4.82 7.86 8.38
C GLN A 60 4.46 6.40 8.19
N VAL A 61 4.75 5.88 7.01
CA VAL A 61 4.41 4.53 6.66
C VAL A 61 5.43 3.56 7.24
N THR A 62 5.01 2.84 8.27
CA THR A 62 5.86 1.88 8.94
C THR A 62 5.39 0.46 8.66
N ASN A 63 6.14 -0.27 7.86
CA ASN A 63 5.78 -1.64 7.57
C ASN A 63 6.42 -2.59 8.57
N SER A 64 5.61 -3.48 9.11
CA SER A 64 6.07 -4.50 10.03
C SER A 64 6.21 -5.80 9.27
N MET A 65 7.45 -6.19 9.01
CA MET A 65 7.74 -7.38 8.23
C MET A 65 8.39 -8.43 9.12
N THR A 66 7.60 -9.38 9.58
CA THR A 66 8.09 -10.39 10.49
C THR A 66 8.35 -11.72 9.79
N ARG A 67 9.62 -12.07 9.65
CA ARG A 67 10.00 -13.35 9.07
C ARG A 67 10.61 -14.23 10.14
N GLY A 68 9.93 -15.33 10.44
CA GLY A 68 10.40 -16.22 11.48
C GLY A 68 10.31 -15.59 12.85
N LYS A 69 11.45 -15.41 13.49
CA LYS A 69 11.51 -14.79 14.79
C LYS A 69 12.11 -13.38 14.69
N HIS A 70 12.33 -12.93 13.46
CA HIS A 70 12.87 -11.59 13.23
C HIS A 70 11.77 -10.64 12.77
N CYS A 71 11.65 -9.52 13.44
CA CYS A 71 10.70 -8.50 13.05
C CYS A 71 11.42 -7.30 12.46
N SER A 72 11.27 -7.12 11.17
CA SER A 72 11.89 -6.00 10.48
C SER A 72 10.89 -4.86 10.37
N THR A 73 11.31 -3.69 10.78
CA THR A 73 10.44 -2.53 10.79
C THR A 73 11.11 -1.35 10.11
N TRP A 74 10.43 -0.79 9.12
CA TRP A 74 10.95 0.37 8.41
C TRP A 74 9.84 1.36 8.13
N SER A 75 10.20 2.63 8.12
CA SER A 75 9.22 3.68 7.94
C SER A 75 9.70 4.73 6.94
N TYR A 76 8.79 5.19 6.10
CA TYR A 76 9.06 6.27 5.16
C TYR A 76 8.12 7.43 5.40
N THR A 77 8.28 8.50 4.64
CA THR A 77 7.43 9.66 4.78
C THR A 77 6.66 9.91 3.48
N LEU A 78 5.36 9.71 3.51
CA LEU A 78 4.52 9.97 2.35
C LEU A 78 4.07 11.41 2.36
N ILE A 79 4.31 12.10 1.27
CA ILE A 79 4.05 13.53 1.21
C ILE A 79 2.89 13.85 0.31
N PRO A 80 1.75 14.24 0.89
CA PRO A 80 0.58 14.71 0.13
C PRO A 80 0.89 15.97 -0.67
N THR A 81 0.33 16.06 -1.86
CA THR A 81 0.51 17.21 -2.71
C THR A 81 -0.60 18.23 -2.44
N ASN A 82 -0.87 19.09 -3.40
CA ASN A 82 -1.99 20.01 -3.28
C ASN A 82 -3.30 19.27 -3.57
N LYS A 83 -3.19 18.02 -4.04
CA LYS A 83 -4.37 17.24 -4.37
C LYS A 83 -4.79 16.35 -3.21
N PRO A 84 -6.11 16.27 -2.93
CA PRO A 84 -6.65 15.38 -1.91
C PRO A 84 -6.53 13.93 -2.33
N GLY A 85 -5.50 13.26 -1.85
CA GLY A 85 -5.33 11.86 -2.17
C GLY A 85 -4.15 11.61 -3.09
N GLN A 86 -3.28 12.60 -3.23
CA GLN A 86 -2.08 12.45 -4.04
C GLN A 86 -0.85 12.62 -3.17
N PHE A 87 0.05 11.66 -3.25
CA PHE A 87 1.22 11.62 -2.38
C PHE A 87 2.47 11.28 -3.18
N THR A 88 3.62 11.61 -2.61
CA THR A 88 4.89 11.16 -3.15
C THR A 88 5.76 10.68 -2.01
N ARG A 89 6.38 9.54 -2.19
CA ARG A 89 7.17 8.92 -1.15
C ARG A 89 8.50 9.61 -1.01
N ASP A 90 8.69 10.30 0.12
CA ASP A 90 9.94 10.98 0.40
C ASP A 90 11.02 9.97 0.75
N ASN A 91 12.05 9.93 -0.08
CA ASN A 91 13.19 9.05 0.15
C ASN A 91 14.44 9.92 0.24
N ARG A 92 14.23 11.18 0.61
CA ARG A 92 15.31 12.14 0.71
C ARG A 92 16.27 11.75 1.82
N GLY A 93 17.45 11.35 1.39
CA GLY A 93 18.45 10.85 2.30
C GLY A 93 19.29 9.78 1.66
N SER A 94 18.68 9.07 0.73
CA SER A 94 19.37 8.03 -0.01
C SER A 94 20.11 8.64 -1.21
N GLY A 95 19.61 9.79 -1.67
CA GLY A 95 20.25 10.50 -2.75
C GLY A 95 19.99 9.86 -4.09
N PRO A 96 21.05 9.39 -4.76
CA PRO A 96 20.95 8.75 -6.08
C PRO A 96 20.12 7.47 -6.04
N GLY A 97 20.21 6.75 -4.94
CA GLY A 97 19.50 5.49 -4.81
C GLY A 97 18.19 5.66 -4.06
N ALA A 98 17.63 6.86 -4.12
CA ALA A 98 16.36 7.13 -3.47
C ALA A 98 15.20 6.72 -4.35
N ASP A 99 14.77 5.48 -4.19
CA ASP A 99 13.61 4.98 -4.92
C ASP A 99 12.37 5.73 -4.50
N LYS A 100 11.85 6.54 -5.39
CA LYS A 100 10.62 7.28 -5.10
C LYS A 100 9.42 6.43 -5.48
N GLU A 101 8.27 6.83 -4.98
CA GLU A 101 7.04 6.14 -5.27
C GLU A 101 5.89 7.12 -5.25
N ASN A 102 5.04 7.03 -6.24
CA ASN A 102 3.85 7.87 -6.30
C ASN A 102 2.70 7.15 -5.63
N ILE A 103 2.23 7.69 -4.53
CA ILE A 103 1.18 7.05 -3.75
C ILE A 103 -0.11 7.83 -3.91
N GLN A 104 -1.10 7.21 -4.50
CA GLN A 104 -2.39 7.86 -4.71
C GLN A 104 -3.50 7.02 -4.12
N VAL A 105 -4.24 7.59 -3.20
CA VAL A 105 -5.38 6.91 -2.63
C VAL A 105 -6.55 6.97 -3.60
N ILE A 106 -6.91 5.83 -4.14
CA ILE A 106 -7.96 5.75 -5.14
C ILE A 106 -9.33 5.71 -4.48
N GLU A 107 -9.42 5.02 -3.36
CA GLU A 107 -10.69 4.90 -2.65
C GLU A 107 -10.46 4.44 -1.23
N THR A 108 -10.61 5.34 -0.29
CA THR A 108 -10.43 4.97 1.10
C THR A 108 -11.74 5.12 1.88
N ASP A 109 -12.34 3.99 2.19
CA ASP A 109 -13.40 3.95 3.16
C ASP A 109 -12.79 3.61 4.50
N TYR A 110 -12.33 4.64 5.20
CA TYR A 110 -11.46 4.53 6.37
C TYR A 110 -11.95 3.49 7.37
N VAL A 111 -13.26 3.39 7.52
CA VAL A 111 -13.85 2.50 8.51
C VAL A 111 -13.71 1.02 8.15
N LYS A 112 -13.45 0.74 6.87
CA LYS A 112 -13.43 -0.64 6.41
C LYS A 112 -12.15 -0.98 5.64
N PHE A 113 -11.75 -0.17 4.66
CA PHE A 113 -10.59 -0.50 3.85
C PHE A 113 -9.96 0.74 3.21
N ALA A 114 -8.93 0.51 2.41
CA ALA A 114 -8.26 1.57 1.69
C ALA A 114 -7.60 1.05 0.43
N LEU A 115 -8.03 1.56 -0.70
CA LEU A 115 -7.44 1.24 -1.99
C LEU A 115 -6.34 2.23 -2.31
N VAL A 116 -5.11 1.81 -2.12
CA VAL A 116 -3.96 2.67 -2.32
C VAL A 116 -3.14 2.22 -3.53
N LEU A 117 -2.99 3.12 -4.48
CA LEU A 117 -2.22 2.88 -5.68
C LEU A 117 -0.84 3.52 -5.50
N SER A 118 0.21 2.81 -5.83
CA SER A 118 1.55 3.34 -5.64
C SER A 118 2.52 2.81 -6.69
N LEU A 119 3.17 3.72 -7.39
CA LEU A 119 4.13 3.34 -8.42
C LEU A 119 5.53 3.79 -8.05
N ARG A 120 6.43 2.83 -7.92
CA ARG A 120 7.78 3.07 -7.47
C ARG A 120 8.70 3.30 -8.67
N GLN A 121 9.38 4.44 -8.68
CA GLN A 121 10.32 4.76 -9.73
C GLN A 121 11.69 4.22 -9.39
N ALA A 122 12.12 3.21 -10.12
CA ALA A 122 13.36 2.51 -9.84
C ALA A 122 14.41 2.83 -10.89
N SER A 123 14.17 3.91 -11.61
CA SER A 123 15.08 4.44 -12.63
C SER A 123 14.98 3.65 -13.92
N ASN A 124 15.51 2.44 -13.91
CA ASN A 124 15.48 1.58 -15.07
C ASN A 124 14.08 1.03 -15.30
N GLN A 125 13.39 0.72 -14.21
CA GLN A 125 12.07 0.15 -14.28
C GLN A 125 11.11 0.89 -13.36
N ASN A 126 9.83 0.66 -13.55
CA ASN A 126 8.81 1.19 -12.66
C ASN A 126 8.03 0.05 -12.03
N ILE A 127 7.79 0.17 -10.75
CA ILE A 127 7.03 -0.81 -10.03
C ILE A 127 5.60 -0.33 -9.86
N THR A 128 4.68 -0.97 -10.53
CA THR A 128 3.28 -0.66 -10.36
C THR A 128 2.72 -1.48 -9.21
N ARG A 129 2.48 -0.82 -8.10
CA ARG A 129 2.04 -1.49 -6.89
C ARG A 129 0.65 -1.04 -6.50
N VAL A 130 -0.18 -2.01 -6.18
CA VAL A 130 -1.53 -1.73 -5.77
C VAL A 130 -1.79 -2.45 -4.46
N SER A 131 -2.16 -1.71 -3.44
CA SER A 131 -2.34 -2.27 -2.13
C SER A 131 -3.78 -2.14 -1.66
N LEU A 132 -4.33 -3.24 -1.19
CA LEU A 132 -5.65 -3.26 -0.61
C LEU A 132 -5.53 -3.34 0.90
N LEU A 133 -5.59 -2.20 1.55
CA LEU A 133 -5.43 -2.13 2.99
C LEU A 133 -6.76 -2.27 3.68
N GLY A 134 -6.72 -2.79 4.91
CA GLY A 134 -7.94 -2.99 5.65
C GLY A 134 -7.74 -2.78 7.14
N ARG A 135 -8.84 -2.80 7.88
CA ARG A 135 -8.80 -2.57 9.32
C ARG A 135 -8.43 -3.88 10.03
N ASP A 136 -8.95 -4.96 9.51
CA ASP A 136 -8.61 -6.30 9.97
C ASP A 136 -8.08 -7.07 8.76
N TRP A 137 -7.54 -8.25 8.98
CA TRP A 137 -6.94 -9.02 7.89
C TRP A 137 -7.97 -9.92 7.21
N LYS A 138 -9.23 -9.76 7.59
CA LYS A 138 -10.31 -10.49 6.95
C LYS A 138 -11.18 -9.53 6.14
N ILE A 139 -11.30 -9.82 4.85
CA ILE A 139 -12.14 -9.05 3.96
C ILE A 139 -12.84 -9.98 2.98
N THR A 140 -14.02 -9.57 2.52
CA THR A 140 -14.83 -10.41 1.66
C THR A 140 -14.61 -10.05 0.20
N HIS A 141 -15.05 -10.92 -0.71
CA HIS A 141 -14.88 -10.70 -2.14
C HIS A 141 -15.58 -9.41 -2.59
N LYS A 142 -16.61 -9.01 -1.87
CA LYS A 142 -17.29 -7.75 -2.15
C LYS A 142 -16.28 -6.61 -2.10
N THR A 143 -15.50 -6.60 -1.04
CA THR A 143 -14.49 -5.58 -0.84
C THR A 143 -13.27 -5.84 -1.73
N ILE A 144 -12.94 -7.12 -1.91
CA ILE A 144 -11.83 -7.54 -2.76
C ILE A 144 -12.03 -7.08 -4.20
N ASP A 145 -13.27 -7.17 -4.68
CA ASP A 145 -13.60 -6.85 -6.06
C ASP A 145 -13.20 -5.43 -6.45
N ARG A 146 -13.29 -4.51 -5.49
CA ARG A 146 -12.92 -3.13 -5.74
C ARG A 146 -11.42 -3.01 -5.96
N PHE A 147 -10.65 -3.85 -5.27
CA PHE A 147 -9.21 -3.91 -5.47
C PHE A 147 -8.88 -4.58 -6.80
N ILE A 148 -9.69 -5.60 -7.14
CA ILE A 148 -9.51 -6.33 -8.38
C ILE A 148 -9.57 -5.37 -9.57
N ALA A 149 -10.51 -4.44 -9.51
CA ALA A 149 -10.67 -3.44 -10.55
C ALA A 149 -9.37 -2.65 -10.76
N LEU A 150 -8.75 -2.24 -9.65
CA LEU A 150 -7.48 -1.53 -9.71
C LEU A 150 -6.41 -2.36 -10.42
N THR A 151 -6.33 -3.63 -10.07
CA THR A 151 -5.30 -4.48 -10.62
C THR A 151 -5.47 -4.60 -12.13
N LYS A 152 -6.73 -4.58 -12.58
CA LYS A 152 -7.03 -4.69 -14.00
C LYS A 152 -6.58 -3.43 -14.72
N THR A 153 -6.94 -2.28 -14.17
CA THR A 153 -6.64 -1.00 -14.79
C THR A 153 -5.14 -0.70 -14.74
N GLN A 154 -4.47 -1.21 -13.72
CA GLN A 154 -3.03 -1.01 -13.57
C GLN A 154 -2.26 -2.01 -14.41
N ASN A 155 -3.00 -2.88 -15.11
CA ASN A 155 -2.43 -3.86 -16.03
C ASN A 155 -1.61 -4.90 -15.28
N LEU A 156 -2.15 -5.31 -14.15
CA LEU A 156 -1.52 -6.34 -13.33
C LEU A 156 -2.30 -7.63 -13.46
N THR A 157 -1.58 -8.73 -13.45
CA THR A 157 -2.15 -10.03 -13.77
C THR A 157 -2.52 -10.80 -12.51
N LYS A 158 -3.13 -11.96 -12.68
CA LYS A 158 -3.42 -12.83 -11.54
C LYS A 158 -2.11 -13.30 -10.91
N ASN A 159 -1.09 -13.41 -11.75
CA ASN A 159 0.25 -13.77 -11.32
C ASN A 159 0.82 -12.68 -10.41
N ASN A 160 0.29 -11.48 -10.55
CA ASN A 160 0.77 -10.32 -9.79
C ASN A 160 -0.05 -10.14 -8.51
N LEU A 161 -1.06 -10.98 -8.32
CA LEU A 161 -1.99 -10.81 -7.21
C LEU A 161 -1.48 -11.52 -5.94
N LEU A 162 -1.78 -10.92 -4.80
CA LEU A 162 -1.45 -11.49 -3.51
C LEU A 162 -2.62 -11.33 -2.55
N PHE A 163 -3.13 -12.44 -2.05
CA PHE A 163 -4.21 -12.43 -1.07
C PHE A 163 -3.82 -13.25 0.14
N PRO A 164 -4.08 -12.72 1.35
CA PRO A 164 -3.69 -13.36 2.60
C PRO A 164 -4.64 -14.49 3.01
N ASP A 165 -4.14 -15.42 3.80
CA ASP A 165 -4.94 -16.49 4.35
C ASP A 165 -4.25 -17.04 5.59
N LEU A 166 -4.40 -16.32 6.68
CA LEU A 166 -3.73 -16.67 7.91
C LEU A 166 -4.75 -16.93 9.02
N THR A 167 -4.68 -18.11 9.58
CA THR A 167 -5.59 -18.49 10.65
C THR A 167 -5.22 -17.79 11.96
N ASP A 168 -3.94 -17.80 12.29
CA ASP A 168 -3.46 -17.17 13.51
C ASP A 168 -2.60 -15.96 13.19
N TRP A 169 -2.89 -14.85 13.85
CA TRP A 169 -2.06 -13.66 13.75
C TRP A 169 -1.88 -13.05 15.13
N LEU A 170 -1.56 -13.89 16.10
CA LEU A 170 -1.28 -13.40 17.44
C LEU A 170 0.18 -13.00 17.55
N LEU A 171 0.59 -12.11 16.65
CA LEU A 171 1.96 -11.64 16.59
C LEU A 171 2.20 -10.56 17.63
N ASP A 172 2.47 -10.98 18.85
CA ASP A 172 2.77 -10.06 19.93
C ASP A 172 3.90 -10.61 20.82
N PRO A 173 3.72 -11.80 21.43
CA PRO A 173 4.73 -12.38 22.32
C PRO A 173 5.78 -13.21 21.56
N LYS A 174 6.05 -12.83 20.32
CA LYS A 174 7.07 -13.51 19.53
C LYS A 174 8.37 -12.71 19.50
N VAL A 175 8.27 -11.45 19.14
CA VAL A 175 9.44 -10.58 19.10
C VAL A 175 9.03 -9.11 18.92
N CYS A 176 7.98 -8.90 18.15
CA CYS A 176 7.44 -7.55 17.94
C CYS A 176 5.92 -7.61 17.90
N GLY A 2 2.45 11.95 -9.01
CA GLY A 2 2.40 13.38 -9.40
C GLY A 2 1.01 13.81 -9.82
N GLN A 3 0.49 13.20 -10.88
CA GLN A 3 -0.84 13.54 -11.37
C GLN A 3 -1.62 12.30 -11.77
N SER A 4 -1.12 11.57 -12.76
CA SER A 4 -1.80 10.37 -13.23
C SER A 4 -0.83 9.47 -13.98
N PRO A 5 0.02 8.73 -13.25
CA PRO A 5 1.00 7.82 -13.85
C PRO A 5 0.38 6.51 -14.31
N THR A 6 -0.39 5.89 -13.44
CA THR A 6 -1.06 4.64 -13.75
C THR A 6 -2.35 4.53 -12.94
N MET A 7 -3.40 5.19 -13.41
CA MET A 7 -4.66 5.23 -12.70
C MET A 7 -5.69 4.27 -13.28
N PRO A 8 -6.58 3.75 -12.42
CA PRO A 8 -7.62 2.81 -12.80
C PRO A 8 -8.74 3.45 -13.61
N GLN A 9 -9.53 2.61 -14.27
CA GLN A 9 -10.65 3.07 -15.06
C GLN A 9 -11.92 3.07 -14.23
N GLY A 10 -12.47 4.25 -14.05
CA GLY A 10 -13.66 4.39 -13.24
C GLY A 10 -13.38 5.09 -11.94
N PHE A 11 -12.10 5.33 -11.67
CA PHE A 11 -11.69 6.00 -10.45
C PHE A 11 -10.81 7.20 -10.77
N SER A 12 -10.81 8.16 -9.86
CA SER A 12 -9.92 9.29 -9.92
C SER A 12 -9.52 9.69 -8.51
N GLN A 13 -8.89 10.84 -8.38
CA GLN A 13 -8.50 11.34 -7.07
C GLN A 13 -9.73 11.68 -6.25
N MET A 14 -9.69 11.32 -4.97
CA MET A 14 -10.82 11.58 -4.08
C MET A 14 -10.98 13.07 -3.83
N THR A 15 -12.15 13.59 -4.17
CA THR A 15 -12.41 15.02 -4.08
C THR A 15 -12.36 15.49 -2.63
N SER A 16 -12.66 14.60 -1.71
CA SER A 16 -12.58 14.91 -0.29
C SER A 16 -11.73 13.88 0.44
N PHE A 17 -10.52 14.28 0.80
CA PHE A 17 -9.60 13.42 1.51
C PHE A 17 -9.21 14.05 2.84
N GLN A 18 -9.23 13.25 3.89
CA GLN A 18 -8.93 13.73 5.22
C GLN A 18 -7.77 12.94 5.82
N SER A 19 -6.58 13.50 5.76
CA SER A 19 -5.37 12.84 6.25
C SER A 19 -5.44 12.61 7.76
N ASN A 20 -6.01 13.58 8.47
CA ASN A 20 -6.07 13.56 9.93
C ASN A 20 -6.77 12.32 10.47
N LYS A 21 -7.69 11.77 9.68
CA LYS A 21 -8.40 10.58 10.10
C LYS A 21 -7.84 9.33 9.41
N PHE A 22 -7.31 9.50 8.21
CA PHE A 22 -6.82 8.38 7.41
C PHE A 22 -5.60 7.72 8.08
N GLN A 23 -4.90 8.48 8.91
CA GLN A 23 -3.79 7.94 9.67
C GLN A 23 -4.30 6.89 10.66
N GLY A 24 -3.41 6.02 11.08
CA GLY A 24 -3.79 4.94 11.97
C GLY A 24 -3.18 3.63 11.53
N GLU A 25 -3.78 2.53 11.95
CA GLU A 25 -3.29 1.21 11.57
C GLU A 25 -4.03 0.69 10.34
N TRP A 26 -3.28 0.00 9.50
CA TRP A 26 -3.83 -0.58 8.27
C TRP A 26 -3.23 -1.95 8.02
N PHE A 27 -4.08 -2.95 7.96
CA PHE A 27 -3.62 -4.30 7.65
C PHE A 27 -3.61 -4.48 6.14
N VAL A 28 -2.64 -5.22 5.63
CA VAL A 28 -2.56 -5.43 4.20
C VAL A 28 -3.26 -6.73 3.83
N LEU A 29 -4.49 -6.60 3.34
CA LEU A 29 -5.33 -7.75 3.01
C LEU A 29 -5.06 -8.23 1.59
N GLY A 30 -4.42 -7.37 0.81
CA GLY A 30 -4.09 -7.74 -0.55
C GLY A 30 -2.89 -6.96 -1.06
N LEU A 31 -2.03 -7.64 -1.80
CA LEU A 31 -0.87 -7.01 -2.39
C LEU A 31 -0.73 -7.47 -3.83
N ALA A 32 -0.62 -6.51 -4.73
CA ALA A 32 -0.48 -6.81 -6.14
C ALA A 32 0.67 -6.00 -6.72
N ASP A 33 1.41 -6.59 -7.65
CA ASP A 33 2.56 -5.91 -8.23
C ASP A 33 2.89 -6.47 -9.61
N ASN A 34 3.30 -5.59 -10.51
CA ASN A 34 3.61 -5.97 -11.88
C ASN A 34 4.90 -6.78 -11.98
N THR A 35 5.72 -6.73 -10.94
CA THR A 35 6.95 -7.50 -10.92
C THR A 35 6.86 -8.56 -9.83
N TYR A 36 5.63 -8.85 -9.42
CA TYR A 36 5.37 -9.84 -8.39
C TYR A 36 5.66 -11.25 -8.93
N LYS A 37 6.46 -11.99 -8.17
CA LYS A 37 6.77 -13.37 -8.51
C LYS A 37 6.14 -14.28 -7.47
N ARG A 38 5.56 -15.38 -7.94
CA ARG A 38 4.89 -16.31 -7.04
C ARG A 38 5.90 -17.14 -6.25
N GLU A 39 7.11 -17.24 -6.77
CA GLU A 39 8.18 -17.92 -6.06
C GLU A 39 9.07 -16.90 -5.34
N HIS A 40 9.33 -15.79 -6.01
CA HIS A 40 10.13 -14.72 -5.43
C HIS A 40 9.21 -13.67 -4.81
N ARG A 41 8.73 -13.95 -3.62
CA ARG A 41 7.74 -13.11 -2.97
C ARG A 41 8.40 -12.24 -1.90
N PRO A 42 7.72 -11.14 -1.50
CA PRO A 42 8.19 -10.27 -0.42
C PRO A 42 8.55 -11.06 0.84
N LEU A 43 9.49 -10.51 1.60
CA LEU A 43 10.07 -11.18 2.76
C LEU A 43 9.03 -11.57 3.82
N LEU A 44 7.86 -10.95 3.74
CA LEU A 44 6.77 -11.27 4.64
C LEU A 44 5.49 -11.48 3.86
N HIS A 45 4.76 -12.53 4.21
CA HIS A 45 3.58 -12.94 3.45
C HIS A 45 2.32 -12.24 3.97
N SER A 46 2.38 -11.77 5.20
CA SER A 46 1.29 -11.01 5.79
C SER A 46 1.86 -9.96 6.72
N PHE A 47 1.56 -8.68 6.48
CA PHE A 47 2.17 -7.61 7.26
C PHE A 47 1.21 -6.45 7.46
N ILE A 48 1.66 -5.48 8.27
CA ILE A 48 0.85 -4.33 8.64
C ILE A 48 1.59 -3.04 8.28
N THR A 49 0.87 -2.03 7.85
CA THR A 49 1.46 -0.73 7.56
C THR A 49 0.66 0.36 8.27
N LEU A 50 1.37 1.22 8.99
CA LEU A 50 0.70 2.27 9.75
C LEU A 50 0.97 3.61 9.12
N PHE A 51 0.01 4.51 9.24
CA PHE A 51 0.13 5.86 8.70
C PHE A 51 0.03 6.89 9.81
N LYS A 52 0.95 7.85 9.82
CA LYS A 52 0.96 8.91 10.83
C LYS A 52 1.19 10.26 10.18
N LEU A 53 0.55 11.29 10.70
CA LEU A 53 0.76 12.64 10.17
C LEU A 53 2.11 13.16 10.62
N ARG A 54 3.03 13.20 9.67
CA ARG A 54 4.41 13.56 9.90
C ARG A 54 4.53 15.02 10.35
N ASP A 55 4.40 15.94 9.41
CA ASP A 55 4.51 17.35 9.71
C ASP A 55 3.14 17.98 9.83
N ASN A 56 2.36 17.87 8.77
CA ASN A 56 1.02 18.44 8.75
C ASN A 56 0.05 17.56 7.98
N SER A 57 0.57 16.79 7.03
CA SER A 57 -0.28 15.97 6.18
C SER A 57 0.51 14.81 5.56
N GLU A 58 1.80 14.77 5.83
CA GLU A 58 2.65 13.72 5.32
C GLU A 58 2.33 12.43 6.04
N PHE A 59 2.37 11.32 5.33
CA PHE A 59 2.06 10.04 5.95
C PHE A 59 3.32 9.23 6.21
N GLN A 60 3.58 9.00 7.50
CA GLN A 60 4.67 8.16 7.90
C GLN A 60 4.25 6.70 7.78
N VAL A 61 4.56 6.11 6.63
CA VAL A 61 4.18 4.75 6.35
C VAL A 61 5.14 3.79 7.03
N THR A 62 4.62 3.12 8.04
CA THR A 62 5.41 2.26 8.90
C THR A 62 5.02 0.79 8.69
N ASN A 63 5.86 0.04 7.99
CA ASN A 63 5.59 -1.37 7.77
C ASN A 63 6.21 -2.20 8.88
N SER A 64 5.39 -3.04 9.49
CA SER A 64 5.83 -3.93 10.54
C SER A 64 6.09 -5.31 9.97
N MET A 65 7.36 -5.67 9.86
CA MET A 65 7.75 -6.92 9.24
C MET A 65 8.30 -7.89 10.28
N THR A 66 7.51 -8.87 10.65
CA THR A 66 7.95 -9.87 11.62
C THR A 66 8.54 -11.08 10.90
N ARG A 67 9.84 -11.24 11.02
CA ARG A 67 10.55 -12.37 10.43
C ARG A 67 10.95 -13.35 11.53
N GLY A 68 10.02 -14.20 11.93
CA GLY A 68 10.28 -15.12 13.02
C GLY A 68 10.40 -14.38 14.34
N LYS A 69 11.61 -14.35 14.88
CA LYS A 69 11.86 -13.65 16.13
C LYS A 69 12.63 -12.36 15.86
N HIS A 70 12.77 -12.01 14.58
CA HIS A 70 13.41 -10.78 14.19
C HIS A 70 12.37 -9.83 13.62
N CYS A 71 12.16 -8.72 14.29
CA CYS A 71 11.15 -7.76 13.86
C CYS A 71 11.83 -6.56 13.22
N SER A 72 11.39 -6.23 12.02
CA SER A 72 11.95 -5.12 11.28
C SER A 72 10.84 -4.14 10.90
N THR A 73 11.00 -2.90 11.32
CA THR A 73 10.01 -1.89 11.03
C THR A 73 10.66 -0.68 10.37
N TRP A 74 10.11 -0.24 9.25
CA TRP A 74 10.62 0.94 8.58
C TRP A 74 9.50 1.93 8.31
N SER A 75 9.83 3.21 8.34
CA SER A 75 8.87 4.25 8.10
C SER A 75 9.37 5.23 7.03
N TYR A 76 8.55 5.49 6.03
CA TYR A 76 8.86 6.51 5.04
C TYR A 76 7.90 7.68 5.18
N THR A 77 8.18 8.76 4.47
CA THR A 77 7.35 9.94 4.53
C THR A 77 6.65 10.18 3.20
N LEU A 78 5.32 10.04 3.20
CA LEU A 78 4.53 10.29 2.01
C LEU A 78 4.15 11.75 1.97
N ILE A 79 4.53 12.43 0.90
CA ILE A 79 4.33 13.86 0.79
C ILE A 79 3.13 14.17 -0.09
N PRO A 80 2.08 14.75 0.49
CA PRO A 80 0.89 15.14 -0.27
C PRO A 80 1.17 16.29 -1.21
N THR A 81 0.62 16.21 -2.41
CA THR A 81 0.75 17.26 -3.39
C THR A 81 -0.36 18.29 -3.19
N ASN A 82 -0.64 19.08 -4.22
CA ASN A 82 -1.79 19.98 -4.18
C ASN A 82 -3.07 19.15 -4.29
N LYS A 83 -2.93 17.94 -4.82
CA LYS A 83 -4.08 17.11 -5.15
C LYS A 83 -4.50 16.24 -3.96
N PRO A 84 -5.82 16.17 -3.68
CA PRO A 84 -6.34 15.37 -2.57
C PRO A 84 -6.19 13.88 -2.84
N GLY A 85 -5.23 13.26 -2.17
CA GLY A 85 -5.02 11.84 -2.33
C GLY A 85 -3.86 11.54 -3.25
N GLN A 86 -3.02 12.54 -3.48
CA GLN A 86 -1.88 12.40 -4.36
C GLN A 86 -0.58 12.65 -3.57
N PHE A 87 0.26 11.63 -3.49
CA PHE A 87 1.44 11.68 -2.65
C PHE A 87 2.69 11.30 -3.42
N THR A 88 3.83 11.74 -2.92
CA THR A 88 5.13 11.30 -3.41
C THR A 88 5.98 10.86 -2.22
N ARG A 89 6.55 9.69 -2.29
CA ARG A 89 7.34 9.15 -1.20
C ARG A 89 8.69 9.83 -1.13
N ASP A 90 8.90 10.61 -0.08
CA ASP A 90 10.19 11.25 0.15
C ASP A 90 11.15 10.25 0.77
N ASN A 91 12.34 10.17 0.20
CA ASN A 91 13.32 9.19 0.63
C ASN A 91 14.63 9.88 1.01
N ARG A 92 14.53 11.15 1.37
CA ARG A 92 15.71 11.92 1.73
C ARG A 92 16.35 11.34 2.99
N GLY A 93 17.51 10.74 2.80
CA GLY A 93 18.18 10.04 3.88
C GLY A 93 18.40 8.59 3.54
N SER A 94 17.58 8.08 2.63
CA SER A 94 17.67 6.70 2.18
C SER A 94 18.65 6.58 1.02
N GLY A 95 19.07 7.72 0.48
CA GLY A 95 19.99 7.73 -0.62
C GLY A 95 19.93 9.02 -1.41
N PRO A 96 21.08 9.51 -1.88
CA PRO A 96 21.17 10.69 -2.75
C PRO A 96 20.21 10.61 -3.93
N GLY A 97 20.11 9.42 -4.51
CA GLY A 97 19.15 9.19 -5.57
C GLY A 97 17.81 8.83 -5.00
N ALA A 98 17.75 7.66 -4.38
CA ALA A 98 16.55 7.16 -3.72
C ALA A 98 15.36 7.14 -4.66
N ASP A 99 15.24 6.04 -5.39
CA ASP A 99 14.12 5.83 -6.32
C ASP A 99 12.80 6.09 -5.61
N LYS A 100 12.10 7.14 -6.05
CA LYS A 100 10.89 7.58 -5.39
C LYS A 100 9.72 6.67 -5.73
N GLU A 101 8.63 6.87 -5.02
CA GLU A 101 7.44 6.07 -5.21
C GLU A 101 6.22 6.98 -5.16
N ASN A 102 5.35 6.84 -6.15
CA ASN A 102 4.15 7.65 -6.24
C ASN A 102 3.01 6.98 -5.53
N ILE A 103 2.51 7.58 -4.47
CA ILE A 103 1.44 7.00 -3.68
C ILE A 103 0.16 7.76 -3.93
N GLN A 104 -0.85 7.06 -4.41
CA GLN A 104 -2.13 7.69 -4.68
C GLN A 104 -3.25 6.85 -4.08
N VAL A 105 -4.00 7.44 -3.15
CA VAL A 105 -5.14 6.75 -2.57
C VAL A 105 -6.34 6.87 -3.51
N ILE A 106 -6.69 5.75 -4.12
CA ILE A 106 -7.74 5.72 -5.11
C ILE A 106 -9.12 5.74 -4.46
N GLU A 107 -9.26 5.05 -3.33
CA GLU A 107 -10.57 4.93 -2.68
C GLU A 107 -10.41 4.41 -1.26
N THR A 108 -10.49 5.29 -0.27
CA THR A 108 -10.45 4.83 1.10
C THR A 108 -11.75 5.14 1.83
N ASP A 109 -12.38 4.08 2.30
CA ASP A 109 -13.48 4.18 3.22
C ASP A 109 -12.99 3.72 4.58
N TYR A 110 -12.70 4.67 5.46
CA TYR A 110 -12.07 4.33 6.74
C TYR A 110 -12.93 3.37 7.55
N VAL A 111 -14.20 3.32 7.23
CA VAL A 111 -15.13 2.43 7.91
C VAL A 111 -15.02 0.99 7.41
N LYS A 112 -14.25 0.78 6.35
CA LYS A 112 -14.14 -0.53 5.72
C LYS A 112 -12.70 -0.85 5.27
N PHE A 113 -12.15 -0.06 4.35
CA PHE A 113 -10.85 -0.39 3.76
C PHE A 113 -10.18 0.83 3.13
N ALA A 114 -9.04 0.58 2.47
CA ALA A 114 -8.30 1.62 1.80
C ALA A 114 -7.64 1.08 0.53
N LEU A 115 -8.03 1.63 -0.61
CA LEU A 115 -7.40 1.29 -1.89
C LEU A 115 -6.25 2.23 -2.17
N VAL A 116 -5.04 1.72 -2.01
CA VAL A 116 -3.84 2.49 -2.21
C VAL A 116 -3.05 1.99 -3.42
N LEU A 117 -2.89 2.86 -4.39
CA LEU A 117 -2.19 2.55 -5.62
C LEU A 117 -0.89 3.34 -5.64
N SER A 118 0.24 2.66 -5.74
CA SER A 118 1.52 3.34 -5.67
C SER A 118 2.52 2.75 -6.66
N LEU A 119 3.02 3.56 -7.56
CA LEU A 119 3.98 3.09 -8.54
C LEU A 119 5.37 3.57 -8.19
N ARG A 120 6.33 2.68 -8.23
CA ARG A 120 7.69 2.99 -7.84
C ARG A 120 8.49 3.44 -9.05
N GLN A 121 9.08 4.62 -8.95
CA GLN A 121 9.82 5.20 -10.05
C GLN A 121 11.26 4.73 -10.03
N ALA A 122 11.63 3.90 -10.98
CA ALA A 122 12.98 3.39 -11.05
C ALA A 122 13.58 3.64 -12.43
N SER A 123 14.81 3.21 -12.63
CA SER A 123 15.53 3.45 -13.87
C SER A 123 14.91 2.67 -15.03
N ASN A 124 14.99 1.35 -14.96
CA ASN A 124 14.57 0.50 -16.08
C ASN A 124 13.07 0.52 -16.25
N GLN A 125 12.34 0.68 -15.15
CA GLN A 125 10.88 0.60 -15.21
C GLN A 125 10.22 1.36 -14.06
N ASN A 126 8.91 1.52 -14.18
CA ASN A 126 8.08 1.97 -13.08
C ASN A 126 7.25 0.81 -12.58
N ILE A 127 7.31 0.59 -11.29
CA ILE A 127 6.71 -0.59 -10.67
C ILE A 127 5.26 -0.32 -10.31
N THR A 128 4.35 -1.09 -10.89
CA THR A 128 2.96 -0.98 -10.56
C THR A 128 2.65 -1.75 -9.29
N ARG A 129 2.47 -1.04 -8.19
CA ARG A 129 2.15 -1.65 -6.92
C ARG A 129 0.76 -1.26 -6.47
N VAL A 130 -0.04 -2.26 -6.18
CA VAL A 130 -1.41 -2.05 -5.76
C VAL A 130 -1.61 -2.68 -4.38
N SER A 131 -2.00 -1.88 -3.40
CA SER A 131 -2.14 -2.35 -2.06
C SER A 131 -3.59 -2.27 -1.58
N LEU A 132 -4.06 -3.34 -0.96
CA LEU A 132 -5.40 -3.37 -0.41
C LEU A 132 -5.32 -3.39 1.10
N LEU A 133 -5.49 -2.22 1.70
CA LEU A 133 -5.42 -2.08 3.14
C LEU A 133 -6.82 -2.18 3.74
N GLY A 134 -6.89 -2.69 4.94
CA GLY A 134 -8.18 -2.87 5.59
C GLY A 134 -8.12 -2.61 7.07
N ARG A 135 -9.31 -2.49 7.67
CA ARG A 135 -9.43 -2.24 9.09
C ARG A 135 -9.06 -3.49 9.86
N ASP A 136 -9.60 -4.61 9.40
CA ASP A 136 -9.29 -5.93 9.95
C ASP A 136 -8.75 -6.78 8.82
N TRP A 137 -8.08 -7.89 9.15
CA TRP A 137 -7.59 -8.80 8.12
C TRP A 137 -8.72 -9.69 7.60
N LYS A 138 -9.90 -9.47 8.15
CA LYS A 138 -11.10 -10.17 7.73
C LYS A 138 -12.07 -9.20 7.07
N ILE A 139 -12.44 -9.48 5.84
CA ILE A 139 -13.25 -8.57 5.05
C ILE A 139 -14.09 -9.34 4.03
N THR A 140 -15.11 -8.69 3.48
CA THR A 140 -16.00 -9.34 2.53
C THR A 140 -15.50 -9.15 1.10
N HIS A 141 -15.95 -10.05 0.21
CA HIS A 141 -15.56 -10.03 -1.19
C HIS A 141 -16.07 -8.78 -1.89
N LYS A 142 -17.15 -8.19 -1.39
CA LYS A 142 -17.63 -6.93 -1.94
C LYS A 142 -16.52 -5.89 -1.87
N THR A 143 -15.86 -5.83 -0.73
CA THR A 143 -14.78 -4.91 -0.50
C THR A 143 -13.51 -5.36 -1.25
N ILE A 144 -13.30 -6.67 -1.29
CA ILE A 144 -12.17 -7.26 -2.01
C ILE A 144 -12.26 -6.94 -3.51
N ASP A 145 -13.47 -7.03 -4.04
CA ASP A 145 -13.74 -6.86 -5.46
C ASP A 145 -13.31 -5.47 -5.95
N ARG A 146 -13.38 -4.49 -5.07
CA ARG A 146 -13.02 -3.13 -5.42
C ARG A 146 -11.51 -3.04 -5.66
N PHE A 147 -10.75 -3.88 -4.99
CA PHE A 147 -9.31 -3.95 -5.19
C PHE A 147 -8.97 -4.74 -6.45
N ILE A 148 -9.75 -5.78 -6.71
CA ILE A 148 -9.53 -6.62 -7.88
C ILE A 148 -9.58 -5.79 -9.14
N ALA A 149 -10.56 -4.89 -9.19
CA ALA A 149 -10.73 -3.98 -10.31
C ALA A 149 -9.46 -3.15 -10.55
N LEU A 150 -8.87 -2.65 -9.47
CA LEU A 150 -7.66 -1.85 -9.58
C LEU A 150 -6.55 -2.63 -10.28
N THR A 151 -6.35 -3.87 -9.87
CA THR A 151 -5.26 -4.66 -10.41
C THR A 151 -5.48 -4.95 -11.89
N LYS A 152 -6.74 -5.11 -12.27
CA LYS A 152 -7.10 -5.34 -13.67
C LYS A 152 -6.69 -4.15 -14.51
N THR A 153 -7.11 -2.97 -14.08
CA THR A 153 -6.84 -1.73 -14.79
C THR A 153 -5.35 -1.38 -14.75
N GLN A 154 -4.67 -1.89 -13.73
CA GLN A 154 -3.23 -1.67 -13.57
C GLN A 154 -2.43 -2.69 -14.36
N ASN A 155 -3.14 -3.51 -15.13
CA ASN A 155 -2.55 -4.45 -16.07
C ASN A 155 -1.80 -5.54 -15.33
N LEU A 156 -2.36 -5.98 -14.23
CA LEU A 156 -1.78 -7.04 -13.43
C LEU A 156 -2.52 -8.34 -13.69
N THR A 157 -1.80 -9.45 -13.56
CA THR A 157 -2.38 -10.74 -13.82
C THR A 157 -2.86 -11.36 -12.51
N LYS A 158 -3.61 -12.45 -12.57
CA LYS A 158 -4.12 -13.10 -11.36
C LYS A 158 -2.96 -13.56 -10.47
N ASN A 159 -1.81 -13.79 -11.09
CA ASN A 159 -0.63 -14.25 -10.37
C ASN A 159 0.00 -13.11 -9.56
N ASN A 160 -0.36 -11.88 -9.92
CA ASN A 160 0.22 -10.71 -9.28
C ASN A 160 -0.52 -10.39 -7.98
N LEU A 161 -1.67 -11.04 -7.80
CA LEU A 161 -2.51 -10.79 -6.64
C LEU A 161 -2.17 -11.75 -5.50
N LEU A 162 -1.73 -11.19 -4.40
CA LEU A 162 -1.43 -11.95 -3.20
C LEU A 162 -2.39 -11.57 -2.09
N PHE A 163 -3.08 -12.56 -1.57
CA PHE A 163 -3.94 -12.36 -0.41
C PHE A 163 -3.42 -13.21 0.74
N PRO A 164 -2.99 -12.57 1.85
CA PRO A 164 -2.48 -13.28 3.03
C PRO A 164 -3.46 -14.32 3.54
N ASP A 165 -2.98 -15.55 3.68
CA ASP A 165 -3.83 -16.65 4.12
C ASP A 165 -4.14 -16.54 5.60
N LEU A 166 -3.33 -15.72 6.29
CA LEU A 166 -3.53 -15.38 7.70
C LEU A 166 -3.13 -16.53 8.63
N THR A 167 -3.01 -17.73 8.09
CA THR A 167 -2.57 -18.89 8.86
C THR A 167 -1.12 -18.70 9.32
N ASP A 168 -0.41 -17.84 8.63
CA ASP A 168 0.97 -17.54 8.94
C ASP A 168 1.09 -16.14 9.55
N TRP A 169 0.11 -15.77 10.37
CA TRP A 169 0.10 -14.43 10.94
C TRP A 169 -0.58 -14.39 12.32
N LEU A 170 -0.86 -15.54 12.91
CA LEU A 170 -1.38 -15.58 14.26
C LEU A 170 -0.30 -15.13 15.24
N LEU A 171 0.93 -15.55 14.97
CA LEU A 171 2.10 -15.14 15.75
C LEU A 171 1.86 -15.33 17.25
N ASP A 172 1.94 -16.57 17.70
CA ASP A 172 1.72 -16.88 19.11
C ASP A 172 2.84 -16.35 19.99
N PRO A 173 4.12 -16.70 19.72
CA PRO A 173 5.25 -16.19 20.48
C PRO A 173 5.69 -14.82 19.98
N LYS A 174 4.88 -13.80 20.27
CA LYS A 174 5.17 -12.43 19.86
C LYS A 174 6.41 -11.90 20.55
N VAL A 175 7.39 -11.48 19.76
CA VAL A 175 8.63 -10.95 20.30
C VAL A 175 8.80 -9.48 19.90
N CYS A 176 7.90 -8.99 19.06
CA CYS A 176 7.98 -7.63 18.55
C CYS A 176 7.45 -6.64 19.57
N GLY A 2 -1.34 14.09 -19.51
CA GLY A 2 -2.66 13.58 -19.09
C GLY A 2 -2.56 12.74 -17.84
N GLN A 3 -2.88 11.46 -17.96
CA GLN A 3 -2.77 10.53 -16.84
C GLN A 3 -1.33 10.03 -16.70
N SER A 4 -0.58 10.63 -15.79
CA SER A 4 0.78 10.18 -15.53
C SER A 4 0.78 8.92 -14.66
N PRO A 5 0.17 8.95 -13.45
CA PRO A 5 0.08 7.76 -12.61
C PRO A 5 -0.99 6.80 -13.12
N THR A 6 -0.64 5.53 -13.19
CA THR A 6 -1.60 4.51 -13.59
C THR A 6 -2.62 4.29 -12.50
N MET A 7 -3.81 4.86 -12.69
CA MET A 7 -4.88 4.75 -11.73
C MET A 7 -6.11 4.13 -12.38
N PRO A 8 -7.04 3.61 -11.57
CA PRO A 8 -8.24 2.93 -12.07
C PRO A 8 -9.20 3.86 -12.80
N GLN A 9 -9.99 3.29 -13.67
CA GLN A 9 -11.04 4.04 -14.35
C GLN A 9 -12.40 3.68 -13.79
N GLY A 10 -12.39 2.80 -12.80
CA GLY A 10 -13.62 2.41 -12.13
C GLY A 10 -13.87 3.27 -10.91
N PHE A 11 -12.84 3.98 -10.47
CA PHE A 11 -12.94 4.87 -9.33
C PHE A 11 -12.59 6.28 -9.75
N SER A 12 -13.20 7.26 -9.10
CA SER A 12 -13.00 8.66 -9.43
C SER A 12 -11.83 9.23 -8.65
N GLN A 13 -11.23 10.29 -9.20
CA GLN A 13 -10.11 10.97 -8.54
C GLN A 13 -10.61 11.68 -7.30
N MET A 14 -10.02 11.35 -6.16
CA MET A 14 -10.43 11.92 -4.87
C MET A 14 -10.41 13.44 -4.89
N THR A 15 -11.51 14.05 -4.52
CA THR A 15 -11.61 15.50 -4.50
C THR A 15 -11.35 16.03 -3.09
N SER A 16 -11.41 15.12 -2.11
CA SER A 16 -11.16 15.48 -0.72
C SER A 16 -10.42 14.37 0.00
N PHE A 17 -9.60 14.73 0.96
CA PHE A 17 -8.82 13.76 1.71
C PHE A 17 -8.56 14.25 3.14
N GLN A 18 -9.00 13.47 4.11
CA GLN A 18 -8.74 13.79 5.51
C GLN A 18 -7.58 12.95 6.04
N SER A 19 -6.41 13.58 6.13
CA SER A 19 -5.18 12.91 6.55
C SER A 19 -5.31 12.32 7.95
N ASN A 20 -5.98 13.05 8.84
CA ASN A 20 -6.15 12.62 10.22
C ASN A 20 -7.00 11.35 10.32
N LYS A 21 -7.66 11.00 9.23
CA LYS A 21 -8.50 9.81 9.19
C LYS A 21 -7.74 8.60 8.62
N PHE A 22 -6.82 8.87 7.70
CA PHE A 22 -6.10 7.80 7.00
C PHE A 22 -4.93 7.27 7.83
N GLN A 23 -4.59 7.98 8.90
CA GLN A 23 -3.52 7.55 9.79
C GLN A 23 -3.97 6.36 10.64
N GLY A 24 -3.02 5.75 11.34
CA GLY A 24 -3.33 4.60 12.18
C GLY A 24 -2.63 3.35 11.69
N GLU A 25 -3.06 2.20 12.18
CA GLU A 25 -2.52 0.92 11.73
C GLU A 25 -3.30 0.41 10.53
N TRP A 26 -2.61 -0.30 9.67
CA TRP A 26 -3.22 -0.86 8.46
C TRP A 26 -2.65 -2.25 8.17
N PHE A 27 -3.52 -3.22 8.02
CA PHE A 27 -3.10 -4.56 7.62
C PHE A 27 -3.14 -4.67 6.10
N VAL A 28 -2.19 -5.39 5.54
CA VAL A 28 -2.13 -5.55 4.09
C VAL A 28 -2.82 -6.85 3.68
N LEU A 29 -4.01 -6.71 3.11
CA LEU A 29 -4.80 -7.86 2.69
C LEU A 29 -4.62 -8.12 1.20
N GLY A 30 -4.13 -7.12 0.49
CA GLY A 30 -3.93 -7.25 -0.94
C GLY A 30 -2.63 -6.65 -1.38
N LEU A 31 -1.89 -7.39 -2.18
CA LEU A 31 -0.64 -6.90 -2.72
C LEU A 31 -0.52 -7.31 -4.18
N ALA A 32 -0.46 -6.34 -5.06
CA ALA A 32 -0.29 -6.62 -6.48
C ALA A 32 0.80 -5.73 -7.06
N ASP A 33 1.39 -6.16 -8.15
CA ASP A 33 2.49 -5.42 -8.76
C ASP A 33 2.57 -5.78 -10.24
N ASN A 34 3.37 -5.04 -10.98
CA ASN A 34 3.53 -5.26 -12.41
C ASN A 34 4.74 -6.15 -12.67
N THR A 35 5.65 -6.19 -11.70
CA THR A 35 6.85 -7.00 -11.81
C THR A 35 6.84 -8.07 -10.73
N TYR A 36 5.69 -8.22 -10.08
CA TYR A 36 5.49 -9.20 -9.02
C TYR A 36 5.85 -10.62 -9.51
N LYS A 37 6.79 -11.24 -8.83
CA LYS A 37 7.23 -12.58 -9.18
C LYS A 37 6.52 -13.62 -8.31
N ARG A 38 5.98 -14.66 -8.95
CA ARG A 38 5.24 -15.70 -8.25
C ARG A 38 6.16 -16.61 -7.45
N GLU A 39 7.42 -16.69 -7.85
CA GLU A 39 8.39 -17.52 -7.13
C GLU A 39 9.26 -16.65 -6.24
N HIS A 40 9.21 -15.36 -6.47
CA HIS A 40 9.96 -14.41 -5.66
C HIS A 40 9.01 -13.40 -5.02
N ARG A 41 8.04 -13.93 -4.31
CA ARG A 41 7.04 -13.11 -3.64
C ARG A 41 7.59 -12.51 -2.36
N PRO A 42 6.95 -11.46 -1.84
CA PRO A 42 7.30 -10.88 -0.54
C PRO A 42 7.35 -11.94 0.56
N LEU A 43 8.30 -11.78 1.48
CA LEU A 43 8.53 -12.75 2.55
C LEU A 43 7.33 -12.88 3.47
N LEU A 44 6.43 -11.92 3.41
CA LEU A 44 5.19 -11.97 4.16
C LEU A 44 4.01 -11.71 3.26
N HIS A 45 2.87 -12.28 3.62
CA HIS A 45 1.64 -12.09 2.86
C HIS A 45 0.71 -11.17 3.63
N SER A 46 0.56 -11.46 4.91
CA SER A 46 -0.31 -10.67 5.77
C SER A 46 0.51 -9.85 6.76
N PHE A 47 1.18 -8.83 6.26
CA PHE A 47 2.00 -7.96 7.09
C PHE A 47 1.27 -6.66 7.40
N ILE A 48 1.90 -5.83 8.22
CA ILE A 48 1.26 -4.62 8.71
C ILE A 48 2.04 -3.37 8.30
N THR A 49 1.34 -2.31 7.97
CA THR A 49 1.95 -1.03 7.69
C THR A 49 1.22 0.07 8.45
N LEU A 50 1.96 0.93 9.14
CA LEU A 50 1.34 1.95 9.96
C LEU A 50 1.56 3.32 9.34
N PHE A 51 0.60 4.20 9.52
CA PHE A 51 0.68 5.56 8.97
C PHE A 51 0.55 6.60 10.08
N LYS A 52 1.60 7.35 10.32
CA LYS A 52 1.59 8.39 11.35
C LYS A 52 1.64 9.77 10.72
N LEU A 53 0.93 10.72 11.30
CA LEU A 53 0.93 12.09 10.79
C LEU A 53 2.19 12.83 11.24
N ARG A 54 2.99 13.23 10.27
CA ARG A 54 4.22 13.95 10.53
C ARG A 54 3.94 15.41 10.88
N ASP A 55 3.86 16.25 9.87
CA ASP A 55 3.58 17.67 10.10
C ASP A 55 2.07 17.89 10.17
N ASN A 56 1.36 17.43 9.15
CA ASN A 56 -0.10 17.54 9.14
C ASN A 56 -0.75 16.51 8.21
N SER A 57 -0.06 16.17 7.12
CA SER A 57 -0.64 15.26 6.13
C SER A 57 0.39 14.25 5.64
N GLU A 58 1.60 14.37 6.15
CA GLU A 58 2.68 13.48 5.79
C GLU A 58 2.52 12.18 6.56
N PHE A 59 2.52 11.07 5.84
CA PHE A 59 2.29 9.77 6.46
C PHE A 59 3.57 8.99 6.64
N GLN A 60 3.91 8.72 7.88
CA GLN A 60 5.04 7.88 8.19
C GLN A 60 4.65 6.42 8.02
N VAL A 61 4.91 5.89 6.84
CA VAL A 61 4.58 4.53 6.50
C VAL A 61 5.59 3.57 7.10
N THR A 62 5.16 2.84 8.10
CA THR A 62 6.01 1.94 8.83
C THR A 62 5.58 0.50 8.63
N ASN A 63 6.32 -0.25 7.84
CA ASN A 63 5.99 -1.64 7.60
C ASN A 63 6.63 -2.52 8.66
N SER A 64 5.81 -3.29 9.33
CA SER A 64 6.27 -4.21 10.35
C SER A 64 6.26 -5.63 9.80
N MET A 65 7.43 -6.16 9.51
CA MET A 65 7.54 -7.51 8.98
C MET A 65 7.88 -8.47 10.11
N THR A 66 6.87 -9.14 10.62
CA THR A 66 7.05 -10.04 11.75
C THR A 66 7.28 -11.47 11.26
N ARG A 67 8.50 -11.95 11.46
CA ARG A 67 8.86 -13.30 11.09
C ARG A 67 9.49 -14.02 12.28
N GLY A 68 8.68 -14.82 12.96
CA GLY A 68 9.12 -15.44 14.18
C GLY A 68 8.97 -14.49 15.36
N LYS A 69 10.07 -14.16 16.00
CA LYS A 69 10.05 -13.18 17.07
C LYS A 69 10.88 -11.97 16.67
N HIS A 70 11.38 -11.99 15.46
CA HIS A 70 12.14 -10.88 14.92
C HIS A 70 11.27 -10.10 13.95
N CYS A 71 11.19 -8.81 14.15
CA CYS A 71 10.38 -7.95 13.32
C CYS A 71 11.26 -6.95 12.58
N SER A 72 11.04 -6.86 11.28
CA SER A 72 11.78 -5.93 10.45
C SER A 72 10.90 -4.75 10.11
N THR A 73 11.25 -3.59 10.63
CA THR A 73 10.43 -2.41 10.46
C THR A 73 11.18 -1.31 9.72
N TRP A 74 10.57 -0.82 8.65
CA TRP A 74 11.11 0.33 7.94
C TRP A 74 10.02 1.36 7.74
N SER A 75 10.37 2.61 7.92
CA SER A 75 9.39 3.69 7.88
C SER A 75 9.84 4.82 6.96
N TYR A 76 8.94 5.23 6.07
CA TYR A 76 9.19 6.35 5.18
C TYR A 76 8.17 7.45 5.44
N THR A 77 8.31 8.56 4.75
CA THR A 77 7.38 9.66 4.87
C THR A 77 6.70 9.94 3.54
N LEU A 78 5.39 9.77 3.49
CA LEU A 78 4.63 10.04 2.29
C LEU A 78 4.21 11.49 2.27
N ILE A 79 4.45 12.16 1.18
CA ILE A 79 4.23 13.60 1.10
C ILE A 79 3.07 13.90 0.18
N PRO A 80 2.10 14.70 0.67
CA PRO A 80 0.92 15.04 -0.11
C PRO A 80 1.18 16.16 -1.11
N THR A 81 0.76 15.96 -2.33
CA THR A 81 0.93 16.95 -3.38
C THR A 81 -0.18 17.99 -3.29
N ASN A 82 -0.32 18.80 -4.33
CA ASN A 82 -1.44 19.72 -4.43
C ASN A 82 -2.73 18.95 -4.70
N LYS A 83 -2.60 17.72 -5.18
CA LYS A 83 -3.74 16.91 -5.53
C LYS A 83 -4.28 16.15 -4.32
N PRO A 84 -5.61 16.09 -4.16
CA PRO A 84 -6.24 15.44 -3.01
C PRO A 84 -6.10 13.92 -3.07
N GLY A 85 -5.28 13.37 -2.21
CA GLY A 85 -5.08 11.93 -2.18
C GLY A 85 -3.96 11.51 -3.12
N GLN A 86 -3.08 12.45 -3.41
CA GLN A 86 -1.92 12.20 -4.27
C GLN A 86 -0.64 12.45 -3.49
N PHE A 87 0.18 11.43 -3.39
CA PHE A 87 1.37 11.45 -2.53
C PHE A 87 2.62 11.06 -3.30
N THR A 88 3.75 11.37 -2.72
CA THR A 88 5.04 10.90 -3.22
C THR A 88 5.95 10.65 -2.02
N ARG A 89 6.72 9.57 -2.06
CA ARG A 89 7.58 9.23 -0.94
C ARG A 89 8.75 10.20 -0.84
N ASP A 90 8.85 10.86 0.31
CA ASP A 90 9.99 11.71 0.61
C ASP A 90 11.27 10.90 0.57
N ASN A 91 12.23 11.40 -0.16
CA ASN A 91 13.47 10.69 -0.41
C ASN A 91 14.57 11.73 -0.51
N ARG A 92 14.57 12.63 0.46
CA ARG A 92 15.56 13.69 0.50
C ARG A 92 16.94 13.13 0.83
N GLY A 93 17.58 12.56 -0.17
CA GLY A 93 18.89 11.98 0.01
C GLY A 93 18.84 10.64 0.71
N SER A 94 17.75 9.91 0.52
CA SER A 94 17.58 8.62 1.18
C SER A 94 18.20 7.50 0.33
N GLY A 95 18.29 7.72 -0.97
CA GLY A 95 18.92 6.74 -1.83
C GLY A 95 20.01 7.35 -2.67
N PRO A 96 20.52 6.57 -3.63
CA PRO A 96 21.59 7.00 -4.54
C PRO A 96 21.12 8.08 -5.52
N GLY A 97 20.06 7.78 -6.24
CA GLY A 97 19.46 8.72 -7.15
C GLY A 97 18.14 9.21 -6.62
N ALA A 98 17.80 8.68 -5.47
CA ALA A 98 16.58 9.01 -4.76
C ALA A 98 15.34 8.68 -5.60
N ASP A 99 15.25 7.41 -6.00
CA ASP A 99 14.08 6.92 -6.71
C ASP A 99 12.88 6.96 -5.78
N LYS A 100 11.85 7.67 -6.18
CA LYS A 100 10.71 7.88 -5.32
C LYS A 100 9.54 7.02 -5.73
N GLU A 101 8.55 6.98 -4.88
CA GLU A 101 7.38 6.16 -5.13
C GLU A 101 6.14 7.05 -5.04
N ASN A 102 5.31 6.94 -6.06
CA ASN A 102 4.11 7.73 -6.16
C ASN A 102 2.93 6.99 -5.52
N ILE A 103 2.43 7.55 -4.44
CA ILE A 103 1.39 6.88 -3.68
C ILE A 103 0.08 7.63 -3.85
N GLN A 104 -0.89 6.99 -4.44
CA GLN A 104 -2.18 7.61 -4.67
C GLN A 104 -3.29 6.82 -4.01
N VAL A 105 -4.03 7.46 -3.14
CA VAL A 105 -5.18 6.83 -2.52
C VAL A 105 -6.33 6.78 -3.52
N ILE A 106 -6.95 5.61 -3.62
CA ILE A 106 -8.06 5.42 -4.53
C ILE A 106 -9.39 5.41 -3.79
N GLU A 107 -9.38 4.84 -2.59
CA GLU A 107 -10.61 4.71 -1.81
C GLU A 107 -10.28 4.35 -0.37
N THR A 108 -10.21 5.34 0.50
CA THR A 108 -9.84 5.10 1.88
C THR A 108 -11.06 5.22 2.80
N ASP A 109 -11.92 4.23 2.75
CA ASP A 109 -13.02 4.14 3.69
C ASP A 109 -12.50 3.67 5.03
N TYR A 110 -12.01 4.61 5.83
CA TYR A 110 -11.36 4.32 7.13
C TYR A 110 -12.20 3.42 8.04
N VAL A 111 -13.50 3.36 7.79
CA VAL A 111 -14.40 2.55 8.59
C VAL A 111 -14.41 1.08 8.16
N LYS A 112 -13.60 0.74 7.15
CA LYS A 112 -13.57 -0.61 6.63
C LYS A 112 -12.23 -0.98 5.98
N PHE A 113 -11.70 -0.12 5.10
CA PHE A 113 -10.48 -0.45 4.38
C PHE A 113 -9.84 0.78 3.72
N ALA A 114 -8.79 0.53 2.96
CA ALA A 114 -8.12 1.58 2.19
C ALA A 114 -7.49 1.01 0.93
N LEU A 115 -7.93 1.50 -0.21
CA LEU A 115 -7.34 1.14 -1.49
C LEU A 115 -6.23 2.11 -1.83
N VAL A 116 -5.01 1.60 -1.82
CA VAL A 116 -3.84 2.43 -2.04
C VAL A 116 -3.05 1.94 -3.25
N LEU A 117 -2.80 2.87 -4.16
CA LEU A 117 -1.99 2.61 -5.33
C LEU A 117 -0.64 3.27 -5.14
N SER A 118 0.44 2.62 -5.53
CA SER A 118 1.76 3.20 -5.38
C SER A 118 2.69 2.76 -6.50
N LEU A 119 3.12 3.75 -7.28
CA LEU A 119 3.95 3.51 -8.44
C LEU A 119 5.35 4.06 -8.21
N ARG A 120 6.33 3.18 -8.09
CA ARG A 120 7.69 3.58 -7.76
C ARG A 120 8.49 3.88 -9.01
N GLN A 121 8.95 5.11 -9.13
CA GLN A 121 9.74 5.53 -10.26
C GLN A 121 11.20 5.22 -9.99
N ALA A 122 11.73 4.22 -10.69
CA ALA A 122 13.09 3.80 -10.47
C ALA A 122 13.92 3.88 -11.75
N SER A 123 15.16 3.45 -11.66
CA SER A 123 16.07 3.49 -12.78
C SER A 123 15.66 2.53 -13.87
N ASN A 124 15.68 1.24 -13.53
CA ASN A 124 15.44 0.18 -14.50
C ASN A 124 14.04 0.27 -15.10
N GLN A 125 13.10 0.74 -14.31
CA GLN A 125 11.69 0.77 -14.74
C GLN A 125 10.81 1.47 -13.73
N ASN A 126 9.56 1.69 -14.10
CA ASN A 126 8.55 2.18 -13.18
C ASN A 126 7.74 1.01 -12.66
N ILE A 127 7.61 0.97 -11.35
CA ILE A 127 6.93 -0.13 -10.69
C ILE A 127 5.51 0.25 -10.34
N THR A 128 4.55 -0.36 -11.01
CA THR A 128 3.17 -0.20 -10.66
C THR A 128 2.79 -1.20 -9.58
N ARG A 129 2.55 -0.72 -8.39
CA ARG A 129 2.22 -1.58 -7.27
C ARG A 129 0.92 -1.13 -6.62
N VAL A 130 0.14 -2.09 -6.15
CA VAL A 130 -1.17 -1.80 -5.61
C VAL A 130 -1.35 -2.56 -4.29
N SER A 131 -1.96 -1.92 -3.30
CA SER A 131 -2.14 -2.57 -2.01
C SER A 131 -3.57 -2.38 -1.50
N LEU A 132 -4.05 -3.39 -0.79
CA LEU A 132 -5.37 -3.35 -0.16
C LEU A 132 -5.19 -3.37 1.34
N LEU A 133 -5.39 -2.23 1.97
CA LEU A 133 -5.19 -2.12 3.40
C LEU A 133 -6.51 -2.18 4.15
N GLY A 134 -6.46 -2.65 5.38
CA GLY A 134 -7.66 -2.78 6.18
C GLY A 134 -7.38 -2.65 7.66
N ARG A 135 -8.44 -2.66 8.46
CA ARG A 135 -8.33 -2.50 9.90
C ARG A 135 -7.80 -3.79 10.53
N ASP A 136 -8.19 -4.90 9.94
CA ASP A 136 -7.81 -6.22 10.43
C ASP A 136 -7.38 -7.10 9.26
N TRP A 137 -6.93 -8.30 9.57
CA TRP A 137 -6.31 -9.15 8.57
C TRP A 137 -7.29 -10.15 7.94
N LYS A 138 -8.57 -10.07 8.27
CA LYS A 138 -9.55 -10.96 7.66
C LYS A 138 -10.73 -10.17 7.12
N ILE A 139 -10.53 -9.56 5.97
CA ILE A 139 -11.54 -8.72 5.36
C ILE A 139 -12.31 -9.51 4.30
N THR A 140 -13.52 -9.05 3.99
CA THR A 140 -14.42 -9.79 3.09
C THR A 140 -14.04 -9.58 1.63
N HIS A 141 -14.46 -10.53 0.81
CA HIS A 141 -14.23 -10.48 -0.64
C HIS A 141 -15.02 -9.34 -1.25
N LYS A 142 -16.10 -8.92 -0.60
CA LYS A 142 -16.86 -7.78 -1.05
C LYS A 142 -15.94 -6.57 -1.16
N THR A 143 -15.13 -6.39 -0.13
CA THR A 143 -14.14 -5.33 -0.10
C THR A 143 -12.93 -5.67 -0.97
N ILE A 144 -12.55 -6.95 -0.99
CA ILE A 144 -11.41 -7.42 -1.79
C ILE A 144 -11.64 -7.13 -3.27
N ASP A 145 -12.89 -7.28 -3.71
CA ASP A 145 -13.26 -7.12 -5.11
C ASP A 145 -12.87 -5.74 -5.65
N ARG A 146 -12.91 -4.74 -4.78
CA ARG A 146 -12.56 -3.37 -5.17
C ARG A 146 -11.08 -3.25 -5.47
N PHE A 147 -10.27 -4.03 -4.77
CA PHE A 147 -8.84 -4.07 -5.02
C PHE A 147 -8.57 -4.79 -6.34
N ILE A 148 -9.39 -5.81 -6.60
CA ILE A 148 -9.30 -6.56 -7.84
C ILE A 148 -9.45 -5.61 -9.02
N ALA A 149 -10.44 -4.73 -8.92
CA ALA A 149 -10.69 -3.73 -9.95
C ALA A 149 -9.44 -2.89 -10.21
N LEU A 150 -8.76 -2.49 -9.13
CA LEU A 150 -7.53 -1.74 -9.26
C LEU A 150 -6.52 -2.50 -10.11
N THR A 151 -6.29 -3.75 -9.76
CA THR A 151 -5.27 -4.55 -10.42
C THR A 151 -5.60 -4.70 -11.91
N LYS A 152 -6.89 -4.76 -12.22
CA LYS A 152 -7.34 -4.89 -13.59
C LYS A 152 -7.00 -3.64 -14.38
N THR A 153 -7.35 -2.49 -13.81
CA THR A 153 -7.12 -1.20 -14.45
C THR A 153 -5.63 -0.86 -14.51
N GLN A 154 -4.89 -1.38 -13.55
CA GLN A 154 -3.44 -1.17 -13.48
C GLN A 154 -2.70 -2.08 -14.44
N ASN A 155 -3.46 -2.84 -15.22
CA ASN A 155 -2.93 -3.70 -16.27
C ASN A 155 -2.04 -4.77 -15.68
N LEU A 156 -2.47 -5.31 -14.55
CA LEU A 156 -1.72 -6.35 -13.86
C LEU A 156 -2.24 -7.72 -14.26
N THR A 157 -1.68 -8.74 -13.65
CA THR A 157 -2.06 -10.11 -13.94
C THR A 157 -2.59 -10.78 -12.68
N LYS A 158 -3.48 -11.76 -12.85
CA LYS A 158 -4.11 -12.44 -11.72
C LYS A 158 -3.07 -13.17 -10.87
N ASN A 159 -1.96 -13.56 -11.49
CA ASN A 159 -0.84 -14.19 -10.80
C ASN A 159 -0.24 -13.23 -9.77
N ASN A 160 -0.28 -11.95 -10.10
CA ASN A 160 0.37 -10.92 -9.31
C ASN A 160 -0.53 -10.45 -8.18
N LEU A 161 -1.68 -11.09 -8.04
CA LEU A 161 -2.60 -10.79 -6.95
C LEU A 161 -2.26 -11.64 -5.73
N LEU A 162 -1.53 -11.04 -4.80
CA LEU A 162 -1.12 -11.72 -3.58
C LEU A 162 -2.21 -11.60 -2.52
N PHE A 163 -2.69 -12.73 -2.04
CA PHE A 163 -3.72 -12.77 -1.02
C PHE A 163 -3.31 -13.68 0.14
N PRO A 164 -3.09 -13.09 1.31
CA PRO A 164 -2.65 -13.82 2.50
C PRO A 164 -3.67 -14.84 3.00
N ASP A 165 -3.16 -16.00 3.39
CA ASP A 165 -3.96 -17.03 4.03
C ASP A 165 -3.65 -17.04 5.52
N LEU A 166 -4.67 -17.19 6.35
CA LEU A 166 -4.49 -17.10 7.79
C LEU A 166 -4.70 -18.45 8.48
N THR A 167 -4.19 -19.52 7.89
CA THR A 167 -4.27 -20.82 8.53
C THR A 167 -3.13 -21.00 9.54
N ASP A 168 -1.91 -20.71 9.11
CA ASP A 168 -0.75 -20.81 9.99
C ASP A 168 -0.43 -19.44 10.57
N TRP A 169 -0.89 -18.40 9.90
CA TRP A 169 -0.65 -17.05 10.36
C TRP A 169 -1.69 -16.64 11.38
N LEU A 170 -1.56 -17.20 12.57
CA LEU A 170 -2.38 -16.80 13.70
C LEU A 170 -1.51 -16.04 14.69
N LEU A 171 -0.53 -15.33 14.14
CA LEU A 171 0.50 -14.66 14.93
C LEU A 171 -0.10 -13.58 15.83
N ASP A 172 -0.16 -13.88 17.13
CA ASP A 172 -0.48 -12.88 18.12
C ASP A 172 0.77 -12.02 18.36
N PRO A 173 0.59 -10.72 18.64
CA PRO A 173 1.69 -9.75 18.73
C PRO A 173 2.80 -10.16 19.69
N LYS A 174 3.76 -10.92 19.16
CA LYS A 174 4.93 -11.35 19.93
C LYS A 174 5.96 -10.24 19.99
N VAL A 175 6.06 -9.49 18.89
CA VAL A 175 7.06 -8.45 18.77
C VAL A 175 6.49 -7.20 18.10
N CYS A 176 5.75 -7.39 17.01
CA CYS A 176 5.04 -6.30 16.37
C CYS A 176 3.54 -6.53 16.46
N GLY A 2 6.91 13.53 -14.27
CA GLY A 2 5.88 12.64 -14.86
C GLY A 2 4.78 13.44 -15.53
N GLN A 3 4.07 12.81 -16.45
CA GLN A 3 2.95 13.45 -17.12
C GLN A 3 1.73 12.53 -17.14
N SER A 4 2.01 11.23 -17.24
CA SER A 4 0.94 10.24 -17.25
C SER A 4 1.15 9.24 -16.11
N PRO A 5 0.64 9.56 -14.90
CA PRO A 5 0.76 8.68 -13.74
C PRO A 5 -0.08 7.42 -13.89
N THR A 6 0.38 6.34 -13.26
CA THR A 6 -0.30 5.06 -13.32
C THR A 6 -1.55 5.08 -12.44
N MET A 7 -2.63 5.66 -12.95
CA MET A 7 -3.89 5.73 -12.24
C MET A 7 -4.97 4.96 -12.98
N PRO A 8 -5.91 4.36 -12.23
CA PRO A 8 -6.99 3.56 -12.80
C PRO A 8 -8.04 4.40 -13.50
N GLN A 9 -8.45 3.94 -14.66
CA GLN A 9 -9.53 4.58 -15.39
C GLN A 9 -10.88 4.13 -14.86
N GLY A 10 -11.23 4.71 -13.73
CA GLY A 10 -12.45 4.36 -13.04
C GLY A 10 -12.55 5.09 -11.72
N PHE A 11 -11.39 5.41 -11.14
CA PHE A 11 -11.34 6.18 -9.91
C PHE A 11 -10.44 7.38 -10.12
N SER A 12 -10.61 8.39 -9.27
CA SER A 12 -9.80 9.59 -9.35
C SER A 12 -9.55 10.14 -7.95
N GLN A 13 -8.97 11.33 -7.87
CA GLN A 13 -8.72 11.98 -6.58
C GLN A 13 -10.02 12.07 -5.77
N MET A 14 -9.92 11.77 -4.49
CA MET A 14 -11.10 11.76 -3.63
C MET A 14 -11.54 13.19 -3.35
N THR A 15 -12.85 13.39 -3.36
CA THR A 15 -13.43 14.72 -3.17
C THR A 15 -13.17 15.24 -1.76
N SER A 16 -12.96 14.33 -0.82
CA SER A 16 -12.69 14.72 0.55
C SER A 16 -11.71 13.76 1.21
N PHE A 17 -10.52 14.25 1.50
CA PHE A 17 -9.51 13.45 2.16
C PHE A 17 -9.15 14.05 3.51
N GLN A 18 -9.29 13.26 4.56
CA GLN A 18 -8.91 13.69 5.90
C GLN A 18 -7.71 12.88 6.38
N SER A 19 -6.56 13.52 6.43
CA SER A 19 -5.34 12.86 6.88
C SER A 19 -5.44 12.48 8.36
N ASN A 20 -6.21 13.25 9.11
CA ASN A 20 -6.40 12.99 10.54
C ASN A 20 -7.23 11.73 10.75
N LYS A 21 -7.97 11.35 9.72
CA LYS A 21 -8.80 10.15 9.79
C LYS A 21 -8.03 8.94 9.28
N PHE A 22 -7.26 9.15 8.23
CA PHE A 22 -6.57 8.06 7.54
C PHE A 22 -5.32 7.61 8.30
N GLN A 23 -4.89 8.41 9.27
CA GLN A 23 -3.72 8.09 10.07
C GLN A 23 -4.04 6.97 11.06
N GLY A 24 -3.01 6.22 11.41
CA GLY A 24 -3.16 5.13 12.35
C GLY A 24 -2.57 3.85 11.82
N GLU A 25 -3.06 2.72 12.32
CA GLU A 25 -2.58 1.42 11.88
C GLU A 25 -3.40 0.91 10.70
N TRP A 26 -2.77 0.09 9.88
CA TRP A 26 -3.42 -0.50 8.71
C TRP A 26 -2.92 -1.92 8.46
N PHE A 27 -3.85 -2.85 8.32
CA PHE A 27 -3.49 -4.21 7.98
C PHE A 27 -3.39 -4.36 6.47
N VAL A 28 -2.31 -4.97 6.00
CA VAL A 28 -2.12 -5.19 4.58
C VAL A 28 -2.60 -6.58 4.20
N LEU A 29 -3.77 -6.64 3.58
CA LEU A 29 -4.37 -7.92 3.21
C LEU A 29 -3.89 -8.36 1.84
N GLY A 30 -3.94 -7.45 0.88
CA GLY A 30 -3.66 -7.82 -0.48
C GLY A 30 -2.54 -7.01 -1.10
N LEU A 31 -1.69 -7.68 -1.86
CA LEU A 31 -0.63 -7.04 -2.60
C LEU A 31 -0.81 -7.28 -4.09
N ALA A 32 -0.25 -6.39 -4.89
CA ALA A 32 -0.19 -6.56 -6.32
C ALA A 32 0.95 -5.72 -6.87
N ASP A 33 1.66 -6.24 -7.83
CA ASP A 33 2.84 -5.58 -8.36
C ASP A 33 3.23 -6.17 -9.71
N ASN A 34 3.51 -5.30 -10.66
CA ASN A 34 3.77 -5.70 -12.04
C ASN A 34 5.02 -6.56 -12.17
N THR A 35 5.96 -6.37 -11.25
CA THR A 35 7.18 -7.15 -11.27
C THR A 35 7.22 -8.07 -10.05
N TYR A 36 6.04 -8.44 -9.58
CA TYR A 36 5.90 -9.41 -8.51
C TYR A 36 5.61 -10.79 -9.09
N LYS A 37 5.84 -11.82 -8.31
CA LYS A 37 5.56 -13.19 -8.72
C LYS A 37 4.91 -13.95 -7.59
N ARG A 38 3.84 -14.67 -7.90
CA ARG A 38 3.14 -15.49 -6.92
C ARG A 38 4.05 -16.63 -6.44
N GLU A 39 5.09 -16.90 -7.24
CA GLU A 39 6.07 -17.92 -6.91
C GLU A 39 7.20 -17.32 -6.08
N HIS A 40 7.30 -16.00 -6.13
CA HIS A 40 8.35 -15.26 -5.42
C HIS A 40 7.71 -14.27 -4.46
N ARG A 41 7.16 -14.79 -3.38
CA ARG A 41 6.42 -13.96 -2.43
C ARG A 41 7.39 -13.26 -1.47
N PRO A 42 6.96 -12.12 -0.90
CA PRO A 42 7.78 -11.32 0.03
C PRO A 42 8.15 -12.12 1.28
N LEU A 43 9.09 -11.56 2.04
CA LEU A 43 9.62 -12.20 3.24
C LEU A 43 8.55 -12.43 4.31
N LEU A 44 7.44 -11.73 4.17
CA LEU A 44 6.31 -11.94 5.07
C LEU A 44 5.01 -11.90 4.28
N HIS A 45 4.12 -12.83 4.60
CA HIS A 45 2.82 -12.90 3.96
C HIS A 45 1.77 -12.21 4.82
N SER A 46 1.29 -11.06 4.33
CA SER A 46 0.30 -10.25 5.05
C SER A 46 0.93 -9.60 6.29
N PHE A 47 1.11 -8.29 6.22
CA PHE A 47 1.82 -7.55 7.25
C PHE A 47 1.07 -6.28 7.63
N ILE A 48 1.67 -5.47 8.48
CA ILE A 48 1.02 -4.25 8.96
C ILE A 48 1.83 -3.02 8.57
N THR A 49 1.13 -1.99 8.10
CA THR A 49 1.77 -0.72 7.80
C THR A 49 1.05 0.39 8.55
N LEU A 50 1.82 1.31 9.13
CA LEU A 50 1.22 2.37 9.91
C LEU A 50 1.43 3.71 9.23
N PHE A 51 0.46 4.59 9.37
CA PHE A 51 0.54 5.91 8.77
C PHE A 51 0.50 6.98 9.86
N LYS A 52 1.63 7.64 10.07
CA LYS A 52 1.70 8.71 11.08
C LYS A 52 1.66 10.08 10.41
N LEU A 53 0.99 11.03 11.05
CA LEU A 53 0.94 12.39 10.53
C LEU A 53 2.25 13.12 10.82
N ARG A 54 2.89 13.61 9.76
CA ARG A 54 4.13 14.35 9.88
C ARG A 54 3.85 15.81 10.20
N ASP A 55 3.41 16.55 9.20
CA ASP A 55 3.16 17.97 9.38
C ASP A 55 1.67 18.25 9.45
N ASN A 56 0.97 18.03 8.33
CA ASN A 56 -0.47 18.26 8.28
C ASN A 56 -1.18 17.09 7.64
N SER A 57 -0.53 16.43 6.70
CA SER A 57 -1.17 15.37 5.93
C SER A 57 -0.14 14.36 5.44
N GLU A 58 1.12 14.66 5.69
CA GLU A 58 2.21 13.79 5.31
C GLU A 58 2.14 12.51 6.13
N PHE A 59 2.25 11.38 5.47
CA PHE A 59 2.10 10.10 6.14
C PHE A 59 3.40 9.34 6.23
N GLN A 60 3.83 9.11 7.46
CA GLN A 60 4.96 8.26 7.72
C GLN A 60 4.53 6.81 7.64
N VAL A 61 4.73 6.21 6.48
CA VAL A 61 4.33 4.84 6.24
C VAL A 61 5.37 3.89 6.83
N THR A 62 4.96 3.17 7.85
CA THR A 62 5.85 2.31 8.60
C THR A 62 5.42 0.86 8.48
N ASN A 63 6.15 0.09 7.70
CA ASN A 63 5.83 -1.32 7.52
C ASN A 63 6.53 -2.15 8.58
N SER A 64 5.75 -2.96 9.28
CA SER A 64 6.28 -3.84 10.30
C SER A 64 6.23 -5.28 9.82
N MET A 65 7.40 -5.82 9.49
CA MET A 65 7.49 -7.17 8.97
C MET A 65 7.92 -8.11 10.09
N THR A 66 6.96 -8.79 10.70
CA THR A 66 7.24 -9.68 11.80
C THR A 66 7.17 -11.14 11.37
N ARG A 67 8.33 -11.78 11.33
CA ARG A 67 8.43 -13.19 10.97
C ARG A 67 8.97 -13.98 12.14
N GLY A 68 8.07 -14.44 13.01
CA GLY A 68 8.49 -15.15 14.19
C GLY A 68 9.30 -14.27 15.12
N LYS A 69 10.57 -14.59 15.26
CA LYS A 69 11.45 -13.84 16.14
C LYS A 69 12.27 -12.80 15.37
N HIS A 70 11.98 -12.66 14.08
CA HIS A 70 12.70 -11.71 13.24
C HIS A 70 11.77 -10.63 12.73
N CYS A 71 12.01 -9.40 13.16
CA CYS A 71 11.19 -8.27 12.74
C CYS A 71 12.02 -7.25 11.97
N SER A 72 11.38 -6.64 10.98
CA SER A 72 12.01 -5.57 10.21
C SER A 72 11.01 -4.45 10.00
N THR A 73 11.39 -3.24 10.37
CA THR A 73 10.50 -2.10 10.27
C THR A 73 11.17 -0.94 9.55
N TRP A 74 10.49 -0.40 8.57
CA TRP A 74 10.98 0.78 7.87
C TRP A 74 9.84 1.76 7.64
N SER A 75 10.18 3.04 7.59
CA SER A 75 9.19 4.08 7.44
C SER A 75 9.62 5.13 6.43
N TYR A 76 8.70 5.56 5.59
CA TYR A 76 8.98 6.63 4.64
C TYR A 76 8.01 7.78 4.86
N THR A 77 8.33 8.93 4.30
CA THR A 77 7.47 10.10 4.44
C THR A 77 6.71 10.34 3.14
N LEU A 78 5.40 10.14 3.18
CA LEU A 78 4.57 10.37 2.01
C LEU A 78 4.10 11.81 2.01
N ILE A 79 4.30 12.48 0.89
CA ILE A 79 4.03 13.90 0.79
C ILE A 79 2.81 14.16 -0.08
N PRO A 80 1.71 14.63 0.54
CA PRO A 80 0.49 14.98 -0.20
C PRO A 80 0.66 16.27 -0.99
N THR A 81 0.37 16.20 -2.28
CA THR A 81 0.52 17.35 -3.16
C THR A 81 -0.66 18.29 -3.02
N ASN A 82 -0.93 19.06 -4.05
CA ASN A 82 -2.09 19.92 -4.08
C ASN A 82 -3.38 19.10 -4.28
N LYS A 83 -3.24 17.82 -4.63
CA LYS A 83 -4.41 16.99 -4.90
C LYS A 83 -4.82 16.18 -3.68
N PRO A 84 -6.13 16.10 -3.41
CA PRO A 84 -6.65 15.30 -2.29
C PRO A 84 -6.51 13.82 -2.53
N GLY A 85 -5.45 13.24 -2.00
CA GLY A 85 -5.23 11.82 -2.12
C GLY A 85 -4.04 11.50 -2.99
N GLN A 86 -3.23 12.51 -3.27
CA GLN A 86 -2.08 12.35 -4.15
C GLN A 86 -0.80 12.58 -3.37
N PHE A 87 0.00 11.54 -3.27
CA PHE A 87 1.22 11.58 -2.46
C PHE A 87 2.44 11.24 -3.30
N THR A 88 3.55 11.84 -2.95
CA THR A 88 4.83 11.47 -3.50
C THR A 88 5.79 11.18 -2.36
N ARG A 89 6.47 10.05 -2.47
CA ARG A 89 7.32 9.57 -1.39
C ARG A 89 8.58 10.40 -1.30
N ASP A 90 8.76 11.05 -0.17
CA ASP A 90 9.97 11.79 0.14
C ASP A 90 11.09 10.81 0.44
N ASN A 91 12.20 10.94 -0.27
CA ASN A 91 13.32 10.03 -0.09
C ASN A 91 14.55 10.78 0.41
N ARG A 92 14.32 11.85 1.16
CA ARG A 92 15.41 12.61 1.74
C ARG A 92 15.98 11.87 2.94
N GLY A 93 16.90 10.94 2.67
CA GLY A 93 17.50 10.16 3.72
C GLY A 93 17.77 8.74 3.28
N SER A 94 18.22 8.58 2.05
CA SER A 94 18.51 7.27 1.52
C SER A 94 19.92 7.24 0.91
N GLY A 95 20.06 7.90 -0.24
CA GLY A 95 21.35 7.98 -0.88
C GLY A 95 21.22 8.30 -2.35
N PRO A 96 21.92 7.56 -3.20
CA PRO A 96 21.89 7.75 -4.65
C PRO A 96 20.68 7.10 -5.32
N GLY A 97 20.29 5.93 -4.84
CA GLY A 97 19.26 5.16 -5.49
C GLY A 97 17.90 5.37 -4.86
N ALA A 98 17.57 6.63 -4.60
CA ALA A 98 16.31 6.97 -3.98
C ALA A 98 15.26 7.31 -5.02
N ASP A 99 14.92 6.34 -5.85
CA ASP A 99 13.90 6.50 -6.88
C ASP A 99 12.56 6.81 -6.22
N LYS A 100 11.88 7.82 -6.72
CA LYS A 100 10.67 8.32 -6.07
C LYS A 100 9.47 7.45 -6.39
N GLU A 101 8.50 7.51 -5.51
CA GLU A 101 7.37 6.60 -5.53
C GLU A 101 6.08 7.39 -5.32
N ASN A 102 5.09 7.15 -6.17
CA ASN A 102 3.82 7.87 -6.07
C ASN A 102 2.81 7.05 -5.31
N ILE A 103 2.29 7.62 -4.24
CA ILE A 103 1.30 6.95 -3.42
C ILE A 103 -0.05 7.64 -3.61
N GLN A 104 -0.99 6.91 -4.17
CA GLN A 104 -2.32 7.45 -4.42
C GLN A 104 -3.36 6.72 -3.58
N VAL A 105 -4.06 7.47 -2.75
CA VAL A 105 -5.19 6.92 -2.01
C VAL A 105 -6.41 6.90 -2.91
N ILE A 106 -6.71 5.72 -3.44
CA ILE A 106 -7.80 5.55 -4.38
C ILE A 106 -9.14 5.62 -3.68
N GLU A 107 -9.25 4.93 -2.56
CA GLU A 107 -10.55 4.74 -1.93
C GLU A 107 -10.38 4.20 -0.51
N THR A 108 -10.50 5.08 0.48
CA THR A 108 -10.35 4.63 1.85
C THR A 108 -11.58 4.97 2.69
N ASP A 109 -12.04 3.97 3.41
CA ASP A 109 -13.05 4.13 4.42
C ASP A 109 -12.54 3.42 5.66
N TYR A 110 -12.17 4.17 6.68
CA TYR A 110 -11.52 3.59 7.86
C TYR A 110 -12.41 2.57 8.54
N VAL A 111 -13.72 2.63 8.29
CA VAL A 111 -14.65 1.67 8.87
C VAL A 111 -14.58 0.32 8.15
N LYS A 112 -13.85 0.26 7.04
CA LYS A 112 -13.75 -0.97 6.26
C LYS A 112 -12.36 -1.19 5.68
N PHE A 113 -11.97 -0.43 4.65
CA PHE A 113 -10.72 -0.73 3.96
C PHE A 113 -10.06 0.51 3.36
N ALA A 114 -8.93 0.29 2.71
CA ALA A 114 -8.18 1.34 2.04
C ALA A 114 -7.52 0.83 0.77
N LEU A 115 -7.92 1.41 -0.35
CA LEU A 115 -7.29 1.12 -1.63
C LEU A 115 -6.15 2.11 -1.87
N VAL A 116 -4.94 1.60 -1.86
CA VAL A 116 -3.77 2.44 -2.04
C VAL A 116 -2.93 1.96 -3.24
N LEU A 117 -2.74 2.87 -4.18
CA LEU A 117 -1.98 2.60 -5.38
C LEU A 117 -0.64 3.33 -5.29
N SER A 118 0.44 2.59 -5.19
CA SER A 118 1.75 3.22 -5.06
C SER A 118 2.71 2.65 -6.07
N LEU A 119 3.05 3.45 -7.06
CA LEU A 119 3.94 3.01 -8.12
C LEU A 119 5.25 3.78 -8.07
N ARG A 120 6.33 3.06 -8.26
CA ARG A 120 7.67 3.60 -8.10
C ARG A 120 8.28 3.89 -9.45
N GLN A 121 8.71 5.12 -9.66
CA GLN A 121 9.37 5.50 -10.89
C GLN A 121 10.87 5.35 -10.73
N ALA A 122 11.43 4.36 -11.40
CA ALA A 122 12.85 4.08 -11.31
C ALA A 122 13.53 4.31 -12.65
N SER A 123 14.81 4.05 -12.71
CA SER A 123 15.58 4.25 -13.92
C SER A 123 15.14 3.29 -15.02
N ASN A 124 15.41 2.01 -14.82
CA ASN A 124 15.24 1.01 -15.85
C ASN A 124 13.77 0.73 -16.12
N GLN A 125 12.93 0.90 -15.11
CA GLN A 125 11.51 0.57 -15.25
C GLN A 125 10.66 1.30 -14.23
N ASN A 126 9.36 1.27 -14.46
CA ASN A 126 8.39 1.75 -13.49
C ASN A 126 7.69 0.57 -12.84
N ILE A 127 7.69 0.59 -11.53
CA ILE A 127 7.08 -0.47 -10.76
C ILE A 127 5.66 -0.09 -10.37
N THR A 128 4.70 -0.81 -10.89
CA THR A 128 3.32 -0.60 -10.55
C THR A 128 2.92 -1.48 -9.38
N ARG A 129 2.65 -0.87 -8.24
CA ARG A 129 2.35 -1.63 -7.05
C ARG A 129 1.09 -1.11 -6.39
N VAL A 130 0.28 -2.05 -5.92
CA VAL A 130 -1.01 -1.75 -5.35
C VAL A 130 -1.17 -2.52 -4.05
N SER A 131 -1.82 -1.92 -3.06
CA SER A 131 -2.03 -2.58 -1.80
C SER A 131 -3.49 -2.46 -1.36
N LEU A 132 -3.99 -3.51 -0.75
CA LEU A 132 -5.34 -3.53 -0.23
C LEU A 132 -5.30 -3.60 1.28
N LEU A 133 -5.49 -2.46 1.91
CA LEU A 133 -5.41 -2.34 3.35
C LEU A 133 -6.80 -2.46 3.96
N GLY A 134 -6.86 -2.90 5.21
CA GLY A 134 -8.14 -3.08 5.86
C GLY A 134 -8.09 -2.69 7.32
N ARG A 135 -9.26 -2.37 7.87
CA ARG A 135 -9.37 -2.06 9.29
C ARG A 135 -9.21 -3.35 10.08
N ASP A 136 -9.60 -4.44 9.46
CA ASP A 136 -9.47 -5.77 10.02
C ASP A 136 -8.73 -6.66 9.03
N TRP A 137 -8.28 -7.81 9.48
CA TRP A 137 -7.45 -8.67 8.65
C TRP A 137 -8.25 -9.85 8.09
N LYS A 138 -9.56 -9.78 8.26
CA LYS A 138 -10.45 -10.79 7.71
C LYS A 138 -11.44 -10.13 6.76
N ILE A 139 -10.90 -9.61 5.68
CA ILE A 139 -11.70 -8.90 4.67
C ILE A 139 -12.38 -9.89 3.72
N THR A 140 -13.51 -9.48 3.17
CA THR A 140 -14.29 -10.34 2.30
C THR A 140 -13.96 -10.05 0.84
N HIS A 141 -14.24 -11.03 -0.03
CA HIS A 141 -13.98 -10.92 -1.46
C HIS A 141 -14.74 -9.74 -2.07
N LYS A 142 -15.86 -9.35 -1.45
CA LYS A 142 -16.61 -8.18 -1.87
C LYS A 142 -15.70 -6.94 -1.81
N THR A 143 -14.97 -6.84 -0.71
CA THR A 143 -14.04 -5.74 -0.50
C THR A 143 -12.79 -5.94 -1.37
N ILE A 144 -12.38 -7.19 -1.51
CA ILE A 144 -11.25 -7.56 -2.37
C ILE A 144 -11.50 -7.15 -3.81
N ASP A 145 -12.77 -7.22 -4.22
CA ASP A 145 -13.16 -6.93 -5.61
C ASP A 145 -12.72 -5.54 -6.03
N ARG A 146 -12.77 -4.59 -5.10
CA ARG A 146 -12.34 -3.23 -5.37
C ARG A 146 -10.85 -3.18 -5.67
N PHE A 147 -10.09 -3.98 -4.95
CA PHE A 147 -8.66 -4.06 -5.16
C PHE A 147 -8.35 -4.73 -6.49
N ILE A 148 -9.17 -5.72 -6.85
CA ILE A 148 -9.04 -6.41 -8.12
C ILE A 148 -9.10 -5.40 -9.26
N ALA A 149 -10.08 -4.51 -9.18
CA ALA A 149 -10.29 -3.49 -10.19
C ALA A 149 -9.04 -2.65 -10.41
N LEU A 150 -8.43 -2.19 -9.32
CA LEU A 150 -7.23 -1.38 -9.41
C LEU A 150 -6.13 -2.11 -10.15
N THR A 151 -5.95 -3.39 -9.85
CA THR A 151 -4.89 -4.17 -10.46
C THR A 151 -5.16 -4.37 -11.95
N LYS A 152 -6.43 -4.48 -12.31
CA LYS A 152 -6.81 -4.69 -13.70
C LYS A 152 -6.43 -3.48 -14.54
N THR A 153 -6.81 -2.31 -14.05
CA THR A 153 -6.52 -1.06 -14.71
C THR A 153 -5.01 -0.75 -14.72
N GLN A 154 -4.32 -1.30 -13.73
CA GLN A 154 -2.86 -1.16 -13.64
C GLN A 154 -2.16 -2.16 -14.54
N ASN A 155 -2.96 -3.01 -15.18
CA ASN A 155 -2.47 -4.04 -16.11
C ASN A 155 -1.65 -5.09 -15.37
N LEU A 156 -2.11 -5.44 -14.17
CA LEU A 156 -1.45 -6.45 -13.38
C LEU A 156 -2.11 -7.80 -13.59
N THR A 157 -1.30 -8.83 -13.59
CA THR A 157 -1.77 -10.17 -13.89
C THR A 157 -2.20 -10.89 -12.61
N LYS A 158 -2.85 -12.03 -12.74
CA LYS A 158 -3.27 -12.80 -11.57
C LYS A 158 -2.05 -13.35 -10.83
N ASN A 159 -0.93 -13.40 -11.54
CA ASN A 159 0.35 -13.81 -10.97
C ASN A 159 0.87 -12.73 -10.03
N ASN A 160 0.30 -11.54 -10.15
CA ASN A 160 0.74 -10.40 -9.37
C ASN A 160 -0.17 -10.19 -8.17
N LEU A 161 -1.24 -10.98 -8.11
CA LEU A 161 -2.24 -10.85 -7.06
C LEU A 161 -1.85 -11.67 -5.84
N LEU A 162 -1.39 -10.98 -4.81
CA LEU A 162 -0.97 -11.62 -3.58
C LEU A 162 -2.07 -11.48 -2.52
N PHE A 163 -2.75 -12.58 -2.23
CA PHE A 163 -3.88 -12.54 -1.30
C PHE A 163 -3.59 -13.34 -0.04
N PRO A 164 -4.30 -13.03 1.06
CA PRO A 164 -4.13 -13.70 2.34
C PRO A 164 -4.97 -14.98 2.44
N ASP A 165 -4.38 -16.01 3.05
CA ASP A 165 -5.07 -17.27 3.29
C ASP A 165 -4.88 -17.66 4.75
N LEU A 166 -5.01 -16.67 5.61
CA LEU A 166 -4.74 -16.85 7.02
C LEU A 166 -6.01 -17.09 7.81
N THR A 167 -6.18 -18.32 8.28
CA THR A 167 -7.31 -18.67 9.11
C THR A 167 -7.04 -18.22 10.54
N ASP A 168 -5.86 -18.57 11.03
CA ASP A 168 -5.43 -18.19 12.36
C ASP A 168 -4.01 -17.66 12.31
N TRP A 169 -3.86 -16.36 12.48
CA TRP A 169 -2.58 -15.70 12.27
C TRP A 169 -2.26 -14.78 13.44
N LEU A 170 -2.17 -15.38 14.63
CA LEU A 170 -1.80 -14.63 15.82
C LEU A 170 -0.40 -14.99 16.25
N LEU A 171 0.51 -14.05 16.15
CA LEU A 171 1.89 -14.27 16.53
C LEU A 171 2.03 -14.09 18.05
N ASP A 172 1.80 -15.18 18.77
CA ASP A 172 1.85 -15.16 20.24
C ASP A 172 3.21 -14.67 20.75
N PRO A 173 4.34 -15.29 20.34
CA PRO A 173 5.66 -14.86 20.78
C PRO A 173 6.24 -13.76 19.89
N LYS A 174 5.45 -12.73 19.63
CA LYS A 174 5.86 -11.65 18.75
C LYS A 174 6.95 -10.81 19.40
N VAL A 175 7.93 -10.40 18.61
CA VAL A 175 9.03 -9.59 19.09
C VAL A 175 9.54 -8.70 17.97
N CYS A 176 9.86 -7.46 18.30
CA CYS A 176 10.36 -6.52 17.33
C CYS A 176 11.18 -5.43 18.03
N GLY A 2 -11.08 13.41 -16.90
CA GLY A 2 -9.91 14.21 -16.48
C GLY A 2 -8.61 13.52 -16.80
N GLN A 3 -7.55 13.88 -16.08
CA GLN A 3 -6.26 13.23 -16.25
C GLN A 3 -6.26 11.88 -15.56
N SER A 4 -6.13 10.83 -16.35
CA SER A 4 -6.17 9.47 -15.83
C SER A 4 -5.36 8.54 -16.73
N PRO A 5 -4.04 8.46 -16.49
CA PRO A 5 -3.15 7.59 -17.27
C PRO A 5 -3.44 6.11 -17.01
N THR A 6 -3.11 5.64 -15.82
CA THR A 6 -3.40 4.29 -15.43
C THR A 6 -4.42 4.30 -14.29
N MET A 7 -5.11 5.43 -14.17
CA MET A 7 -6.09 5.63 -13.13
C MET A 7 -7.31 4.74 -13.34
N PRO A 8 -7.61 3.90 -12.36
CA PRO A 8 -8.82 3.09 -12.36
C PRO A 8 -10.06 3.94 -12.54
N GLN A 9 -10.85 3.60 -13.54
CA GLN A 9 -12.05 4.37 -13.86
C GLN A 9 -13.11 4.17 -12.78
N GLY A 10 -13.61 5.28 -12.27
CA GLY A 10 -14.56 5.24 -11.18
C GLY A 10 -13.91 5.60 -9.86
N PHE A 11 -12.58 5.51 -9.82
CA PHE A 11 -11.85 5.81 -8.60
C PHE A 11 -10.94 7.03 -8.81
N SER A 12 -9.76 6.79 -9.37
CA SER A 12 -8.71 7.80 -9.52
C SER A 12 -8.51 8.60 -8.23
N GLN A 13 -8.95 9.86 -8.23
CA GLN A 13 -8.84 10.70 -7.05
C GLN A 13 -10.17 10.82 -6.34
N MET A 14 -10.14 10.62 -5.04
CA MET A 14 -11.34 10.69 -4.21
C MET A 14 -11.80 12.14 -4.08
N THR A 15 -13.12 12.31 -3.99
CA THR A 15 -13.70 13.64 -3.86
C THR A 15 -13.46 14.22 -2.48
N SER A 16 -13.24 13.34 -1.50
CA SER A 16 -13.00 13.76 -0.14
C SER A 16 -11.98 12.85 0.54
N PHE A 17 -10.84 13.42 0.87
CA PHE A 17 -9.79 12.69 1.55
C PHE A 17 -9.35 13.45 2.79
N GLN A 18 -9.52 12.83 3.95
CA GLN A 18 -9.14 13.47 5.19
C GLN A 18 -7.88 12.82 5.75
N SER A 19 -6.80 13.58 5.78
CA SER A 19 -5.51 13.09 6.26
C SER A 19 -5.61 12.67 7.73
N ASN A 20 -6.43 13.39 8.49
CA ASN A 20 -6.59 13.12 9.91
C ASN A 20 -7.48 11.89 10.13
N LYS A 21 -8.10 11.41 9.06
CA LYS A 21 -8.96 10.24 9.13
C LYS A 21 -8.25 9.01 8.58
N PHE A 22 -7.41 9.23 7.59
CA PHE A 22 -6.69 8.14 6.94
C PHE A 22 -5.51 7.69 7.80
N GLN A 23 -5.13 8.52 8.75
CA GLN A 23 -4.05 8.17 9.67
C GLN A 23 -4.46 7.01 10.56
N GLY A 24 -3.47 6.29 11.06
CA GLY A 24 -3.73 5.15 11.91
C GLY A 24 -3.02 3.91 11.41
N GLU A 25 -3.48 2.76 11.86
CA GLU A 25 -2.92 1.49 11.42
C GLU A 25 -3.66 1.00 10.19
N TRP A 26 -2.99 0.17 9.40
CA TRP A 26 -3.60 -0.42 8.22
C TRP A 26 -3.04 -1.81 7.98
N PHE A 27 -3.92 -2.79 7.86
CA PHE A 27 -3.50 -4.17 7.63
C PHE A 27 -3.47 -4.46 6.14
N VAL A 28 -2.37 -5.02 5.66
CA VAL A 28 -2.21 -5.32 4.24
C VAL A 28 -2.90 -6.63 3.90
N LEU A 29 -4.09 -6.53 3.33
CA LEU A 29 -4.88 -7.71 2.98
C LEU A 29 -4.89 -7.92 1.47
N GLY A 30 -4.20 -7.04 0.76
CA GLY A 30 -4.05 -7.21 -0.67
C GLY A 30 -2.71 -6.69 -1.15
N LEU A 31 -2.02 -7.49 -1.94
CA LEU A 31 -0.73 -7.11 -2.46
C LEU A 31 -0.61 -7.51 -3.93
N ALA A 32 -0.42 -6.54 -4.80
CA ALA A 32 -0.26 -6.80 -6.23
C ALA A 32 0.82 -5.90 -6.81
N ASP A 33 1.41 -6.33 -7.92
CA ASP A 33 2.51 -5.61 -8.54
C ASP A 33 2.55 -5.95 -10.04
N ASN A 34 3.45 -5.30 -10.76
CA ASN A 34 3.62 -5.54 -12.19
C ASN A 34 4.87 -6.38 -12.43
N THR A 35 5.69 -6.53 -11.40
CA THR A 35 6.91 -7.31 -11.51
C THR A 35 6.97 -8.33 -10.38
N TYR A 36 5.81 -8.87 -10.02
CA TYR A 36 5.70 -9.80 -8.92
C TYR A 36 5.52 -11.22 -9.43
N LYS A 37 5.61 -12.18 -8.52
CA LYS A 37 5.42 -13.59 -8.85
C LYS A 37 4.83 -14.29 -7.63
N ARG A 38 3.86 -15.17 -7.83
CA ARG A 38 3.26 -15.89 -6.72
C ARG A 38 4.18 -17.01 -6.26
N GLU A 39 5.17 -17.32 -7.09
CA GLU A 39 6.22 -18.27 -6.73
C GLU A 39 7.27 -17.57 -5.87
N HIS A 40 7.34 -16.25 -6.00
CA HIS A 40 8.29 -15.45 -5.26
C HIS A 40 7.55 -14.44 -4.39
N ARG A 41 6.95 -14.93 -3.32
CA ARG A 41 6.17 -14.10 -2.43
C ARG A 41 7.08 -13.30 -1.50
N PRO A 42 6.55 -12.23 -0.88
CA PRO A 42 7.28 -11.45 0.12
C PRO A 42 7.72 -12.32 1.29
N LEU A 43 8.77 -11.88 1.98
CA LEU A 43 9.34 -12.62 3.11
C LEU A 43 8.31 -12.87 4.21
N LEU A 44 7.25 -12.07 4.19
CA LEU A 44 6.13 -12.27 5.07
C LEU A 44 4.85 -12.26 4.24
N HIS A 45 4.00 -13.26 4.44
CA HIS A 45 2.82 -13.45 3.59
C HIS A 45 1.69 -12.51 3.98
N SER A 46 1.79 -11.92 5.16
CA SER A 46 0.81 -10.94 5.61
C SER A 46 1.45 -10.04 6.66
N PHE A 47 1.39 -8.74 6.45
CA PHE A 47 2.04 -7.79 7.34
C PHE A 47 1.20 -6.52 7.50
N ILE A 48 1.68 -5.61 8.33
CA ILE A 48 0.94 -4.40 8.64
C ILE A 48 1.72 -3.18 8.17
N THR A 49 1.02 -2.13 7.78
CA THR A 49 1.66 -0.87 7.44
C THR A 49 0.88 0.29 8.05
N LEU A 50 1.54 1.08 8.87
CA LEU A 50 0.88 2.16 9.56
C LEU A 50 1.10 3.47 8.83
N PHE A 51 0.09 4.31 8.84
CA PHE A 51 0.21 5.63 8.26
C PHE A 51 0.02 6.67 9.35
N LYS A 52 1.10 7.29 9.76
CA LYS A 52 1.05 8.23 10.85
C LYS A 52 1.27 9.64 10.33
N LEU A 53 0.58 10.59 10.93
CA LEU A 53 0.70 11.97 10.53
C LEU A 53 2.08 12.51 10.90
N ARG A 54 2.85 12.79 9.86
CA ARG A 54 4.21 13.26 9.97
C ARG A 54 4.26 14.71 10.44
N ASP A 55 4.18 15.64 9.49
CA ASP A 55 4.26 17.06 9.80
C ASP A 55 2.88 17.60 10.15
N ASN A 56 2.01 17.68 9.15
CA ASN A 56 0.65 18.16 9.37
C ASN A 56 -0.38 17.29 8.65
N SER A 57 0.04 16.68 7.55
CA SER A 57 -0.89 15.89 6.74
C SER A 57 -0.15 14.78 6.01
N GLU A 58 1.17 14.74 6.16
CA GLU A 58 1.98 13.73 5.50
C GLU A 58 1.89 12.42 6.24
N PHE A 59 2.16 11.35 5.53
CA PHE A 59 1.98 10.02 6.10
C PHE A 59 3.29 9.27 6.18
N GLN A 60 3.71 9.01 7.40
CA GLN A 60 4.87 8.20 7.65
C GLN A 60 4.44 6.73 7.63
N VAL A 61 4.66 6.09 6.49
CA VAL A 61 4.27 4.71 6.30
C VAL A 61 5.27 3.78 6.96
N THR A 62 4.81 3.12 8.00
CA THR A 62 5.64 2.24 8.79
C THR A 62 5.24 0.79 8.60
N ASN A 63 6.04 0.04 7.86
CA ASN A 63 5.75 -1.35 7.59
C ASN A 63 6.28 -2.22 8.72
N SER A 64 5.40 -2.98 9.33
CA SER A 64 5.76 -3.90 10.40
C SER A 64 5.64 -5.34 9.90
N MET A 65 6.78 -5.97 9.67
CA MET A 65 6.80 -7.33 9.18
C MET A 65 7.63 -8.23 10.09
N THR A 66 6.95 -8.97 10.94
CA THR A 66 7.59 -9.89 11.86
C THR A 66 7.37 -11.33 11.41
N ARG A 67 8.46 -11.99 11.07
CA ARG A 67 8.40 -13.38 10.64
C ARG A 67 8.90 -14.27 11.77
N GLY A 68 7.98 -14.63 12.66
CA GLY A 68 8.35 -15.40 13.82
C GLY A 68 8.96 -14.52 14.89
N LYS A 69 10.23 -14.70 15.16
CA LYS A 69 10.93 -13.90 16.15
C LYS A 69 11.81 -12.85 15.46
N HIS A 70 11.75 -12.83 14.14
CA HIS A 70 12.52 -11.86 13.36
C HIS A 70 11.61 -10.75 12.85
N CYS A 71 11.72 -9.59 13.46
CA CYS A 71 10.85 -8.48 13.11
C CYS A 71 11.63 -7.39 12.37
N SER A 72 11.00 -6.82 11.37
CA SER A 72 11.57 -5.71 10.63
C SER A 72 10.53 -4.61 10.47
N THR A 73 10.92 -3.39 10.79
CA THR A 73 10.02 -2.25 10.69
C THR A 73 10.73 -1.05 10.09
N TRP A 74 10.17 -0.49 9.03
CA TRP A 74 10.75 0.67 8.39
C TRP A 74 9.68 1.69 8.06
N SER A 75 10.07 2.95 7.98
CA SER A 75 9.11 4.03 7.76
C SER A 75 9.56 4.93 6.61
N TYR A 76 8.61 5.30 5.75
CA TYR A 76 8.87 6.27 4.70
C TYR A 76 7.98 7.48 4.88
N THR A 77 8.38 8.60 4.32
CA THR A 77 7.60 9.82 4.41
C THR A 77 6.84 10.08 3.12
N LEU A 78 5.53 9.89 3.15
CA LEU A 78 4.70 10.17 1.99
C LEU A 78 4.22 11.60 2.02
N ILE A 79 4.46 12.31 0.94
CA ILE A 79 4.15 13.74 0.88
C ILE A 79 2.92 14.00 0.02
N PRO A 80 1.80 14.33 0.66
CA PRO A 80 0.56 14.72 -0.04
C PRO A 80 0.75 15.99 -0.87
N THR A 81 0.08 16.03 -2.02
CA THR A 81 0.14 17.20 -2.89
C THR A 81 -1.11 18.05 -2.71
N ASN A 82 -1.41 18.89 -3.68
CA ASN A 82 -2.65 19.66 -3.67
C ASN A 82 -3.82 18.78 -4.12
N LYS A 83 -3.50 17.58 -4.60
CA LYS A 83 -4.50 16.64 -5.09
C LYS A 83 -5.03 15.79 -3.93
N PRO A 84 -6.38 15.63 -3.83
CA PRO A 84 -7.00 14.85 -2.77
C PRO A 84 -6.67 13.36 -2.87
N GLY A 85 -5.69 12.96 -2.09
CA GLY A 85 -5.28 11.57 -2.07
C GLY A 85 -4.08 11.33 -2.98
N GLN A 86 -3.22 12.33 -3.09
CA GLN A 86 -2.04 12.23 -3.91
C GLN A 86 -0.80 12.38 -3.07
N PHE A 87 0.15 11.45 -3.21
CA PHE A 87 1.36 11.46 -2.40
C PHE A 87 2.59 11.19 -3.26
N THR A 88 3.72 11.65 -2.77
CA THR A 88 5.00 11.32 -3.34
C THR A 88 5.95 10.91 -2.23
N ARG A 89 6.61 9.80 -2.41
CA ARG A 89 7.47 9.24 -1.38
C ARG A 89 8.78 10.01 -1.29
N ASP A 90 8.95 10.74 -0.21
CA ASP A 90 10.21 11.41 0.06
C ASP A 90 11.28 10.38 0.42
N ASN A 91 12.42 10.46 -0.26
CA ASN A 91 13.47 9.46 -0.05
C ASN A 91 14.83 10.13 -0.05
N ARG A 92 14.88 11.36 0.46
CA ARG A 92 16.11 12.12 0.51
C ARG A 92 17.09 11.50 1.50
N GLY A 93 16.56 10.73 2.45
CA GLY A 93 17.41 10.07 3.42
C GLY A 93 18.11 8.85 2.86
N SER A 94 18.03 8.71 1.55
CA SER A 94 18.71 7.64 0.85
C SER A 94 19.88 8.20 0.05
N GLY A 95 19.92 9.53 -0.06
CA GLY A 95 21.06 10.21 -0.65
C GLY A 95 21.06 10.19 -2.16
N PRO A 96 22.14 9.67 -2.76
CA PRO A 96 22.39 9.71 -4.21
C PRO A 96 21.29 9.05 -5.03
N GLY A 97 20.98 7.81 -4.71
CA GLY A 97 19.96 7.08 -5.45
C GLY A 97 18.59 7.67 -5.26
N ALA A 98 18.05 7.51 -4.05
CA ALA A 98 16.75 8.06 -3.69
C ALA A 98 15.68 7.69 -4.71
N ASP A 99 15.42 6.40 -4.84
CA ASP A 99 14.36 5.91 -5.72
C ASP A 99 13.02 6.43 -5.22
N LYS A 100 12.30 7.09 -6.10
CA LYS A 100 11.04 7.71 -5.74
C LYS A 100 9.88 6.77 -6.01
N GLU A 101 8.81 6.99 -5.29
CA GLU A 101 7.64 6.14 -5.39
C GLU A 101 6.40 7.00 -5.24
N ASN A 102 5.46 6.84 -6.15
CA ASN A 102 4.26 7.67 -6.14
C ASN A 102 3.11 6.92 -5.53
N ILE A 103 2.59 7.45 -4.44
CA ILE A 103 1.51 6.83 -3.69
C ILE A 103 0.22 7.60 -3.92
N GLN A 104 -0.86 6.88 -4.16
CA GLN A 104 -2.12 7.51 -4.46
C GLN A 104 -3.28 6.66 -3.94
N VAL A 105 -4.05 7.21 -3.01
CA VAL A 105 -5.19 6.48 -2.48
C VAL A 105 -6.37 6.62 -3.43
N ILE A 106 -6.82 5.48 -3.92
CA ILE A 106 -7.86 5.45 -4.94
C ILE A 106 -9.26 5.44 -4.31
N GLU A 107 -9.38 4.83 -3.13
CA GLU A 107 -10.67 4.75 -2.45
C GLU A 107 -10.49 4.24 -1.03
N THR A 108 -10.60 5.12 -0.05
CA THR A 108 -10.50 4.69 1.33
C THR A 108 -11.78 4.98 2.10
N ASP A 109 -12.32 3.92 2.67
CA ASP A 109 -13.41 4.04 3.61
C ASP A 109 -12.88 3.72 5.00
N TYR A 110 -12.64 4.76 5.78
CA TYR A 110 -11.98 4.66 7.09
C TYR A 110 -12.69 3.70 8.04
N VAL A 111 -13.89 3.28 7.68
CA VAL A 111 -14.67 2.38 8.53
C VAL A 111 -14.51 0.91 8.10
N LYS A 112 -13.82 0.66 6.98
CA LYS A 112 -13.68 -0.69 6.50
C LYS A 112 -12.34 -0.95 5.79
N PHE A 113 -11.91 -0.08 4.86
CA PHE A 113 -10.71 -0.40 4.10
C PHE A 113 -10.06 0.82 3.45
N ALA A 114 -8.99 0.56 2.72
CA ALA A 114 -8.26 1.59 1.99
C ALA A 114 -7.62 1.00 0.73
N LEU A 115 -8.04 1.50 -0.42
CA LEU A 115 -7.43 1.13 -1.69
C LEU A 115 -6.30 2.08 -2.01
N VAL A 116 -5.08 1.57 -1.97
CA VAL A 116 -3.90 2.38 -2.20
C VAL A 116 -3.13 1.90 -3.43
N LEU A 117 -2.98 2.80 -4.38
CA LEU A 117 -2.24 2.55 -5.60
C LEU A 117 -0.90 3.26 -5.50
N SER A 118 0.19 2.56 -5.76
CA SER A 118 1.50 3.18 -5.63
C SER A 118 2.49 2.62 -6.64
N LEU A 119 2.94 3.47 -7.54
CA LEU A 119 3.88 3.07 -8.56
C LEU A 119 5.22 3.76 -8.34
N ARG A 120 6.27 2.97 -8.29
CA ARG A 120 7.59 3.43 -7.97
C ARG A 120 8.35 3.81 -9.24
N GLN A 121 8.85 5.04 -9.28
CA GLN A 121 9.67 5.49 -10.39
C GLN A 121 11.11 5.08 -10.14
N ALA A 122 11.58 4.12 -10.91
CA ALA A 122 12.92 3.61 -10.71
C ALA A 122 13.81 3.91 -11.91
N SER A 123 15.03 3.42 -11.86
CA SER A 123 16.01 3.67 -12.90
C SER A 123 15.59 3.04 -14.22
N ASN A 124 15.47 1.71 -14.22
CA ASN A 124 15.22 0.97 -15.43
C ASN A 124 13.76 1.06 -15.86
N GLN A 125 12.86 1.10 -14.89
CA GLN A 125 11.44 0.97 -15.18
C GLN A 125 10.58 1.60 -14.08
N ASN A 126 9.27 1.55 -14.29
CA ASN A 126 8.31 1.95 -13.27
C ASN A 126 7.63 0.73 -12.71
N ILE A 127 7.61 0.64 -11.41
CA ILE A 127 7.00 -0.49 -10.73
C ILE A 127 5.58 -0.13 -10.31
N THR A 128 4.60 -0.70 -10.98
CA THR A 128 3.22 -0.48 -10.62
C THR A 128 2.82 -1.42 -9.50
N ARG A 129 2.53 -0.88 -8.34
CA ARG A 129 2.19 -1.70 -7.19
C ARG A 129 0.88 -1.25 -6.57
N VAL A 130 0.12 -2.21 -6.10
CA VAL A 130 -1.20 -1.96 -5.56
C VAL A 130 -1.37 -2.69 -4.24
N SER A 131 -1.98 -2.05 -3.26
CA SER A 131 -2.18 -2.68 -1.98
C SER A 131 -3.63 -2.49 -1.52
N LEU A 132 -4.14 -3.49 -0.82
CA LEU A 132 -5.48 -3.44 -0.30
C LEU A 132 -5.41 -3.49 1.22
N LEU A 133 -5.55 -2.33 1.82
CA LEU A 133 -5.44 -2.20 3.27
C LEU A 133 -6.82 -2.24 3.91
N GLY A 134 -6.90 -2.76 5.12
CA GLY A 134 -8.18 -2.90 5.78
C GLY A 134 -8.18 -2.36 7.19
N ARG A 135 -9.35 -1.91 7.63
CA ARG A 135 -9.55 -1.48 9.01
C ARG A 135 -9.55 -2.71 9.91
N ASP A 136 -10.07 -3.79 9.37
CA ASP A 136 -10.04 -5.08 10.03
C ASP A 136 -9.46 -6.10 9.06
N TRP A 137 -8.64 -7.01 9.58
CA TRP A 137 -8.00 -8.03 8.76
C TRP A 137 -9.01 -9.11 8.35
N LYS A 138 -10.25 -8.91 8.74
CA LYS A 138 -11.33 -9.83 8.42
C LYS A 138 -12.15 -9.28 7.26
N ILE A 139 -11.46 -8.85 6.22
CA ILE A 139 -12.10 -8.24 5.06
C ILE A 139 -12.78 -9.30 4.20
N THR A 140 -13.86 -8.91 3.56
CA THR A 140 -14.67 -9.82 2.77
C THR A 140 -14.32 -9.68 1.28
N HIS A 141 -14.78 -10.64 0.47
CA HIS A 141 -14.48 -10.64 -0.96
C HIS A 141 -15.11 -9.43 -1.63
N LYS A 142 -16.19 -8.90 -1.05
CA LYS A 142 -16.81 -7.68 -1.55
C LYS A 142 -15.79 -6.54 -1.56
N THR A 143 -15.06 -6.42 -0.46
CA THR A 143 -14.04 -5.40 -0.33
C THR A 143 -12.80 -5.76 -1.15
N ILE A 144 -12.48 -7.06 -1.19
CA ILE A 144 -11.37 -7.58 -1.99
C ILE A 144 -11.60 -7.26 -3.47
N ASP A 145 -12.86 -7.35 -3.87
CA ASP A 145 -13.27 -7.14 -5.26
C ASP A 145 -12.83 -5.77 -5.77
N ARG A 146 -12.90 -4.76 -4.90
CA ARG A 146 -12.48 -3.42 -5.26
C ARG A 146 -10.99 -3.39 -5.60
N PHE A 147 -10.20 -4.14 -4.84
CA PHE A 147 -8.76 -4.21 -5.06
C PHE A 147 -8.45 -4.92 -6.37
N ILE A 148 -9.26 -5.93 -6.69
CA ILE A 148 -9.09 -6.67 -7.93
C ILE A 148 -9.17 -5.73 -9.11
N ALA A 149 -10.12 -4.81 -9.04
CA ALA A 149 -10.33 -3.82 -10.10
C ALA A 149 -9.08 -2.98 -10.31
N LEU A 150 -8.41 -2.61 -9.22
CA LEU A 150 -7.20 -1.81 -9.31
C LEU A 150 -6.10 -2.57 -10.04
N THR A 151 -6.00 -3.86 -9.78
CA THR A 151 -4.98 -4.67 -10.42
C THR A 151 -5.27 -4.79 -11.92
N LYS A 152 -6.56 -4.85 -12.26
CA LYS A 152 -6.97 -4.98 -13.64
C LYS A 152 -6.63 -3.72 -14.44
N THR A 153 -6.88 -2.57 -13.81
CA THR A 153 -6.63 -1.28 -14.45
C THR A 153 -5.13 -1.01 -14.58
N GLN A 154 -4.35 -1.55 -13.64
CA GLN A 154 -2.89 -1.43 -13.70
C GLN A 154 -2.31 -2.44 -14.69
N ASN A 155 -3.19 -3.25 -15.27
CA ASN A 155 -2.82 -4.27 -16.24
C ASN A 155 -1.95 -5.32 -15.59
N LEU A 156 -2.31 -5.70 -14.37
CA LEU A 156 -1.57 -6.70 -13.63
C LEU A 156 -2.14 -8.07 -13.90
N THR A 157 -1.26 -9.01 -14.18
CA THR A 157 -1.65 -10.41 -14.33
C THR A 157 -2.15 -10.95 -13.00
N LYS A 158 -3.09 -11.90 -13.09
CA LYS A 158 -3.71 -12.51 -11.91
C LYS A 158 -2.68 -13.25 -11.05
N ASN A 159 -1.50 -13.44 -11.61
CA ASN A 159 -0.41 -14.12 -10.92
C ASN A 159 0.04 -13.33 -9.69
N ASN A 160 -0.08 -12.01 -9.77
CA ASN A 160 0.48 -11.13 -8.75
C ASN A 160 -0.55 -10.75 -7.70
N LEU A 161 -1.67 -11.46 -7.69
CA LEU A 161 -2.70 -11.22 -6.69
C LEU A 161 -2.40 -12.02 -5.42
N LEU A 162 -1.71 -11.39 -4.48
CA LEU A 162 -1.33 -12.03 -3.24
C LEU A 162 -2.29 -11.62 -2.12
N PHE A 163 -2.88 -12.61 -1.46
CA PHE A 163 -3.81 -12.37 -0.37
C PHE A 163 -3.45 -13.19 0.86
N PRO A 164 -3.55 -12.59 2.05
CA PRO A 164 -3.32 -13.28 3.33
C PRO A 164 -4.28 -14.43 3.55
N ASP A 165 -3.84 -15.42 4.32
CA ASP A 165 -4.63 -16.62 4.57
C ASP A 165 -5.41 -16.49 5.88
N LEU A 166 -5.02 -15.51 6.69
CA LEU A 166 -5.67 -15.21 7.98
C LEU A 166 -5.33 -16.27 9.04
N THR A 167 -5.37 -17.54 8.66
CA THR A 167 -4.82 -18.57 9.52
C THR A 167 -3.30 -18.40 9.56
N ASP A 168 -2.74 -18.19 8.38
CA ASP A 168 -1.36 -17.74 8.25
C ASP A 168 -1.31 -16.24 8.51
N TRP A 169 -1.15 -15.89 9.79
CA TRP A 169 -1.21 -14.51 10.26
C TRP A 169 -0.93 -14.48 11.75
N LEU A 170 -1.44 -15.50 12.45
CA LEU A 170 -1.30 -15.60 13.89
C LEU A 170 0.17 -15.58 14.30
N LEU A 171 0.60 -14.44 14.80
CA LEU A 171 1.98 -14.26 15.21
C LEU A 171 2.11 -14.37 16.72
N ASP A 172 2.29 -15.60 17.20
CA ASP A 172 2.43 -15.84 18.63
C ASP A 172 3.69 -15.18 19.21
N PRO A 173 4.89 -15.44 18.64
CA PRO A 173 6.13 -14.84 19.14
C PRO A 173 6.08 -13.31 19.14
N LYS A 174 6.21 -12.73 20.32
CA LYS A 174 6.17 -11.29 20.46
C LYS A 174 7.56 -10.73 20.68
N VAL A 175 8.11 -10.12 19.64
CA VAL A 175 9.44 -9.56 19.69
C VAL A 175 9.43 -8.09 19.28
N CYS A 176 8.47 -7.72 18.44
CA CYS A 176 8.30 -6.33 18.03
C CYS A 176 6.82 -5.98 17.97
N GLY A 2 -5.08 2.01 -27.64
CA GLY A 2 -4.04 1.61 -26.66
C GLY A 2 -4.56 1.72 -25.24
N GLN A 3 -3.71 1.39 -24.28
CA GLN A 3 -4.06 1.50 -22.87
C GLN A 3 -2.99 2.27 -22.11
N SER A 4 -3.12 3.59 -22.10
CA SER A 4 -2.19 4.44 -21.38
C SER A 4 -2.49 4.44 -19.87
N PRO A 5 -3.75 4.73 -19.44
CA PRO A 5 -4.12 4.73 -18.02
C PRO A 5 -3.67 3.48 -17.29
N THR A 6 -2.84 3.69 -16.27
CA THR A 6 -2.39 2.62 -15.40
C THR A 6 -3.07 2.79 -14.05
N MET A 7 -4.06 3.68 -14.02
CA MET A 7 -4.83 3.96 -12.83
C MET A 7 -6.32 3.72 -13.10
N PRO A 8 -7.13 3.58 -12.04
CA PRO A 8 -8.57 3.34 -12.19
C PRO A 8 -9.31 4.57 -12.69
N GLN A 9 -10.55 4.39 -13.08
CA GLN A 9 -11.34 5.45 -13.64
C GLN A 9 -12.49 5.85 -12.73
N GLY A 10 -12.41 7.07 -12.23
CA GLY A 10 -13.46 7.61 -11.39
C GLY A 10 -13.44 7.08 -9.98
N PHE A 11 -12.28 6.63 -9.52
CA PHE A 11 -12.15 6.08 -8.17
C PHE A 11 -11.55 7.10 -7.22
N SER A 12 -10.35 7.58 -7.55
CA SER A 12 -9.63 8.51 -6.68
C SER A 12 -10.14 9.94 -6.87
N GLN A 13 -11.44 10.10 -6.80
CA GLN A 13 -12.07 11.40 -6.94
C GLN A 13 -12.47 11.95 -5.58
N MET A 14 -11.69 11.60 -4.56
CA MET A 14 -11.95 12.10 -3.22
C MET A 14 -11.42 13.50 -3.07
N THR A 15 -12.28 14.46 -3.38
CA THR A 15 -11.91 15.87 -3.27
C THR A 15 -11.73 16.26 -1.80
N SER A 16 -12.38 15.52 -0.92
CA SER A 16 -12.22 15.72 0.50
C SER A 16 -11.46 14.54 1.10
N PHE A 17 -10.22 14.80 1.46
CA PHE A 17 -9.38 13.78 2.06
C PHE A 17 -8.88 14.26 3.42
N GLN A 18 -9.39 13.64 4.47
CA GLN A 18 -8.98 13.99 5.82
C GLN A 18 -7.86 13.07 6.27
N SER A 19 -6.65 13.62 6.28
CA SER A 19 -5.46 12.86 6.65
C SER A 19 -5.57 12.32 8.07
N ASN A 20 -6.23 13.07 8.94
CA ASN A 20 -6.40 12.67 10.33
C ASN A 20 -7.23 11.38 10.43
N LYS A 21 -8.08 11.15 9.44
CA LYS A 21 -8.91 9.96 9.43
C LYS A 21 -8.18 8.79 8.81
N PHE A 22 -7.27 9.09 7.88
CA PHE A 22 -6.56 8.06 7.15
C PHE A 22 -5.40 7.51 7.97
N GLN A 23 -4.93 8.28 8.94
CA GLN A 23 -3.85 7.82 9.79
C GLN A 23 -4.35 6.72 10.74
N GLY A 24 -3.41 5.97 11.29
CA GLY A 24 -3.74 4.85 12.13
C GLY A 24 -3.01 3.60 11.68
N GLU A 25 -3.52 2.44 12.07
CA GLU A 25 -2.93 1.19 11.66
C GLU A 25 -3.61 0.65 10.41
N TRP A 26 -2.82 0.00 9.57
CA TRP A 26 -3.31 -0.58 8.33
C TRP A 26 -2.61 -1.89 8.04
N PHE A 27 -3.39 -2.93 7.81
CA PHE A 27 -2.86 -4.22 7.43
C PHE A 27 -2.92 -4.38 5.93
N VAL A 28 -1.90 -4.97 5.36
CA VAL A 28 -1.88 -5.19 3.92
C VAL A 28 -2.41 -6.58 3.59
N LEU A 29 -3.65 -6.63 3.16
CA LEU A 29 -4.33 -7.89 2.84
C LEU A 29 -3.90 -8.40 1.48
N GLY A 30 -3.90 -7.51 0.50
CA GLY A 30 -3.67 -7.94 -0.86
C GLY A 30 -2.54 -7.20 -1.54
N LEU A 31 -1.77 -7.92 -2.34
CA LEU A 31 -0.68 -7.33 -3.11
C LEU A 31 -0.88 -7.61 -4.59
N ALA A 32 -0.44 -6.66 -5.40
CA ALA A 32 -0.48 -6.80 -6.85
C ALA A 32 0.43 -5.78 -7.49
N ASP A 33 1.37 -6.24 -8.29
CA ASP A 33 2.27 -5.33 -8.98
C ASP A 33 2.76 -5.94 -10.27
N ASN A 34 3.35 -5.11 -11.10
CA ASN A 34 3.63 -5.47 -12.50
C ASN A 34 4.79 -6.45 -12.60
N THR A 35 5.53 -6.60 -11.52
CA THR A 35 6.70 -7.46 -11.49
C THR A 35 6.49 -8.58 -10.46
N TYR A 36 5.26 -8.69 -9.99
CA TYR A 36 4.86 -9.70 -9.03
C TYR A 36 5.02 -11.10 -9.62
N LYS A 37 5.67 -11.97 -8.88
CA LYS A 37 5.81 -13.36 -9.27
C LYS A 37 4.89 -14.21 -8.39
N ARG A 38 4.14 -15.12 -9.01
CA ARG A 38 3.10 -15.86 -8.31
C ARG A 38 3.67 -16.81 -7.25
N GLU A 39 4.92 -17.21 -7.43
CA GLU A 39 5.58 -18.06 -6.46
C GLU A 39 6.71 -17.30 -5.76
N HIS A 40 7.38 -16.43 -6.50
CA HIS A 40 8.33 -15.51 -5.91
C HIS A 40 7.62 -14.24 -5.47
N ARG A 41 6.67 -14.42 -4.58
CA ARG A 41 5.85 -13.33 -4.07
C ARG A 41 6.67 -12.47 -3.10
N PRO A 42 6.17 -11.28 -2.71
CA PRO A 42 6.80 -10.45 -1.68
C PRO A 42 7.23 -11.27 -0.46
N LEU A 43 8.28 -10.81 0.19
CA LEU A 43 8.91 -11.54 1.31
C LEU A 43 7.95 -11.76 2.47
N LEU A 44 6.85 -11.04 2.47
CA LEU A 44 5.77 -11.28 3.42
C LEU A 44 4.44 -11.06 2.71
N HIS A 45 3.48 -11.93 2.97
CA HIS A 45 2.21 -11.89 2.23
C HIS A 45 1.22 -10.93 2.88
N SER A 46 1.35 -10.72 4.17
CA SER A 46 0.47 -9.82 4.89
C SER A 46 1.25 -9.04 5.95
N PHE A 47 1.74 -7.88 5.57
CA PHE A 47 2.51 -7.04 6.47
C PHE A 47 1.69 -5.86 6.95
N ILE A 48 2.17 -5.18 7.98
CA ILE A 48 1.45 -4.06 8.56
C ILE A 48 2.14 -2.75 8.22
N THR A 49 1.38 -1.76 7.83
CA THR A 49 1.93 -0.45 7.53
C THR A 49 1.11 0.63 8.25
N LEU A 50 1.75 1.37 9.12
CA LEU A 50 1.05 2.39 9.88
C LEU A 50 1.26 3.76 9.27
N PHE A 51 0.26 4.60 9.37
CA PHE A 51 0.32 5.95 8.83
C PHE A 51 0.09 6.97 9.93
N LYS A 52 1.02 7.88 10.12
CA LYS A 52 0.92 8.89 11.18
C LYS A 52 1.08 10.29 10.60
N LEU A 53 0.33 11.24 11.13
CA LEU A 53 0.43 12.63 10.67
C LEU A 53 1.67 13.27 11.26
N ARG A 54 2.68 13.44 10.42
CA ARG A 54 3.95 14.03 10.85
C ARG A 54 3.80 15.52 11.09
N ASP A 55 3.63 16.28 10.01
CA ASP A 55 3.51 17.72 10.12
C ASP A 55 2.05 18.15 10.09
N ASN A 56 1.40 17.99 8.96
CA ASN A 56 -0.03 18.33 8.86
C ASN A 56 -0.80 17.25 8.10
N SER A 57 -0.19 16.69 7.07
CA SER A 57 -0.86 15.67 6.27
C SER A 57 0.14 14.63 5.79
N GLU A 58 1.42 14.88 6.07
CA GLU A 58 2.48 13.97 5.74
C GLU A 58 2.33 12.68 6.54
N PHE A 59 2.23 11.57 5.84
CA PHE A 59 2.01 10.28 6.49
C PHE A 59 3.32 9.56 6.74
N GLN A 60 3.60 9.27 8.00
CA GLN A 60 4.75 8.47 8.35
C GLN A 60 4.40 7.00 8.15
N VAL A 61 4.76 6.47 6.99
CA VAL A 61 4.48 5.11 6.66
C VAL A 61 5.48 4.19 7.35
N THR A 62 4.98 3.48 8.34
CA THR A 62 5.80 2.61 9.15
C THR A 62 5.47 1.16 8.85
N ASN A 63 6.35 0.49 8.13
CA ASN A 63 6.16 -0.90 7.79
C ASN A 63 6.72 -1.80 8.87
N SER A 64 5.86 -2.65 9.41
CA SER A 64 6.24 -3.57 10.44
C SER A 64 5.95 -5.00 9.99
N MET A 65 7.00 -5.74 9.69
CA MET A 65 6.86 -7.11 9.20
C MET A 65 7.75 -8.05 10.00
N THR A 66 7.13 -8.90 10.80
CA THR A 66 7.86 -9.88 11.58
C THR A 66 7.92 -11.22 10.85
N ARG A 67 9.10 -11.58 10.38
CA ARG A 67 9.28 -12.80 9.62
C ARG A 67 10.16 -13.77 10.39
N GLY A 68 9.56 -14.87 10.84
CA GLY A 68 10.29 -15.82 11.66
C GLY A 68 10.51 -15.28 13.05
N LYS A 69 11.76 -15.02 13.39
CA LYS A 69 12.09 -14.42 14.67
C LYS A 69 12.89 -13.14 14.46
N HIS A 70 12.69 -12.53 13.31
CA HIS A 70 13.31 -11.26 12.99
C HIS A 70 12.26 -10.33 12.37
N CYS A 71 12.19 -9.11 12.85
CA CYS A 71 11.24 -8.15 12.34
C CYS A 71 11.94 -7.07 11.54
N SER A 72 11.35 -6.71 10.41
CA SER A 72 11.83 -5.59 9.62
C SER A 72 10.87 -4.43 9.77
N THR A 73 11.37 -3.33 10.28
CA THR A 73 10.55 -2.16 10.53
C THR A 73 11.23 -0.90 10.01
N TRP A 74 10.53 -0.15 9.17
CA TRP A 74 11.05 1.13 8.68
C TRP A 74 9.94 2.15 8.55
N SER A 75 10.32 3.41 8.52
CA SER A 75 9.34 4.49 8.44
C SER A 75 9.77 5.53 7.41
N TYR A 76 8.86 5.87 6.51
CA TYR A 76 9.12 6.91 5.52
C TYR A 76 8.04 7.97 5.61
N THR A 77 8.14 9.00 4.78
CA THR A 77 7.16 10.07 4.80
C THR A 77 6.48 10.24 3.44
N LEU A 78 5.16 10.10 3.43
CA LEU A 78 4.36 10.35 2.24
C LEU A 78 3.94 11.80 2.22
N ILE A 79 4.26 12.48 1.13
CA ILE A 79 3.98 13.90 1.02
C ILE A 79 2.77 14.13 0.12
N PRO A 80 1.70 14.71 0.68
CA PRO A 80 0.51 15.07 -0.10
C PRO A 80 0.80 16.24 -1.05
N THR A 81 0.30 16.14 -2.27
CA THR A 81 0.51 17.17 -3.26
C THR A 81 -0.67 18.14 -3.28
N ASN A 82 -0.85 18.85 -4.40
CA ASN A 82 -2.00 19.71 -4.57
C ASN A 82 -3.21 18.89 -4.99
N LYS A 83 -3.03 17.59 -5.10
CA LYS A 83 -4.12 16.69 -5.45
C LYS A 83 -4.59 15.93 -4.23
N PRO A 84 -5.88 16.03 -3.90
CA PRO A 84 -6.47 15.32 -2.77
C PRO A 84 -6.38 13.81 -2.94
N GLY A 85 -5.44 13.20 -2.25
CA GLY A 85 -5.26 11.77 -2.34
C GLY A 85 -4.04 11.39 -3.16
N GLN A 86 -3.18 12.36 -3.42
CA GLN A 86 -1.97 12.12 -4.20
C GLN A 86 -0.74 12.41 -3.35
N PHE A 87 0.17 11.45 -3.30
CA PHE A 87 1.33 11.52 -2.42
C PHE A 87 2.60 11.14 -3.16
N THR A 88 3.72 11.54 -2.59
CA THR A 88 5.03 11.11 -3.06
C THR A 88 5.91 10.79 -1.86
N ARG A 89 6.64 9.69 -1.92
CA ARG A 89 7.57 9.35 -0.86
C ARG A 89 8.78 10.26 -0.92
N ASP A 90 8.95 11.09 0.10
CA ASP A 90 10.08 12.02 0.14
C ASP A 90 11.37 11.27 0.40
N ASN A 91 12.28 11.32 -0.55
CA ASN A 91 13.56 10.62 -0.47
C ASN A 91 14.70 11.59 -0.76
N ARG A 92 14.54 12.82 -0.28
CA ARG A 92 15.51 13.88 -0.55
C ARG A 92 16.79 13.70 0.25
N GLY A 93 16.70 12.96 1.35
CA GLY A 93 17.87 12.69 2.16
C GLY A 93 18.03 11.23 2.45
N SER A 94 17.76 10.40 1.46
CA SER A 94 17.81 8.95 1.65
C SER A 94 18.99 8.33 0.90
N GLY A 95 19.40 8.95 -0.19
CA GLY A 95 20.47 8.41 -0.99
C GLY A 95 20.41 8.87 -2.44
N PRO A 96 21.57 8.96 -3.09
CA PRO A 96 21.69 9.29 -4.53
C PRO A 96 20.81 8.39 -5.41
N GLY A 97 20.57 7.18 -4.93
CA GLY A 97 19.71 6.26 -5.66
C GLY A 97 18.48 5.91 -4.85
N ALA A 98 17.83 6.93 -4.32
CA ALA A 98 16.63 6.74 -3.51
C ALA A 98 15.40 6.61 -4.41
N ASP A 99 15.11 5.38 -4.79
CA ASP A 99 13.98 5.07 -5.64
C ASP A 99 12.68 5.59 -5.03
N LYS A 100 12.09 6.56 -5.70
CA LYS A 100 10.89 7.23 -5.20
C LYS A 100 9.65 6.40 -5.49
N GLU A 101 8.66 6.52 -4.62
CA GLU A 101 7.42 5.79 -4.79
C GLU A 101 6.26 6.78 -4.78
N ASN A 102 5.42 6.71 -5.80
CA ASN A 102 4.29 7.62 -5.95
C ASN A 102 3.02 6.97 -5.43
N ILE A 103 2.44 7.56 -4.40
CA ILE A 103 1.31 6.97 -3.71
C ILE A 103 0.04 7.75 -4.06
N GLN A 104 -1.08 7.03 -4.15
CA GLN A 104 -2.37 7.65 -4.39
C GLN A 104 -3.47 6.83 -3.75
N VAL A 105 -4.29 7.46 -2.92
CA VAL A 105 -5.42 6.78 -2.30
C VAL A 105 -6.59 6.76 -3.26
N ILE A 106 -6.95 5.56 -3.69
CA ILE A 106 -8.04 5.39 -4.64
C ILE A 106 -9.38 5.38 -3.92
N GLU A 107 -9.44 4.74 -2.76
CA GLU A 107 -10.69 4.62 -2.03
C GLU A 107 -10.43 4.20 -0.60
N THR A 108 -10.51 5.14 0.34
CA THR A 108 -10.28 4.81 1.72
C THR A 108 -11.56 4.88 2.55
N ASP A 109 -12.28 3.78 2.59
CA ASP A 109 -13.42 3.65 3.48
C ASP A 109 -12.92 3.19 4.83
N TYR A 110 -12.63 4.15 5.70
CA TYR A 110 -12.03 3.91 7.02
C TYR A 110 -12.82 2.89 7.84
N VAL A 111 -14.08 2.68 7.49
CA VAL A 111 -14.93 1.74 8.21
C VAL A 111 -14.63 0.29 7.82
N LYS A 112 -13.86 0.10 6.76
CA LYS A 112 -13.63 -1.24 6.22
C LYS A 112 -12.23 -1.42 5.64
N PHE A 113 -11.81 -0.56 4.71
CA PHE A 113 -10.53 -0.78 4.03
C PHE A 113 -9.99 0.49 3.39
N ALA A 114 -8.86 0.32 2.71
CA ALA A 114 -8.24 1.40 1.96
C ALA A 114 -7.54 0.86 0.72
N LEU A 115 -7.98 1.32 -0.43
CA LEU A 115 -7.35 0.96 -1.68
C LEU A 115 -6.28 1.97 -2.00
N VAL A 116 -5.03 1.52 -1.92
CA VAL A 116 -3.90 2.39 -2.14
C VAL A 116 -3.09 1.95 -3.36
N LEU A 117 -2.97 2.87 -4.30
CA LEU A 117 -2.21 2.65 -5.52
C LEU A 117 -0.88 3.36 -5.38
N SER A 118 0.21 2.68 -5.68
CA SER A 118 1.51 3.30 -5.56
C SER A 118 2.49 2.76 -6.59
N LEU A 119 3.18 3.68 -7.24
CA LEU A 119 4.10 3.35 -8.32
C LEU A 119 5.51 3.76 -7.95
N ARG A 120 6.38 2.78 -7.75
CA ARG A 120 7.74 3.04 -7.36
C ARG A 120 8.65 3.14 -8.56
N GLN A 121 9.29 4.27 -8.72
CA GLN A 121 10.21 4.51 -9.79
C GLN A 121 11.60 4.05 -9.38
N ALA A 122 12.06 2.95 -9.96
CA ALA A 122 13.37 2.42 -9.62
C ALA A 122 14.34 2.64 -10.76
N SER A 123 15.55 2.15 -10.60
CA SER A 123 16.59 2.32 -11.61
C SER A 123 16.26 1.54 -12.88
N ASN A 124 16.23 0.22 -12.75
CA ASN A 124 16.08 -0.67 -13.89
C ASN A 124 14.64 -0.83 -14.33
N GLN A 125 13.71 -0.55 -13.43
CA GLN A 125 12.30 -0.80 -13.72
C GLN A 125 11.40 0.13 -12.93
N ASN A 126 10.13 0.13 -13.28
CA ASN A 126 9.11 0.84 -12.52
C ASN A 126 8.12 -0.16 -11.97
N ILE A 127 7.84 -0.04 -10.70
CA ILE A 127 6.99 -0.96 -10.01
C ILE A 127 5.61 -0.37 -9.80
N THR A 128 4.64 -0.88 -10.54
CA THR A 128 3.25 -0.49 -10.36
C THR A 128 2.62 -1.34 -9.27
N ARG A 129 2.46 -0.76 -8.10
CA ARG A 129 1.99 -1.53 -6.95
C ARG A 129 0.57 -1.14 -6.56
N VAL A 130 -0.20 -2.15 -6.23
CA VAL A 130 -1.55 -1.99 -5.75
C VAL A 130 -1.68 -2.69 -4.40
N SER A 131 -2.06 -1.97 -3.37
CA SER A 131 -2.14 -2.55 -2.05
C SER A 131 -3.56 -2.49 -1.50
N LEU A 132 -4.06 -3.64 -1.07
CA LEU A 132 -5.36 -3.69 -0.41
C LEU A 132 -5.15 -3.60 1.09
N LEU A 133 -5.32 -2.39 1.62
CA LEU A 133 -5.13 -2.17 3.04
C LEU A 133 -6.45 -2.28 3.78
N GLY A 134 -6.38 -2.68 5.03
CA GLY A 134 -7.56 -2.83 5.84
C GLY A 134 -7.22 -2.73 7.31
N ARG A 135 -8.23 -2.76 8.15
CA ARG A 135 -8.02 -2.66 9.58
C ARG A 135 -8.03 -4.06 10.17
N ASP A 136 -8.40 -5.01 9.32
CA ASP A 136 -8.39 -6.42 9.65
C ASP A 136 -8.11 -7.19 8.36
N TRP A 137 -7.75 -8.45 8.48
CA TRP A 137 -7.35 -9.22 7.30
C TRP A 137 -8.46 -10.19 6.87
N LYS A 138 -9.51 -10.29 7.68
CA LYS A 138 -10.65 -11.11 7.32
C LYS A 138 -11.69 -10.29 6.56
N ILE A 139 -11.33 -9.89 5.35
CA ILE A 139 -12.19 -9.09 4.50
C ILE A 139 -12.94 -9.97 3.51
N THR A 140 -14.13 -9.53 3.12
CA THR A 140 -14.99 -10.31 2.27
C THR A 140 -14.72 -10.03 0.79
N HIS A 141 -15.13 -10.96 -0.08
CA HIS A 141 -14.86 -10.84 -1.52
C HIS A 141 -15.52 -9.58 -2.10
N LYS A 142 -16.60 -9.12 -1.48
CA LYS A 142 -17.23 -7.87 -1.90
C LYS A 142 -16.21 -6.73 -1.84
N THR A 143 -15.48 -6.69 -0.73
CA THR A 143 -14.46 -5.69 -0.52
C THR A 143 -13.21 -5.99 -1.37
N ILE A 144 -12.89 -7.28 -1.49
CA ILE A 144 -11.77 -7.74 -2.31
C ILE A 144 -11.95 -7.31 -3.77
N ASP A 145 -13.18 -7.38 -4.23
CA ASP A 145 -13.52 -7.11 -5.63
C ASP A 145 -13.05 -5.72 -6.08
N ARG A 146 -13.09 -4.76 -5.17
CA ARG A 146 -12.68 -3.40 -5.51
C ARG A 146 -11.18 -3.30 -5.73
N PHE A 147 -10.42 -4.14 -5.05
CA PHE A 147 -8.99 -4.22 -5.28
C PHE A 147 -8.72 -4.89 -6.63
N ILE A 148 -9.56 -5.88 -6.96
CA ILE A 148 -9.48 -6.56 -8.23
C ILE A 148 -9.63 -5.55 -9.37
N ALA A 149 -10.63 -4.69 -9.23
CA ALA A 149 -10.90 -3.64 -10.20
C ALA A 149 -9.66 -2.79 -10.45
N LEU A 150 -8.99 -2.40 -9.36
CA LEU A 150 -7.75 -1.63 -9.46
C LEU A 150 -6.72 -2.37 -10.30
N THR A 151 -6.45 -3.61 -9.97
CA THR A 151 -5.39 -4.37 -10.61
C THR A 151 -5.63 -4.44 -12.12
N LYS A 152 -6.90 -4.48 -12.50
CA LYS A 152 -7.28 -4.48 -13.90
C LYS A 152 -6.87 -3.18 -14.57
N THR A 153 -7.12 -2.07 -13.89
CA THR A 153 -6.81 -0.75 -14.42
C THR A 153 -5.30 -0.48 -14.38
N GLN A 154 -4.61 -1.11 -13.44
CA GLN A 154 -3.15 -0.99 -13.35
C GLN A 154 -2.44 -1.82 -14.41
N ASN A 155 -3.24 -2.45 -15.28
CA ASN A 155 -2.72 -3.26 -16.37
C ASN A 155 -1.97 -4.47 -15.84
N LEU A 156 -2.39 -4.94 -14.67
CA LEU A 156 -1.80 -6.11 -14.05
C LEU A 156 -2.50 -7.36 -14.56
N THR A 157 -2.22 -8.49 -13.92
CA THR A 157 -2.77 -9.76 -14.33
C THR A 157 -3.43 -10.46 -13.15
N LYS A 158 -4.30 -11.42 -13.44
CA LYS A 158 -4.96 -12.20 -12.39
C LYS A 158 -3.97 -13.13 -11.70
N ASN A 159 -2.84 -13.34 -12.36
CA ASN A 159 -1.75 -14.14 -11.80
C ASN A 159 -1.08 -13.40 -10.65
N ASN A 160 -1.14 -12.08 -10.72
CA ASN A 160 -0.41 -11.22 -9.80
C ASN A 160 -1.27 -10.79 -8.62
N LEU A 161 -2.40 -11.46 -8.44
CA LEU A 161 -3.30 -11.17 -7.33
C LEU A 161 -2.89 -11.95 -6.09
N LEU A 162 -2.34 -11.26 -5.10
CA LEU A 162 -1.97 -11.90 -3.84
C LEU A 162 -3.08 -11.72 -2.81
N PHE A 163 -3.49 -12.83 -2.22
CA PHE A 163 -4.51 -12.83 -1.17
C PHE A 163 -3.98 -13.58 0.03
N PRO A 164 -4.37 -13.17 1.25
CA PRO A 164 -3.87 -13.78 2.47
C PRO A 164 -4.41 -15.20 2.67
N ASP A 165 -3.49 -16.15 2.80
CA ASP A 165 -3.86 -17.55 3.00
C ASP A 165 -3.87 -17.88 4.49
N LEU A 166 -3.35 -16.96 5.29
CA LEU A 166 -3.26 -17.16 6.71
C LEU A 166 -4.62 -17.05 7.38
N THR A 167 -5.00 -18.09 8.10
CA THR A 167 -6.22 -18.06 8.88
C THR A 167 -5.93 -17.51 10.27
N ASP A 168 -4.65 -17.57 10.66
CA ASP A 168 -4.20 -17.06 11.95
C ASP A 168 -2.96 -16.21 11.77
N TRP A 169 -3.12 -14.90 11.81
CA TRP A 169 -2.00 -13.98 11.67
C TRP A 169 -1.57 -13.45 13.04
N LEU A 170 -2.43 -13.63 14.05
CA LEU A 170 -2.14 -13.18 15.40
C LEU A 170 -0.80 -13.69 15.88
N LEU A 171 0.17 -12.79 15.97
CA LEU A 171 1.51 -13.16 16.37
C LEU A 171 1.70 -12.98 17.86
N ASP A 172 2.02 -14.07 18.53
CA ASP A 172 2.31 -14.05 19.96
C ASP A 172 3.58 -13.24 20.21
N PRO A 173 3.71 -12.60 21.38
CA PRO A 173 4.87 -11.78 21.73
C PRO A 173 6.15 -12.62 21.89
N LYS A 174 6.63 -13.14 20.78
CA LYS A 174 7.87 -13.91 20.75
C LYS A 174 9.01 -13.01 20.29
N VAL A 175 8.75 -12.29 19.20
CA VAL A 175 9.72 -11.33 18.68
C VAL A 175 8.98 -10.13 18.06
N CYS A 176 9.36 -8.94 18.51
CA CYS A 176 8.80 -7.67 18.01
C CYS A 176 7.27 -7.70 18.04
N GLY A 2 2.15 15.14 -12.32
CA GLY A 2 2.23 13.87 -13.06
C GLY A 2 1.66 13.98 -14.45
N GLN A 3 2.53 13.96 -15.45
CA GLN A 3 2.12 14.07 -16.84
C GLN A 3 1.26 12.86 -17.25
N SER A 4 1.55 11.71 -16.65
CA SER A 4 0.78 10.50 -16.95
C SER A 4 0.74 9.59 -15.71
N PRO A 5 -0.16 9.90 -14.76
CA PRO A 5 -0.34 9.09 -13.57
C PRO A 5 -1.24 7.90 -13.84
N THR A 6 -0.92 6.77 -13.24
CA THR A 6 -1.68 5.55 -13.45
C THR A 6 -2.95 5.54 -12.58
N MET A 7 -3.84 6.49 -12.86
CA MET A 7 -5.10 6.61 -12.17
C MET A 7 -6.12 5.63 -12.76
N PRO A 8 -6.62 4.72 -11.91
CA PRO A 8 -7.57 3.68 -12.33
C PRO A 8 -8.93 4.23 -12.75
N GLN A 9 -9.56 3.54 -13.68
CA GLN A 9 -10.90 3.89 -14.11
C GLN A 9 -11.93 3.21 -13.22
N GLY A 10 -13.10 3.80 -13.14
CA GLY A 10 -14.15 3.25 -12.30
C GLY A 10 -14.28 3.98 -10.99
N PHE A 11 -13.17 4.17 -10.30
CA PHE A 11 -13.15 4.90 -9.03
C PHE A 11 -12.91 6.38 -9.28
N SER A 12 -13.20 7.18 -8.26
CA SER A 12 -13.04 8.62 -8.37
C SER A 12 -12.21 9.12 -7.20
N GLN A 13 -11.26 10.00 -7.48
CA GLN A 13 -10.35 10.50 -6.47
C GLN A 13 -11.09 11.42 -5.50
N MET A 14 -10.80 11.24 -4.23
CA MET A 14 -11.44 11.99 -3.17
C MET A 14 -10.98 13.44 -3.17
N THR A 15 -11.90 14.36 -3.41
CA THR A 15 -11.58 15.78 -3.40
C THR A 15 -11.52 16.28 -1.96
N SER A 16 -12.07 15.48 -1.06
CA SER A 16 -11.95 15.73 0.37
C SER A 16 -11.32 14.53 1.04
N PHE A 17 -10.06 14.66 1.39
CA PHE A 17 -9.31 13.56 1.98
C PHE A 17 -8.94 13.86 3.43
N GLN A 18 -9.66 13.24 4.35
CA GLN A 18 -9.39 13.40 5.76
C GLN A 18 -8.22 12.53 6.21
N SER A 19 -7.02 13.10 6.16
CA SER A 19 -5.82 12.42 6.60
C SER A 19 -5.90 12.03 8.06
N ASN A 20 -6.60 12.85 8.85
CA ASN A 20 -6.76 12.60 10.28
C ASN A 20 -7.61 11.36 10.53
N LYS A 21 -8.31 10.91 9.49
CA LYS A 21 -9.13 9.71 9.58
C LYS A 21 -8.36 8.51 9.05
N PHE A 22 -7.67 8.72 7.93
CA PHE A 22 -6.92 7.67 7.26
C PHE A 22 -5.74 7.19 8.10
N GLN A 23 -5.21 8.05 8.96
CA GLN A 23 -4.08 7.69 9.81
C GLN A 23 -4.50 6.61 10.81
N GLY A 24 -3.51 5.83 11.23
CA GLY A 24 -3.77 4.70 12.11
C GLY A 24 -3.08 3.45 11.64
N GLU A 25 -3.58 2.29 12.05
CA GLU A 25 -3.01 1.02 11.62
C GLU A 25 -3.73 0.48 10.40
N TRP A 26 -2.99 -0.21 9.55
CA TRP A 26 -3.54 -0.81 8.34
C TRP A 26 -2.92 -2.17 8.09
N PHE A 27 -3.77 -3.17 7.88
CA PHE A 27 -3.30 -4.51 7.57
C PHE A 27 -3.34 -4.73 6.07
N VAL A 28 -2.32 -5.36 5.52
CA VAL A 28 -2.26 -5.62 4.09
C VAL A 28 -2.90 -6.97 3.75
N LEU A 29 -4.12 -6.92 3.22
CA LEU A 29 -4.85 -8.12 2.87
C LEU A 29 -4.66 -8.47 1.40
N GLY A 30 -4.18 -7.52 0.62
CA GLY A 30 -3.96 -7.75 -0.78
C GLY A 30 -2.74 -7.01 -1.30
N LEU A 31 -2.02 -7.66 -2.20
CA LEU A 31 -0.83 -7.07 -2.78
C LEU A 31 -0.75 -7.42 -4.27
N ALA A 32 -0.35 -6.46 -5.09
CA ALA A 32 -0.20 -6.70 -6.52
C ALA A 32 0.91 -5.83 -7.11
N ASP A 33 1.71 -6.41 -7.98
CA ASP A 33 2.81 -5.70 -8.63
C ASP A 33 2.89 -6.09 -10.09
N ASN A 34 3.33 -5.15 -10.93
CA ASN A 34 3.54 -5.45 -12.35
C ASN A 34 4.74 -6.38 -12.51
N THR A 35 5.49 -6.50 -11.43
CA THR A 35 6.69 -7.30 -11.39
C THR A 35 6.55 -8.39 -10.33
N TYR A 36 5.30 -8.65 -9.95
CA TYR A 36 5.00 -9.69 -8.96
C TYR A 36 5.24 -11.06 -9.57
N LYS A 37 6.08 -11.85 -8.91
CA LYS A 37 6.36 -13.19 -9.37
C LYS A 37 5.95 -14.18 -8.30
N ARG A 38 5.18 -15.19 -8.70
CA ARG A 38 4.58 -16.11 -7.74
C ARG A 38 5.62 -17.07 -7.15
N GLU A 39 6.73 -17.26 -7.84
CA GLU A 39 7.79 -18.10 -7.33
C GLU A 39 8.78 -17.25 -6.54
N HIS A 40 8.74 -15.94 -6.79
CA HIS A 40 9.62 -15.00 -6.12
C HIS A 40 8.80 -13.92 -5.43
N ARG A 41 7.82 -14.37 -4.67
CA ARG A 41 6.93 -13.46 -3.95
C ARG A 41 7.69 -12.67 -2.89
N PRO A 42 7.12 -11.54 -2.43
CA PRO A 42 7.71 -10.74 -1.36
C PRO A 42 8.01 -11.57 -0.11
N LEU A 43 8.92 -11.07 0.72
CA LEU A 43 9.40 -11.77 1.91
C LEU A 43 8.28 -12.06 2.89
N LEU A 44 7.18 -11.36 2.73
CA LEU A 44 5.98 -11.59 3.54
C LEU A 44 4.76 -11.64 2.65
N HIS A 45 3.75 -12.35 3.11
CA HIS A 45 2.51 -12.52 2.35
C HIS A 45 1.46 -11.56 2.88
N SER A 46 1.51 -11.32 4.17
CA SER A 46 0.65 -10.36 4.82
C SER A 46 1.45 -9.63 5.89
N PHE A 47 1.36 -8.30 5.90
CA PHE A 47 2.09 -7.50 6.86
C PHE A 47 1.28 -6.28 7.26
N ILE A 48 1.81 -5.49 8.17
CA ILE A 48 1.09 -4.35 8.70
C ILE A 48 1.82 -3.06 8.37
N THR A 49 1.09 -2.05 7.94
CA THR A 49 1.66 -0.75 7.67
C THR A 49 0.85 0.33 8.38
N LEU A 50 1.53 1.21 9.09
CA LEU A 50 0.85 2.24 9.85
C LEU A 50 1.06 3.59 9.20
N PHE A 51 0.06 4.44 9.29
CA PHE A 51 0.13 5.78 8.73
C PHE A 51 -0.03 6.83 9.81
N LYS A 52 0.99 7.65 10.00
CA LYS A 52 0.97 8.69 11.03
C LYS A 52 1.05 10.08 10.40
N LEU A 53 0.35 11.05 10.99
CA LEU A 53 0.40 12.42 10.50
C LEU A 53 1.69 13.10 10.95
N ARG A 54 2.52 13.44 9.98
CA ARG A 54 3.79 14.13 10.22
C ARG A 54 3.53 15.60 10.54
N ASP A 55 3.16 16.36 9.52
CA ASP A 55 2.85 17.77 9.71
C ASP A 55 1.34 17.95 9.78
N ASN A 56 0.68 17.78 8.65
CA ASN A 56 -0.76 17.94 8.60
C ASN A 56 -1.42 16.82 7.80
N SER A 57 -0.71 16.29 6.82
CA SER A 57 -1.29 15.28 5.94
C SER A 57 -0.23 14.25 5.52
N GLU A 58 1.01 14.58 5.79
CA GLU A 58 2.12 13.69 5.50
C GLU A 58 1.98 12.43 6.32
N PHE A 59 2.15 11.28 5.67
CA PHE A 59 1.97 10.01 6.34
C PHE A 59 3.29 9.31 6.59
N GLN A 60 3.58 9.03 7.84
CA GLN A 60 4.69 8.20 8.20
C GLN A 60 4.31 6.75 8.01
N VAL A 61 4.60 6.21 6.84
CA VAL A 61 4.25 4.85 6.52
C VAL A 61 5.23 3.90 7.16
N THR A 62 4.75 3.22 8.19
CA THR A 62 5.58 2.35 9.01
C THR A 62 5.20 0.90 8.82
N ASN A 63 6.02 0.16 8.09
CA ASN A 63 5.74 -1.25 7.87
C ASN A 63 6.38 -2.09 8.96
N SER A 64 5.56 -2.92 9.57
CA SER A 64 6.03 -3.86 10.56
C SER A 64 6.12 -5.24 9.91
N MET A 65 7.34 -5.66 9.64
CA MET A 65 7.56 -6.86 8.85
C MET A 65 8.13 -7.97 9.72
N THR A 66 7.27 -8.88 10.17
CA THR A 66 7.74 -9.99 10.97
C THR A 66 8.04 -11.20 10.07
N ARG A 67 9.31 -11.48 9.93
CA ARG A 67 9.77 -12.57 9.10
C ARG A 67 10.27 -13.71 9.98
N GLY A 68 9.41 -14.68 10.22
CA GLY A 68 9.72 -15.73 11.17
C GLY A 68 9.79 -15.19 12.57
N LYS A 69 10.98 -15.18 13.14
CA LYS A 69 11.18 -14.63 14.47
C LYS A 69 12.11 -13.43 14.43
N HIS A 70 12.18 -12.81 13.27
CA HIS A 70 12.92 -11.56 13.09
C HIS A 70 11.99 -10.49 12.52
N CYS A 71 11.76 -9.45 13.28
CA CYS A 71 10.87 -8.39 12.85
C CYS A 71 11.67 -7.17 12.42
N SER A 72 11.30 -6.62 11.28
CA SER A 72 11.94 -5.44 10.74
C SER A 72 10.91 -4.33 10.57
N THR A 73 11.16 -3.19 11.18
CA THR A 73 10.22 -2.09 11.10
C THR A 73 10.90 -0.83 10.58
N TRP A 74 10.27 -0.16 9.63
CA TRP A 74 10.80 1.07 9.08
C TRP A 74 9.67 2.04 8.78
N SER A 75 10.00 3.31 8.57
CA SER A 75 9.02 4.32 8.29
C SER A 75 9.49 5.26 7.18
N TYR A 76 8.62 5.53 6.22
CA TYR A 76 8.91 6.50 5.18
C TYR A 76 7.98 7.70 5.31
N THR A 77 8.29 8.77 4.60
CA THR A 77 7.49 9.98 4.68
C THR A 77 6.71 10.20 3.39
N LEU A 78 5.39 10.07 3.49
CA LEU A 78 4.50 10.29 2.36
C LEU A 78 4.03 11.73 2.33
N ILE A 79 4.30 12.40 1.22
CA ILE A 79 3.99 13.81 1.10
C ILE A 79 2.77 14.02 0.21
N PRO A 80 1.72 14.62 0.76
CA PRO A 80 0.54 14.98 0.00
C PRO A 80 0.83 16.13 -0.96
N THR A 81 0.39 15.99 -2.21
CA THR A 81 0.67 16.99 -3.22
C THR A 81 -0.40 18.08 -3.17
N ASN A 82 -0.55 18.82 -4.26
CA ASN A 82 -1.61 19.81 -4.37
C ASN A 82 -2.97 19.12 -4.51
N LYS A 83 -2.94 17.82 -4.78
CA LYS A 83 -4.15 17.06 -4.99
C LYS A 83 -4.49 16.22 -3.76
N PRO A 84 -5.75 16.27 -3.29
CA PRO A 84 -6.21 15.42 -2.21
C PRO A 84 -6.22 13.95 -2.63
N GLY A 85 -5.55 13.13 -1.84
CA GLY A 85 -5.45 11.71 -2.17
C GLY A 85 -4.23 11.41 -3.01
N GLN A 86 -3.36 12.41 -3.16
CA GLN A 86 -2.15 12.26 -3.96
C GLN A 86 -0.91 12.47 -3.09
N PHE A 87 0.01 11.52 -3.15
CA PHE A 87 1.20 11.54 -2.31
C PHE A 87 2.44 11.20 -3.11
N THR A 88 3.59 11.48 -2.51
CA THR A 88 4.86 11.04 -3.04
C THR A 88 5.81 10.73 -1.89
N ARG A 89 6.55 9.65 -2.00
CA ARG A 89 7.55 9.31 -0.99
C ARG A 89 8.78 10.20 -1.14
N ASP A 90 9.03 11.01 -0.14
CA ASP A 90 10.18 11.92 -0.17
C ASP A 90 11.39 11.22 0.44
N ASN A 91 12.41 11.02 -0.38
CA ASN A 91 13.61 10.30 0.04
C ASN A 91 14.76 11.26 0.33
N ARG A 92 14.45 12.40 0.93
CA ARG A 92 15.44 13.41 1.22
C ARG A 92 16.43 12.90 2.26
N GLY A 93 17.64 12.64 1.80
CA GLY A 93 18.67 12.07 2.64
C GLY A 93 19.37 10.93 1.95
N SER A 94 18.66 10.32 1.02
CA SER A 94 19.21 9.24 0.21
C SER A 94 19.67 9.81 -1.13
N GLY A 95 20.28 8.97 -1.95
CA GLY A 95 20.78 9.41 -3.24
C GLY A 95 20.58 8.38 -4.32
N PRO A 96 21.48 7.39 -4.41
CA PRO A 96 21.38 6.30 -5.40
C PRO A 96 20.07 5.53 -5.27
N GLY A 97 19.75 5.13 -4.05
CA GLY A 97 18.55 4.36 -3.82
C GLY A 97 17.36 5.23 -3.47
N ALA A 98 17.42 6.48 -3.87
CA ALA A 98 16.33 7.43 -3.61
C ALA A 98 15.28 7.36 -4.71
N ASP A 99 14.78 6.16 -4.96
CA ASP A 99 13.75 5.95 -5.96
C ASP A 99 12.42 6.50 -5.46
N LYS A 100 11.92 7.54 -6.11
CA LYS A 100 10.68 8.16 -5.70
C LYS A 100 9.50 7.23 -5.96
N GLU A 101 8.56 7.23 -5.05
CA GLU A 101 7.40 6.37 -5.17
C GLU A 101 6.13 7.19 -5.10
N ASN A 102 5.26 6.98 -6.09
CA ASN A 102 4.00 7.70 -6.20
C ASN A 102 2.91 6.96 -5.45
N ILE A 103 2.43 7.55 -4.38
CA ILE A 103 1.38 6.92 -3.58
C ILE A 103 0.06 7.66 -3.80
N GLN A 104 -0.98 6.93 -4.13
CA GLN A 104 -2.27 7.50 -4.36
C GLN A 104 -3.35 6.67 -3.68
N VAL A 105 -4.18 7.32 -2.88
CA VAL A 105 -5.32 6.65 -2.28
C VAL A 105 -6.49 6.67 -3.23
N ILE A 106 -6.93 5.49 -3.62
CA ILE A 106 -8.02 5.35 -4.58
C ILE A 106 -9.36 5.40 -3.86
N GLU A 107 -9.43 4.77 -2.70
CA GLU A 107 -10.68 4.70 -1.97
C GLU A 107 -10.42 4.23 -0.54
N THR A 108 -10.49 5.14 0.41
CA THR A 108 -10.26 4.75 1.78
C THR A 108 -11.50 4.93 2.65
N ASP A 109 -12.21 3.84 2.85
CA ASP A 109 -13.19 3.78 3.92
C ASP A 109 -12.44 3.56 5.21
N TYR A 110 -12.03 4.65 5.87
CA TYR A 110 -11.16 4.57 7.03
C TYR A 110 -11.75 3.74 8.17
N VAL A 111 -13.04 3.47 8.10
CA VAL A 111 -13.70 2.66 9.11
C VAL A 111 -13.84 1.20 8.65
N LYS A 112 -13.27 0.89 7.49
CA LYS A 112 -13.39 -0.44 6.89
C LYS A 112 -12.09 -0.89 6.24
N PHE A 113 -11.70 -0.21 5.15
CA PHE A 113 -10.54 -0.64 4.37
C PHE A 113 -9.89 0.54 3.65
N ALA A 114 -8.90 0.25 2.83
CA ALA A 114 -8.21 1.28 2.07
C ALA A 114 -7.62 0.72 0.79
N LEU A 115 -8.04 1.28 -0.33
CA LEU A 115 -7.46 0.97 -1.62
C LEU A 115 -6.33 1.93 -1.92
N VAL A 116 -5.11 1.42 -1.84
CA VAL A 116 -3.91 2.23 -2.01
C VAL A 116 -3.11 1.78 -3.22
N LEU A 117 -2.76 2.75 -4.04
CA LEU A 117 -2.01 2.52 -5.26
C LEU A 117 -0.67 3.22 -5.13
N SER A 118 0.43 2.55 -5.44
CA SER A 118 1.75 3.15 -5.30
C SER A 118 2.73 2.64 -6.35
N LEU A 119 3.29 3.57 -7.11
CA LEU A 119 4.23 3.23 -8.17
C LEU A 119 5.62 3.72 -7.84
N ARG A 120 6.56 2.80 -7.74
CA ARG A 120 7.93 3.17 -7.45
C ARG A 120 8.69 3.40 -8.74
N GLN A 121 9.10 4.63 -8.98
CA GLN A 121 9.89 4.95 -10.14
C GLN A 121 11.34 4.63 -9.84
N ALA A 122 11.84 3.59 -10.47
CA ALA A 122 13.17 3.08 -10.15
C ALA A 122 14.11 3.21 -11.35
N SER A 123 15.29 2.64 -11.21
CA SER A 123 16.29 2.69 -12.27
C SER A 123 15.86 1.89 -13.49
N ASN A 124 15.71 0.58 -13.29
CA ASN A 124 15.45 -0.33 -14.40
C ASN A 124 14.07 -0.13 -14.98
N GLN A 125 13.12 0.20 -14.12
CA GLN A 125 11.72 0.26 -14.53
C GLN A 125 10.86 0.92 -13.47
N ASN A 126 9.60 1.11 -13.79
CA ASN A 126 8.62 1.57 -12.83
C ASN A 126 7.87 0.40 -12.26
N ILE A 127 7.81 0.37 -10.95
CA ILE A 127 7.13 -0.68 -10.24
C ILE A 127 5.72 -0.24 -9.88
N THR A 128 4.76 -0.77 -10.60
CA THR A 128 3.37 -0.49 -10.33
C THR A 128 2.88 -1.43 -9.24
N ARG A 129 2.65 -0.88 -8.08
CA ARG A 129 2.26 -1.67 -6.94
C ARG A 129 0.91 -1.22 -6.41
N VAL A 130 0.11 -2.19 -6.02
CA VAL A 130 -1.21 -1.93 -5.52
C VAL A 130 -1.42 -2.73 -4.26
N SER A 131 -2.03 -2.13 -3.25
CA SER A 131 -2.24 -2.83 -2.01
C SER A 131 -3.68 -2.67 -1.54
N LEU A 132 -4.20 -3.71 -0.92
CA LEU A 132 -5.54 -3.71 -0.38
C LEU A 132 -5.46 -3.80 1.13
N LEU A 133 -5.60 -2.65 1.76
CA LEU A 133 -5.46 -2.55 3.21
C LEU A 133 -6.81 -2.64 3.89
N GLY A 134 -6.82 -3.16 5.09
CA GLY A 134 -8.03 -3.28 5.84
C GLY A 134 -7.83 -2.91 7.29
N ARG A 135 -8.89 -2.42 7.92
CA ARG A 135 -8.85 -2.09 9.34
C ARG A 135 -8.70 -3.37 10.15
N ASP A 136 -9.25 -4.44 9.59
CA ASP A 136 -9.15 -5.76 10.17
C ASP A 136 -8.78 -6.77 9.09
N TRP A 137 -8.26 -7.91 9.49
CA TRP A 137 -7.71 -8.88 8.55
C TRP A 137 -8.77 -9.86 8.04
N LYS A 138 -10.02 -9.62 8.39
CA LYS A 138 -11.10 -10.51 8.00
C LYS A 138 -11.93 -9.89 6.89
N ILE A 139 -11.24 -9.28 5.94
CA ILE A 139 -11.89 -8.66 4.80
C ILE A 139 -12.47 -9.71 3.87
N THR A 140 -13.61 -9.37 3.29
CA THR A 140 -14.36 -10.29 2.46
C THR A 140 -14.08 -10.06 0.98
N HIS A 141 -14.41 -11.04 0.14
CA HIS A 141 -14.21 -10.92 -1.30
C HIS A 141 -14.97 -9.71 -1.84
N LYS A 142 -16.03 -9.31 -1.17
CA LYS A 142 -16.78 -8.11 -1.55
C LYS A 142 -15.83 -6.91 -1.55
N THR A 143 -15.05 -6.80 -0.49
CA THR A 143 -14.08 -5.74 -0.34
C THR A 143 -12.87 -6.01 -1.24
N ILE A 144 -12.52 -7.28 -1.38
CA ILE A 144 -11.41 -7.72 -2.23
C ILE A 144 -11.63 -7.31 -3.68
N ASP A 145 -12.89 -7.41 -4.13
CA ASP A 145 -13.24 -7.14 -5.52
C ASP A 145 -12.81 -5.74 -5.95
N ARG A 146 -12.87 -4.79 -5.02
CA ARG A 146 -12.48 -3.41 -5.31
C ARG A 146 -11.00 -3.33 -5.62
N PHE A 147 -10.21 -4.17 -4.95
CA PHE A 147 -8.78 -4.22 -5.19
C PHE A 147 -8.49 -4.89 -6.52
N ILE A 148 -9.30 -5.89 -6.86
CA ILE A 148 -9.19 -6.58 -8.13
C ILE A 148 -9.30 -5.58 -9.27
N ALA A 149 -10.28 -4.69 -9.15
CA ALA A 149 -10.54 -3.67 -10.16
C ALA A 149 -9.28 -2.82 -10.40
N LEU A 150 -8.60 -2.46 -9.32
CA LEU A 150 -7.38 -1.67 -9.42
C LEU A 150 -6.32 -2.41 -10.21
N THR A 151 -6.10 -3.67 -9.88
CA THR A 151 -5.05 -4.45 -10.53
C THR A 151 -5.32 -4.55 -12.03
N LYS A 152 -6.60 -4.62 -12.39
CA LYS A 152 -7.02 -4.66 -13.78
C LYS A 152 -6.60 -3.37 -14.48
N THR A 153 -6.96 -2.25 -13.88
CA THR A 153 -6.70 -0.93 -14.46
C THR A 153 -5.21 -0.60 -14.47
N GLN A 154 -4.47 -1.18 -13.53
CA GLN A 154 -3.03 -0.94 -13.43
C GLN A 154 -2.26 -1.78 -14.44
N ASN A 155 -3.01 -2.52 -15.25
CA ASN A 155 -2.45 -3.35 -16.32
C ASN A 155 -1.63 -4.49 -15.73
N LEU A 156 -2.14 -5.04 -14.64
CA LEU A 156 -1.49 -6.15 -13.98
C LEU A 156 -2.11 -7.45 -14.47
N THR A 157 -1.55 -8.56 -14.02
CA THR A 157 -2.01 -9.87 -14.45
C THR A 157 -2.66 -10.61 -13.29
N LYS A 158 -3.46 -11.62 -13.59
CA LYS A 158 -4.13 -12.40 -12.55
C LYS A 158 -3.10 -13.07 -11.63
N ASN A 159 -1.93 -13.35 -12.17
CA ASN A 159 -0.83 -13.94 -11.42
C ASN A 159 -0.36 -13.01 -10.30
N ASN A 160 -0.54 -11.72 -10.50
CA ASN A 160 -0.01 -10.71 -9.60
C ASN A 160 -0.89 -10.53 -8.37
N LEU A 161 -2.01 -11.23 -8.34
CA LEU A 161 -2.96 -11.11 -7.24
C LEU A 161 -2.49 -11.88 -6.01
N LEU A 162 -1.93 -11.16 -5.04
CA LEU A 162 -1.49 -11.77 -3.80
C LEU A 162 -2.55 -11.63 -2.72
N PHE A 163 -3.10 -12.77 -2.30
CA PHE A 163 -4.05 -12.80 -1.20
C PHE A 163 -3.60 -13.84 -0.17
N PRO A 164 -3.03 -13.38 0.94
CA PRO A 164 -2.48 -14.26 1.98
C PRO A 164 -3.56 -15.02 2.75
N ASP A 165 -3.41 -16.33 2.80
CA ASP A 165 -4.28 -17.16 3.62
C ASP A 165 -3.53 -17.63 4.85
N LEU A 166 -3.32 -16.71 5.77
CA LEU A 166 -2.57 -16.97 6.98
C LEU A 166 -3.41 -17.79 7.96
N THR A 167 -2.87 -18.91 8.38
CA THR A 167 -3.55 -19.81 9.30
C THR A 167 -3.51 -19.25 10.72
N ASP A 168 -2.53 -18.40 10.98
CA ASP A 168 -2.39 -17.76 12.28
C ASP A 168 -2.10 -16.29 12.09
N TRP A 169 -2.88 -15.46 12.78
CA TRP A 169 -2.74 -14.02 12.66
C TRP A 169 -2.09 -13.44 13.90
N LEU A 170 -2.24 -14.13 15.03
CA LEU A 170 -1.76 -13.65 16.32
C LEU A 170 -0.25 -13.40 16.30
N LEU A 171 0.11 -12.17 15.95
CA LEU A 171 1.49 -11.78 15.79
C LEU A 171 2.03 -11.21 17.09
N ASP A 172 1.13 -10.76 17.95
CA ASP A 172 1.49 -10.24 19.27
C ASP A 172 2.35 -11.24 20.04
N PRO A 173 1.92 -12.52 20.17
CA PRO A 173 2.71 -13.54 20.85
C PRO A 173 3.77 -14.17 19.95
N LYS A 174 4.05 -13.54 18.82
CA LYS A 174 5.13 -14.03 17.94
C LYS A 174 6.43 -13.34 18.29
N VAL A 175 6.70 -12.19 17.68
CA VAL A 175 7.88 -11.40 18.00
C VAL A 175 7.93 -10.12 17.17
N CYS A 176 8.29 -9.02 17.83
CA CYS A 176 8.60 -7.76 17.16
C CYS A 176 8.87 -6.68 18.20
N GLY A 2 7.57 10.91 -18.93
CA GLY A 2 6.77 12.13 -18.70
C GLY A 2 5.87 11.98 -17.49
N GLN A 3 4.70 11.40 -17.71
CA GLN A 3 3.74 11.17 -16.63
C GLN A 3 2.94 9.92 -16.93
N SER A 4 2.84 9.03 -15.95
CA SER A 4 2.11 7.79 -16.12
C SER A 4 0.86 7.77 -15.24
N PRO A 5 -0.28 8.25 -15.77
CA PRO A 5 -1.54 8.26 -15.05
C PRO A 5 -2.25 6.92 -15.13
N THR A 6 -1.61 5.91 -14.57
CA THR A 6 -2.15 4.57 -14.55
C THR A 6 -3.22 4.44 -13.47
N MET A 7 -4.27 5.25 -13.61
CA MET A 7 -5.32 5.31 -12.61
C MET A 7 -6.48 4.39 -12.98
N PRO A 8 -7.25 3.97 -11.96
CA PRO A 8 -8.44 3.17 -12.15
C PRO A 8 -9.64 3.99 -12.60
N GLN A 9 -10.36 3.44 -13.56
CA GLN A 9 -11.52 4.12 -14.10
C GLN A 9 -12.74 3.88 -13.20
N GLY A 10 -13.64 4.85 -13.18
CA GLY A 10 -14.82 4.75 -12.35
C GLY A 10 -14.56 5.24 -10.93
N PHE A 11 -13.38 4.94 -10.41
CA PHE A 11 -13.00 5.37 -9.08
C PHE A 11 -12.46 6.80 -9.13
N SER A 12 -11.40 6.98 -9.91
CA SER A 12 -10.74 8.28 -10.05
C SER A 12 -10.15 8.72 -8.70
N GLN A 13 -9.88 10.01 -8.56
CA GLN A 13 -9.32 10.55 -7.33
C GLN A 13 -10.43 10.94 -6.37
N MET A 14 -10.04 11.38 -5.18
CA MET A 14 -11.02 11.78 -4.17
C MET A 14 -11.03 13.29 -4.01
N THR A 15 -12.21 13.83 -3.78
CA THR A 15 -12.36 15.26 -3.59
C THR A 15 -12.27 15.62 -2.10
N SER A 16 -12.34 14.60 -1.25
CA SER A 16 -12.25 14.79 0.19
C SER A 16 -11.33 13.76 0.81
N PHE A 17 -10.20 14.22 1.30
CA PHE A 17 -9.25 13.34 1.98
C PHE A 17 -9.00 13.84 3.40
N GLN A 18 -9.31 13.01 4.38
CA GLN A 18 -9.09 13.36 5.77
C GLN A 18 -7.86 12.61 6.30
N SER A 19 -6.72 13.29 6.31
CA SER A 19 -5.46 12.70 6.75
C SER A 19 -5.55 12.21 8.20
N ASN A 20 -6.20 13.00 9.05
CA ASN A 20 -6.32 12.67 10.47
C ASN A 20 -7.18 11.43 10.68
N LYS A 21 -7.91 11.03 9.64
CA LYS A 21 -8.79 9.88 9.72
C LYS A 21 -8.13 8.65 9.11
N PHE A 22 -7.21 8.88 8.19
CA PHE A 22 -6.55 7.80 7.47
C PHE A 22 -5.35 7.26 8.24
N GLN A 23 -4.85 8.05 9.17
CA GLN A 23 -3.73 7.61 10.01
C GLN A 23 -4.13 6.45 10.89
N GLY A 24 -3.14 5.74 11.39
CA GLY A 24 -3.40 4.59 12.23
C GLY A 24 -2.72 3.34 11.72
N GLU A 25 -3.22 2.18 12.12
CA GLU A 25 -2.68 0.91 11.66
C GLU A 25 -3.47 0.39 10.48
N TRP A 26 -2.80 -0.32 9.60
CA TRP A 26 -3.41 -0.88 8.40
C TRP A 26 -2.82 -2.24 8.08
N PHE A 27 -3.67 -3.24 7.96
CA PHE A 27 -3.23 -4.58 7.61
C PHE A 27 -3.22 -4.73 6.10
N VAL A 28 -2.11 -5.17 5.56
CA VAL A 28 -1.97 -5.31 4.12
C VAL A 28 -2.50 -6.66 3.66
N LEU A 29 -3.71 -6.65 3.14
CA LEU A 29 -4.40 -7.88 2.78
C LEU A 29 -4.25 -8.19 1.30
N GLY A 30 -3.96 -7.18 0.51
CA GLY A 30 -3.84 -7.38 -0.92
C GLY A 30 -2.65 -6.66 -1.51
N LEU A 31 -1.90 -7.39 -2.32
CA LEU A 31 -0.80 -6.80 -3.08
C LEU A 31 -0.94 -7.14 -4.54
N ALA A 32 -0.39 -6.29 -5.38
CA ALA A 32 -0.27 -6.54 -6.81
C ALA A 32 0.79 -5.62 -7.37
N ASP A 33 1.69 -6.17 -8.16
CA ASP A 33 2.82 -5.40 -8.65
C ASP A 33 3.35 -6.01 -9.94
N ASN A 34 3.83 -5.15 -10.82
CA ASN A 34 4.32 -5.58 -12.13
C ASN A 34 5.57 -6.46 -12.02
N THR A 35 6.20 -6.45 -10.84
CA THR A 35 7.36 -7.30 -10.60
C THR A 35 7.08 -8.26 -9.44
N TYR A 36 5.82 -8.37 -9.07
CA TYR A 36 5.41 -9.26 -7.98
C TYR A 36 5.27 -10.69 -8.49
N LYS A 37 5.55 -11.64 -7.62
CA LYS A 37 5.48 -13.05 -7.98
C LYS A 37 4.59 -13.81 -7.00
N ARG A 38 3.86 -14.80 -7.50
CA ARG A 38 2.93 -15.56 -6.66
C ARG A 38 3.61 -16.77 -6.04
N GLU A 39 4.81 -17.08 -6.51
CA GLU A 39 5.61 -18.13 -5.90
C GLU A 39 6.78 -17.51 -5.16
N HIS A 40 7.39 -16.51 -5.79
CA HIS A 40 8.45 -15.74 -5.15
C HIS A 40 7.84 -14.53 -4.44
N ARG A 41 6.92 -14.83 -3.53
CA ARG A 41 6.18 -13.81 -2.80
C ARG A 41 7.09 -13.10 -1.79
N PRO A 42 6.67 -11.92 -1.27
CA PRO A 42 7.42 -11.16 -0.26
C PRO A 42 7.87 -12.01 0.94
N LEU A 43 8.89 -11.51 1.64
CA LEU A 43 9.50 -12.22 2.75
C LEU A 43 8.53 -12.48 3.90
N LEU A 44 7.44 -11.74 3.90
CA LEU A 44 6.38 -11.94 4.87
C LEU A 44 5.04 -11.93 4.16
N HIS A 45 4.24 -12.95 4.39
CA HIS A 45 2.97 -13.07 3.70
C HIS A 45 1.86 -12.40 4.49
N SER A 46 1.33 -11.31 3.92
CA SER A 46 0.29 -10.51 4.55
C SER A 46 0.83 -9.79 5.79
N PHE A 47 1.48 -8.66 5.55
CA PHE A 47 2.13 -7.89 6.60
C PHE A 47 1.31 -6.67 6.97
N ILE A 48 1.89 -5.79 7.79
CA ILE A 48 1.18 -4.63 8.30
C ILE A 48 1.91 -3.35 7.90
N THR A 49 1.16 -2.31 7.58
CA THR A 49 1.72 -1.00 7.30
C THR A 49 1.02 0.07 8.12
N LEU A 50 1.78 0.89 8.82
CA LEU A 50 1.19 1.92 9.66
C LEU A 50 1.37 3.27 9.00
N PHE A 51 0.41 4.15 9.22
CA PHE A 51 0.46 5.49 8.66
C PHE A 51 0.40 6.53 9.78
N LYS A 52 1.52 7.21 9.99
CA LYS A 52 1.61 8.25 11.01
C LYS A 52 1.50 9.63 10.37
N LEU A 53 0.83 10.55 11.04
CA LEU A 53 0.79 11.93 10.57
C LEU A 53 2.09 12.64 10.91
N ARG A 54 2.69 13.27 9.91
CA ARG A 54 3.92 14.02 10.13
C ARG A 54 3.62 15.50 10.37
N ASP A 55 3.48 16.26 9.29
CA ASP A 55 3.29 17.69 9.41
C ASP A 55 1.81 18.03 9.40
N ASN A 56 1.17 17.82 8.25
CA ASN A 56 -0.25 18.14 8.12
C ASN A 56 -1.01 17.06 7.34
N SER A 57 -0.26 16.16 6.71
CA SER A 57 -0.89 15.11 5.90
C SER A 57 0.12 14.06 5.48
N GLU A 58 1.39 14.36 5.69
CA GLU A 58 2.47 13.45 5.38
C GLU A 58 2.30 12.18 6.18
N PHE A 59 2.30 11.06 5.50
CA PHE A 59 2.11 9.77 6.15
C PHE A 59 3.41 9.01 6.28
N GLN A 60 3.77 8.72 7.51
CA GLN A 60 4.91 7.88 7.76
C GLN A 60 4.50 6.42 7.60
N VAL A 61 4.69 5.89 6.40
CA VAL A 61 4.31 4.53 6.10
C VAL A 61 5.35 3.57 6.65
N THR A 62 4.96 2.87 7.70
CA THR A 62 5.84 1.98 8.40
C THR A 62 5.42 0.54 8.17
N ASN A 63 6.18 -0.18 7.36
CA ASN A 63 5.89 -1.59 7.15
C ASN A 63 6.51 -2.40 8.26
N SER A 64 5.66 -3.14 8.96
CA SER A 64 6.08 -3.90 10.11
C SER A 64 6.15 -5.37 9.78
N MET A 65 7.36 -5.88 9.69
CA MET A 65 7.57 -7.27 9.40
C MET A 65 7.84 -8.04 10.68
N THR A 66 6.81 -8.68 11.19
CA THR A 66 6.99 -9.59 12.30
C THR A 66 7.18 -10.98 11.73
N ARG A 67 8.41 -11.47 11.79
CA ARG A 67 8.77 -12.72 11.17
C ARG A 67 9.09 -13.75 12.24
N GLY A 68 8.13 -14.00 13.12
CA GLY A 68 8.37 -14.91 14.22
C GLY A 68 9.06 -14.22 15.37
N LYS A 69 10.30 -14.61 15.63
CA LYS A 69 11.08 -14.00 16.70
C LYS A 69 12.05 -12.99 16.13
N HIS A 70 11.68 -12.43 14.99
CA HIS A 70 12.47 -11.41 14.32
C HIS A 70 11.57 -10.31 13.83
N CYS A 71 12.02 -9.08 13.92
CA CYS A 71 11.23 -7.95 13.46
C CYS A 71 12.06 -7.00 12.61
N SER A 72 11.44 -6.50 11.54
CA SER A 72 12.06 -5.53 10.68
C SER A 72 11.02 -4.50 10.26
N THR A 73 11.27 -3.25 10.57
CA THR A 73 10.32 -2.20 10.30
C THR A 73 10.98 -1.02 9.60
N TRP A 74 10.42 -0.62 8.47
CA TRP A 74 10.92 0.56 7.76
C TRP A 74 9.80 1.53 7.50
N SER A 75 10.12 2.81 7.61
CA SER A 75 9.14 3.86 7.43
C SER A 75 9.57 4.81 6.31
N TYR A 76 8.62 5.23 5.50
CA TYR A 76 8.85 6.27 4.50
C TYR A 76 7.92 7.44 4.75
N THR A 77 8.26 8.59 4.23
CA THR A 77 7.43 9.77 4.39
C THR A 77 6.66 10.05 3.09
N LEU A 78 5.36 9.85 3.13
CA LEU A 78 4.52 10.11 1.97
C LEU A 78 4.08 11.56 2.00
N ILE A 79 4.40 12.27 0.94
CA ILE A 79 4.19 13.70 0.90
C ILE A 79 3.00 14.05 0.02
N PRO A 80 1.96 14.64 0.61
CA PRO A 80 0.77 15.07 -0.13
C PRO A 80 1.10 16.20 -1.10
N THR A 81 0.57 16.11 -2.30
CA THR A 81 0.76 17.16 -3.30
C THR A 81 -0.34 18.21 -3.16
N ASN A 82 -0.64 18.87 -4.25
CA ASN A 82 -1.79 19.77 -4.29
C ASN A 82 -3.07 18.95 -4.48
N LYS A 83 -2.90 17.70 -4.88
CA LYS A 83 -4.04 16.83 -5.18
C LYS A 83 -4.45 16.03 -3.95
N PRO A 84 -5.72 16.17 -3.54
CA PRO A 84 -6.28 15.38 -2.43
C PRO A 84 -6.25 13.89 -2.73
N GLY A 85 -5.35 13.17 -2.07
CA GLY A 85 -5.24 11.76 -2.29
C GLY A 85 -4.06 11.41 -3.17
N GLN A 86 -3.26 12.40 -3.52
CA GLN A 86 -2.09 12.18 -4.37
C GLN A 86 -0.81 12.56 -3.63
N PHE A 87 0.00 11.55 -3.40
CA PHE A 87 1.20 11.67 -2.58
C PHE A 87 2.44 11.36 -3.41
N THR A 88 3.58 11.76 -2.88
CA THR A 88 4.86 11.37 -3.45
C THR A 88 5.80 11.00 -2.32
N ARG A 89 6.43 9.86 -2.45
CA ARG A 89 7.26 9.31 -1.42
C ARG A 89 8.58 10.07 -1.33
N ASP A 90 8.81 10.71 -0.19
CA ASP A 90 10.07 11.40 0.05
C ASP A 90 11.24 10.42 0.05
N ASN A 91 12.19 10.70 -0.83
CA ASN A 91 13.37 9.85 -0.99
C ASN A 91 14.64 10.61 -0.61
N ARG A 92 14.46 11.85 -0.16
CA ARG A 92 15.59 12.71 0.16
C ARG A 92 16.33 12.16 1.38
N GLY A 93 17.51 11.60 1.14
CA GLY A 93 18.28 11.02 2.22
C GLY A 93 18.68 9.60 1.93
N SER A 94 17.96 8.98 1.02
CA SER A 94 18.23 7.61 0.63
C SER A 94 19.50 7.53 -0.24
N GLY A 95 19.82 8.64 -0.90
CA GLY A 95 21.02 8.72 -1.69
C GLY A 95 20.93 7.99 -3.01
N PRO A 96 21.75 6.93 -3.19
CA PRO A 96 21.78 6.15 -4.42
C PRO A 96 20.43 5.54 -4.78
N GLY A 97 19.94 4.68 -3.91
CA GLY A 97 18.69 3.99 -4.17
C GLY A 97 17.48 4.78 -3.72
N ALA A 98 17.47 6.07 -4.07
CA ALA A 98 16.39 6.95 -3.71
C ALA A 98 15.25 6.85 -4.72
N ASP A 99 14.52 5.75 -4.66
CA ASP A 99 13.38 5.53 -5.53
C ASP A 99 12.20 6.37 -5.07
N LYS A 100 11.72 7.28 -5.92
CA LYS A 100 10.50 8.00 -5.64
C LYS A 100 9.32 7.06 -5.86
N GLU A 101 8.20 7.36 -5.25
CA GLU A 101 7.05 6.50 -5.37
C GLU A 101 5.77 7.33 -5.27
N ASN A 102 4.91 7.16 -6.25
CA ASN A 102 3.65 7.90 -6.30
C ASN A 102 2.59 7.13 -5.57
N ILE A 103 2.14 7.66 -4.44
CA ILE A 103 1.12 6.99 -3.64
C ILE A 103 -0.19 7.73 -3.78
N GLN A 104 -1.18 7.05 -4.32
CA GLN A 104 -2.47 7.65 -4.59
C GLN A 104 -3.56 6.87 -3.87
N VAL A 105 -4.25 7.53 -2.94
CA VAL A 105 -5.36 6.90 -2.24
C VAL A 105 -6.63 7.06 -3.05
N ILE A 106 -7.07 5.97 -3.67
CA ILE A 106 -8.25 5.98 -4.52
C ILE A 106 -9.53 5.91 -3.70
N GLU A 107 -9.52 5.07 -2.68
CA GLU A 107 -10.75 4.82 -1.94
C GLU A 107 -10.44 4.45 -0.49
N THR A 108 -10.43 5.44 0.39
CA THR A 108 -10.20 5.16 1.79
C THR A 108 -11.52 5.22 2.57
N ASP A 109 -11.91 4.08 3.09
CA ASP A 109 -13.02 4.00 4.02
C ASP A 109 -12.51 3.43 5.31
N TYR A 110 -12.09 4.31 6.21
CA TYR A 110 -11.45 3.94 7.46
C TYR A 110 -12.33 3.07 8.36
N VAL A 111 -13.58 2.87 7.97
CA VAL A 111 -14.46 1.98 8.71
C VAL A 111 -14.40 0.56 8.19
N LYS A 112 -13.61 0.34 7.13
CA LYS A 112 -13.51 -0.97 6.51
C LYS A 112 -12.13 -1.21 5.87
N PHE A 113 -11.76 -0.40 4.88
CA PHE A 113 -10.55 -0.67 4.10
C PHE A 113 -10.01 0.60 3.45
N ALA A 114 -8.96 0.43 2.67
CA ALA A 114 -8.37 1.52 1.91
C ALA A 114 -7.69 1.00 0.64
N LEU A 115 -8.13 1.54 -0.50
CA LEU A 115 -7.53 1.22 -1.78
C LEU A 115 -6.42 2.21 -2.08
N VAL A 116 -5.19 1.71 -2.09
CA VAL A 116 -4.03 2.55 -2.30
C VAL A 116 -3.22 2.08 -3.51
N LEU A 117 -3.04 3.01 -4.44
CA LEU A 117 -2.28 2.79 -5.66
C LEU A 117 -0.92 3.44 -5.48
N SER A 118 0.17 2.75 -5.82
CA SER A 118 1.49 3.35 -5.65
C SER A 118 2.48 2.85 -6.70
N LEU A 119 3.02 3.80 -7.45
CA LEU A 119 3.98 3.51 -8.51
C LEU A 119 5.37 3.96 -8.12
N ARG A 120 6.30 3.03 -8.02
CA ARG A 120 7.65 3.35 -7.65
C ARG A 120 8.49 3.62 -8.88
N GLN A 121 9.05 4.81 -8.96
CA GLN A 121 9.96 5.14 -10.04
C GLN A 121 11.37 4.82 -9.60
N ALA A 122 11.95 3.78 -10.19
CA ALA A 122 13.29 3.38 -9.84
C ALA A 122 14.30 4.28 -10.51
N SER A 123 14.22 4.30 -11.83
CA SER A 123 15.07 5.13 -12.68
C SER A 123 14.84 4.76 -14.14
N ASN A 124 15.26 3.55 -14.49
CA ASN A 124 15.08 3.02 -15.82
C ASN A 124 13.70 2.42 -15.99
N GLN A 125 13.21 1.82 -14.92
CA GLN A 125 11.94 1.10 -14.96
C GLN A 125 10.94 1.69 -13.98
N ASN A 126 9.66 1.45 -14.27
CA ASN A 126 8.57 1.88 -13.41
C ASN A 126 7.91 0.68 -12.76
N ILE A 127 7.80 0.74 -11.45
CA ILE A 127 7.14 -0.29 -10.70
C ILE A 127 5.69 0.12 -10.41
N THR A 128 4.75 -0.60 -10.99
CA THR A 128 3.36 -0.35 -10.69
C THR A 128 2.90 -1.28 -9.58
N ARG A 129 2.47 -0.69 -8.46
CA ARG A 129 2.06 -1.48 -7.31
C ARG A 129 0.72 -1.01 -6.77
N VAL A 130 -0.07 -1.96 -6.32
CA VAL A 130 -1.35 -1.67 -5.71
C VAL A 130 -1.45 -2.40 -4.37
N SER A 131 -2.09 -1.79 -3.39
CA SER A 131 -2.23 -2.40 -2.09
C SER A 131 -3.67 -2.31 -1.61
N LEU A 132 -4.11 -3.35 -0.92
CA LEU A 132 -5.44 -3.41 -0.36
C LEU A 132 -5.33 -3.49 1.16
N LEU A 133 -5.51 -2.35 1.80
CA LEU A 133 -5.35 -2.23 3.24
C LEU A 133 -6.69 -2.36 3.94
N GLY A 134 -6.68 -2.97 5.12
CA GLY A 134 -7.89 -3.10 5.90
C GLY A 134 -7.59 -3.07 7.38
N ARG A 135 -8.61 -2.82 8.19
CA ARG A 135 -8.43 -2.82 9.64
C ARG A 135 -8.71 -4.21 10.20
N ASP A 136 -9.32 -5.04 9.38
CA ASP A 136 -9.65 -6.41 9.74
C ASP A 136 -9.14 -7.36 8.68
N TRP A 137 -8.34 -8.34 9.10
CA TRP A 137 -7.71 -9.27 8.17
C TRP A 137 -8.75 -10.13 7.46
N LYS A 138 -9.89 -10.33 8.11
CA LYS A 138 -10.96 -11.11 7.52
C LYS A 138 -11.84 -10.23 6.63
N ILE A 139 -11.24 -9.71 5.57
CA ILE A 139 -11.96 -8.89 4.62
C ILE A 139 -12.71 -9.76 3.61
N THR A 140 -13.86 -9.28 3.18
CA THR A 140 -14.74 -10.05 2.31
C THR A 140 -14.41 -9.78 0.85
N HIS A 141 -14.83 -10.70 -0.02
CA HIS A 141 -14.58 -10.57 -1.45
C HIS A 141 -15.29 -9.32 -2.01
N LYS A 142 -16.35 -8.88 -1.35
CA LYS A 142 -17.00 -7.63 -1.73
C LYS A 142 -15.98 -6.49 -1.67
N THR A 143 -15.21 -6.48 -0.60
CA THR A 143 -14.17 -5.49 -0.41
C THR A 143 -12.96 -5.80 -1.30
N ILE A 144 -12.63 -7.08 -1.43
CA ILE A 144 -11.53 -7.53 -2.28
C ILE A 144 -11.74 -7.12 -3.74
N ASP A 145 -12.99 -7.19 -4.17
CA ASP A 145 -13.35 -6.96 -5.57
C ASP A 145 -12.89 -5.58 -6.04
N ARG A 146 -12.94 -4.60 -5.14
CA ARG A 146 -12.53 -3.24 -5.49
C ARG A 146 -11.03 -3.19 -5.76
N PHE A 147 -10.26 -3.99 -5.01
CA PHE A 147 -8.83 -4.06 -5.24
C PHE A 147 -8.53 -4.77 -6.55
N ILE A 148 -9.37 -5.74 -6.90
CA ILE A 148 -9.25 -6.45 -8.15
C ILE A 148 -9.36 -5.46 -9.31
N ALA A 149 -10.32 -4.55 -9.19
CA ALA A 149 -10.54 -3.53 -10.20
C ALA A 149 -9.28 -2.70 -10.42
N LEU A 150 -8.60 -2.36 -9.32
CA LEU A 150 -7.36 -1.62 -9.40
C LEU A 150 -6.35 -2.35 -10.27
N THR A 151 -6.11 -3.62 -9.96
CA THR A 151 -5.08 -4.39 -10.63
C THR A 151 -5.32 -4.44 -12.13
N LYS A 152 -6.60 -4.46 -12.49
CA LYS A 152 -7.00 -4.51 -13.89
C LYS A 152 -6.62 -3.20 -14.58
N THR A 153 -6.92 -2.08 -13.93
CA THR A 153 -6.68 -0.77 -14.49
C THR A 153 -5.20 -0.39 -14.45
N GLN A 154 -4.47 -1.00 -13.51
CA GLN A 154 -3.04 -0.78 -13.39
C GLN A 154 -2.27 -1.63 -14.39
N ASN A 155 -3.02 -2.39 -15.19
CA ASN A 155 -2.45 -3.24 -16.24
C ASN A 155 -1.65 -4.37 -15.64
N LEU A 156 -2.04 -4.78 -14.44
CA LEU A 156 -1.35 -5.83 -13.73
C LEU A 156 -2.06 -7.15 -13.92
N THR A 157 -1.33 -8.23 -13.75
CA THR A 157 -1.85 -9.56 -13.99
C THR A 157 -2.39 -10.17 -12.70
N LYS A 158 -3.36 -11.07 -12.86
CA LYS A 158 -3.98 -11.76 -11.73
C LYS A 158 -3.00 -12.70 -11.07
N ASN A 159 -1.88 -12.94 -11.76
CA ASN A 159 -0.80 -13.76 -11.22
C ASN A 159 -0.22 -13.13 -9.97
N ASN A 160 -0.17 -11.80 -9.97
CA ASN A 160 0.55 -11.06 -8.95
C ASN A 160 -0.37 -10.66 -7.80
N LEU A 161 -1.56 -11.25 -7.77
CA LEU A 161 -2.50 -11.01 -6.69
C LEU A 161 -2.06 -11.69 -5.40
N LEU A 162 -1.67 -10.89 -4.44
CA LEU A 162 -1.24 -11.38 -3.14
C LEU A 162 -2.41 -11.31 -2.16
N PHE A 163 -2.96 -12.47 -1.82
CA PHE A 163 -4.06 -12.53 -0.87
C PHE A 163 -3.62 -13.23 0.42
N PRO A 164 -4.30 -12.95 1.54
CA PRO A 164 -3.91 -13.48 2.85
C PRO A 164 -4.28 -14.95 3.02
N ASP A 165 -3.34 -15.72 3.55
CA ASP A 165 -3.58 -17.12 3.86
C ASP A 165 -3.83 -17.29 5.35
N LEU A 166 -3.13 -16.49 6.15
CA LEU A 166 -3.30 -16.50 7.60
C LEU A 166 -3.07 -17.89 8.18
N THR A 167 -1.81 -18.27 8.29
CA THR A 167 -1.45 -19.58 8.83
C THR A 167 -1.75 -19.65 10.33
N ASP A 168 -1.23 -18.68 11.06
CA ASP A 168 -1.44 -18.61 12.50
C ASP A 168 -2.27 -17.40 12.86
N TRP A 169 -2.67 -16.65 11.83
CA TRP A 169 -3.41 -15.39 11.99
C TRP A 169 -2.55 -14.35 12.71
N LEU A 170 -2.61 -14.36 14.03
CA LEU A 170 -1.83 -13.45 14.84
C LEU A 170 -0.72 -14.20 15.54
N LEU A 171 0.45 -13.58 15.60
CA LEU A 171 1.57 -14.16 16.32
C LEU A 171 1.41 -13.89 17.80
N ASP A 172 1.24 -14.96 18.58
CA ASP A 172 1.07 -14.81 20.02
C ASP A 172 2.39 -14.44 20.69
N PRO A 173 3.47 -15.21 20.48
CA PRO A 173 4.79 -14.89 21.03
C PRO A 173 5.53 -13.89 20.16
N LYS A 174 4.86 -12.79 19.83
CA LYS A 174 5.47 -11.74 19.03
C LYS A 174 6.45 -10.93 19.86
N VAL A 175 7.47 -10.39 19.20
CA VAL A 175 8.49 -9.63 19.89
C VAL A 175 9.04 -8.51 18.98
N CYS A 176 8.48 -7.32 19.15
CA CYS A 176 8.92 -6.16 18.40
C CYS A 176 8.41 -4.89 19.07
N GLY A 2 -11.08 8.98 -23.01
CA GLY A 2 -10.62 9.99 -22.03
C GLY A 2 -9.16 9.79 -21.65
N GLN A 3 -8.76 10.39 -20.54
CA GLN A 3 -7.38 10.29 -20.08
C GLN A 3 -7.25 9.18 -19.04
N SER A 4 -6.66 8.07 -19.44
CA SER A 4 -6.49 6.94 -18.55
C SER A 4 -5.02 6.56 -18.45
N PRO A 5 -4.31 7.09 -17.45
CA PRO A 5 -2.93 6.70 -17.15
C PRO A 5 -2.89 5.43 -16.31
N THR A 6 -1.83 5.22 -15.57
CA THR A 6 -1.77 4.10 -14.64
C THR A 6 -2.49 4.46 -13.34
N MET A 7 -3.65 5.10 -13.50
CA MET A 7 -4.46 5.55 -12.39
C MET A 7 -5.89 5.05 -12.54
N PRO A 8 -6.38 4.28 -11.56
CA PRO A 8 -7.74 3.77 -11.55
C PRO A 8 -8.76 4.88 -11.78
N GLN A 9 -9.60 4.68 -12.77
CA GLN A 9 -10.51 5.72 -13.25
C GLN A 9 -11.56 6.05 -12.21
N GLY A 10 -11.67 7.33 -11.89
CA GLY A 10 -12.65 7.79 -10.92
C GLY A 10 -12.14 7.70 -9.50
N PHE A 11 -11.47 6.59 -9.19
CA PHE A 11 -10.97 6.33 -7.84
C PHE A 11 -9.93 7.36 -7.42
N SER A 12 -9.05 7.72 -8.34
CA SER A 12 -7.97 8.66 -8.04
C SER A 12 -8.51 10.08 -7.85
N GLN A 13 -9.79 10.26 -8.14
CA GLN A 13 -10.41 11.58 -8.07
C GLN A 13 -11.08 11.81 -6.72
N MET A 14 -10.38 11.47 -5.64
CA MET A 14 -10.87 11.81 -4.30
C MET A 14 -10.60 13.28 -4.04
N THR A 15 -11.62 14.11 -4.22
CA THR A 15 -11.48 15.55 -4.08
C THR A 15 -11.39 15.93 -2.61
N SER A 16 -11.83 15.03 -1.74
CA SER A 16 -11.79 15.25 -0.32
C SER A 16 -11.06 14.11 0.37
N PHE A 17 -9.86 14.37 0.83
CA PHE A 17 -9.06 13.38 1.52
C PHE A 17 -8.59 13.92 2.87
N GLN A 18 -9.03 13.28 3.94
CA GLN A 18 -8.65 13.68 5.27
C GLN A 18 -7.56 12.76 5.79
N SER A 19 -6.37 13.30 5.98
CA SER A 19 -5.22 12.53 6.43
C SER A 19 -5.48 11.93 7.81
N ASN A 20 -6.21 12.65 8.65
CA ASN A 20 -6.56 12.18 9.98
C ASN A 20 -7.48 10.97 9.90
N LYS A 21 -8.23 10.87 8.80
CA LYS A 21 -9.17 9.78 8.61
C LYS A 21 -8.47 8.54 8.05
N PHE A 22 -7.28 8.74 7.50
CA PHE A 22 -6.55 7.63 6.90
C PHE A 22 -5.40 7.17 7.80
N GLN A 23 -4.94 8.04 8.69
CA GLN A 23 -3.83 7.71 9.58
C GLN A 23 -4.23 6.60 10.55
N GLY A 24 -3.23 5.86 10.99
CA GLY A 24 -3.46 4.77 11.92
C GLY A 24 -2.70 3.52 11.51
N GLU A 25 -3.09 2.40 12.10
CA GLU A 25 -2.50 1.11 11.75
C GLU A 25 -3.24 0.48 10.59
N TRP A 26 -2.51 -0.26 9.78
CA TRP A 26 -3.11 -0.92 8.62
C TRP A 26 -2.47 -2.28 8.39
N PHE A 27 -3.29 -3.31 8.35
CA PHE A 27 -2.82 -4.64 8.02
C PHE A 27 -2.90 -4.85 6.52
N VAL A 28 -1.86 -5.41 5.93
CA VAL A 28 -1.85 -5.65 4.51
C VAL A 28 -2.54 -6.96 4.19
N LEU A 29 -3.79 -6.87 3.76
CA LEU A 29 -4.56 -8.05 3.41
C LEU A 29 -4.16 -8.53 2.02
N GLY A 30 -4.21 -7.63 1.06
CA GLY A 30 -3.93 -8.00 -0.31
C GLY A 30 -2.68 -7.32 -0.85
N LEU A 31 -2.02 -7.98 -1.77
CA LEU A 31 -0.80 -7.45 -2.36
C LEU A 31 -0.71 -7.83 -3.83
N ALA A 32 -0.52 -6.83 -4.69
CA ALA A 32 -0.36 -7.07 -6.12
C ALA A 32 0.78 -6.21 -6.64
N ASP A 33 1.62 -6.79 -7.50
CA ASP A 33 2.78 -6.07 -8.00
C ASP A 33 3.23 -6.64 -9.33
N ASN A 34 3.66 -5.75 -10.22
CA ASN A 34 4.08 -6.13 -11.57
C ASN A 34 5.37 -6.97 -11.55
N THR A 35 6.03 -7.01 -10.41
CA THR A 35 7.21 -7.83 -10.24
C THR A 35 6.98 -8.87 -9.14
N TYR A 36 5.72 -9.04 -8.76
CA TYR A 36 5.36 -9.98 -7.72
C TYR A 36 5.62 -11.41 -8.18
N LYS A 37 6.20 -12.20 -7.30
CA LYS A 37 6.55 -13.57 -7.62
C LYS A 37 5.74 -14.55 -6.78
N ARG A 38 5.09 -15.50 -7.46
CA ARG A 38 4.35 -16.55 -6.77
C ARG A 38 5.31 -17.61 -6.24
N GLU A 39 6.53 -17.61 -6.76
CA GLU A 39 7.60 -18.44 -6.22
C GLU A 39 8.24 -17.70 -5.05
N HIS A 40 8.86 -16.58 -5.39
CA HIS A 40 9.47 -15.70 -4.38
C HIS A 40 8.39 -14.92 -3.62
N ARG A 41 7.63 -15.63 -2.81
CA ARG A 41 6.62 -15.01 -1.96
C ARG A 41 7.28 -14.00 -1.02
N PRO A 42 6.55 -12.94 -0.65
CA PRO A 42 7.06 -11.89 0.24
C PRO A 42 7.66 -12.45 1.52
N LEU A 43 8.67 -11.75 2.04
CA LEU A 43 9.41 -12.15 3.23
C LEU A 43 8.50 -12.35 4.45
N LEU A 44 7.28 -11.86 4.35
CA LEU A 44 6.28 -12.08 5.36
C LEU A 44 4.90 -12.11 4.71
N HIS A 45 4.08 -13.05 5.13
CA HIS A 45 2.73 -13.17 4.63
C HIS A 45 1.84 -12.12 5.30
N SER A 46 1.69 -10.99 4.62
CA SER A 46 0.90 -9.85 5.11
C SER A 46 1.63 -9.07 6.20
N PHE A 47 2.02 -7.84 5.86
CA PHE A 47 2.76 -6.99 6.78
C PHE A 47 1.80 -6.01 7.48
N ILE A 48 2.34 -5.18 8.35
CA ILE A 48 1.56 -4.15 9.02
C ILE A 48 2.18 -2.78 8.77
N THR A 49 1.54 -1.97 7.93
CA THR A 49 2.06 -0.65 7.63
C THR A 49 1.24 0.42 8.35
N LEU A 50 1.91 1.28 9.08
CA LEU A 50 1.25 2.32 9.84
C LEU A 50 1.44 3.67 9.18
N PHE A 51 0.45 4.52 9.31
CA PHE A 51 0.51 5.86 8.73
C PHE A 51 0.34 6.91 9.81
N LYS A 52 1.40 7.61 10.13
CA LYS A 52 1.37 8.70 11.11
C LYS A 52 1.29 10.05 10.38
N LEU A 53 0.55 10.99 10.95
CA LEU A 53 0.50 12.33 10.37
C LEU A 53 1.78 13.09 10.70
N ARG A 54 2.46 13.56 9.66
CA ARG A 54 3.72 14.27 9.85
C ARG A 54 3.46 15.70 10.28
N ASP A 55 3.01 16.53 9.36
CA ASP A 55 2.73 17.91 9.69
C ASP A 55 1.24 18.17 9.69
N ASN A 56 0.63 18.12 8.52
CA ASN A 56 -0.79 18.39 8.40
C ASN A 56 -1.49 17.38 7.50
N SER A 57 -0.76 16.84 6.53
CA SER A 57 -1.35 15.92 5.56
C SER A 57 -0.41 14.77 5.22
N GLU A 58 0.88 14.98 5.46
CA GLU A 58 1.90 13.98 5.12
C GLU A 58 1.80 12.76 6.02
N PHE A 59 2.35 11.67 5.54
CA PHE A 59 2.26 10.39 6.24
C PHE A 59 3.63 9.83 6.54
N GLN A 60 3.74 9.18 7.68
CA GLN A 60 4.91 8.42 8.03
C GLN A 60 4.56 6.95 7.90
N VAL A 61 4.86 6.38 6.74
CA VAL A 61 4.55 5.00 6.46
C VAL A 61 5.57 4.09 7.11
N THR A 62 5.14 3.42 8.15
CA THR A 62 6.01 2.55 8.91
C THR A 62 5.56 1.10 8.72
N ASN A 63 6.30 0.36 7.93
CA ASN A 63 5.92 -1.01 7.63
C ASN A 63 6.68 -1.99 8.49
N SER A 64 5.94 -2.81 9.20
CA SER A 64 6.50 -3.84 10.05
C SER A 64 6.48 -5.17 9.31
N MET A 65 7.65 -5.65 8.93
CA MET A 65 7.78 -6.92 8.24
C MET A 65 8.65 -7.88 9.04
N THR A 66 8.01 -8.81 9.72
CA THR A 66 8.70 -9.77 10.54
C THR A 66 8.98 -11.05 9.76
N ARG A 67 10.25 -11.29 9.48
CA ARG A 67 10.66 -12.47 8.76
C ARG A 67 11.02 -13.56 9.76
N GLY A 68 10.01 -14.27 10.25
CA GLY A 68 10.25 -15.25 11.29
C GLY A 68 10.30 -14.60 12.65
N LYS A 69 11.47 -14.58 13.26
CA LYS A 69 11.66 -13.92 14.55
C LYS A 69 12.59 -12.72 14.42
N HIS A 70 12.62 -12.15 13.23
CA HIS A 70 13.41 -10.94 12.98
C HIS A 70 12.58 -9.97 12.15
N CYS A 71 12.16 -8.89 12.78
CA CYS A 71 11.28 -7.94 12.13
C CYS A 71 12.03 -6.68 11.72
N SER A 72 11.90 -6.31 10.46
CA SER A 72 12.43 -5.05 9.98
C SER A 72 11.31 -4.02 9.90
N THR A 73 11.50 -2.89 10.54
CA THR A 73 10.51 -1.84 10.52
C THR A 73 11.12 -0.57 9.93
N TRP A 74 10.48 -0.02 8.92
CA TRP A 74 10.99 1.17 8.26
C TRP A 74 9.88 2.19 8.06
N SER A 75 10.26 3.46 8.11
CA SER A 75 9.31 4.55 7.98
C SER A 75 9.75 5.54 6.90
N TYR A 76 8.82 5.95 6.05
CA TYR A 76 9.09 6.98 5.06
C TYR A 76 8.05 8.08 5.14
N THR A 77 8.36 9.21 4.55
CA THR A 77 7.46 10.35 4.56
C THR A 77 6.74 10.50 3.22
N LEU A 78 5.43 10.29 3.22
CA LEU A 78 4.65 10.48 2.01
C LEU A 78 4.18 11.92 1.92
N ILE A 79 4.50 12.55 0.81
CA ILE A 79 4.22 13.97 0.65
C ILE A 79 3.06 14.18 -0.32
N PRO A 80 1.95 14.74 0.19
CA PRO A 80 0.83 15.16 -0.64
C PRO A 80 1.25 16.16 -1.72
N THR A 81 0.71 15.98 -2.91
CA THR A 81 0.99 16.86 -4.03
C THR A 81 -0.08 17.93 -4.13
N ASN A 82 -0.20 18.54 -5.30
CA ASN A 82 -1.30 19.46 -5.57
C ASN A 82 -2.61 18.68 -5.67
N LYS A 83 -2.49 17.36 -5.85
CA LYS A 83 -3.65 16.50 -6.00
C LYS A 83 -4.03 15.88 -4.65
N PRO A 84 -5.32 15.97 -4.27
CA PRO A 84 -5.82 15.34 -3.04
C PRO A 84 -5.81 13.83 -3.15
N GLY A 85 -5.13 13.18 -2.22
CA GLY A 85 -5.02 11.73 -2.26
C GLY A 85 -3.83 11.28 -3.09
N GLN A 86 -3.01 12.23 -3.50
CA GLN A 86 -1.86 11.97 -4.36
C GLN A 86 -0.59 12.32 -3.62
N PHE A 87 0.26 11.33 -3.43
CA PHE A 87 1.47 11.47 -2.62
C PHE A 87 2.70 11.03 -3.39
N THR A 88 3.85 11.50 -2.93
CA THR A 88 5.13 11.01 -3.42
C THR A 88 6.06 10.83 -2.23
N ARG A 89 6.83 9.75 -2.22
CA ARG A 89 7.73 9.47 -1.10
C ARG A 89 8.88 10.46 -1.08
N ASP A 90 8.98 11.20 0.02
CA ASP A 90 10.10 12.11 0.24
C ASP A 90 11.39 11.34 0.42
N ASN A 91 12.37 11.63 -0.43
CA ASN A 91 13.65 10.96 -0.38
C ASN A 91 14.77 11.97 -0.47
N ARG A 92 14.58 13.11 0.20
CA ARG A 92 15.56 14.19 0.15
C ARG A 92 16.76 13.88 1.05
N GLY A 93 16.63 12.87 1.89
CA GLY A 93 17.73 12.46 2.75
C GLY A 93 18.13 11.02 2.54
N SER A 94 17.96 10.53 1.32
CA SER A 94 18.29 9.15 1.00
C SER A 94 19.52 9.08 0.07
N GLY A 95 19.90 10.22 -0.47
CA GLY A 95 21.06 10.30 -1.34
C GLY A 95 20.90 9.52 -2.62
N PRO A 96 21.82 8.58 -2.87
CA PRO A 96 21.82 7.73 -4.07
C PRO A 96 20.70 6.70 -4.05
N GLY A 97 20.24 6.35 -2.86
CA GLY A 97 19.17 5.39 -2.72
C GLY A 97 17.84 6.06 -2.48
N ALA A 98 17.51 7.01 -3.35
CA ALA A 98 16.32 7.83 -3.18
C ALA A 98 15.29 7.53 -4.26
N ASP A 99 15.07 6.25 -4.51
CA ASP A 99 14.05 5.82 -5.47
C ASP A 99 12.67 6.24 -4.98
N LYS A 100 12.08 7.21 -5.66
CA LYS A 100 10.81 7.77 -5.24
C LYS A 100 9.66 6.86 -5.62
N GLU A 101 8.66 6.82 -4.77
CA GLU A 101 7.48 6.04 -5.04
C GLU A 101 6.27 6.94 -5.01
N ASN A 102 5.41 6.79 -5.99
CA ASN A 102 4.21 7.59 -6.10
C ASN A 102 3.05 6.88 -5.43
N ILE A 103 2.52 7.49 -4.40
CA ILE A 103 1.49 6.87 -3.58
C ILE A 103 0.15 7.52 -3.85
N GLN A 104 -0.87 6.71 -4.05
CA GLN A 104 -2.20 7.24 -4.29
C GLN A 104 -3.22 6.46 -3.46
N VAL A 105 -3.95 7.17 -2.62
CA VAL A 105 -5.06 6.56 -1.91
C VAL A 105 -6.27 6.51 -2.81
N ILE A 106 -6.73 5.31 -3.10
CA ILE A 106 -7.86 5.13 -4.00
C ILE A 106 -9.18 5.20 -3.22
N GLU A 107 -9.19 4.61 -2.04
CA GLU A 107 -10.42 4.53 -1.25
C GLU A 107 -10.14 4.09 0.18
N THR A 108 -10.02 5.03 1.09
CA THR A 108 -9.91 4.68 2.49
C THR A 108 -11.27 4.80 3.18
N ASP A 109 -11.88 3.67 3.43
CA ASP A 109 -13.08 3.61 4.22
C ASP A 109 -12.74 2.95 5.54
N TYR A 110 -12.31 3.77 6.50
CA TYR A 110 -11.70 3.31 7.74
C TYR A 110 -12.57 2.30 8.51
N VAL A 111 -13.84 2.26 8.20
CA VAL A 111 -14.76 1.35 8.86
C VAL A 111 -14.60 -0.08 8.36
N LYS A 112 -13.90 -0.25 7.23
CA LYS A 112 -13.76 -1.58 6.63
C LYS A 112 -12.37 -1.80 6.02
N PHE A 113 -11.89 -0.89 5.17
CA PHE A 113 -10.63 -1.14 4.46
C PHE A 113 -10.03 0.14 3.87
N ALA A 114 -8.91 -0.04 3.18
CA ALA A 114 -8.23 1.05 2.50
C ALA A 114 -7.55 0.55 1.23
N LEU A 115 -7.96 1.12 0.12
CA LEU A 115 -7.36 0.80 -1.16
C LEU A 115 -6.20 1.73 -1.45
N VAL A 116 -5.01 1.17 -1.52
CA VAL A 116 -3.80 1.95 -1.73
C VAL A 116 -3.05 1.45 -2.97
N LEU A 117 -2.78 2.37 -3.87
CA LEU A 117 -2.05 2.09 -5.10
C LEU A 117 -0.82 2.96 -5.15
N SER A 118 0.35 2.35 -5.32
CA SER A 118 1.60 3.09 -5.27
C SER A 118 2.63 2.53 -6.25
N LEU A 119 3.12 3.40 -7.12
CA LEU A 119 4.06 3.00 -8.16
C LEU A 119 5.46 3.46 -7.83
N ARG A 120 6.38 2.52 -7.75
CA ARG A 120 7.73 2.79 -7.34
C ARG A 120 8.63 3.10 -8.54
N GLN A 121 9.15 4.30 -8.59
CA GLN A 121 10.08 4.69 -9.64
C GLN A 121 11.48 4.28 -9.23
N ALA A 122 12.02 3.26 -9.89
CA ALA A 122 13.33 2.76 -9.51
C ALA A 122 14.41 3.30 -10.42
N SER A 123 14.57 2.65 -11.56
CA SER A 123 15.59 3.02 -12.53
C SER A 123 15.40 2.19 -13.78
N ASN A 124 15.51 0.87 -13.64
CA ASN A 124 15.30 -0.06 -14.72
C ASN A 124 13.86 0.01 -15.19
N GLN A 125 12.96 0.14 -14.22
CA GLN A 125 11.54 0.06 -14.50
C GLN A 125 10.74 0.81 -13.45
N ASN A 126 9.45 0.95 -13.72
CA ASN A 126 8.50 1.43 -12.74
C ASN A 126 7.74 0.25 -12.18
N ILE A 127 7.73 0.16 -10.87
CA ILE A 127 7.09 -0.94 -10.20
C ILE A 127 5.65 -0.55 -9.85
N THR A 128 4.71 -1.16 -10.54
CA THR A 128 3.32 -0.94 -10.23
C THR A 128 2.91 -1.84 -9.09
N ARG A 129 2.65 -1.25 -7.94
CA ARG A 129 2.33 -2.01 -6.75
C ARG A 129 1.07 -1.52 -6.09
N VAL A 130 0.24 -2.46 -5.71
CA VAL A 130 -1.05 -2.18 -5.14
C VAL A 130 -1.25 -3.01 -3.90
N SER A 131 -1.89 -2.45 -2.90
CA SER A 131 -2.11 -3.17 -1.67
C SER A 131 -3.54 -2.99 -1.21
N LEU A 132 -4.08 -4.04 -0.62
CA LEU A 132 -5.42 -4.01 -0.09
C LEU A 132 -5.34 -4.06 1.42
N LEU A 133 -5.32 -2.89 2.03
CA LEU A 133 -5.23 -2.79 3.48
C LEU A 133 -6.62 -2.87 4.06
N GLY A 134 -6.73 -3.46 5.24
CA GLY A 134 -8.04 -3.69 5.80
C GLY A 134 -8.08 -3.44 7.29
N ARG A 135 -9.29 -3.26 7.78
CA ARG A 135 -9.51 -3.12 9.21
C ARG A 135 -9.23 -4.45 9.89
N ASP A 136 -9.80 -5.49 9.31
CA ASP A 136 -9.56 -6.85 9.74
C ASP A 136 -9.27 -7.71 8.53
N TRP A 137 -8.57 -8.81 8.74
CA TRP A 137 -8.10 -9.63 7.63
C TRP A 137 -9.14 -10.66 7.17
N LYS A 138 -10.34 -10.56 7.69
CA LYS A 138 -11.43 -11.45 7.28
C LYS A 138 -12.41 -10.72 6.38
N ILE A 139 -11.84 -9.92 5.49
CA ILE A 139 -12.62 -9.15 4.53
C ILE A 139 -13.29 -10.06 3.51
N THR A 140 -14.43 -9.61 2.98
CA THR A 140 -15.21 -10.41 2.06
C THR A 140 -14.79 -10.14 0.61
N HIS A 141 -15.10 -11.08 -0.27
CA HIS A 141 -14.71 -10.98 -1.68
C HIS A 141 -15.35 -9.75 -2.32
N LYS A 142 -16.49 -9.33 -1.78
CA LYS A 142 -17.15 -8.12 -2.22
C LYS A 142 -16.21 -6.92 -2.06
N THR A 143 -15.57 -6.85 -0.89
CA THR A 143 -14.62 -5.80 -0.60
C THR A 143 -13.31 -6.05 -1.36
N ILE A 144 -12.98 -7.33 -1.54
CA ILE A 144 -11.81 -7.73 -2.32
C ILE A 144 -11.93 -7.24 -3.77
N ASP A 145 -13.16 -7.23 -4.29
CA ASP A 145 -13.42 -6.86 -5.68
C ASP A 145 -12.93 -5.44 -5.96
N ARG A 146 -12.96 -4.60 -4.94
CA ARG A 146 -12.51 -3.22 -5.08
C ARG A 146 -11.00 -3.19 -5.34
N PHE A 147 -10.28 -4.10 -4.71
CA PHE A 147 -8.84 -4.23 -4.93
C PHE A 147 -8.57 -4.85 -6.29
N ILE A 148 -9.46 -5.76 -6.71
CA ILE A 148 -9.37 -6.37 -8.02
C ILE A 148 -9.30 -5.30 -9.11
N ALA A 149 -10.21 -4.33 -8.99
CA ALA A 149 -10.30 -3.24 -9.94
C ALA A 149 -8.98 -2.50 -10.08
N LEU A 150 -8.36 -2.21 -8.94
CA LEU A 150 -7.09 -1.50 -8.93
C LEU A 150 -6.03 -2.25 -9.73
N THR A 151 -5.95 -3.55 -9.51
CA THR A 151 -4.94 -4.35 -10.16
C THR A 151 -5.16 -4.36 -11.67
N LYS A 152 -6.43 -4.32 -12.08
CA LYS A 152 -6.79 -4.34 -13.48
C LYS A 152 -6.32 -3.04 -14.16
N THR A 153 -6.58 -1.92 -13.51
CA THR A 153 -6.18 -0.62 -14.03
C THR A 153 -4.67 -0.48 -14.08
N GLN A 154 -4.00 -1.23 -13.21
CA GLN A 154 -2.53 -1.20 -13.14
C GLN A 154 -1.91 -2.19 -14.12
N ASN A 155 -2.77 -2.89 -14.88
CA ASN A 155 -2.33 -3.89 -15.85
C ASN A 155 -1.66 -5.08 -15.16
N LEU A 156 -2.05 -5.33 -13.92
CA LEU A 156 -1.52 -6.46 -13.17
C LEU A 156 -2.23 -7.73 -13.56
N THR A 157 -1.48 -8.82 -13.61
CA THR A 157 -2.05 -10.12 -13.92
C THR A 157 -2.66 -10.72 -12.66
N LYS A 158 -3.59 -11.66 -12.83
CA LYS A 158 -4.19 -12.34 -11.68
C LYS A 158 -3.14 -13.13 -10.92
N ASN A 159 -2.04 -13.40 -11.62
CA ASN A 159 -0.87 -14.05 -11.06
C ASN A 159 -0.24 -13.17 -9.96
N ASN A 160 -0.29 -11.87 -10.18
CA ASN A 160 0.35 -10.92 -9.27
C ASN A 160 -0.54 -10.60 -8.08
N LEU A 161 -1.73 -11.19 -8.05
CA LEU A 161 -2.69 -10.91 -6.99
C LEU A 161 -2.49 -11.86 -5.82
N LEU A 162 -2.35 -11.30 -4.63
CA LEU A 162 -2.30 -12.07 -3.40
C LEU A 162 -3.42 -11.64 -2.47
N PHE A 163 -4.06 -12.60 -1.83
CA PHE A 163 -5.13 -12.31 -0.89
C PHE A 163 -4.86 -12.98 0.44
N PRO A 164 -5.44 -12.47 1.54
CA PRO A 164 -5.18 -12.97 2.88
C PRO A 164 -5.91 -14.26 3.18
N ASP A 165 -5.15 -15.28 3.53
CA ASP A 165 -5.70 -16.57 3.93
C ASP A 165 -5.36 -16.84 5.38
N LEU A 166 -4.81 -15.84 6.03
CA LEU A 166 -4.47 -15.94 7.44
C LEU A 166 -5.71 -15.74 8.29
N THR A 167 -6.40 -16.84 8.56
CA THR A 167 -7.60 -16.80 9.41
C THR A 167 -7.31 -16.14 10.76
N ASP A 168 -6.11 -16.37 11.27
CA ASP A 168 -5.69 -15.78 12.54
C ASP A 168 -4.27 -15.25 12.40
N TRP A 169 -4.12 -13.93 12.40
CA TRP A 169 -2.82 -13.31 12.22
C TRP A 169 -2.50 -12.38 13.38
N LEU A 170 -2.13 -12.97 14.50
CA LEU A 170 -1.72 -12.20 15.67
C LEU A 170 -0.22 -12.33 15.90
N LEU A 171 0.41 -13.17 15.07
CA LEU A 171 1.84 -13.47 15.18
C LEU A 171 2.15 -14.03 16.55
N ASP A 172 1.86 -15.31 16.73
CA ASP A 172 2.01 -15.97 18.02
C ASP A 172 3.47 -16.02 18.48
N PRO A 173 4.39 -16.58 17.66
CA PRO A 173 5.81 -16.62 18.01
C PRO A 173 6.51 -15.29 17.72
N LYS A 174 5.91 -14.20 18.15
CA LYS A 174 6.44 -12.87 17.86
C LYS A 174 7.48 -12.46 18.89
N VAL A 175 8.13 -11.36 18.59
CA VAL A 175 9.19 -10.81 19.44
C VAL A 175 9.34 -9.32 19.09
N CYS A 176 8.25 -8.74 18.63
CA CYS A 176 8.25 -7.38 18.12
C CYS A 176 6.99 -6.66 18.56
#